data_3R8B
#
_entry.id   3R8B
#
_cell.length_a   109.954
_cell.length_b   160.370
_cell.length_c   186.265
_cell.angle_alpha   90.00
_cell.angle_beta   90.00
_cell.angle_gamma   90.00
#
_symmetry.space_group_name_H-M   'P 21 21 21'
#
loop_
_entity.id
_entity.type
_entity.pdbx_description
1 polymer 'Enterotoxin type B'
2 polymer G5-8
3 non-polymer 'CHLORIDE ION'
4 non-polymer 'SULFATE ION'
5 non-polymer 'ZINC ION'
#
loop_
_entity_poly.entity_id
_entity_poly.type
_entity_poly.pdbx_seq_one_letter_code
_entity_poly.pdbx_strand_id
1 'polypeptide(L)'
;ESQPDPKPDELHKSSKFTGLMENMKVLYDDNHVSAINVKSIDQFLYFDLIYSIKDTKLGNYDNVRVEFKNKDLADKYKDK
YVDVFGANYYYQCYFSKKTNDINSHQTDKRKTCMYGGVTEHNGNQLDKYRSITVRVFEDGKNLLSFDVQTNKKKVTAQEL
DYLTRHYLVKNKKLYEFNNSPYETGYIKFIENENSFWYDMMPAPGDKFDQSKYLMMYNDNKMVDSKDVKIEVYLTTKKK
;
A,C,E,G,I,K,M,O
2 'polypeptide(L)'
;MARLEAAVTQSPRNKVAVTGEKVTLSCKQTNSYFNNMYWYRQDTGHELRLIFMSHGIRNVEKGDIPDGYKASRPSQENFS
LILELATPSQTSVYFCASGGGGTLYFGAGTRLSVLYGSSRVDLQP
;
B,D,F,H,J,L,N,P
#
# COMPACT_ATOMS: atom_id res chain seq x y z
N SER A 2 34.80 39.39 15.61
CA SER A 2 33.84 38.76 16.57
C SER A 2 32.48 38.62 15.90
N GLN A 3 31.73 37.59 16.27
CA GLN A 3 30.45 37.25 15.63
C GLN A 3 29.29 37.54 16.60
N PRO A 4 28.21 38.15 16.12
CA PRO A 4 27.09 38.38 17.00
C PRO A 4 26.49 37.08 17.49
N ASP A 5 26.05 37.07 18.75
CA ASP A 5 25.31 35.94 19.30
C ASP A 5 23.94 35.79 18.61
N PRO A 6 23.42 34.55 18.55
CA PRO A 6 22.26 34.24 17.75
C PRO A 6 21.00 34.96 18.20
N LYS A 7 20.35 35.59 17.23
CA LYS A 7 19.05 36.27 17.44
C LYS A 7 17.97 35.22 17.65
N PRO A 8 16.81 35.64 18.19
CA PRO A 8 15.85 34.63 18.70
C PRO A 8 15.57 33.46 17.73
N ASP A 9 14.98 33.81 16.58
CA ASP A 9 14.53 32.80 15.64
C ASP A 9 15.61 32.42 14.63
N GLU A 10 16.86 32.75 14.94
CA GLU A 10 17.94 32.46 14.02
C GLU A 10 18.27 30.98 14.07
N LEU A 11 18.13 30.41 15.25
CA LEU A 11 18.57 29.04 15.53
C LEU A 11 17.61 28.02 14.96
N HIS A 12 18.17 26.93 14.45
CA HIS A 12 17.38 25.79 13.90
C HIS A 12 16.60 25.14 15.03
N LYS A 13 15.31 24.90 14.80
CA LYS A 13 14.46 24.21 15.76
C LYS A 13 14.30 22.72 15.42
N SER A 14 14.64 21.84 16.36
CA SER A 14 14.69 20.41 16.06
C SER A 14 13.30 19.83 15.81
N SER A 15 12.29 20.45 16.39
CA SER A 15 10.88 20.11 16.10
C SER A 15 10.48 20.39 14.65
N LYS A 16 11.24 21.22 13.98
CA LYS A 16 10.95 21.55 12.59
C LYS A 16 11.74 20.67 11.63
N PHE A 17 12.44 19.67 12.19
CA PHE A 17 13.16 18.69 11.39
C PHE A 17 12.48 17.36 11.59
N THR A 18 12.00 16.80 10.49
CA THR A 18 11.16 15.62 10.50
C THR A 18 11.82 14.40 9.91
N GLY A 19 13.13 14.48 9.68
CA GLY A 19 13.93 13.31 9.27
C GLY A 19 14.43 12.55 10.47
N LEU A 20 15.41 11.69 10.25
CA LEU A 20 16.00 10.93 11.37
C LEU A 20 17.25 11.61 11.91
N MET A 21 17.20 12.04 13.17
CA MET A 21 18.34 12.65 13.85
C MET A 21 19.57 11.73 13.89
N GLU A 22 19.37 10.44 13.77
CA GLU A 22 20.50 9.53 13.68
C GLU A 22 21.52 10.03 12.68
N ASN A 23 21.07 10.58 11.58
CA ASN A 23 21.98 11.01 10.52
C ASN A 23 22.87 12.16 10.93
N MET A 24 22.48 12.91 11.97
CA MET A 24 23.36 13.88 12.66
C MET A 24 24.16 13.20 13.79
N LYS A 25 23.48 12.43 14.64
CA LYS A 25 24.13 11.69 15.74
C LYS A 25 25.41 10.97 15.36
N VAL A 26 25.38 10.36 14.20
CA VAL A 26 26.38 9.42 13.79
C VAL A 26 27.67 10.14 13.39
N LEU A 27 27.56 11.42 13.02
CA LEU A 27 28.74 12.23 12.67
C LEU A 27 29.60 12.46 13.88
N TYR A 28 28.97 12.38 15.05
CA TYR A 28 29.63 12.59 16.35
C TYR A 28 29.71 11.30 17.21
N ASP A 29 29.64 10.12 16.56
CA ASP A 29 29.81 8.83 17.26
C ASP A 29 31.30 8.58 17.53
N ASP A 30 31.63 7.41 18.07
CA ASP A 30 33.04 7.09 18.36
C ASP A 30 34.03 7.31 17.19
N ASN A 31 33.56 7.16 15.96
CA ASN A 31 34.44 7.18 14.81
C ASN A 31 34.64 8.57 14.22
N HIS A 32 35.82 8.79 13.63
CA HIS A 32 36.15 10.04 13.00
C HIS A 32 37.45 9.88 12.24
N VAL A 33 37.69 10.75 11.27
CA VAL A 33 38.97 10.75 10.55
C VAL A 33 40.06 11.36 11.42
N SER A 34 41.19 10.66 11.48
CA SER A 34 42.29 11.00 12.36
C SER A 34 43.59 10.51 11.73
N ALA A 35 44.50 11.42 11.44
CA ALA A 35 45.81 11.05 10.91
C ALA A 35 46.89 11.99 11.41
N ILE A 36 48.08 11.45 11.58
CA ILE A 36 49.21 12.22 12.13
C ILE A 36 50.37 12.32 11.13
N ASN A 37 50.84 13.53 10.91
CA ASN A 37 52.03 13.79 10.08
C ASN A 37 51.96 13.15 8.69
N VAL A 38 51.07 13.66 7.85
CA VAL A 38 50.86 13.13 6.52
C VAL A 38 50.73 14.22 5.47
N LYS A 39 51.08 13.86 4.23
CA LYS A 39 51.17 14.82 3.13
C LYS A 39 50.15 14.43 2.06
N SER A 40 49.46 15.41 1.52
CA SER A 40 48.51 15.19 0.42
C SER A 40 49.16 14.39 -0.70
N ILE A 41 48.43 13.43 -1.26
CA ILE A 41 48.95 12.63 -2.36
C ILE A 41 48.13 12.71 -3.65
N ASP A 42 47.09 13.53 -3.66
CA ASP A 42 46.37 13.80 -4.89
C ASP A 42 45.41 14.96 -4.63
N GLN A 43 44.76 15.39 -5.69
CA GLN A 43 43.81 16.48 -5.62
C GLN A 43 42.76 16.23 -6.69
N PHE A 44 41.49 16.47 -6.37
CA PHE A 44 40.41 16.28 -7.33
C PHE A 44 40.04 17.62 -7.94
N LEU A 45 39.29 18.40 -7.20
CA LEU A 45 39.05 19.78 -7.56
C LEU A 45 40.10 20.66 -6.92
N TYR A 46 40.18 21.92 -7.36
CA TYR A 46 41.26 22.85 -6.97
C TYR A 46 41.16 23.31 -5.49
N PHE A 47 40.02 23.04 -4.85
CA PHE A 47 39.81 23.46 -3.47
C PHE A 47 39.76 22.29 -2.51
N ASP A 48 40.17 21.11 -2.97
CA ASP A 48 40.32 19.95 -2.07
C ASP A 48 41.71 19.42 -2.11
N LEU A 49 41.99 18.49 -1.20
CA LEU A 49 43.22 17.69 -1.20
C LEU A 49 42.83 16.28 -0.82
N ILE A 50 43.58 15.30 -1.32
CA ILE A 50 43.27 13.88 -1.06
C ILE A 50 44.41 13.22 -0.32
N TYR A 51 44.08 12.71 0.86
CA TYR A 51 45.04 12.08 1.72
C TYR A 51 44.83 10.58 1.71
N SER A 52 45.93 9.85 1.86
CA SER A 52 45.87 8.41 1.96
C SER A 52 45.83 7.98 3.42
N ILE A 53 44.64 7.65 3.90
CA ILE A 53 44.40 7.21 5.27
C ILE A 53 43.53 5.96 5.29
N LYS A 54 44.03 4.87 5.88
CA LYS A 54 43.25 3.63 6.04
C LYS A 54 42.38 3.73 7.27
N ASP A 55 41.11 3.41 7.10
CA ASP A 55 40.24 3.12 8.23
C ASP A 55 40.61 1.73 8.67
N THR A 56 41.42 1.68 9.70
CA THR A 56 41.90 0.43 10.23
C THR A 56 40.79 -0.26 11.03
N LYS A 57 39.98 0.53 11.73
CA LYS A 57 38.91 0.05 12.62
C LYS A 57 37.84 -0.76 11.86
N LEU A 58 37.14 -0.13 10.92
CA LEU A 58 35.98 -0.72 10.23
C LEU A 58 36.18 -0.99 8.73
N GLY A 59 37.30 -0.56 8.16
CA GLY A 59 37.56 -0.77 6.74
C GLY A 59 36.77 0.13 5.81
N ASN A 60 36.20 1.22 6.32
CA ASN A 60 35.32 2.09 5.53
C ASN A 60 35.98 3.04 4.51
N TYR A 61 37.29 3.16 4.56
CA TYR A 61 37.98 4.05 3.63
C TYR A 61 39.50 3.84 3.56
N ASP A 62 40.04 3.98 2.36
CA ASP A 62 41.47 3.96 2.13
C ASP A 62 42.00 5.34 1.78
N ASN A 63 41.13 6.24 1.33
CA ASN A 63 41.53 7.61 1.03
C ASN A 63 40.51 8.56 1.57
N VAL A 64 40.90 9.82 1.77
CA VAL A 64 40.02 10.85 2.31
C VAL A 64 40.11 12.17 1.54
N ARG A 65 38.97 12.67 1.07
CA ARG A 65 38.93 13.95 0.43
C ARG A 65 38.69 14.99 1.51
N VAL A 66 39.59 15.94 1.64
CA VAL A 66 39.42 17.08 2.50
C VAL A 66 39.16 18.30 1.61
N GLU A 67 38.04 18.96 1.88
CA GLU A 67 37.52 20.01 1.01
C GLU A 67 37.60 21.34 1.75
N PHE A 68 37.94 22.41 1.04
CA PHE A 68 38.18 23.72 1.64
C PHE A 68 37.27 24.78 1.06
N LYS A 69 37.26 25.96 1.68
CA LYS A 69 36.39 27.05 1.25
C LYS A 69 36.87 27.67 -0.06
N ASN A 70 38.16 27.54 -0.34
CA ASN A 70 38.79 28.28 -1.46
C ASN A 70 40.12 27.66 -1.89
N LYS A 71 40.69 28.15 -2.98
CA LYS A 71 41.95 27.61 -3.52
C LYS A 71 43.12 27.86 -2.60
N ASP A 72 43.15 29.02 -1.95
CA ASP A 72 44.29 29.41 -1.11
C ASP A 72 44.59 28.39 -0.01
N LEU A 73 43.54 27.97 0.69
CA LEU A 73 43.65 26.95 1.72
C LEU A 73 44.16 25.64 1.13
N ALA A 74 43.65 25.25 -0.02
CA ALA A 74 44.15 24.04 -0.67
C ALA A 74 45.64 24.17 -0.96
N ASP A 75 46.02 25.30 -1.56
CA ASP A 75 47.44 25.59 -1.92
C ASP A 75 48.31 25.58 -0.67
N LYS A 76 47.84 26.25 0.39
CA LYS A 76 48.57 26.38 1.66
C LYS A 76 49.03 25.05 2.23
N TYR A 77 48.14 24.05 2.19
CA TYR A 77 48.42 22.79 2.88
C TYR A 77 48.83 21.66 1.96
N LYS A 78 48.64 21.81 0.65
CA LYS A 78 49.20 20.84 -0.30
C LYS A 78 50.71 20.77 -0.06
N ASP A 79 51.29 19.58 -0.12
CA ASP A 79 52.76 19.45 0.10
C ASP A 79 53.25 19.63 1.55
N LYS A 80 52.47 20.31 2.39
CA LYS A 80 52.78 20.39 3.83
C LYS A 80 52.54 19.04 4.55
N TYR A 81 53.36 18.75 5.55
CA TYR A 81 53.09 17.62 6.45
C TYR A 81 52.16 18.11 7.55
N VAL A 82 51.00 17.46 7.67
CA VAL A 82 49.92 17.95 8.52
C VAL A 82 49.28 16.87 9.35
N ASP A 83 48.50 17.32 10.32
CA ASP A 83 47.64 16.44 11.09
C ASP A 83 46.20 16.68 10.63
N VAL A 84 45.46 15.59 10.40
CA VAL A 84 44.05 15.65 9.99
C VAL A 84 43.13 15.17 11.09
N PHE A 85 42.05 15.91 11.35
CA PHE A 85 41.00 15.49 12.28
C PHE A 85 39.63 15.97 11.77
N GLY A 86 38.73 15.05 11.42
CA GLY A 86 37.43 15.46 10.85
C GLY A 86 36.19 14.59 11.09
N ALA A 87 35.02 15.23 11.05
CA ALA A 87 33.76 14.53 11.03
C ALA A 87 33.47 14.27 9.57
N ASN A 88 33.38 13.00 9.19
CA ASN A 88 33.31 12.62 7.77
C ASN A 88 31.98 12.02 7.33
N TYR A 89 31.72 12.09 6.03
CA TYR A 89 30.49 11.61 5.46
C TYR A 89 30.77 10.71 4.28
N TYR A 90 29.79 9.89 3.91
CA TYR A 90 29.99 9.00 2.78
C TYR A 90 28.94 9.10 1.66
N TYR A 91 27.73 9.56 1.97
CA TYR A 91 26.60 9.45 1.06
C TYR A 91 26.81 10.26 -0.22
N GLN A 92 26.73 11.56 -0.19
CA GLN A 92 26.97 12.24 -1.47
C GLN A 92 28.43 12.70 -1.58
N CYS A 93 29.35 11.77 -1.28
CA CYS A 93 30.77 12.03 -1.29
C CYS A 93 31.33 11.47 -2.56
N TYR A 94 31.77 12.33 -3.47
CA TYR A 94 32.43 11.83 -4.64
C TYR A 94 33.75 12.53 -4.90
N PHE A 95 34.73 11.74 -5.32
CA PHE A 95 35.94 12.24 -5.97
C PHE A 95 36.62 11.19 -6.82
N SER A 96 37.20 11.64 -7.94
CA SER A 96 37.87 10.73 -8.89
C SER A 96 38.90 9.75 -8.27
N LYS A 109 38.98 2.54 -5.09
CA LYS A 109 38.98 1.90 -3.77
C LYS A 109 37.76 2.34 -2.90
N ARG A 110 37.99 2.45 -1.57
CA ARG A 110 36.94 2.81 -0.60
C ARG A 110 37.23 4.21 -0.09
N LYS A 111 36.21 5.06 -0.11
CA LYS A 111 36.39 6.50 0.03
C LYS A 111 35.58 7.13 1.16
N THR A 112 36.00 8.31 1.61
CA THR A 112 35.20 9.14 2.52
C THR A 112 35.54 10.59 2.26
N CYS A 113 34.70 11.50 2.77
CA CYS A 113 34.86 12.92 2.52
C CYS A 113 34.70 13.72 3.80
N MET A 114 35.40 14.84 3.90
CA MET A 114 35.27 15.76 5.04
C MET A 114 35.57 17.18 4.60
N TYR A 115 35.44 18.12 5.52
CA TYR A 115 35.90 19.49 5.29
C TYR A 115 36.91 19.95 6.33
N GLY A 116 37.82 20.82 5.90
CA GLY A 116 38.84 21.42 6.78
C GLY A 116 39.59 20.44 7.66
N GLY A 117 39.66 20.73 8.94
CA GLY A 117 40.22 19.79 9.90
C GLY A 117 41.72 19.54 9.80
N VAL A 118 42.46 20.49 9.23
CA VAL A 118 43.90 20.32 8.98
C VAL A 118 44.77 21.39 9.67
N THR A 119 45.80 20.90 10.37
CA THR A 119 46.78 21.71 11.04
C THR A 119 48.20 21.27 10.65
N GLU A 120 49.12 22.22 10.55
CA GLU A 120 50.54 21.90 10.39
C GLU A 120 51.03 20.96 11.49
N HIS A 121 51.80 19.95 11.13
CA HIS A 121 52.33 19.01 12.14
C HIS A 121 53.51 19.57 12.92
N ASN A 122 54.60 19.91 12.21
CA ASN A 122 55.82 20.40 12.84
C ASN A 122 55.56 21.69 13.60
N GLY A 123 55.93 21.71 14.87
CA GLY A 123 55.82 22.92 15.69
C GLY A 123 54.48 23.16 16.38
N ASN A 124 53.50 22.29 16.08
CA ASN A 124 52.17 22.39 16.65
C ASN A 124 51.95 21.40 17.77
N GLN A 125 52.90 20.49 17.97
CA GLN A 125 52.75 19.43 18.98
C GLN A 125 53.04 19.96 20.39
N LEU A 126 52.17 19.67 21.34
CA LEU A 126 52.40 20.02 22.75
C LEU A 126 53.03 18.85 23.46
N ASP A 127 53.76 19.12 24.53
CA ASP A 127 54.39 18.07 25.35
C ASP A 127 53.40 17.34 26.26
N LYS A 128 52.51 18.11 26.86
CA LYS A 128 51.35 17.57 27.60
C LYS A 128 50.06 17.96 26.90
N TYR A 129 49.02 17.14 27.08
CA TYR A 129 47.68 17.46 26.63
C TYR A 129 47.20 18.67 27.44
N ARG A 130 46.52 19.60 26.77
CA ARG A 130 45.83 20.69 27.44
C ARG A 130 44.35 20.41 27.61
N SER A 131 43.79 20.88 28.73
CA SER A 131 42.36 20.81 29.00
C SER A 131 41.67 22.10 28.57
N ILE A 132 40.50 21.98 27.94
CA ILE A 132 39.67 23.12 27.65
C ILE A 132 38.34 22.85 28.33
N THR A 133 37.86 23.83 29.09
CA THR A 133 36.59 23.68 29.77
C THR A 133 35.41 24.00 28.87
N VAL A 134 34.41 23.12 28.92
CA VAL A 134 33.13 23.32 28.28
C VAL A 134 32.07 23.57 29.35
N ARG A 135 31.33 24.64 29.20
CA ARG A 135 30.25 24.93 30.10
C ARG A 135 28.94 24.77 29.35
N VAL A 136 28.08 23.89 29.84
CA VAL A 136 26.81 23.58 29.16
C VAL A 136 25.64 24.16 29.90
N PHE A 137 24.98 25.11 29.25
CA PHE A 137 23.78 25.75 29.77
C PHE A 137 22.55 25.09 29.20
N GLU A 138 21.65 24.66 30.09
CA GLU A 138 20.36 24.10 29.70
C GLU A 138 19.27 25.07 30.11
N ASP A 139 18.62 25.66 29.10
CA ASP A 139 17.68 26.72 29.35
C ASP A 139 18.31 27.74 30.31
N GLY A 140 19.53 28.16 29.98
CA GLY A 140 20.21 29.25 30.68
C GLY A 140 20.88 28.90 32.00
N LYS A 141 20.74 27.65 32.43
CA LYS A 141 21.33 27.20 33.71
C LYS A 141 22.57 26.32 33.49
N ASN A 142 23.76 26.77 33.92
CA ASN A 142 25.00 25.99 33.72
C ASN A 142 25.06 24.81 34.66
N LEU A 143 24.30 23.78 34.35
CA LEU A 143 24.14 22.68 35.27
C LEU A 143 25.18 21.60 35.04
N LEU A 144 25.89 21.65 33.91
CA LEU A 144 26.98 20.71 33.65
C LEU A 144 28.18 21.39 33.01
N SER A 145 29.37 21.04 33.49
CA SER A 145 30.63 21.50 32.94
C SER A 145 31.52 20.27 32.85
N PHE A 146 32.42 20.28 31.88
CA PHE A 146 33.41 19.21 31.69
C PHE A 146 34.54 19.67 30.79
N ASP A 147 35.58 18.86 30.67
CA ASP A 147 36.77 19.21 29.89
C ASP A 147 36.96 18.31 28.69
N VAL A 148 37.35 18.90 27.58
CA VAL A 148 37.84 18.14 26.45
C VAL A 148 39.35 18.33 26.43
N GLN A 149 40.07 17.48 25.70
CA GLN A 149 41.53 17.53 25.70
C GLN A 149 42.13 17.47 24.31
N THR A 150 43.22 18.21 24.14
CA THR A 150 43.94 18.23 22.87
C THR A 150 45.42 18.36 23.13
N ASN A 151 46.21 17.87 22.18
CA ASN A 151 47.66 17.97 22.24
C ASN A 151 48.21 18.87 21.17
N LYS A 152 47.33 19.59 20.48
CA LYS A 152 47.75 20.54 19.45
C LYS A 152 47.75 21.94 20.00
N LYS A 153 48.76 22.74 19.66
CA LYS A 153 48.85 24.15 20.07
C LYS A 153 47.75 24.95 19.43
N LYS A 154 47.71 24.87 18.10
CA LYS A 154 46.63 25.43 17.31
C LYS A 154 45.75 24.26 16.90
N VAL A 155 44.50 24.23 17.40
CA VAL A 155 43.54 23.18 17.09
C VAL A 155 42.35 23.73 16.30
N THR A 156 41.81 22.95 15.37
CA THR A 156 40.64 23.35 14.60
C THR A 156 39.42 23.37 15.48
N ALA A 157 38.47 24.26 15.17
CA ALA A 157 37.20 24.33 15.90
C ALA A 157 36.46 23.02 15.75
N GLN A 158 36.56 22.47 14.55
CA GLN A 158 35.89 21.21 14.20
C GLN A 158 36.25 20.11 15.21
N GLU A 159 37.53 19.91 15.46
CA GLU A 159 37.98 18.87 16.41
C GLU A 159 37.39 19.13 17.77
N LEU A 160 37.41 20.38 18.21
CA LEU A 160 36.93 20.70 19.52
C LEU A 160 35.42 20.47 19.60
N ASP A 161 34.74 20.87 18.53
CA ASP A 161 33.29 20.70 18.40
C ASP A 161 32.95 19.22 18.52
N TYR A 162 33.63 18.40 17.70
CA TYR A 162 33.45 16.97 17.69
C TYR A 162 33.62 16.38 19.05
N LEU A 163 34.69 16.73 19.73
CA LEU A 163 34.94 16.18 21.06
C LEU A 163 33.83 16.57 22.00
N THR A 164 33.33 17.79 21.84
CA THR A 164 32.32 18.30 22.74
C THR A 164 30.99 17.57 22.50
N ARG A 165 30.57 17.46 21.25
CA ARG A 165 29.30 16.81 20.97
C ARG A 165 29.36 15.30 21.26
N HIS A 166 30.52 14.70 21.07
CA HIS A 166 30.69 13.30 21.41
C HIS A 166 30.33 13.03 22.88
N TYR A 167 30.88 13.84 23.76
CA TYR A 167 30.59 13.71 25.16
C TYR A 167 29.12 13.89 25.42
N LEU A 168 28.57 14.96 24.87
CA LEU A 168 27.19 15.34 25.11
C LEU A 168 26.21 14.31 24.58
N VAL A 169 26.57 13.62 23.50
CA VAL A 169 25.75 12.52 23.01
C VAL A 169 25.72 11.40 24.03
N LYS A 170 26.88 10.88 24.42
CA LYS A 170 26.95 9.81 25.41
C LYS A 170 26.19 10.21 26.65
N ASN A 171 26.41 11.42 27.14
CA ASN A 171 26.01 11.78 28.50
C ASN A 171 24.71 12.55 28.67
N LYS A 172 24.21 13.18 27.61
CA LYS A 172 22.93 13.92 27.68
C LYS A 172 21.98 13.60 26.54
N LYS A 173 22.29 12.53 25.81
CA LYS A 173 21.47 12.12 24.67
C LYS A 173 21.14 13.33 23.79
N LEU A 174 22.18 14.10 23.46
CA LEU A 174 22.07 15.29 22.63
C LEU A 174 21.35 15.00 21.34
N TYR A 175 21.76 13.91 20.71
CA TYR A 175 21.08 13.39 19.53
C TYR A 175 20.67 11.96 19.78
N GLU A 176 19.46 11.61 19.37
CA GLU A 176 19.04 10.21 19.36
C GLU A 176 18.69 9.78 17.93
N PHE A 177 18.13 8.59 17.79
CA PHE A 177 17.81 8.09 16.47
C PHE A 177 16.75 8.95 15.78
N ASN A 178 15.65 9.18 16.47
CA ASN A 178 14.50 9.87 15.88
C ASN A 178 14.62 11.37 15.97
N ASN A 179 14.72 11.90 17.17
CA ASN A 179 14.93 13.33 17.35
C ASN A 179 15.90 13.64 18.50
N SER A 180 15.71 14.76 19.15
CA SER A 180 16.56 15.19 20.24
C SER A 180 15.70 15.73 21.34
N PRO A 181 16.08 15.50 22.59
CA PRO A 181 15.34 16.14 23.67
C PRO A 181 15.45 17.67 23.67
N TYR A 182 16.46 18.22 23.01
CA TYR A 182 16.67 19.66 22.97
C TYR A 182 16.12 20.28 21.69
N GLU A 183 15.45 21.41 21.82
CA GLU A 183 14.80 22.06 20.70
C GLU A 183 15.83 22.79 19.87
N THR A 184 16.63 23.61 20.54
CA THR A 184 17.70 24.38 19.90
C THR A 184 19.00 24.14 20.61
N GLY A 185 20.10 24.36 19.89
CA GLY A 185 21.41 24.25 20.48
C GLY A 185 22.47 24.94 19.64
N TYR A 186 23.36 25.68 20.31
CA TYR A 186 24.55 26.19 19.63
C TYR A 186 25.79 26.07 20.48
N ILE A 187 26.93 25.98 19.82
CA ILE A 187 28.24 25.89 20.47
C ILE A 187 29.05 27.17 20.20
N LYS A 188 29.51 27.81 21.26
CA LYS A 188 30.22 29.08 21.17
C LYS A 188 31.68 28.88 21.58
N PHE A 189 32.57 29.45 20.77
CA PHE A 189 34.01 29.41 20.99
C PHE A 189 34.52 30.78 21.33
N ILE A 190 34.91 31.00 22.57
CA ILE A 190 35.46 32.30 22.94
C ILE A 190 36.98 32.28 23.06
N GLU A 191 37.63 33.20 22.38
CA GLU A 191 39.08 33.25 22.37
C GLU A 191 39.49 34.67 22.65
N ASN A 192 39.59 34.99 23.93
CA ASN A 192 39.91 36.35 24.32
C ASN A 192 38.66 37.18 24.13
N GLU A 193 38.74 38.14 23.24
CA GLU A 193 37.62 39.04 23.00
C GLU A 193 36.78 38.43 21.90
N ASN A 194 37.47 38.07 20.84
CA ASN A 194 36.84 37.53 19.66
C ASN A 194 36.14 36.20 19.92
N SER A 195 35.03 35.98 19.22
CA SER A 195 34.23 34.78 19.43
C SER A 195 33.36 34.44 18.22
N PHE A 196 33.01 33.16 18.09
CA PHE A 196 32.11 32.68 17.04
C PHE A 196 31.31 31.46 17.49
N TRP A 197 30.29 31.09 16.72
CA TRP A 197 29.44 29.94 17.06
C TRP A 197 28.94 29.13 15.88
N TYR A 198 28.54 27.90 16.17
CA TYR A 198 27.91 27.02 15.19
C TYR A 198 26.55 26.49 15.69
N ASP A 199 25.57 26.36 14.79
CA ASP A 199 24.24 25.77 15.10
C ASP A 199 24.37 24.27 15.19
N MET A 200 23.95 23.71 16.30
CA MET A 200 24.15 22.26 16.49
C MET A 200 23.02 21.42 15.93
N MET A 201 21.91 22.07 15.55
CA MET A 201 20.73 21.38 15.07
C MET A 201 20.66 21.40 13.56
N PRO A 202 19.94 20.43 12.98
CA PRO A 202 19.83 20.33 11.54
C PRO A 202 18.88 21.32 10.95
N ALA A 203 19.14 21.70 9.71
CA ALA A 203 18.23 22.56 8.98
C ALA A 203 16.83 21.94 8.99
N PRO A 204 15.79 22.77 8.98
CA PRO A 204 14.43 22.24 8.95
C PRO A 204 14.06 21.63 7.60
N GLY A 205 13.20 20.60 7.62
CA GLY A 205 12.79 19.90 6.40
C GLY A 205 12.68 18.40 6.58
N ASP A 206 12.52 17.67 5.47
CA ASP A 206 12.22 16.24 5.49
C ASP A 206 13.44 15.34 5.75
N LYS A 207 14.55 15.69 5.13
CA LYS A 207 15.80 14.89 5.23
C LYS A 207 16.98 15.81 5.64
N PHE A 208 18.00 15.20 6.27
CA PHE A 208 19.23 15.89 6.71
C PHE A 208 20.31 15.73 5.65
N ASP A 209 21.02 16.81 5.34
CA ASP A 209 22.06 16.78 4.30
C ASP A 209 23.47 16.88 4.92
N GLN A 210 24.06 15.72 5.16
CA GLN A 210 25.33 15.65 5.90
C GLN A 210 26.39 16.51 5.23
N SER A 211 26.53 16.33 3.92
CA SER A 211 27.48 17.11 3.16
C SER A 211 27.31 18.60 3.39
N LYS A 212 26.08 19.09 3.28
CA LYS A 212 25.85 20.52 3.41
C LYS A 212 26.14 20.99 4.84
N TYR A 213 25.70 20.22 5.83
CA TYR A 213 25.90 20.64 7.19
C TYR A 213 27.38 20.78 7.52
N LEU A 214 28.12 19.70 7.25
CA LEU A 214 29.56 19.65 7.53
C LEU A 214 30.39 20.67 6.75
N MET A 215 29.86 21.18 5.66
CA MET A 215 30.57 22.17 4.85
C MET A 215 30.93 23.43 5.65
N MET A 216 30.22 23.70 6.73
CA MET A 216 30.56 24.84 7.58
C MET A 216 31.99 24.79 8.10
N TYR A 217 32.54 23.58 8.25
CA TYR A 217 33.93 23.41 8.70
C TYR A 217 35.00 23.71 7.65
N ASN A 218 34.61 24.11 6.44
CA ASN A 218 35.58 24.20 5.33
C ASN A 218 36.45 25.46 5.40
N ASP A 219 36.19 26.31 6.37
CA ASP A 219 37.00 27.49 6.55
C ASP A 219 38.26 27.13 7.27
N ASN A 220 38.36 25.88 7.73
CA ASN A 220 39.52 25.38 8.48
C ASN A 220 39.83 26.21 9.72
N LYS A 221 38.81 26.83 10.31
CA LYS A 221 39.05 27.76 11.41
C LYS A 221 39.79 27.07 12.54
N MET A 222 40.81 27.75 13.03
CA MET A 222 41.64 27.26 14.13
C MET A 222 41.47 28.17 15.35
N VAL A 223 41.79 27.61 16.50
CA VAL A 223 41.86 28.36 17.74
C VAL A 223 43.10 27.96 18.51
N ASP A 224 43.42 28.74 19.53
CA ASP A 224 44.58 28.47 20.36
C ASP A 224 44.10 27.68 21.54
N SER A 225 44.63 26.48 21.69
CA SER A 225 44.20 25.58 22.78
C SER A 225 44.42 26.19 24.17
N LYS A 226 45.47 26.99 24.33
CA LYS A 226 45.73 27.60 25.65
C LYS A 226 44.61 28.54 26.07
N ASP A 227 44.20 29.45 25.21
CA ASP A 227 43.30 30.50 25.70
C ASP A 227 41.90 30.55 25.07
N VAL A 228 41.41 29.40 24.58
CA VAL A 228 40.02 29.29 24.13
C VAL A 228 39.14 28.69 25.21
N LYS A 229 37.91 29.15 25.33
CA LYS A 229 36.92 28.53 26.21
C LYS A 229 35.71 28.17 25.34
N ILE A 230 34.93 27.19 25.77
CA ILE A 230 33.75 26.73 25.05
C ILE A 230 32.48 26.82 25.88
N GLU A 231 31.45 27.42 25.30
CA GLU A 231 30.15 27.48 25.94
C GLU A 231 29.15 26.77 25.03
N VAL A 232 28.24 26.01 25.61
CA VAL A 232 27.21 25.36 24.82
C VAL A 232 25.86 25.63 25.39
N TYR A 233 25.00 26.24 24.57
CA TYR A 233 23.65 26.66 24.99
C TYR A 233 22.63 25.75 24.36
N LEU A 234 21.90 25.05 25.22
CA LEU A 234 20.82 24.18 24.83
C LEU A 234 19.51 24.69 25.41
N THR A 235 18.42 24.52 24.67
CA THR A 235 17.08 24.80 25.19
C THR A 235 16.22 23.57 25.01
N THR A 236 15.30 23.35 25.95
CA THR A 236 14.33 22.25 25.90
C THR A 236 13.05 22.69 25.16
N LYS A 237 12.12 21.76 24.94
CA LYS A 237 10.97 21.99 24.03
C LYS A 237 9.84 22.94 24.53
N GLU B 5 29.47 -14.44 -6.88
CA GLU B 5 28.18 -13.70 -7.10
C GLU B 5 27.67 -13.00 -5.82
N ALA B 6 27.12 -11.80 -6.00
CA ALA B 6 26.70 -10.93 -4.90
C ALA B 6 25.54 -11.54 -4.11
N ALA B 7 25.60 -11.46 -2.79
CA ALA B 7 24.54 -12.03 -1.95
C ALA B 7 24.34 -11.25 -0.64
N VAL B 8 23.30 -11.61 0.09
CA VAL B 8 22.94 -10.95 1.33
C VAL B 8 22.58 -12.01 2.39
N THR B 9 23.19 -11.93 3.57
CA THR B 9 22.94 -12.91 4.62
C THR B 9 22.31 -12.24 5.81
N GLN B 10 21.07 -12.62 6.12
CA GLN B 10 20.39 -12.13 7.30
C GLN B 10 20.71 -13.02 8.42
N SER B 11 20.57 -12.47 9.60
CA SER B 11 20.75 -13.22 10.79
C SER B 11 19.92 -12.66 11.94
N PRO B 12 19.27 -13.55 12.71
CA PRO B 12 19.14 -15.00 12.50
C PRO B 12 18.09 -15.25 11.43
N ARG B 13 17.74 -16.51 11.21
CA ARG B 13 16.69 -16.88 10.26
C ARG B 13 15.35 -17.06 10.96
N ASN B 14 15.40 -17.29 12.27
CA ASN B 14 14.20 -17.56 13.08
C ASN B 14 14.49 -17.13 14.52
N LYS B 15 13.59 -16.36 15.12
CA LYS B 15 13.82 -15.82 16.47
C LYS B 15 12.53 -15.75 17.20
N VAL B 16 12.56 -16.02 18.49
CA VAL B 16 11.43 -15.79 19.37
C VAL B 16 11.88 -14.88 20.49
N ALA B 17 11.06 -13.92 20.88
CA ALA B 17 11.45 -13.02 21.94
C ALA B 17 10.24 -12.63 22.79
N VAL B 18 10.49 -12.07 23.98
CA VAL B 18 9.44 -11.61 24.88
C VAL B 18 9.15 -10.16 24.61
N THR B 19 7.91 -9.77 24.83
CA THR B 19 7.56 -8.36 24.85
C THR B 19 8.52 -7.65 25.80
N GLY B 20 9.06 -6.52 25.35
CA GLY B 20 9.96 -5.69 26.16
C GLY B 20 11.44 -5.97 25.93
N GLU B 21 11.72 -7.04 25.20
CA GLU B 21 13.09 -7.45 24.91
C GLU B 21 13.66 -6.63 23.75
N LYS B 22 14.94 -6.31 23.84
CA LYS B 22 15.63 -5.64 22.74
C LYS B 22 16.08 -6.67 21.70
N VAL B 23 15.67 -6.47 20.45
CA VAL B 23 15.94 -7.44 19.38
C VAL B 23 16.67 -6.71 18.28
N THR B 24 17.65 -7.38 17.70
CA THR B 24 18.47 -6.80 16.64
C THR B 24 18.56 -7.79 15.50
N LEU B 25 18.15 -7.39 14.29
CA LEU B 25 18.33 -8.25 13.12
C LEU B 25 19.49 -7.73 12.35
N SER B 26 20.32 -8.63 11.84
CA SER B 26 21.54 -8.28 11.07
C SER B 26 21.37 -8.57 9.57
N CYS B 27 22.10 -7.81 8.76
CA CYS B 27 22.10 -8.04 7.32
C CYS B 27 23.44 -7.68 6.74
N LYS B 28 24.10 -8.66 6.12
CA LYS B 28 25.50 -8.50 5.73
C LYS B 28 25.66 -8.80 4.25
N GLN B 29 26.23 -7.87 3.51
CA GLN B 29 26.54 -8.12 2.11
C GLN B 29 27.74 -9.04 2.01
N THR B 30 27.70 -9.98 1.05
CA THR B 30 28.86 -10.82 0.74
C THR B 30 29.15 -10.64 -0.74
N ASN B 31 30.43 -10.58 -1.10
CA ASN B 31 30.86 -10.38 -2.48
C ASN B 31 30.20 -9.20 -3.16
N SER B 32 30.04 -8.11 -2.44
CA SER B 32 29.60 -6.84 -3.03
C SER B 32 29.99 -5.67 -2.14
N TYR B 33 29.88 -4.46 -2.70
CA TYR B 33 30.13 -3.23 -1.93
C TYR B 33 29.13 -2.16 -2.39
N PHE B 34 27.85 -2.45 -2.18
CA PHE B 34 26.72 -1.63 -2.64
C PHE B 34 26.31 -0.54 -1.67
N ASN B 35 25.94 0.59 -2.25
CA ASN B 35 25.55 1.74 -1.47
C ASN B 35 24.19 1.62 -0.84
N ASN B 36 23.26 1.00 -1.54
CA ASN B 36 21.89 0.96 -1.05
C ASN B 36 21.62 -0.35 -0.32
N MET B 37 20.99 -0.26 0.84
CA MET B 37 20.43 -1.43 1.51
C MET B 37 19.06 -1.11 2.06
N TYR B 38 18.28 -2.16 2.32
CA TYR B 38 16.86 -2.04 2.62
C TYR B 38 16.41 -3.01 3.71
N TRP B 39 15.55 -2.55 4.61
CA TRP B 39 14.84 -3.48 5.50
C TRP B 39 13.33 -3.39 5.26
N TYR B 40 12.72 -4.51 4.87
CA TYR B 40 11.28 -4.60 4.74
C TYR B 40 10.73 -5.57 5.77
N ARG B 41 9.46 -5.44 6.09
CA ARG B 41 8.74 -6.57 6.66
C ARG B 41 7.53 -6.97 5.81
N GLN B 42 7.29 -8.28 5.74
CA GLN B 42 6.17 -8.85 4.99
C GLN B 42 5.03 -9.19 5.93
N ASP B 43 3.86 -8.64 5.64
CA ASP B 43 2.65 -9.03 6.33
C ASP B 43 2.01 -10.24 5.63
N THR B 44 1.85 -11.32 6.40
CA THR B 44 0.86 -12.35 6.12
C THR B 44 0.69 -12.68 4.62
N GLY B 45 1.74 -13.25 4.01
CA GLY B 45 1.68 -13.68 2.61
C GLY B 45 1.42 -12.59 1.56
N HIS B 46 1.69 -11.34 1.89
CA HIS B 46 1.34 -10.25 1.01
C HIS B 46 2.53 -9.34 0.74
N GLU B 47 2.27 -8.10 0.39
CA GLU B 47 3.31 -7.12 0.06
C GLU B 47 4.40 -6.88 1.12
N LEU B 48 5.63 -6.70 0.65
CA LEU B 48 6.73 -6.18 1.44
C LEU B 48 6.46 -4.72 1.74
N ARG B 49 6.71 -4.31 2.99
CA ARG B 49 6.62 -2.92 3.40
C ARG B 49 7.96 -2.43 3.94
N LEU B 50 8.45 -1.33 3.40
CA LEU B 50 9.75 -0.78 3.77
C LEU B 50 9.71 -0.05 5.12
N ILE B 51 10.55 -0.51 6.05
CA ILE B 51 10.74 0.12 7.36
C ILE B 51 11.78 1.22 7.21
N PHE B 52 12.98 0.82 6.82
CA PHE B 52 14.07 1.75 6.60
C PHE B 52 14.86 1.39 5.34
N MET B 53 15.50 2.40 4.79
CA MET B 53 16.47 2.26 3.73
C MET B 53 17.83 2.85 4.18
N SER B 54 18.88 2.67 3.39
CA SER B 54 20.12 3.38 3.60
C SER B 54 20.79 3.61 2.25
N HIS B 55 21.14 4.85 1.97
CA HIS B 55 21.79 5.19 0.72
C HIS B 55 23.31 5.03 0.82
N GLY B 56 23.78 4.57 1.96
CA GLY B 56 25.20 4.41 2.16
C GLY B 56 25.54 4.43 3.64
N ILE B 57 26.84 4.49 3.93
CA ILE B 57 27.31 4.51 5.29
C ILE B 57 26.87 5.81 5.92
N ARG B 58 26.45 5.72 7.18
CA ARG B 58 25.98 6.85 7.94
C ARG B 58 24.79 7.52 7.31
N ASN B 59 23.95 6.71 6.69
CA ASN B 59 22.66 7.17 6.21
C ASN B 59 21.57 6.16 6.52
N VAL B 60 20.50 6.64 7.14
CA VAL B 60 19.28 5.88 7.30
C VAL B 60 18.15 6.78 6.80
N GLU B 61 17.20 6.21 6.06
CA GLU B 61 16.06 6.96 5.50
C GLU B 61 14.78 6.27 5.87
N LYS B 62 13.81 7.03 6.37
CA LYS B 62 12.49 6.51 6.74
C LYS B 62 11.87 5.81 5.55
N GLY B 63 11.16 4.73 5.81
CA GLY B 63 10.35 4.08 4.79
C GLY B 63 8.89 4.37 5.07
N ASP B 64 8.03 3.44 4.68
CA ASP B 64 6.60 3.58 4.89
C ASP B 64 6.17 3.26 6.31
N ILE B 65 6.94 2.45 7.03
CA ILE B 65 6.46 1.82 8.27
C ILE B 65 7.55 1.82 9.37
N PRO B 66 8.24 2.96 9.58
CA PRO B 66 9.39 3.05 10.50
C PRO B 66 9.10 3.11 12.01
N ASP B 67 7.86 3.37 12.40
CA ASP B 67 7.54 3.55 13.81
C ASP B 67 7.85 2.30 14.64
N GLY B 68 8.50 2.55 15.77
CA GLY B 68 8.90 1.50 16.70
C GLY B 68 10.14 0.73 16.27
N TYR B 69 10.82 1.23 15.24
CA TYR B 69 12.04 0.62 14.80
C TYR B 69 13.16 1.66 14.78
N LYS B 70 14.38 1.14 14.79
CA LYS B 70 15.57 1.92 14.51
C LYS B 70 16.41 1.08 13.60
N ALA B 71 17.47 1.68 13.09
CA ALA B 71 18.34 0.97 12.18
C ALA B 71 19.70 1.62 12.27
N SER B 72 20.67 1.04 11.58
CA SER B 72 22.07 1.42 11.72
C SER B 72 22.99 0.91 10.60
N ARG B 73 23.70 1.82 9.97
CA ARG B 73 24.62 1.47 8.91
C ARG B 73 26.03 2.02 9.21
N PRO B 74 26.79 1.27 9.99
CA PRO B 74 28.09 1.69 10.38
C PRO B 74 29.16 1.36 9.38
N SER B 75 28.82 0.58 8.35
CA SER B 75 29.78 0.19 7.29
C SER B 75 29.02 -0.29 6.08
N GLN B 76 29.65 -0.43 4.91
CA GLN B 76 28.89 -0.80 3.71
C GLN B 76 28.19 -2.16 3.81
N GLU B 77 28.88 -3.14 4.36
CA GLU B 77 28.35 -4.49 4.30
C GLU B 77 27.21 -4.72 5.26
N ASN B 78 27.07 -3.86 6.26
CA ASN B 78 26.19 -4.15 7.38
C ASN B 78 25.11 -3.14 7.62
N PHE B 79 23.85 -3.60 7.59
CA PHE B 79 22.69 -2.76 7.85
C PHE B 79 21.78 -3.47 8.82
N SER B 80 21.72 -2.99 10.04
CA SER B 80 20.98 -3.72 11.09
C SER B 80 19.64 -3.06 11.40
N LEU B 81 18.69 -3.87 11.82
CA LEU B 81 17.37 -3.39 12.22
C LEU B 81 17.21 -3.58 13.70
N ILE B 82 16.89 -2.51 14.41
CA ILE B 82 16.84 -2.55 15.88
C ILE B 82 15.41 -2.42 16.41
N LEU B 83 14.96 -3.38 17.17
CA LEU B 83 13.72 -3.24 17.93
C LEU B 83 14.06 -2.97 19.41
N GLU B 84 13.89 -1.73 19.84
CA GLU B 84 14.35 -1.31 21.14
C GLU B 84 13.55 -2.02 22.25
N LEU B 85 12.23 -1.91 22.20
CA LEU B 85 11.37 -2.60 23.18
C LEU B 85 10.29 -3.35 22.43
N ALA B 86 10.61 -4.57 22.06
CA ALA B 86 9.78 -5.41 21.16
C ALA B 86 8.29 -5.47 21.53
N THR B 87 7.43 -5.44 20.52
CA THR B 87 5.99 -5.59 20.73
C THR B 87 5.49 -6.82 20.02
N PRO B 88 4.51 -7.51 20.60
CA PRO B 88 3.86 -8.62 19.89
C PRO B 88 3.49 -8.27 18.46
N SER B 89 2.96 -7.06 18.28
CA SER B 89 2.57 -6.53 16.97
C SER B 89 3.68 -6.50 15.94
N GLN B 90 4.93 -6.57 16.41
CA GLN B 90 6.07 -6.65 15.51
C GLN B 90 6.38 -8.08 15.11
N THR B 91 5.47 -9.01 15.44
CA THR B 91 5.60 -10.37 14.99
C THR B 91 5.47 -10.38 13.50
N SER B 92 6.46 -10.89 12.79
CA SER B 92 6.40 -10.91 11.34
C SER B 92 7.59 -11.58 10.74
N VAL B 93 7.58 -11.67 9.40
CA VAL B 93 8.76 -12.10 8.68
C VAL B 93 9.39 -10.87 8.09
N TYR B 94 10.70 -10.75 8.28
CA TYR B 94 11.45 -9.56 7.88
C TYR B 94 12.48 -9.91 6.82
N PHE B 95 12.61 -9.03 5.84
CA PHE B 95 13.48 -9.26 4.69
C PHE B 95 14.43 -8.12 4.47
N CYS B 96 15.68 -8.49 4.34
CA CYS B 96 16.76 -7.57 4.03
C CYS B 96 17.06 -7.63 2.54
N ALA B 97 17.52 -6.52 1.98
CA ALA B 97 17.92 -6.50 0.58
C ALA B 97 19.04 -5.52 0.34
N SER B 98 19.99 -5.86 -0.53
CA SER B 98 20.99 -4.92 -0.97
C SER B 98 20.68 -4.57 -2.39
N GLY B 99 21.21 -3.46 -2.88
CA GLY B 99 20.86 -2.95 -4.20
C GLY B 99 21.91 -2.12 -4.88
N GLY B 100 22.01 -2.30 -6.19
CA GLY B 100 23.19 -1.86 -6.90
C GLY B 100 22.92 -1.51 -8.34
N GLY B 101 22.72 -0.20 -8.55
CA GLY B 101 22.58 0.42 -9.87
C GLY B 101 22.02 -0.58 -10.88
N GLY B 102 20.88 -1.15 -10.55
CA GLY B 102 20.20 -2.05 -11.46
C GLY B 102 19.48 -3.19 -10.76
N THR B 103 20.20 -4.01 -10.02
CA THR B 103 19.58 -5.18 -9.39
C THR B 103 19.32 -4.97 -7.89
N LEU B 104 18.59 -5.92 -7.32
CA LEU B 104 18.38 -6.06 -5.90
C LEU B 104 18.77 -7.48 -5.51
N TYR B 105 19.29 -7.67 -4.30
CA TYR B 105 19.60 -9.00 -3.77
C TYR B 105 18.96 -9.18 -2.40
N PHE B 106 18.11 -10.19 -2.27
CA PHE B 106 17.31 -10.34 -1.08
C PHE B 106 17.81 -11.44 -0.17
N GLY B 107 17.65 -11.23 1.14
CA GLY B 107 17.97 -12.27 2.10
C GLY B 107 16.86 -13.31 2.17
N ALA B 108 17.15 -14.37 2.91
CA ALA B 108 16.25 -15.53 3.04
C ALA B 108 15.06 -15.26 3.99
N GLY B 109 15.10 -14.17 4.73
CA GLY B 109 14.01 -13.82 5.61
C GLY B 109 14.30 -14.24 7.03
N THR B 110 13.79 -13.44 7.98
CA THR B 110 13.87 -13.74 9.40
C THR B 110 12.47 -13.78 9.95
N ARG B 111 12.05 -14.93 10.45
CA ARG B 111 10.73 -15.04 11.10
C ARG B 111 10.85 -14.66 12.60
N LEU B 112 10.17 -13.60 13.01
CA LEU B 112 10.30 -13.13 14.37
C LEU B 112 8.99 -13.23 15.05
N SER B 113 8.96 -13.97 16.15
CA SER B 113 7.76 -14.12 16.96
C SER B 113 7.98 -13.37 18.28
N VAL B 114 7.14 -12.40 18.57
CA VAL B 114 7.22 -11.69 19.84
C VAL B 114 6.00 -12.01 20.71
N LEU B 115 6.25 -12.75 21.79
CA LEU B 115 5.21 -13.23 22.68
C LEU B 115 4.90 -12.29 23.83
N TYR B 116 3.85 -12.61 24.59
CA TYR B 116 3.40 -11.80 25.72
C TYR B 116 4.12 -12.23 27.03
N GLY B 117 4.15 -11.33 28.01
CA GLY B 117 4.78 -11.61 29.31
C GLY B 117 3.88 -12.24 30.35
N SER B 118 4.45 -12.51 31.54
CA SER B 118 3.71 -13.18 32.63
C SER B 118 2.86 -12.19 33.43
N SER C 2 -40.26 -25.06 -12.30
CA SER C 2 -39.87 -23.80 -13.02
C SER C 2 -39.43 -22.71 -12.03
N GLN C 3 -38.49 -21.86 -12.42
CA GLN C 3 -37.90 -20.83 -11.52
C GLN C 3 -38.30 -19.39 -11.92
N PRO C 4 -38.71 -18.59 -10.95
CA PRO C 4 -39.15 -17.25 -11.31
C PRO C 4 -38.02 -16.43 -11.93
N ASP C 5 -38.36 -15.64 -12.94
CA ASP C 5 -37.39 -14.73 -13.53
C ASP C 5 -36.93 -13.68 -12.51
N PRO C 6 -35.71 -13.16 -12.68
CA PRO C 6 -35.10 -12.33 -11.68
C PRO C 6 -35.82 -11.02 -11.44
N LYS C 7 -36.12 -10.75 -10.17
CA LYS C 7 -36.73 -9.47 -9.77
C LYS C 7 -35.72 -8.35 -9.97
N PRO C 8 -36.18 -7.07 -9.95
CA PRO C 8 -35.30 -5.97 -10.37
C PRO C 8 -33.90 -6.02 -9.72
N ASP C 9 -33.85 -5.81 -8.41
CA ASP C 9 -32.57 -5.68 -7.71
C ASP C 9 -31.98 -7.01 -7.25
N GLU C 10 -32.47 -8.11 -7.81
CA GLU C 10 -32.00 -9.42 -7.42
C GLU C 10 -30.62 -9.65 -8.01
N LEU C 11 -30.41 -9.10 -9.20
CA LEU C 11 -29.22 -9.39 -10.00
C LEU C 11 -28.02 -8.64 -9.48
N HIS C 12 -26.86 -9.31 -9.52
CA HIS C 12 -25.59 -8.72 -9.11
C HIS C 12 -25.20 -7.61 -10.07
N LYS C 13 -24.83 -6.46 -9.54
CA LYS C 13 -24.40 -5.33 -10.34
C LYS C 13 -22.86 -5.27 -10.40
N SER C 14 -22.30 -5.21 -11.61
CA SER C 14 -20.85 -5.32 -11.78
C SER C 14 -20.12 -4.10 -11.28
N SER C 15 -20.81 -2.97 -11.27
CA SER C 15 -20.31 -1.70 -10.70
C SER C 15 -20.13 -1.81 -9.19
N LYS C 16 -20.81 -2.75 -8.57
CA LYS C 16 -20.70 -2.91 -7.15
C LYS C 16 -19.64 -3.93 -6.78
N PHE C 17 -18.93 -4.43 -7.79
CA PHE C 17 -17.80 -5.34 -7.62
C PHE C 17 -16.53 -4.57 -7.95
N THR C 18 -15.64 -4.46 -6.97
CA THR C 18 -14.45 -3.62 -7.06
C THR C 18 -13.15 -4.44 -7.10
N GLY C 19 -13.28 -5.76 -7.25
CA GLY C 19 -12.11 -6.61 -7.52
C GLY C 19 -11.77 -6.68 -9.00
N LEU C 20 -10.94 -7.63 -9.37
CA LEU C 20 -10.57 -7.80 -10.78
C LEU C 20 -11.49 -8.84 -11.46
N MET C 21 -12.27 -8.40 -12.44
CA MET C 21 -13.10 -9.29 -13.24
C MET C 21 -12.32 -10.39 -13.99
N GLU C 22 -11.03 -10.18 -14.19
CA GLU C 22 -10.21 -11.24 -14.73
C GLU C 22 -10.46 -12.55 -14.01
N ASN C 23 -10.64 -12.51 -12.70
CA ASN C 23 -10.82 -13.74 -11.94
C ASN C 23 -12.12 -14.48 -12.27
N MET C 24 -13.07 -13.77 -12.88
CA MET C 24 -14.26 -14.41 -13.46
C MET C 24 -14.00 -14.81 -14.92
N LYS C 25 -13.49 -13.86 -15.69
CA LYS C 25 -13.13 -14.06 -17.13
C LYS C 25 -12.43 -15.36 -17.41
N VAL C 26 -11.48 -15.68 -16.54
CA VAL C 26 -10.53 -16.75 -16.75
C VAL C 26 -11.23 -18.10 -16.61
N LEU C 27 -12.35 -18.16 -15.88
CA LEU C 27 -13.09 -19.42 -15.70
C LEU C 27 -13.72 -19.85 -17.00
N TYR C 28 -13.89 -18.87 -17.87
CA TYR C 28 -14.50 -19.06 -19.18
C TYR C 28 -13.53 -18.83 -20.35
N ASP C 29 -12.22 -18.94 -20.07
CA ASP C 29 -11.20 -18.84 -21.12
C ASP C 29 -11.15 -20.17 -21.88
N ASP C 30 -10.21 -20.30 -22.84
CA ASP C 30 -10.09 -21.50 -23.68
C ASP C 30 -10.04 -22.82 -22.88
N ASN C 31 -9.50 -22.76 -21.67
CA ASN C 31 -9.23 -23.97 -20.89
C ASN C 31 -10.40 -24.42 -20.05
N HIS C 32 -10.49 -25.72 -19.84
CA HIS C 32 -11.55 -26.30 -19.02
C HIS C 32 -11.28 -27.80 -18.80
N VAL C 33 -11.82 -28.35 -17.72
CA VAL C 33 -11.71 -29.77 -17.49
C VAL C 33 -12.63 -30.52 -18.44
N SER C 34 -12.07 -31.56 -19.07
CA SER C 34 -12.73 -32.30 -20.12
C SER C 34 -12.18 -33.73 -20.15
N ALA C 35 -13.04 -34.70 -19.88
CA ALA C 35 -12.60 -36.09 -19.95
C ALA C 35 -13.74 -37.01 -20.44
N ILE C 36 -13.36 -38.06 -21.14
CA ILE C 36 -14.32 -38.95 -21.76
C ILE C 36 -14.23 -40.39 -21.24
N ASN C 37 -15.37 -40.95 -20.84
CA ASN C 37 -15.43 -42.32 -20.40
C ASN C 37 -14.39 -42.68 -19.32
N VAL C 38 -14.58 -42.14 -18.11
CA VAL C 38 -13.67 -42.37 -16.99
C VAL C 38 -14.40 -42.64 -15.68
N LYS C 39 -13.74 -43.36 -14.79
CA LYS C 39 -14.33 -43.83 -13.54
C LYS C 39 -13.58 -43.24 -12.33
N SER C 40 -14.34 -42.75 -11.35
CA SER C 40 -13.73 -42.21 -10.12
C SER C 40 -12.69 -43.16 -9.56
N ILE C 41 -11.57 -42.63 -9.09
CA ILE C 41 -10.54 -43.47 -8.52
C ILE C 41 -10.20 -43.10 -7.08
N ASP C 42 -10.88 -42.13 -6.50
CA ASP C 42 -10.72 -41.87 -5.09
C ASP C 42 -11.83 -40.93 -4.67
N GLN C 43 -11.92 -40.71 -3.38
CA GLN C 43 -12.91 -39.83 -2.80
C GLN C 43 -12.27 -39.17 -1.58
N PHE C 44 -12.49 -37.87 -1.40
CA PHE C 44 -11.95 -37.16 -0.23
C PHE C 44 -13.06 -37.05 0.82
N LEU C 45 -13.96 -36.10 0.64
CA LEU C 45 -15.17 -36.04 1.45
C LEU C 45 -16.28 -36.83 0.78
N TYR C 46 -17.34 -37.09 1.55
CA TYR C 46 -18.42 -38.00 1.11
C TYR C 46 -19.27 -37.43 -0.04
N PHE C 47 -19.13 -36.15 -0.33
CA PHE C 47 -19.91 -35.52 -1.40
C PHE C 47 -19.06 -35.13 -2.61
N ASP C 48 -17.83 -35.63 -2.66
CA ASP C 48 -16.98 -35.45 -3.84
C ASP C 48 -16.53 -36.78 -4.41
N LEU C 49 -15.93 -36.72 -5.59
CA LEU C 49 -15.27 -37.85 -6.21
C LEU C 49 -14.01 -37.31 -6.81
N ILE C 50 -13.00 -38.14 -6.91
CA ILE C 50 -11.73 -37.73 -7.48
C ILE C 50 -11.40 -38.55 -8.74
N TYR C 51 -11.22 -37.82 -9.84
CA TYR C 51 -10.92 -38.42 -11.11
C TYR C 51 -9.48 -38.18 -11.48
N SER C 52 -8.90 -39.14 -12.18
CA SER C 52 -7.54 -39.04 -12.68
C SER C 52 -7.57 -38.50 -14.10
N ILE C 53 -7.28 -37.21 -14.25
CA ILE C 53 -7.24 -36.53 -15.56
C ILE C 53 -6.00 -35.67 -15.68
N LYS C 54 -5.13 -35.94 -16.67
CA LYS C 54 -3.95 -35.10 -16.92
C LYS C 54 -4.33 -33.85 -17.72
N ASP C 55 -3.88 -32.69 -17.24
CA ASP C 55 -3.86 -31.50 -18.06
C ASP C 55 -2.68 -31.66 -18.97
N THR C 56 -2.97 -32.09 -20.18
CA THR C 56 -1.97 -32.34 -21.19
C THR C 56 -1.48 -31.03 -21.78
N LYS C 57 -2.37 -30.05 -21.86
CA LYS C 57 -2.09 -28.73 -22.46
C LYS C 57 -1.04 -27.95 -21.66
N LEU C 58 -1.35 -27.61 -20.41
CA LEU C 58 -0.52 -26.71 -19.58
C LEU C 58 0.13 -27.37 -18.36
N GLY C 59 -0.17 -28.63 -18.10
CA GLY C 59 0.44 -29.34 -16.98
C GLY C 59 -0.07 -28.94 -15.61
N ASN C 60 -1.22 -28.26 -15.56
CA ASN C 60 -1.75 -27.70 -14.31
C ASN C 60 -2.41 -28.68 -13.36
N TYR C 61 -2.65 -29.91 -13.79
CA TYR C 61 -3.30 -30.90 -12.91
C TYR C 61 -3.21 -32.35 -13.40
N ASP C 62 -3.02 -33.26 -12.45
CA ASP C 62 -3.03 -34.71 -12.70
C ASP C 62 -4.28 -35.38 -12.13
N ASN C 63 -4.95 -34.71 -11.19
CA ASN C 63 -6.20 -35.22 -10.63
C ASN C 63 -7.19 -34.11 -10.48
N VAL C 64 -8.48 -34.47 -10.45
CA VAL C 64 -9.56 -33.47 -10.38
C VAL C 64 -10.59 -33.83 -9.33
N ARG C 65 -10.83 -32.93 -8.39
CA ARG C 65 -11.90 -33.11 -7.43
C ARG C 65 -13.21 -32.55 -7.96
N VAL C 66 -14.18 -33.43 -8.13
CA VAL C 66 -15.53 -33.03 -8.53
C VAL C 66 -16.42 -33.09 -7.31
N GLU C 67 -17.03 -31.96 -6.98
CA GLU C 67 -17.76 -31.80 -5.74
C GLU C 67 -19.27 -31.64 -6.00
N PHE C 68 -20.08 -32.26 -5.16
CA PHE C 68 -21.52 -32.31 -5.41
C PHE C 68 -22.31 -31.69 -4.26
N LYS C 69 -23.61 -31.52 -4.47
CA LYS C 69 -24.47 -30.86 -3.49
C LYS C 69 -24.76 -31.77 -2.30
N ASN C 70 -24.62 -33.08 -2.50
CA ASN C 70 -25.03 -34.06 -1.49
C ASN C 70 -24.43 -35.45 -1.72
N LYS C 71 -24.60 -36.35 -0.76
CA LYS C 71 -24.02 -37.71 -0.82
C LYS C 71 -24.59 -38.53 -1.94
N ASP C 72 -25.90 -38.38 -2.19
CA ASP C 72 -26.58 -39.17 -3.22
C ASP C 72 -25.93 -39.03 -4.58
N LEU C 73 -25.67 -37.79 -4.99
CA LEU C 73 -25.02 -37.54 -6.27
C LEU C 73 -23.62 -38.16 -6.31
N ALA C 74 -22.87 -38.04 -5.22
CA ALA C 74 -21.56 -38.72 -5.17
C ALA C 74 -21.74 -40.24 -5.35
N ASP C 75 -22.68 -40.81 -4.60
CA ASP C 75 -22.94 -42.27 -4.66
C ASP C 75 -23.36 -42.70 -6.04
N LYS C 76 -24.27 -41.94 -6.64
CA LYS C 76 -24.80 -42.21 -7.97
C LYS C 76 -23.70 -42.43 -9.00
N TYR C 77 -22.69 -41.56 -9.00
CA TYR C 77 -21.69 -41.55 -10.08
C TYR C 77 -20.37 -42.23 -9.73
N LYS C 78 -20.13 -42.48 -8.45
CA LYS C 78 -18.97 -43.28 -8.05
C LYS C 78 -19.10 -44.62 -8.75
N ASP C 79 -17.99 -45.17 -9.25
CA ASP C 79 -18.02 -46.48 -9.97
C ASP C 79 -18.66 -46.49 -11.38
N LYS C 80 -19.47 -45.47 -11.71
CA LYS C 80 -19.99 -45.30 -13.06
C LYS C 80 -18.88 -44.81 -13.98
N TYR C 81 -18.94 -45.22 -15.25
CA TYR C 81 -18.09 -44.64 -16.29
C TYR C 81 -18.84 -43.43 -16.83
N VAL C 82 -18.18 -42.28 -16.76
CA VAL C 82 -18.82 -41.00 -17.05
C VAL C 82 -17.97 -40.08 -17.90
N ASP C 83 -18.61 -39.02 -18.40
CA ASP C 83 -17.94 -37.95 -19.08
C ASP C 83 -17.95 -36.73 -18.16
N VAL C 84 -16.77 -36.09 -18.00
CA VAL C 84 -16.63 -34.89 -17.17
C VAL C 84 -16.42 -33.64 -18.01
N PHE C 85 -17.12 -32.56 -17.66
CA PHE C 85 -16.93 -31.24 -18.27
C PHE C 85 -17.14 -30.13 -17.24
N GLY C 86 -16.11 -29.34 -16.95
CA GLY C 86 -16.24 -28.29 -15.92
C GLY C 86 -15.42 -27.01 -15.99
N ALA C 87 -15.96 -25.94 -15.40
CA ALA C 87 -15.18 -24.76 -15.12
C ALA C 87 -14.46 -24.99 -13.79
N ASN C 88 -13.12 -25.00 -13.81
CA ASN C 88 -12.33 -25.39 -12.63
C ASN C 88 -11.59 -24.25 -11.95
N TYR C 89 -11.25 -24.44 -10.68
CA TYR C 89 -10.53 -23.46 -9.89
C TYR C 89 -9.33 -24.07 -9.18
N TYR C 90 -8.37 -23.25 -8.79
CA TYR C 90 -7.21 -23.77 -8.09
C TYR C 90 -6.94 -23.15 -6.71
N TYR C 91 -7.37 -21.91 -6.51
CA TYR C 91 -6.92 -21.15 -5.35
C TYR C 91 -7.33 -21.79 -4.02
N GLN C 92 -8.59 -21.76 -3.65
CA GLN C 92 -8.88 -22.40 -2.36
C GLN C 92 -9.37 -23.82 -2.56
N CYS C 93 -8.65 -24.56 -3.41
CA CYS C 93 -8.98 -25.92 -3.79
C CYS C 93 -8.12 -26.81 -2.97
N TYR C 94 -8.71 -27.57 -2.07
CA TYR C 94 -7.96 -28.59 -1.39
C TYR C 94 -8.63 -29.97 -1.41
N PHE C 95 -7.81 -30.99 -1.56
CA PHE C 95 -8.21 -32.34 -1.21
C PHE C 95 -7.03 -33.26 -0.96
N SER C 96 -7.25 -34.18 -0.02
CA SER C 96 -6.42 -35.37 0.10
C SER C 96 -7.03 -36.58 -0.64
N LYS C 109 0.64 -34.62 -5.79
CA LYS C 109 0.85 -34.20 -7.20
C LYS C 109 0.26 -32.77 -7.47
N ARG C 110 -0.26 -32.56 -8.70
CA ARG C 110 -0.82 -31.27 -9.13
C ARG C 110 -2.32 -31.44 -9.26
N LYS C 111 -3.07 -30.51 -8.67
CA LYS C 111 -4.50 -30.68 -8.45
C LYS C 111 -5.32 -29.55 -9.04
N THR C 112 -6.62 -29.80 -9.20
CA THR C 112 -7.62 -28.76 -9.52
C THR C 112 -8.97 -29.21 -8.96
N CYS C 113 -9.92 -28.28 -8.89
CA CYS C 113 -11.23 -28.55 -8.30
C CYS C 113 -12.35 -28.02 -9.18
N MET C 114 -13.50 -28.70 -9.17
CA MET C 114 -14.68 -28.22 -9.87
C MET C 114 -15.91 -28.73 -9.17
N TYR C 115 -17.09 -28.31 -9.65
CA TYR C 115 -18.37 -28.84 -9.17
C TYR C 115 -19.15 -29.45 -10.30
N GLY C 116 -19.89 -30.50 -9.98
CA GLY C 116 -20.79 -31.19 -10.92
C GLY C 116 -20.16 -31.58 -12.24
N GLY C 117 -20.83 -31.23 -13.33
CA GLY C 117 -20.27 -31.41 -14.66
C GLY C 117 -20.12 -32.86 -15.12
N VAL C 118 -20.92 -33.76 -14.57
CA VAL C 118 -20.78 -35.20 -14.85
C VAL C 118 -22.04 -35.84 -15.42
N THR C 119 -21.86 -36.58 -16.52
CA THR C 119 -22.91 -37.31 -17.21
C THR C 119 -22.50 -38.74 -17.45
N GLU C 120 -23.44 -39.67 -17.43
CA GLU C 120 -23.18 -41.06 -17.81
C GLU C 120 -22.62 -41.12 -19.24
N HIS C 121 -21.61 -41.97 -19.46
CA HIS C 121 -21.04 -42.11 -20.80
C HIS C 121 -21.91 -42.99 -21.69
N ASN C 122 -22.05 -44.26 -21.32
CA ASN C 122 -22.79 -45.21 -22.14
C ASN C 122 -24.23 -44.75 -22.35
N GLY C 123 -24.63 -44.67 -23.62
CA GLY C 123 -26.01 -44.34 -23.97
C GLY C 123 -26.32 -42.87 -24.12
N ASN C 124 -25.35 -42.03 -23.77
CA ASN C 124 -25.53 -40.57 -23.81
C ASN C 124 -24.88 -39.95 -25.03
N GLN C 125 -24.12 -40.74 -25.78
CA GLN C 125 -23.39 -40.23 -26.94
C GLN C 125 -24.32 -40.08 -28.13
N LEU C 126 -24.29 -38.92 -28.79
CA LEU C 126 -25.03 -38.69 -30.06
C LEU C 126 -24.14 -39.02 -31.25
N ASP C 127 -24.77 -39.40 -32.36
CA ASP C 127 -24.04 -39.70 -33.62
C ASP C 127 -23.53 -38.43 -34.33
N LYS C 128 -24.37 -37.40 -34.35
CA LYS C 128 -23.99 -36.05 -34.79
C LYS C 128 -24.08 -35.07 -33.65
N TYR C 129 -23.29 -34.01 -33.73
CA TYR C 129 -23.37 -32.91 -32.79
C TYR C 129 -24.70 -32.22 -33.00
N ARG C 130 -25.35 -31.83 -31.90
CA ARG C 130 -26.56 -30.99 -31.97
C ARG C 130 -26.20 -29.52 -31.77
N SER C 131 -26.95 -28.64 -32.45
CA SER C 131 -26.88 -27.19 -32.22
C SER C 131 -27.93 -26.74 -31.21
N ILE C 132 -27.56 -25.82 -30.34
CA ILE C 132 -28.52 -25.16 -29.43
C ILE C 132 -28.40 -23.68 -29.62
N THR C 133 -29.51 -23.01 -29.90
CA THR C 133 -29.47 -21.58 -30.18
C THR C 133 -29.47 -20.76 -28.90
N VAL C 134 -28.57 -19.79 -28.88
CA VAL C 134 -28.45 -18.79 -27.81
C VAL C 134 -28.92 -17.50 -28.39
N ARG C 135 -29.83 -16.84 -27.70
CA ARG C 135 -30.31 -15.53 -28.10
C ARG C 135 -29.88 -14.52 -27.04
N VAL C 136 -29.12 -13.52 -27.47
CA VAL C 136 -28.54 -12.56 -26.55
C VAL C 136 -29.24 -11.22 -26.67
N PHE C 137 -29.89 -10.83 -25.57
CA PHE C 137 -30.56 -9.57 -25.46
C PHE C 137 -29.67 -8.57 -24.75
N GLU C 138 -29.45 -7.43 -25.39
CA GLU C 138 -28.73 -6.32 -24.78
C GLU C 138 -29.71 -5.20 -24.52
N ASP C 139 -29.93 -4.92 -23.25
CA ASP C 139 -30.95 -3.96 -22.81
C ASP C 139 -32.26 -4.29 -23.50
N GLY C 140 -32.61 -5.58 -23.49
CA GLY C 140 -33.87 -6.04 -24.04
C GLY C 140 -33.93 -6.32 -25.52
N LYS C 141 -32.91 -5.93 -26.29
CA LYS C 141 -32.96 -6.03 -27.76
C LYS C 141 -32.12 -7.23 -28.24
N ASN C 142 -32.75 -8.23 -28.85
CA ASN C 142 -32.02 -9.40 -29.35
C ASN C 142 -31.15 -9.05 -30.55
N LEU C 143 -30.01 -8.43 -30.30
CA LEU C 143 -29.17 -7.95 -31.39
C LEU C 143 -28.18 -9.02 -31.87
N LEU C 144 -27.98 -10.07 -31.08
CA LEU C 144 -27.10 -11.15 -31.47
C LEU C 144 -27.68 -12.50 -31.11
N SER C 145 -27.53 -13.44 -32.04
CA SER C 145 -27.87 -14.85 -31.81
C SER C 145 -26.76 -15.71 -32.37
N PHE C 146 -26.55 -16.87 -31.75
CA PHE C 146 -25.52 -17.81 -32.21
C PHE C 146 -25.78 -19.18 -31.59
N ASP C 147 -25.04 -20.20 -32.06
CA ASP C 147 -25.26 -21.56 -31.65
C ASP C 147 -24.07 -22.10 -30.91
N VAL C 148 -24.31 -22.87 -29.86
CA VAL C 148 -23.28 -23.69 -29.25
C VAL C 148 -23.58 -25.13 -29.60
N GLN C 149 -22.58 -26.01 -29.45
CA GLN C 149 -22.73 -27.38 -29.91
C GLN C 149 -22.30 -28.44 -28.90
N THR C 150 -23.04 -29.54 -28.88
CA THR C 150 -22.76 -30.63 -27.98
C THR C 150 -23.08 -31.96 -28.64
N ASN C 151 -22.39 -33.00 -28.20
CA ASN C 151 -22.59 -34.34 -28.70
C ASN C 151 -23.17 -35.24 -27.63
N LYS C 152 -23.63 -34.65 -26.53
CA LYS C 152 -24.28 -35.41 -25.45
C LYS C 152 -25.79 -35.30 -25.54
N LYS C 153 -26.49 -36.40 -25.31
CA LYS C 153 -27.97 -36.38 -25.29
C LYS C 153 -28.47 -35.56 -24.12
N LYS C 154 -28.01 -35.94 -22.94
CA LYS C 154 -28.20 -35.20 -21.71
C LYS C 154 -26.89 -34.46 -21.42
N VAL C 155 -26.95 -33.14 -21.46
CA VAL C 155 -25.78 -32.30 -21.19
C VAL C 155 -25.99 -31.40 -19.97
N THR C 156 -24.94 -31.19 -19.19
CA THR C 156 -25.02 -30.36 -17.98
C THR C 156 -25.21 -28.91 -18.38
N ALA C 157 -25.96 -28.17 -17.56
CA ALA C 157 -26.15 -26.71 -17.78
C ALA C 157 -24.79 -26.03 -17.76
N GLN C 158 -23.92 -26.53 -16.87
CA GLN C 158 -22.58 -25.98 -16.70
C GLN C 158 -21.85 -25.92 -18.06
N GLU C 159 -21.79 -27.06 -18.75
CA GLU C 159 -21.11 -27.14 -20.04
C GLU C 159 -21.71 -26.15 -21.05
N LEU C 160 -23.04 -26.08 -21.07
CA LEU C 160 -23.69 -25.16 -22.01
C LEU C 160 -23.41 -23.72 -21.64
N ASP C 161 -23.41 -23.45 -20.33
CA ASP C 161 -23.09 -22.13 -19.78
C ASP C 161 -21.67 -21.72 -20.18
N TYR C 162 -20.73 -22.61 -19.92
CA TYR C 162 -19.33 -22.39 -20.28
C TYR C 162 -19.19 -22.05 -21.73
N LEU C 163 -19.76 -22.89 -22.60
CA LEU C 163 -19.64 -22.68 -24.03
C LEU C 163 -20.20 -21.30 -24.36
N THR C 164 -21.33 -20.95 -23.75
CA THR C 164 -22.01 -19.72 -24.07
C THR C 164 -21.20 -18.50 -23.68
N ARG C 165 -20.67 -18.50 -22.46
CA ARG C 165 -19.86 -17.37 -21.98
C ARG C 165 -18.54 -17.28 -22.71
N HIS C 166 -18.00 -18.43 -23.09
CA HIS C 166 -16.74 -18.45 -23.87
C HIS C 166 -16.84 -17.64 -25.16
N TYR C 167 -17.92 -17.86 -25.87
CA TYR C 167 -18.20 -17.11 -27.08
C TYR C 167 -18.36 -15.65 -26.79
N LEU C 168 -19.16 -15.35 -25.78
CA LEU C 168 -19.50 -13.97 -25.43
C LEU C 168 -18.31 -13.18 -24.93
N VAL C 169 -17.37 -13.85 -24.28
CA VAL C 169 -16.11 -13.23 -23.91
C VAL C 169 -15.29 -12.85 -25.15
N LYS C 170 -15.02 -13.80 -26.03
CA LYS C 170 -14.28 -13.50 -27.26
C LYS C 170 -14.97 -12.38 -28.02
N ASN C 171 -16.29 -12.48 -28.18
CA ASN C 171 -17.00 -11.66 -29.17
C ASN C 171 -17.70 -10.41 -28.67
N LYS C 172 -17.96 -10.29 -27.37
CA LYS C 172 -18.59 -9.09 -26.81
C LYS C 172 -17.89 -8.57 -25.55
N LYS C 173 -16.68 -9.05 -25.29
CA LYS C 173 -15.92 -8.61 -24.15
C LYS C 173 -16.80 -8.62 -22.89
N LEU C 174 -17.52 -9.73 -22.71
CA LEU C 174 -18.42 -9.95 -21.57
C LEU C 174 -17.69 -9.69 -20.26
N TYR C 175 -16.49 -10.26 -20.15
CA TYR C 175 -15.60 -10.00 -19.03
C TYR C 175 -14.28 -9.49 -19.56
N GLU C 176 -13.73 -8.48 -18.91
CA GLU C 176 -12.36 -8.03 -19.18
C GLU C 176 -11.53 -8.12 -17.90
N PHE C 177 -10.31 -7.63 -17.95
CA PHE C 177 -9.41 -7.74 -16.80
C PHE C 177 -9.96 -6.98 -15.58
N ASN C 178 -10.32 -5.72 -15.78
CA ASN C 178 -10.72 -4.87 -14.67
C ASN C 178 -12.17 -5.04 -14.32
N ASN C 179 -13.04 -4.75 -15.27
CA ASN C 179 -14.49 -4.94 -15.06
C ASN C 179 -15.19 -5.53 -16.29
N SER C 180 -16.44 -5.12 -16.53
CA SER C 180 -17.22 -5.55 -17.68
C SER C 180 -18.03 -4.40 -18.22
N PRO C 181 -18.23 -4.36 -19.54
CA PRO C 181 -19.05 -3.31 -20.10
C PRO C 181 -20.51 -3.43 -19.69
N TYR C 182 -20.90 -4.62 -19.25
CA TYR C 182 -22.27 -4.87 -18.87
C TYR C 182 -22.46 -4.80 -17.36
N GLU C 183 -23.54 -4.16 -16.94
CA GLU C 183 -23.79 -3.94 -15.52
C GLU C 183 -24.31 -5.22 -14.92
N THR C 184 -25.36 -5.77 -15.53
CA THR C 184 -25.98 -7.01 -15.06
C THR C 184 -26.06 -8.02 -16.19
N GLY C 185 -26.11 -9.29 -15.82
CA GLY C 185 -26.25 -10.34 -16.80
C GLY C 185 -26.77 -11.62 -16.15
N TYR C 186 -27.72 -12.27 -16.81
CA TYR C 186 -28.12 -13.62 -16.44
C TYR C 186 -28.42 -14.49 -17.64
N ILE C 187 -28.17 -15.79 -17.46
CA ILE C 187 -28.33 -16.81 -18.52
C ILE C 187 -29.50 -17.70 -18.14
N LYS C 188 -30.45 -17.82 -19.07
CA LYS C 188 -31.68 -18.57 -18.83
C LYS C 188 -31.69 -19.80 -19.69
N PHE C 189 -32.06 -20.91 -19.07
CA PHE C 189 -32.21 -22.20 -19.75
C PHE C 189 -33.68 -22.62 -19.82
N ILE C 190 -34.26 -22.57 -21.02
CA ILE C 190 -35.65 -23.01 -21.18
C ILE C 190 -35.74 -24.41 -21.77
N GLU C 191 -36.48 -25.26 -21.09
CA GLU C 191 -36.65 -26.63 -21.56
C GLU C 191 -38.13 -26.93 -21.54
N ASN C 192 -38.79 -26.66 -22.65
CA ASN C 192 -40.23 -26.89 -22.71
C ASN C 192 -40.88 -25.80 -21.88
N GLU C 193 -41.54 -26.20 -20.81
CA GLU C 193 -42.25 -25.24 -19.96
C GLU C 193 -41.29 -24.81 -18.87
N ASN C 194 -40.66 -25.81 -18.25
CA ASN C 194 -39.74 -25.58 -17.15
C ASN C 194 -38.55 -24.73 -17.56
N SER C 195 -38.04 -23.95 -16.62
CA SER C 195 -36.91 -23.08 -16.88
C SER C 195 -36.19 -22.64 -15.60
N PHE C 196 -34.91 -22.31 -15.75
CA PHE C 196 -34.09 -21.79 -14.66
C PHE C 196 -32.98 -20.89 -15.18
N TRP C 197 -32.32 -20.17 -14.26
CA TRP C 197 -31.28 -19.19 -14.62
C TRP C 197 -30.14 -19.07 -13.62
N TYR C 198 -28.99 -18.61 -14.10
CA TYR C 198 -27.82 -18.28 -13.29
C TYR C 198 -27.36 -16.81 -13.49
N ASP C 199 -26.89 -16.20 -12.39
CA ASP C 199 -26.36 -14.80 -12.40
C ASP C 199 -24.95 -14.82 -12.95
N MET C 200 -24.70 -14.05 -13.99
CA MET C 200 -23.41 -14.16 -14.67
C MET C 200 -22.37 -13.27 -14.03
N MET C 201 -22.82 -12.33 -13.18
CA MET C 201 -21.93 -11.38 -12.56
C MET C 201 -21.51 -11.80 -11.17
N PRO C 202 -20.35 -11.31 -10.72
CA PRO C 202 -19.83 -11.67 -9.41
C PRO C 202 -20.53 -10.98 -8.25
N ALA C 203 -20.54 -11.63 -7.10
CA ALA C 203 -21.11 -11.04 -5.90
C ALA C 203 -20.44 -9.71 -5.66
N PRO C 204 -21.15 -8.77 -5.07
CA PRO C 204 -20.53 -7.47 -4.78
C PRO C 204 -19.54 -7.56 -3.61
N GLY C 205 -18.51 -6.71 -3.68
CA GLY C 205 -17.45 -6.68 -2.66
C GLY C 205 -16.07 -6.45 -3.20
N ASP C 206 -15.06 -6.64 -2.36
CA ASP C 206 -13.66 -6.31 -2.71
C ASP C 206 -12.99 -7.36 -3.60
N LYS C 207 -13.21 -8.64 -3.30
CA LYS C 207 -12.56 -9.74 -4.02
C LYS C 207 -13.63 -10.75 -4.53
N PHE C 208 -13.30 -11.50 -5.58
CA PHE C 208 -14.20 -12.52 -6.16
C PHE C 208 -13.83 -13.88 -5.64
N ASP C 209 -14.79 -14.69 -5.23
CA ASP C 209 -14.53 -16.02 -4.64
C ASP C 209 -14.89 -17.14 -5.61
N GLN C 210 -13.90 -17.58 -6.37
CA GLN C 210 -14.14 -18.52 -7.45
C GLN C 210 -14.85 -19.76 -6.94
N SER C 211 -14.31 -20.33 -5.88
CA SER C 211 -14.90 -21.54 -5.29
C SER C 211 -16.38 -21.36 -4.97
N LYS C 212 -16.73 -20.27 -4.33
CA LYS C 212 -18.12 -20.02 -3.97
C LYS C 212 -18.98 -19.87 -5.22
N TYR C 213 -18.51 -19.07 -6.17
CA TYR C 213 -19.33 -18.81 -7.35
C TYR C 213 -19.62 -20.11 -8.08
N LEU C 214 -18.56 -20.85 -8.39
CA LEU C 214 -18.71 -22.12 -9.11
C LEU C 214 -19.50 -23.19 -8.39
N MET C 215 -19.65 -23.07 -7.06
CA MET C 215 -20.40 -24.04 -6.27
C MET C 215 -21.84 -24.18 -6.77
N MET C 216 -22.38 -23.16 -7.43
CA MET C 216 -23.74 -23.22 -7.95
C MET C 216 -23.95 -24.38 -8.90
N TYR C 217 -22.87 -24.82 -9.55
CA TYR C 217 -22.94 -25.99 -10.46
C TYR C 217 -22.99 -27.37 -9.76
N ASN C 218 -23.00 -27.41 -8.44
CA ASN C 218 -22.85 -28.69 -7.73
C ASN C 218 -24.12 -29.54 -7.69
N ASP C 219 -25.22 -28.97 -8.18
CA ASP C 219 -26.48 -29.72 -8.31
C ASP C 219 -26.41 -30.68 -9.50
N ASN C 220 -25.34 -30.57 -10.30
CA ASN C 220 -25.15 -31.40 -11.49
C ASN C 220 -26.34 -31.31 -12.45
N LYS C 221 -27.03 -30.16 -12.47
CA LYS C 221 -28.24 -30.06 -13.28
C LYS C 221 -27.96 -30.35 -14.73
N MET C 222 -28.81 -31.21 -15.30
CA MET C 222 -28.70 -31.60 -16.70
C MET C 222 -29.89 -31.08 -17.47
N VAL C 223 -29.72 -30.94 -18.78
CA VAL C 223 -30.83 -30.64 -19.67
C VAL C 223 -30.78 -31.56 -20.88
N ASP C 224 -31.85 -31.55 -21.68
CA ASP C 224 -31.91 -32.34 -22.89
C ASP C 224 -31.46 -31.47 -24.05
N SER C 225 -30.39 -31.91 -24.74
CA SER C 225 -29.83 -31.13 -25.84
C SER C 225 -30.80 -30.92 -26.99
N LYS C 226 -31.68 -31.89 -27.22
CA LYS C 226 -32.66 -31.74 -28.30
C LYS C 226 -33.59 -30.57 -28.06
N ASP C 227 -34.19 -30.47 -26.89
CA ASP C 227 -35.27 -29.47 -26.74
C ASP C 227 -35.00 -28.33 -25.73
N VAL C 228 -33.75 -28.00 -25.46
CA VAL C 228 -33.43 -26.84 -24.60
C VAL C 228 -33.06 -25.65 -25.45
N LYS C 229 -33.50 -24.46 -25.03
CA LYS C 229 -33.09 -23.21 -25.67
C LYS C 229 -32.43 -22.33 -24.60
N ILE C 230 -31.56 -21.41 -25.04
CA ILE C 230 -30.82 -20.53 -24.13
C ILE C 230 -31.06 -19.08 -24.45
N GLU C 231 -31.37 -18.31 -23.42
CA GLU C 231 -31.53 -16.88 -23.54
C GLU C 231 -30.54 -16.21 -22.60
N VAL C 232 -29.89 -15.15 -23.06
CA VAL C 232 -28.97 -14.39 -22.24
C VAL C 232 -29.37 -12.91 -22.22
N TYR C 233 -29.63 -12.40 -21.03
CA TYR C 233 -30.04 -11.02 -20.87
C TYR C 233 -28.93 -10.21 -20.25
N LEU C 234 -28.46 -9.23 -20.99
CA LEU C 234 -27.43 -8.32 -20.54
C LEU C 234 -28.01 -6.91 -20.47
N THR C 235 -27.51 -6.11 -19.53
CA THR C 235 -27.84 -4.68 -19.49
C THR C 235 -26.57 -3.88 -19.40
N THR C 236 -26.56 -2.72 -20.03
CA THR C 236 -25.40 -1.81 -20.01
C THR C 236 -25.53 -0.86 -18.83
N LYS C 237 -24.54 0.01 -18.63
CA LYS C 237 -24.38 0.77 -17.37
C LYS C 237 -25.23 2.04 -17.19
N GLU D 5 18.00 -25.94 -6.06
CA GLU D 5 17.43 -24.77 -5.27
C GLU D 5 16.45 -23.88 -6.06
N ALA D 6 15.40 -23.43 -5.36
CA ALA D 6 14.28 -22.70 -5.99
C ALA D 6 14.74 -21.36 -6.51
N ALA D 7 14.25 -20.97 -7.68
CA ALA D 7 14.63 -19.70 -8.29
C ALA D 7 13.53 -19.15 -9.17
N VAL D 8 13.74 -17.93 -9.65
CA VAL D 8 12.79 -17.21 -10.50
C VAL D 8 13.56 -16.57 -11.65
N THR D 9 13.09 -16.76 -12.87
CA THR D 9 13.72 -16.15 -14.04
C THR D 9 12.77 -15.15 -14.69
N GLN D 10 13.14 -13.87 -14.69
CA GLN D 10 12.40 -12.87 -15.44
C GLN D 10 12.91 -12.80 -16.84
N SER D 11 12.05 -12.35 -17.74
CA SER D 11 12.48 -12.11 -19.09
C SER D 11 11.64 -11.04 -19.72
N PRO D 12 12.25 -10.12 -20.49
CA PRO D 12 13.70 -9.95 -20.65
C PRO D 12 14.30 -9.23 -19.46
N ARG D 13 15.62 -9.04 -19.50
CA ARG D 13 16.33 -8.33 -18.44
C ARG D 13 16.35 -6.84 -18.70
N ASN D 14 16.23 -6.48 -19.96
CA ASN D 14 16.37 -5.10 -20.42
C ASN D 14 15.51 -4.94 -21.66
N LYS D 15 14.70 -3.89 -21.73
CA LYS D 15 13.81 -3.69 -22.87
C LYS D 15 13.59 -2.24 -23.08
N VAL D 16 13.49 -1.83 -24.34
CA VAL D 16 13.11 -0.46 -24.69
C VAL D 16 11.90 -0.52 -25.60
N ALA D 17 10.93 0.37 -25.40
CA ALA D 17 9.73 0.32 -26.21
C ALA D 17 9.20 1.71 -26.48
N VAL D 18 8.31 1.82 -27.44
CA VAL D 18 7.67 3.11 -27.78
C VAL D 18 6.39 3.28 -27.03
N THR D 19 6.07 4.51 -26.71
CA THR D 19 4.73 4.81 -26.20
C THR D 19 3.68 4.22 -27.15
N GLY D 20 2.68 3.54 -26.57
CA GLY D 20 1.59 2.90 -27.34
C GLY D 20 1.80 1.42 -27.65
N GLU D 21 3.02 0.94 -27.40
CA GLU D 21 3.43 -0.44 -27.67
C GLU D 21 2.98 -1.34 -26.56
N LYS D 22 2.54 -2.55 -26.91
CA LYS D 22 2.12 -3.57 -25.94
C LYS D 22 3.35 -4.31 -25.47
N VAL D 23 3.57 -4.31 -24.16
CA VAL D 23 4.78 -4.89 -23.57
C VAL D 23 4.38 -5.92 -22.57
N THR D 24 5.09 -7.03 -22.56
CA THR D 24 4.77 -8.16 -21.68
C THR D 24 6.03 -8.57 -20.99
N LEU D 25 6.03 -8.59 -19.65
CA LEU D 25 7.16 -9.16 -18.90
C LEU D 25 6.80 -10.55 -18.42
N SER D 26 7.74 -11.47 -18.48
CA SER D 26 7.52 -12.85 -18.04
C SER D 26 8.25 -13.13 -16.72
N CYS D 27 7.71 -14.08 -15.96
CA CYS D 27 8.35 -14.57 -14.76
C CYS D 27 8.06 -16.03 -14.59
N LYS D 28 9.10 -16.83 -14.47
CA LYS D 28 8.96 -18.27 -14.51
C LYS D 28 9.66 -18.86 -13.31
N GLN D 29 8.94 -19.70 -12.56
CA GLN D 29 9.56 -20.43 -11.46
C GLN D 29 10.40 -21.57 -12.01
N THR D 30 11.55 -21.82 -11.39
CA THR D 30 12.36 -22.99 -11.73
C THR D 30 12.60 -23.76 -10.42
N ASN D 31 12.54 -25.07 -10.47
CA ASN D 31 12.72 -25.93 -9.29
C ASN D 31 11.83 -25.60 -8.12
N SER D 32 10.61 -25.18 -8.39
CA SER D 32 9.60 -24.97 -7.35
C SER D 32 8.20 -25.06 -7.93
N TYR D 33 7.22 -25.16 -7.04
CA TYR D 33 5.82 -25.17 -7.45
C TYR D 33 5.00 -24.40 -6.42
N PHE D 34 5.33 -23.11 -6.28
CA PHE D 34 4.76 -22.21 -5.24
C PHE D 34 3.48 -21.54 -5.68
N ASN D 35 2.57 -21.38 -4.73
CA ASN D 35 1.28 -20.77 -4.97
C ASN D 35 1.35 -19.28 -5.16
N ASN D 36 2.22 -18.60 -4.43
CA ASN D 36 2.21 -17.14 -4.46
C ASN D 36 3.26 -16.60 -5.40
N MET D 37 2.89 -15.66 -6.26
CA MET D 37 3.86 -14.92 -7.02
C MET D 37 3.51 -13.46 -7.01
N TYR D 38 4.49 -12.60 -7.30
CA TYR D 38 4.38 -11.16 -7.10
C TYR D 38 5.03 -10.42 -8.25
N TRP D 39 4.44 -9.30 -8.65
CA TRP D 39 5.11 -8.33 -9.50
C TRP D 39 5.22 -6.98 -8.80
N TYR D 40 6.45 -6.50 -8.61
CA TYR D 40 6.67 -5.17 -8.10
C TYR D 40 7.36 -4.35 -9.15
N ARG D 41 7.25 -3.03 -9.01
CA ARG D 41 8.23 -2.13 -9.66
C ARG D 41 8.95 -1.23 -8.64
N GLN D 42 10.24 -1.01 -8.88
CA GLN D 42 11.06 -0.17 -8.01
C GLN D 42 11.20 1.21 -8.61
N ASP D 43 10.84 2.21 -7.82
CA ASP D 43 11.13 3.59 -8.20
C ASP D 43 12.55 4.00 -7.74
N THR D 44 13.37 4.40 -8.71
CA THR D 44 14.53 5.27 -8.47
C THR D 44 15.29 4.99 -7.19
N GLY D 45 15.88 3.79 -7.11
CA GLY D 45 16.70 3.42 -5.96
C GLY D 45 15.98 3.32 -4.62
N HIS D 46 14.67 3.16 -4.65
CA HIS D 46 13.89 3.21 -3.44
C HIS D 46 13.00 1.97 -3.28
N GLU D 47 11.94 2.08 -2.49
CA GLU D 47 11.04 0.96 -2.19
C GLU D 47 10.45 0.25 -3.42
N LEU D 48 10.35 -1.07 -3.32
CA LEU D 48 9.51 -1.85 -4.20
C LEU D 48 8.02 -1.51 -3.95
N ARG D 49 7.26 -1.35 -5.02
CA ARG D 49 5.82 -1.17 -4.94
C ARG D 49 5.10 -2.27 -5.69
N LEU D 50 4.16 -2.95 -5.03
CA LEU D 50 3.45 -4.07 -5.61
C LEU D 50 2.37 -3.62 -6.60
N ILE D 51 2.48 -4.15 -7.83
CA ILE D 51 1.49 -3.92 -8.86
C ILE D 51 0.36 -4.95 -8.71
N PHE D 52 0.76 -6.21 -8.83
CA PHE D 52 -0.16 -7.32 -8.71
C PHE D 52 0.48 -8.47 -7.97
N MET D 53 -0.37 -9.28 -7.36
CA MET D 53 0.02 -10.52 -6.73
C MET D 53 -0.77 -11.66 -7.38
N SER D 54 -0.44 -12.90 -7.03
CA SER D 54 -1.27 -14.05 -7.36
C SER D 54 -1.17 -15.11 -6.27
N HIS D 55 -2.31 -15.57 -5.77
CA HIS D 55 -2.32 -16.58 -4.72
C HIS D 55 -2.32 -17.97 -5.32
N GLY D 56 -2.27 -18.05 -6.64
CA GLY D 56 -2.31 -19.35 -7.32
C GLY D 56 -2.81 -19.21 -8.74
N ILE D 57 -3.00 -20.34 -9.40
CA ILE D 57 -3.45 -20.35 -10.78
C ILE D 57 -4.84 -19.73 -10.85
N ARG D 58 -5.07 -18.94 -11.89
CA ARG D 58 -6.33 -18.27 -12.09
C ARG D 58 -6.70 -17.36 -10.94
N ASN D 59 -5.69 -16.72 -10.36
CA ASN D 59 -5.89 -15.68 -9.39
C ASN D 59 -4.93 -14.56 -9.62
N VAL D 60 -5.48 -13.35 -9.68
CA VAL D 60 -4.72 -12.12 -9.72
C VAL D 60 -5.32 -11.20 -8.67
N GLU D 61 -4.49 -10.53 -7.86
CA GLU D 61 -4.97 -9.66 -6.76
C GLU D 61 -4.30 -8.30 -6.92
N LYS D 62 -5.10 -7.24 -6.85
CA LYS D 62 -4.60 -5.87 -6.91
C LYS D 62 -3.55 -5.66 -5.85
N GLY D 63 -2.53 -4.88 -6.21
CA GLY D 63 -1.56 -4.39 -5.24
C GLY D 63 -1.77 -2.90 -5.01
N ASP D 64 -0.69 -2.23 -4.65
CA ASP D 64 -0.78 -0.80 -4.35
C ASP D 64 -0.87 0.09 -5.62
N ILE D 65 -0.35 -0.42 -6.74
CA ILE D 65 -0.17 0.44 -7.92
C ILE D 65 -0.53 -0.27 -9.24
N PRO D 66 -1.73 -0.83 -9.32
CA PRO D 66 -2.16 -1.64 -10.44
C PRO D 66 -2.60 -0.89 -11.71
N ASP D 67 -2.87 0.39 -11.59
CA ASP D 67 -3.44 1.14 -12.70
C ASP D 67 -2.52 1.12 -13.92
N GLY D 68 -3.14 0.86 -15.06
CA GLY D 68 -2.41 0.77 -16.35
C GLY D 68 -1.66 -0.52 -16.58
N TYR D 69 -1.88 -1.50 -15.71
CA TYR D 69 -1.28 -2.81 -15.86
C TYR D 69 -2.34 -3.89 -15.85
N LYS D 70 -1.97 -5.02 -16.42
CA LYS D 70 -2.70 -6.25 -16.29
C LYS D 70 -1.70 -7.33 -15.98
N ALA D 71 -2.22 -8.50 -15.65
CA ALA D 71 -1.35 -9.61 -15.29
C ALA D 71 -2.12 -10.87 -15.55
N SER D 72 -1.41 -11.99 -15.42
CA SER D 72 -1.93 -13.28 -15.86
C SER D 72 -1.18 -14.49 -15.27
N ARG D 73 -1.93 -15.40 -14.67
CA ARG D 73 -1.38 -16.60 -14.11
C ARG D 73 -2.12 -17.81 -14.67
N PRO D 74 -1.69 -18.26 -15.84
CA PRO D 74 -2.31 -19.40 -16.46
C PRO D 74 -1.78 -20.73 -15.97
N SER D 75 -0.70 -20.72 -15.17
CA SER D 75 -0.10 -21.96 -14.63
C SER D 75 0.77 -21.63 -13.43
N GLN D 76 1.18 -22.61 -12.64
CA GLN D 76 1.93 -22.27 -11.43
C GLN D 76 3.22 -21.52 -11.71
N GLU D 77 3.98 -22.00 -12.69
CA GLU D 77 5.33 -21.51 -12.89
C GLU D 77 5.35 -20.11 -13.46
N ASN D 78 4.25 -19.66 -14.06
CA ASN D 78 4.29 -18.48 -14.90
C ASN D 78 3.36 -17.36 -14.50
N PHE D 79 3.91 -16.18 -14.23
CA PHE D 79 3.11 -15.03 -13.85
C PHE D 79 3.57 -13.83 -14.66
N SER D 80 2.74 -13.39 -15.60
CA SER D 80 3.22 -12.37 -16.52
C SER D 80 2.58 -11.05 -16.27
N LEU D 81 3.33 -9.97 -16.54
CA LEU D 81 2.85 -8.60 -16.33
C LEU D 81 2.64 -7.98 -17.69
N ILE D 82 1.44 -7.48 -17.93
CA ILE D 82 1.06 -6.95 -19.25
C ILE D 82 0.90 -5.44 -19.23
N LEU D 83 1.65 -4.75 -20.06
CA LEU D 83 1.39 -3.33 -20.35
C LEU D 83 0.65 -3.20 -21.69
N GLU D 84 -0.64 -2.90 -21.64
CA GLU D 84 -1.49 -2.94 -22.84
C GLU D 84 -1.11 -1.83 -23.81
N LEU D 85 -1.07 -0.59 -23.33
CA LEU D 85 -0.60 0.56 -24.13
C LEU D 85 0.43 1.32 -23.33
N ALA D 86 1.69 0.93 -23.48
CA ALA D 86 2.79 1.48 -22.68
C ALA D 86 2.84 3.00 -22.58
N THR D 87 3.21 3.50 -21.41
CA THR D 87 3.41 4.93 -21.19
C THR D 87 4.82 5.23 -20.72
N PRO D 88 5.40 6.35 -21.18
CA PRO D 88 6.72 6.73 -20.68
C PRO D 88 6.82 6.62 -19.17
N SER D 89 5.76 7.04 -18.48
CA SER D 89 5.67 7.00 -17.02
C SER D 89 5.85 5.62 -16.41
N GLN D 90 5.68 4.58 -17.20
CA GLN D 90 5.93 3.22 -16.76
C GLN D 90 7.41 2.85 -16.88
N THR D 91 8.25 3.83 -17.20
CA THR D 91 9.68 3.56 -17.30
C THR D 91 10.14 3.23 -15.91
N SER D 92 10.75 2.07 -15.74
CA SER D 92 11.20 1.67 -14.41
C SER D 92 11.95 0.36 -14.44
N VAL D 93 12.41 -0.05 -13.26
CA VAL D 93 12.92 -1.41 -13.11
C VAL D 93 11.86 -2.24 -12.40
N TYR D 94 11.59 -3.42 -12.94
CA TYR D 94 10.53 -4.26 -12.45
C TYR D 94 11.13 -5.54 -11.86
N PHE D 95 10.50 -6.00 -10.78
CA PHE D 95 10.97 -7.18 -10.08
C PHE D 95 9.87 -8.16 -9.83
N CYS D 96 10.15 -9.39 -10.24
CA CYS D 96 9.28 -10.54 -10.02
C CYS D 96 9.73 -11.29 -8.77
N ALA D 97 8.80 -11.91 -8.05
CA ALA D 97 9.17 -12.75 -6.93
C ALA D 97 8.21 -13.91 -6.77
N SER D 98 8.72 -15.06 -6.34
CA SER D 98 7.86 -16.18 -5.97
C SER D 98 8.01 -16.38 -4.49
N GLY D 99 7.02 -17.02 -3.88
CA GLY D 99 6.95 -17.13 -2.42
C GLY D 99 6.35 -18.43 -1.95
N GLY D 100 7.14 -19.18 -1.18
CA GLY D 100 6.75 -20.49 -0.72
C GLY D 100 7.27 -20.99 0.61
N GLY D 101 6.31 -21.23 1.51
CA GLY D 101 6.60 -21.70 2.85
C GLY D 101 7.57 -20.78 3.58
N GLY D 102 7.29 -19.46 3.73
CA GLY D 102 8.23 -18.78 4.60
C GLY D 102 9.17 -17.86 3.88
N THR D 103 9.67 -18.26 2.70
CA THR D 103 10.66 -17.46 1.99
C THR D 103 10.04 -16.77 0.81
N LEU D 104 10.83 -15.88 0.20
CA LEU D 104 10.58 -15.22 -1.07
C LEU D 104 11.80 -15.39 -1.99
N TYR D 105 11.57 -15.55 -3.29
CA TYR D 105 12.66 -15.65 -4.25
C TYR D 105 12.45 -14.60 -5.30
N PHE D 106 13.45 -13.74 -5.50
CA PHE D 106 13.32 -12.59 -6.39
C PHE D 106 14.12 -12.75 -7.67
N GLY D 107 13.56 -12.22 -8.74
CA GLY D 107 14.23 -12.25 -10.02
C GLY D 107 15.27 -11.17 -10.08
N ALA D 108 16.06 -11.20 -11.17
CA ALA D 108 17.19 -10.29 -11.36
C ALA D 108 16.80 -8.87 -11.81
N GLY D 109 15.53 -8.69 -12.14
CA GLY D 109 15.01 -7.37 -12.51
C GLY D 109 14.91 -7.24 -14.01
N THR D 110 13.93 -6.45 -14.46
CA THR D 110 13.82 -6.04 -15.85
C THR D 110 13.82 -4.53 -15.92
N ARG D 111 14.79 -3.94 -16.60
CA ARG D 111 14.85 -2.51 -16.80
C ARG D 111 14.03 -2.17 -18.04
N LEU D 112 12.96 -1.39 -17.89
CA LEU D 112 12.09 -1.06 -19.01
C LEU D 112 12.11 0.44 -19.26
N SER D 113 12.49 0.82 -20.47
CA SER D 113 12.47 2.20 -20.90
C SER D 113 11.37 2.40 -21.92
N VAL D 114 10.42 3.26 -21.62
CA VAL D 114 9.37 3.61 -22.56
C VAL D 114 9.53 5.05 -23.05
N LEU D 115 9.91 5.18 -24.33
CA LEU D 115 10.23 6.47 -24.94
C LEU D 115 8.98 7.11 -25.58
N TYR D 116 9.16 8.33 -26.07
CA TYR D 116 8.08 9.09 -26.70
C TYR D 116 8.00 8.91 -28.21
N GLY D 117 6.82 9.26 -28.73
CA GLY D 117 6.53 9.28 -30.15
C GLY D 117 7.00 10.57 -30.81
N SER D 118 6.74 10.67 -32.11
CA SER D 118 7.18 11.80 -32.94
C SER D 118 6.09 12.08 -33.95
N SER E 2 -27.97 -38.91 9.81
CA SER E 2 -26.73 -38.61 10.58
C SER E 2 -25.58 -38.18 9.66
N GLN E 3 -24.70 -37.30 10.15
CA GLN E 3 -23.62 -36.65 9.35
C GLN E 3 -22.24 -37.15 9.79
N PRO E 4 -21.39 -37.55 8.83
CA PRO E 4 -20.08 -38.05 9.22
C PRO E 4 -19.27 -37.00 9.94
N ASP E 5 -18.54 -37.43 10.97
CA ASP E 5 -17.63 -36.55 11.69
C ASP E 5 -16.50 -36.08 10.78
N PRO E 6 -15.96 -34.89 11.04
CA PRO E 6 -15.03 -34.26 10.11
C PRO E 6 -13.75 -35.05 9.86
N LYS E 7 -13.43 -35.27 8.60
CA LYS E 7 -12.17 -35.89 8.23
C LYS E 7 -11.02 -34.92 8.57
N PRO E 8 -9.77 -35.43 8.61
CA PRO E 8 -8.64 -34.62 9.12
C PRO E 8 -8.58 -33.18 8.55
N ASP E 9 -8.31 -33.07 7.25
CA ASP E 9 -8.10 -31.75 6.66
C ASP E 9 -9.38 -31.10 6.18
N GLU E 10 -10.53 -31.59 6.64
CA GLU E 10 -11.82 -31.03 6.23
C GLU E 10 -12.03 -29.67 6.89
N LEU E 11 -11.53 -29.54 8.12
CA LEU E 11 -11.81 -28.40 8.98
C LEU E 11 -11.00 -27.18 8.58
N HIS E 12 -11.62 -26.00 8.68
CA HIS E 12 -10.96 -24.74 8.40
C HIS E 12 -9.85 -24.48 9.46
N LYS E 13 -8.66 -24.12 8.97
CA LYS E 13 -7.53 -23.81 9.87
C LYS E 13 -7.44 -22.29 10.02
N SER E 14 -7.41 -21.81 11.26
CA SER E 14 -7.48 -20.37 11.53
C SER E 14 -6.20 -19.67 11.12
N SER E 15 -5.09 -20.42 11.12
CA SER E 15 -3.80 -19.90 10.65
C SER E 15 -3.84 -19.59 9.17
N LYS E 16 -4.76 -20.19 8.47
CA LYS E 16 -4.88 -19.99 7.02
C LYS E 16 -5.86 -18.88 6.69
N PHE E 17 -6.37 -18.20 7.71
CA PHE E 17 -7.21 -17.02 7.56
C PHE E 17 -6.41 -15.80 8.01
N THR E 18 -6.22 -14.85 7.10
CA THR E 18 -5.34 -13.70 7.34
C THR E 18 -6.09 -12.39 7.43
N GLY E 19 -7.40 -12.45 7.51
CA GLY E 19 -8.20 -11.26 7.82
C GLY E 19 -8.30 -11.02 9.31
N LEU E 20 -9.28 -10.20 9.70
CA LEU E 20 -9.52 -9.92 11.11
C LEU E 20 -10.63 -10.83 11.65
N MET E 21 -10.26 -11.71 12.58
CA MET E 21 -11.22 -12.57 13.29
C MET E 21 -12.33 -11.77 13.97
N GLU E 22 -12.08 -10.52 14.34
CA GLU E 22 -13.14 -9.68 14.92
C GLU E 22 -14.43 -9.84 14.13
N ASN E 23 -14.33 -9.93 12.80
CA ASN E 23 -15.51 -10.00 11.96
C ASN E 23 -16.35 -11.27 12.19
N MET E 24 -15.71 -12.29 12.76
CA MET E 24 -16.40 -13.50 13.21
C MET E 24 -16.85 -13.33 14.68
N LYS E 25 -15.90 -12.90 15.52
CA LYS E 25 -16.16 -12.64 16.94
C LYS E 25 -17.47 -11.90 17.18
N VAL E 26 -17.68 -10.88 16.37
CA VAL E 26 -18.74 -9.91 16.59
C VAL E 26 -20.15 -10.48 16.29
N LEU E 27 -20.21 -11.54 15.50
CA LEU E 27 -21.48 -12.25 15.24
C LEU E 27 -21.98 -12.96 16.49
N TYR E 28 -21.06 -13.23 17.41
CA TYR E 28 -21.33 -13.92 18.65
C TYR E 28 -21.11 -13.05 19.92
N ASP E 29 -21.13 -11.73 19.73
CA ASP E 29 -21.04 -10.79 20.85
C ASP E 29 -22.44 -10.69 21.55
N ASP E 30 -22.56 -9.82 22.55
CA ASP E 30 -23.81 -9.71 23.33
C ASP E 30 -25.07 -9.55 22.48
N ASN E 31 -24.93 -8.93 21.31
CA ASN E 31 -26.09 -8.57 20.48
C ASN E 31 -26.53 -9.65 19.49
N HIS E 32 -27.82 -9.69 19.23
CA HIS E 32 -28.41 -10.69 18.34
C HIS E 32 -29.87 -10.34 18.10
N VAL E 33 -30.39 -10.77 16.96
CA VAL E 33 -31.81 -10.57 16.65
C VAL E 33 -32.68 -11.53 17.48
N SER E 34 -33.71 -10.96 18.11
CA SER E 34 -34.53 -11.66 19.08
C SER E 34 -35.94 -11.07 19.09
N ALA E 35 -36.93 -11.86 18.70
CA ALA E 35 -38.30 -11.36 18.75
C ALA E 35 -39.26 -12.47 19.14
N ILE E 36 -40.35 -12.09 19.80
CA ILE E 36 -41.32 -13.06 20.33
C ILE E 36 -42.71 -12.87 19.76
N ASN E 37 -43.29 -13.95 19.24
CA ASN E 37 -44.65 -13.94 18.71
C ASN E 37 -44.88 -12.83 17.68
N VAL E 38 -44.27 -12.96 16.50
CA VAL E 38 -44.43 -11.98 15.44
C VAL E 38 -44.71 -12.61 14.07
N LYS E 39 -45.33 -11.84 13.19
CA LYS E 39 -45.76 -12.31 11.87
C LYS E 39 -45.07 -11.51 10.77
N SER E 40 -44.58 -12.20 9.75
CA SER E 40 -43.94 -11.55 8.60
C SER E 40 -44.81 -10.42 8.07
N ILE E 41 -44.22 -9.30 7.70
CA ILE E 41 -44.99 -8.19 7.15
C ILE E 41 -44.57 -7.77 5.76
N ASP E 42 -43.61 -8.47 5.17
CA ASP E 42 -43.25 -8.23 3.78
C ASP E 42 -42.35 -9.36 3.34
N GLN E 43 -42.03 -9.35 2.06
CA GLN E 43 -41.13 -10.32 1.47
C GLN E 43 -40.39 -9.61 0.35
N PHE E 44 -39.10 -9.90 0.20
CA PHE E 44 -38.31 -9.31 -0.89
C PHE E 44 -38.21 -10.36 -2.01
N LEU E 45 -37.32 -11.31 -1.85
CA LEU E 45 -37.26 -12.46 -2.75
C LEU E 45 -38.17 -13.56 -2.21
N TYR E 46 -38.40 -14.58 -3.04
CA TYR E 46 -39.36 -15.64 -2.73
C TYR E 46 -38.90 -16.60 -1.61
N PHE E 47 -37.61 -16.54 -1.26
CA PHE E 47 -37.06 -17.41 -0.22
C PHE E 47 -36.70 -16.66 1.06
N ASP E 48 -37.18 -15.42 1.17
CA ASP E 48 -37.01 -14.68 2.41
C ASP E 48 -38.35 -14.23 2.96
N LEU E 49 -38.31 -13.68 4.17
CA LEU E 49 -39.45 -12.99 4.81
C LEU E 49 -38.92 -11.80 5.58
N ILE E 50 -39.70 -10.74 5.65
CA ILE E 50 -39.25 -9.53 6.31
C ILE E 50 -40.10 -9.24 7.56
N TYR E 51 -39.43 -9.19 8.70
CA TYR E 51 -40.11 -8.97 9.96
C TYR E 51 -39.83 -7.57 10.46
N SER E 52 -40.82 -7.00 11.14
CA SER E 52 -40.67 -5.67 11.72
C SER E 52 -40.21 -5.77 13.17
N ILE E 53 -38.91 -5.57 13.40
CA ILE E 53 -38.30 -5.65 14.73
C ILE E 53 -37.40 -4.45 14.97
N LYS E 54 -37.69 -3.66 16.02
CA LYS E 54 -36.81 -2.55 16.40
C LYS E 54 -35.62 -3.06 17.23
N ASP E 55 -34.42 -2.63 16.84
CA ASP E 55 -33.26 -2.75 17.71
C ASP E 55 -33.43 -1.62 18.69
N THR E 56 -33.90 -1.99 19.87
CA THR E 56 -34.18 -1.03 20.95
C THR E 56 -32.86 -0.63 21.65
N LYS E 57 -31.92 -1.58 21.69
CA LYS E 57 -30.62 -1.38 22.34
C LYS E 57 -29.75 -0.32 21.64
N LEU E 58 -29.37 -0.59 20.39
CA LEU E 58 -28.42 0.28 19.67
C LEU E 58 -29.00 1.05 18.48
N GLY E 59 -30.27 0.83 18.15
CA GLY E 59 -30.89 1.53 17.02
C GLY E 59 -30.44 1.09 15.65
N ASN E 60 -29.80 -0.08 15.56
CA ASN E 60 -29.19 -0.53 14.30
C ASN E 60 -30.15 -1.06 13.23
N TYR E 61 -31.40 -1.29 13.58
CA TYR E 61 -32.38 -1.82 12.63
C TYR E 61 -33.82 -1.68 13.07
N ASP E 62 -34.68 -1.41 12.10
CA ASP E 62 -36.13 -1.37 12.27
C ASP E 62 -36.81 -2.54 11.60
N ASN E 63 -36.14 -3.18 10.65
CA ASN E 63 -36.67 -4.37 9.96
C ASN E 63 -35.60 -5.42 9.80
N VAL E 64 -35.99 -6.68 9.67
CA VAL E 64 -35.06 -7.78 9.56
C VAL E 64 -35.43 -8.71 8.41
N ARG E 65 -34.47 -8.95 7.51
CA ARG E 65 -34.66 -9.92 6.47
C ARG E 65 -34.17 -11.28 6.98
N VAL E 66 -35.08 -12.24 7.03
CA VAL E 66 -34.74 -13.60 7.33
C VAL E 66 -34.80 -14.40 6.04
N GLU E 67 -33.69 -15.04 5.71
CA GLU E 67 -33.50 -15.68 4.42
C GLU E 67 -33.42 -17.19 4.63
N PHE E 68 -34.04 -17.94 3.70
CA PHE E 68 -34.14 -19.40 3.82
C PHE E 68 -33.46 -20.12 2.68
N LYS E 69 -33.36 -21.45 2.79
CA LYS E 69 -32.71 -22.27 1.78
C LYS E 69 -33.55 -22.39 0.52
N ASN E 70 -34.87 -22.25 0.66
CA ASN E 70 -35.83 -22.56 -0.42
C ASN E 70 -37.19 -21.90 -0.22
N LYS E 71 -38.05 -21.99 -1.24
CA LYS E 71 -39.37 -21.36 -1.18
C LYS E 71 -40.28 -21.98 -0.15
N ASP E 72 -40.19 -23.29 0.03
CA ASP E 72 -41.08 -24.01 0.95
C ASP E 72 -41.01 -23.47 2.36
N LEU E 73 -39.78 -23.28 2.86
CA LEU E 73 -39.54 -22.72 4.20
C LEU E 73 -40.12 -21.31 4.28
N ALA E 74 -39.91 -20.51 3.25
CA ALA E 74 -40.51 -19.19 3.26
C ALA E 74 -42.02 -19.29 3.35
N ASP E 75 -42.61 -20.15 2.52
CA ASP E 75 -44.07 -20.35 2.49
C ASP E 75 -44.58 -20.82 3.84
N LYS E 76 -43.89 -21.82 4.40
CA LYS E 76 -44.26 -22.43 5.68
C LYS E 76 -44.51 -21.40 6.76
N TYR E 77 -43.62 -20.42 6.87
CA TYR E 77 -43.62 -19.52 8.03
C TYR E 77 -44.22 -18.14 7.73
N LYS E 78 -44.37 -17.79 6.46
CA LYS E 78 -45.09 -16.57 6.13
C LYS E 78 -46.47 -16.70 6.79
N ASP E 79 -47.01 -15.60 7.30
CA ASP E 79 -48.37 -15.62 7.93
C ASP E 79 -48.46 -16.35 9.30
N LYS E 80 -47.49 -17.19 9.61
CA LYS E 80 -47.41 -17.83 10.93
C LYS E 80 -46.92 -16.81 11.98
N TYR E 81 -47.39 -16.96 13.21
CA TYR E 81 -46.85 -16.21 14.33
C TYR E 81 -45.68 -17.03 14.87
N VAL E 82 -44.51 -16.43 14.88
CA VAL E 82 -43.28 -17.13 15.22
C VAL E 82 -42.39 -16.39 16.20
N ASP E 83 -41.38 -17.09 16.69
CA ASP E 83 -40.31 -16.50 17.45
C ASP E 83 -39.02 -16.51 16.61
N VAL E 84 -38.36 -15.35 16.55
CA VAL E 84 -37.11 -15.21 15.77
C VAL E 84 -35.86 -15.10 16.65
N PHE E 85 -34.82 -15.85 16.31
CA PHE E 85 -33.53 -15.76 17.01
C PHE E 85 -32.36 -15.94 16.02
N GLY E 86 -31.54 -14.91 15.80
CA GLY E 86 -30.47 -15.02 14.81
C GLY E 86 -29.17 -14.24 15.01
N ALA E 87 -28.09 -14.78 14.46
CA ALA E 87 -26.87 -14.06 14.32
C ALA E 87 -26.98 -13.23 13.03
N ASN E 88 -26.94 -11.92 13.14
CA ASN E 88 -27.22 -11.05 11.99
C ASN E 88 -26.00 -10.29 11.44
N TYR E 89 -26.11 -9.85 10.19
CA TYR E 89 -25.06 -9.14 9.50
C TYR E 89 -25.60 -7.88 8.84
N TYR E 90 -24.74 -6.92 8.55
CA TYR E 90 -25.19 -5.71 7.92
C TYR E 90 -24.48 -5.37 6.62
N TYR E 91 -23.26 -5.86 6.41
CA TYR E 91 -22.42 -5.36 5.31
C TYR E 91 -23.01 -5.62 3.93
N GLN E 92 -23.02 -6.86 3.46
CA GLN E 92 -23.58 -7.03 2.13
C GLN E 92 -25.04 -7.46 2.25
N CYS E 93 -25.78 -6.75 3.11
CA CYS E 93 -27.17 -7.07 3.40
C CYS E 93 -28.01 -6.13 2.59
N TYR E 94 -28.72 -6.65 1.61
CA TYR E 94 -29.67 -5.80 0.92
C TYR E 94 -31.05 -6.42 0.78
N PHE E 95 -32.06 -5.56 0.97
CA PHE E 95 -33.41 -5.86 0.55
C PHE E 95 -34.22 -4.59 0.29
N SER E 96 -34.95 -4.62 -0.81
CA SER E 96 -35.92 -3.59 -1.11
C SER E 96 -37.29 -4.23 -1.42
N LYS E 109 -35.57 2.75 5.70
CA LYS E 109 -35.22 2.87 7.11
C LYS E 109 -33.85 2.22 7.40
N ARG E 110 -33.73 1.58 8.58
CA ARG E 110 -32.48 0.94 9.02
C ARG E 110 -32.70 -0.56 9.06
N LYS E 111 -31.75 -1.29 8.46
CA LYS E 111 -31.94 -2.70 8.12
C LYS E 111 -30.88 -3.63 8.71
N THR E 112 -31.23 -4.93 8.79
CA THR E 112 -30.27 -5.98 9.07
C THR E 112 -30.74 -7.24 8.35
N CYS E 113 -29.85 -8.23 8.28
CA CYS E 113 -30.13 -9.50 7.59
C CYS E 113 -29.68 -10.69 8.41
N MET E 114 -30.40 -11.81 8.31
CA MET E 114 -30.00 -13.07 8.93
C MET E 114 -30.52 -14.25 8.12
N TYR E 115 -30.16 -15.47 8.55
CA TYR E 115 -30.73 -16.67 7.98
C TYR E 115 -31.42 -17.53 9.03
N GLY E 116 -32.48 -18.19 8.57
CA GLY E 116 -33.26 -19.14 9.40
C GLY E 116 -33.70 -18.58 10.74
N GLY E 117 -33.41 -19.32 11.82
CA GLY E 117 -33.67 -18.86 13.17
C GLY E 117 -35.12 -18.62 13.56
N VAL E 118 -36.05 -19.35 12.93
CA VAL E 118 -37.48 -19.18 13.16
C VAL E 118 -38.16 -20.46 13.63
N THR E 119 -38.97 -20.32 14.68
CA THR E 119 -39.76 -21.40 15.24
C THR E 119 -41.19 -20.91 15.45
N GLU E 120 -42.16 -21.81 15.29
CA GLU E 120 -43.56 -21.50 15.63
C GLU E 120 -43.68 -21.02 17.07
N HIS E 121 -44.48 -19.98 17.32
CA HIS E 121 -44.67 -19.50 18.69
C HIS E 121 -45.61 -20.40 19.49
N ASN E 122 -46.88 -20.46 19.06
CA ASN E 122 -47.91 -21.22 19.77
C ASN E 122 -47.51 -22.69 19.92
N GLY E 123 -47.50 -23.18 21.16
CA GLY E 123 -47.26 -24.60 21.43
C GLY E 123 -45.83 -24.99 21.63
N ASN E 124 -44.92 -24.04 21.37
CA ASN E 124 -43.48 -24.28 21.46
C ASN E 124 -42.87 -23.76 22.77
N GLN E 125 -43.68 -23.02 23.55
CA GLN E 125 -43.21 -22.40 24.79
C GLN E 125 -43.17 -23.41 25.92
N LEU E 126 -42.04 -23.47 26.63
CA LEU E 126 -41.90 -24.31 27.84
C LEU E 126 -42.26 -23.50 29.10
N ASP E 127 -42.70 -24.19 30.14
CA ASP E 127 -43.04 -23.54 31.40
C ASP E 127 -41.78 -23.13 32.18
N LYS E 128 -40.80 -24.03 32.23
CA LYS E 128 -39.47 -23.73 32.76
C LYS E 128 -38.40 -23.77 31.66
N TYR E 129 -37.32 -23.00 31.84
CA TYR E 129 -36.18 -23.08 30.95
C TYR E 129 -35.55 -24.45 31.13
N ARG E 130 -35.15 -25.04 30.01
CA ARG E 130 -34.36 -26.28 30.00
C ARG E 130 -32.85 -26.04 29.84
N SER E 131 -32.05 -26.83 30.55
CA SER E 131 -30.61 -26.80 30.42
C SER E 131 -30.14 -27.80 29.36
N ILE E 132 -29.17 -27.41 28.54
CA ILE E 132 -28.50 -28.33 27.61
C ILE E 132 -27.01 -28.27 27.91
N THR E 133 -26.42 -29.43 28.14
CA THR E 133 -25.01 -29.48 28.48
C THR E 133 -24.14 -29.37 27.24
N VAL E 134 -23.12 -28.52 27.34
CA VAL E 134 -22.08 -28.41 26.33
C VAL E 134 -20.78 -28.96 26.88
N ARG E 135 -20.15 -29.87 26.16
CA ARG E 135 -18.89 -30.43 26.60
C ARG E 135 -17.81 -29.98 25.64
N VAL E 136 -16.82 -29.28 26.18
CA VAL E 136 -15.77 -28.70 25.37
C VAL E 136 -14.49 -29.48 25.51
N PHE E 137 -14.06 -30.05 24.39
CA PHE E 137 -12.81 -30.76 24.29
C PHE E 137 -11.74 -29.88 23.70
N GLU E 138 -10.61 -29.78 24.39
CA GLU E 138 -9.44 -29.03 23.90
C GLU E 138 -8.31 -29.99 23.63
N ASP E 139 -7.99 -30.15 22.34
CA ASP E 139 -7.08 -31.20 21.90
C ASP E 139 -7.52 -32.55 22.49
N GLY E 140 -8.81 -32.86 22.39
CA GLY E 140 -9.33 -34.16 22.83
C GLY E 140 -9.64 -34.35 24.32
N LYS E 141 -9.31 -33.35 25.16
CA LYS E 141 -9.51 -33.47 26.61
C LYS E 141 -10.68 -32.61 27.06
N ASN E 142 -11.74 -33.24 27.59
CA ASN E 142 -12.93 -32.50 28.05
C ASN E 142 -12.60 -31.78 29.36
N LEU E 143 -11.94 -30.64 29.24
CA LEU E 143 -11.47 -29.91 30.41
C LEU E 143 -12.53 -28.94 30.93
N LEU E 144 -13.50 -28.61 30.08
CA LEU E 144 -14.56 -27.67 30.47
C LEU E 144 -15.91 -28.18 29.99
N SER E 145 -16.91 -28.01 30.85
CA SER E 145 -18.30 -28.27 30.52
C SER E 145 -19.16 -27.15 31.07
N PHE E 146 -20.28 -26.87 30.42
CA PHE E 146 -21.19 -25.86 30.93
C PHE E 146 -22.56 -25.98 30.25
N ASP E 147 -23.53 -25.24 30.74
CA ASP E 147 -24.90 -25.35 30.26
C ASP E 147 -25.39 -24.07 29.58
N VAL E 148 -26.09 -24.24 28.47
CA VAL E 148 -26.82 -23.14 27.88
C VAL E 148 -28.28 -23.39 28.17
N GLN E 149 -29.09 -22.34 28.04
CA GLN E 149 -30.50 -22.44 28.40
C GLN E 149 -31.49 -21.94 27.34
N THR E 150 -32.62 -22.65 27.21
CA THR E 150 -33.67 -22.25 26.28
C THR E 150 -35.03 -22.62 26.82
N ASN E 151 -36.02 -21.82 26.42
CA ASN E 151 -37.39 -21.99 26.87
C ASN E 151 -38.27 -22.47 25.73
N LYS E 152 -37.65 -22.88 24.61
CA LYS E 152 -38.39 -23.38 23.44
C LYS E 152 -38.32 -24.89 23.44
N LYS E 153 -39.43 -25.54 23.09
CA LYS E 153 -39.47 -27.02 22.98
C LYS E 153 -38.59 -27.48 21.80
N LYS E 154 -38.91 -26.91 20.65
CA LYS E 154 -38.12 -27.06 19.44
C LYS E 154 -37.33 -25.76 19.28
N VAL E 155 -36.01 -25.87 19.36
CA VAL E 155 -35.10 -24.72 19.23
C VAL E 155 -34.21 -24.92 18.01
N THR E 156 -33.87 -23.82 17.32
CA THR E 156 -32.98 -23.87 16.17
C THR E 156 -31.57 -24.17 16.62
N ALA E 157 -30.81 -24.85 15.79
CA ALA E 157 -29.38 -25.09 16.06
C ALA E 157 -28.62 -23.77 16.20
N GLN E 158 -28.99 -22.82 15.34
CA GLN E 158 -28.38 -21.50 15.31
C GLN E 158 -28.40 -20.89 16.70
N GLU E 159 -29.59 -20.84 17.31
CA GLU E 159 -29.71 -20.23 18.65
C GLU E 159 -28.76 -20.93 19.62
N LEU E 160 -28.77 -22.26 19.60
CA LEU E 160 -27.95 -23.00 20.54
C LEU E 160 -26.47 -22.73 20.26
N ASP E 161 -26.13 -22.68 18.97
CA ASP E 161 -24.78 -22.41 18.52
C ASP E 161 -24.32 -21.06 19.04
N TYR E 162 -25.18 -20.05 18.83
CA TYR E 162 -24.92 -18.70 19.29
C TYR E 162 -24.66 -18.65 20.77
N LEU E 163 -25.54 -19.26 21.55
CA LEU E 163 -25.39 -19.24 22.99
C LEU E 163 -24.06 -19.89 23.37
N THR E 164 -23.72 -20.97 22.68
CA THR E 164 -22.53 -21.72 23.01
C THR E 164 -21.27 -20.92 22.72
N ARG E 165 -21.18 -20.31 21.54
CA ARG E 165 -19.99 -19.54 21.17
C ARG E 165 -19.88 -18.29 22.00
N HIS E 166 -21.02 -17.69 22.34
CA HIS E 166 -21.03 -16.50 23.20
C HIS E 166 -20.28 -16.72 24.51
N TYR E 167 -20.61 -17.83 25.16
CA TYR E 167 -19.96 -18.22 26.40
C TYR E 167 -18.47 -18.43 26.15
N LEU E 168 -18.15 -19.17 25.09
CA LEU E 168 -16.77 -19.55 24.80
C LEU E 168 -15.89 -18.34 24.41
N VAL E 169 -16.50 -17.35 23.80
CA VAL E 169 -15.81 -16.10 23.53
C VAL E 169 -15.46 -15.42 24.83
N LYS E 170 -16.44 -15.15 25.70
CA LYS E 170 -16.18 -14.51 27.00
C LYS E 170 -15.14 -15.29 27.78
N ASN E 171 -15.30 -16.61 27.87
CA ASN E 171 -14.55 -17.41 28.83
C ASN E 171 -13.27 -18.15 28.32
N LYS E 172 -13.11 -18.31 27.02
CA LYS E 172 -11.91 -18.95 26.49
C LYS E 172 -11.31 -18.19 25.32
N LYS E 173 -11.78 -16.96 25.11
CA LYS E 173 -11.25 -16.12 24.03
C LYS E 173 -11.23 -16.92 22.71
N LEU E 174 -12.34 -17.60 22.44
CA LEU E 174 -12.52 -18.39 21.23
C LEU E 174 -12.14 -17.60 20.00
N TYR E 175 -12.68 -16.38 19.94
CA TYR E 175 -12.30 -15.43 18.90
C TYR E 175 -11.75 -14.16 19.52
N GLU E 176 -10.69 -13.61 18.95
CA GLU E 176 -10.23 -12.27 19.35
C GLU E 176 -10.23 -11.37 18.13
N PHE E 177 -9.70 -10.17 18.27
CA PHE E 177 -9.72 -9.20 17.18
C PHE E 177 -8.94 -9.67 15.95
N ASN E 178 -7.71 -10.12 16.18
CA ASN E 178 -6.79 -10.46 15.08
C ASN E 178 -6.96 -11.89 14.63
N ASN E 179 -6.80 -12.83 15.56
CA ASN E 179 -7.03 -14.25 15.25
C ASN E 179 -7.67 -14.99 16.44
N SER E 180 -7.36 -16.27 16.58
CA SER E 180 -7.89 -17.11 17.64
C SER E 180 -6.79 -18.00 18.19
N PRO E 181 -6.83 -18.29 19.49
CA PRO E 181 -5.85 -19.21 20.05
C PRO E 181 -6.02 -20.63 19.56
N TYR E 182 -7.20 -20.96 19.04
CA TYR E 182 -7.50 -22.28 18.52
C TYR E 182 -7.34 -22.35 17.01
N GLU E 183 -6.71 -23.41 16.54
CA GLU E 183 -6.41 -23.58 15.12
C GLU E 183 -7.68 -24.01 14.41
N THR E 184 -8.32 -25.06 14.92
CA THR E 184 -9.54 -25.60 14.35
C THR E 184 -10.59 -25.73 15.41
N GLY E 185 -11.85 -25.72 15.00
CA GLY E 185 -12.95 -25.88 15.94
C GLY E 185 -14.21 -26.26 15.21
N TYR E 186 -14.94 -27.24 15.77
CA TYR E 186 -16.30 -27.56 15.29
C TYR E 186 -17.26 -27.85 16.43
N ILE E 187 -18.54 -27.56 16.18
CA ILE E 187 -19.60 -27.74 17.14
C ILE E 187 -20.53 -28.86 16.66
N LYS E 188 -20.72 -29.88 17.50
CA LYS E 188 -21.50 -31.06 17.18
C LYS E 188 -22.77 -31.10 17.98
N PHE E 189 -23.87 -31.36 17.30
CA PHE E 189 -25.20 -31.46 17.89
C PHE E 189 -25.69 -32.89 17.82
N ILE E 190 -25.74 -33.58 18.96
CA ILE E 190 -26.23 -34.97 19.00
C ILE E 190 -27.64 -35.05 19.52
N GLU E 191 -28.53 -35.58 18.69
CA GLU E 191 -29.91 -35.71 19.10
C GLU E 191 -30.28 -37.17 19.06
N ASN E 192 -29.92 -37.92 20.09
CA ASN E 192 -30.24 -39.31 20.07
C ASN E 192 -29.20 -40.07 19.31
N GLU E 193 -29.57 -40.38 18.07
CA GLU E 193 -28.71 -41.14 17.21
C GLU E 193 -28.25 -40.28 16.08
N ASN E 194 -29.16 -39.54 15.48
CA ASN E 194 -28.74 -38.62 14.46
C ASN E 194 -27.89 -37.55 15.09
N SER E 195 -27.03 -37.01 14.26
CA SER E 195 -26.12 -35.93 14.65
C SER E 195 -25.56 -35.13 13.46
N PHE E 196 -25.22 -33.88 13.70
CA PHE E 196 -24.60 -33.02 12.68
C PHE E 196 -23.67 -32.00 13.32
N TRP E 197 -22.88 -31.32 12.49
CA TRP E 197 -21.89 -30.35 12.99
C TRP E 197 -21.63 -29.17 12.06
N TYR E 198 -21.17 -28.08 12.66
CA TYR E 198 -20.77 -26.87 11.95
C TYR E 198 -19.29 -26.52 12.25
N ASP E 199 -18.61 -25.97 11.23
CA ASP E 199 -17.23 -25.46 11.32
C ASP E 199 -17.24 -24.09 11.97
N MET E 200 -16.52 -23.95 13.06
CA MET E 200 -16.57 -22.71 13.82
C MET E 200 -15.58 -21.68 13.29
N MET E 201 -14.63 -22.12 12.47
CA MET E 201 -13.61 -21.24 11.93
C MET E 201 -13.94 -20.70 10.53
N PRO E 202 -13.41 -19.51 10.20
CA PRO E 202 -13.70 -18.89 8.92
C PRO E 202 -12.99 -19.56 7.79
N ALA E 203 -13.57 -19.45 6.59
CA ALA E 203 -12.92 -19.94 5.35
C ALA E 203 -11.53 -19.31 5.21
N PRO E 204 -10.57 -20.04 4.65
CA PRO E 204 -9.25 -19.48 4.45
C PRO E 204 -9.25 -18.42 3.36
N GLY E 205 -8.35 -17.43 3.51
CA GLY E 205 -8.25 -16.30 2.57
C GLY E 205 -8.03 -14.94 3.24
N ASP E 206 -8.12 -13.88 2.45
CA ASP E 206 -7.77 -12.51 2.92
C ASP E 206 -8.86 -11.84 3.80
N LYS E 207 -10.12 -12.02 3.44
CA LYS E 207 -11.21 -11.37 4.16
C LYS E 207 -12.28 -12.42 4.51
N PHE E 208 -13.04 -12.16 5.55
CA PHE E 208 -14.13 -13.03 6.02
C PHE E 208 -15.43 -12.55 5.42
N ASP E 209 -16.27 -13.47 4.96
CA ASP E 209 -17.56 -13.10 4.33
C ASP E 209 -18.72 -13.49 5.23
N GLN E 210 -19.17 -12.53 6.04
CA GLN E 210 -20.18 -12.80 7.06
C GLN E 210 -21.42 -13.44 6.43
N SER E 211 -21.92 -12.80 5.38
CA SER E 211 -23.10 -13.29 4.69
C SER E 211 -22.97 -14.77 4.29
N LYS E 212 -21.86 -15.11 3.66
CA LYS E 212 -21.66 -16.47 3.22
C LYS E 212 -21.57 -17.40 4.41
N TYR E 213 -20.84 -17.03 5.45
CA TYR E 213 -20.65 -17.94 6.56
C TYR E 213 -21.99 -18.24 7.20
N LEU E 214 -22.72 -17.18 7.53
CA LEU E 214 -24.03 -17.32 8.18
C LEU E 214 -25.10 -18.03 7.35
N MET E 215 -24.91 -18.07 6.04
CA MET E 215 -25.87 -18.73 5.16
C MET E 215 -26.09 -20.21 5.54
N MET E 216 -25.13 -20.83 6.25
CA MET E 216 -25.27 -22.22 6.65
C MET E 216 -26.48 -22.45 7.52
N TYR E 217 -26.93 -21.42 8.24
CA TYR E 217 -28.13 -21.49 9.08
C TYR E 217 -29.47 -21.38 8.31
N ASN E 218 -29.44 -21.32 6.98
CA ASN E 218 -30.67 -21.06 6.23
C ASN E 218 -31.55 -22.29 6.07
N ASP E 219 -31.05 -23.45 6.50
CA ASP E 219 -31.86 -24.65 6.48
C ASP E 219 -32.86 -24.65 7.61
N ASN E 220 -32.78 -23.66 8.51
CA ASN E 220 -33.68 -23.51 9.68
C ASN E 220 -33.70 -24.75 10.55
N LYS E 221 -32.57 -25.48 10.60
CA LYS E 221 -32.54 -26.75 11.33
C LYS E 221 -32.93 -26.55 12.78
N MET E 222 -33.81 -27.42 13.26
CA MET E 222 -34.30 -27.41 14.60
C MET E 222 -33.88 -28.67 15.32
N VAL E 223 -33.82 -28.59 16.63
CA VAL E 223 -33.58 -29.75 17.47
C VAL E 223 -34.54 -29.70 18.64
N ASP E 224 -34.64 -30.82 19.34
CA ASP E 224 -35.50 -30.93 20.51
C ASP E 224 -34.66 -30.60 21.74
N SER E 225 -35.10 -29.57 22.48
CA SER E 225 -34.35 -29.11 23.65
C SER E 225 -34.19 -30.17 24.73
N LYS E 226 -35.20 -31.04 24.85
CA LYS E 226 -35.18 -32.08 25.87
C LYS E 226 -34.05 -33.06 25.67
N ASP E 227 -33.89 -33.58 24.46
CA ASP E 227 -32.93 -34.70 24.28
C ASP E 227 -31.76 -34.41 23.31
N VAL E 228 -31.35 -33.15 23.18
CA VAL E 228 -30.14 -32.81 22.42
C VAL E 228 -28.94 -32.59 23.36
N LYS E 229 -27.77 -33.03 22.94
CA LYS E 229 -26.54 -32.71 23.66
C LYS E 229 -25.60 -31.99 22.69
N ILE E 230 -24.66 -31.20 23.21
CA ILE E 230 -23.72 -30.45 22.39
C ILE E 230 -22.30 -30.74 22.79
N GLU E 231 -21.48 -31.07 21.79
CA GLU E 231 -20.04 -31.30 21.96
C GLU E 231 -19.29 -30.28 21.12
N VAL E 232 -18.22 -29.73 21.67
CA VAL E 232 -17.41 -28.78 20.94
C VAL E 232 -15.98 -29.23 21.00
N TYR E 233 -15.40 -29.44 19.83
CA TYR E 233 -14.01 -29.89 19.69
C TYR E 233 -13.16 -28.74 19.18
N LEU E 234 -12.18 -28.36 19.98
CA LEU E 234 -11.19 -27.34 19.64
C LEU E 234 -9.80 -27.97 19.60
N THR E 235 -8.95 -27.47 18.71
CA THR E 235 -7.54 -27.85 18.72
C THR E 235 -6.69 -26.59 18.80
N THR E 236 -5.56 -26.69 19.48
CA THR E 236 -4.59 -25.59 19.60
C THR E 236 -3.58 -25.65 18.44
N LYS E 237 -2.67 -24.69 18.37
CA LYS E 237 -1.81 -24.49 17.15
C LYS E 237 -0.56 -25.42 16.95
N GLU F 5 -26.32 19.54 7.52
CA GLU F 5 -25.22 19.01 6.65
C GLU F 5 -24.40 17.93 7.39
N ALA F 6 -23.98 16.91 6.65
CA ALA F 6 -23.31 15.74 7.23
C ALA F 6 -21.95 16.11 7.83
N ALA F 7 -21.64 15.54 8.99
CA ALA F 7 -20.36 15.86 9.63
C ALA F 7 -19.84 14.67 10.45
N VAL F 8 -18.63 14.82 10.96
CA VAL F 8 -17.95 13.80 11.76
C VAL F 8 -17.28 14.45 12.96
N THR F 9 -17.57 13.96 14.16
CA THR F 9 -17.00 14.51 15.38
C THR F 9 -16.07 13.47 16.00
N GLN F 10 -14.79 13.81 16.09
CA GLN F 10 -13.83 12.99 16.81
C GLN F 10 -13.77 13.43 18.23
N SER F 11 -13.43 12.50 19.10
CA SER F 11 -13.21 12.84 20.48
C SER F 11 -12.20 11.89 21.16
N PRO F 12 -11.27 12.46 21.95
CA PRO F 12 -11.04 13.87 22.18
C PRO F 12 -10.26 14.51 21.03
N ARG F 13 -10.02 15.82 21.15
CA ARG F 13 -9.23 16.57 20.16
C ARG F 13 -7.74 16.51 20.48
N ASN F 14 -7.44 16.30 21.75
CA ASN F 14 -6.10 16.34 22.23
C ASN F 14 -6.04 15.39 23.41
N LYS F 15 -5.02 14.52 23.45
CA LYS F 15 -4.86 13.55 24.53
C LYS F 15 -3.38 13.25 24.77
N VAL F 16 -3.04 13.07 26.04
CA VAL F 16 -1.71 12.65 26.44
C VAL F 16 -1.87 11.39 27.26
N ALA F 17 -1.01 10.41 27.05
CA ALA F 17 -1.10 9.18 27.82
C ALA F 17 0.28 8.61 28.11
N VAL F 18 0.33 7.66 29.02
CA VAL F 18 1.57 6.96 29.36
C VAL F 18 1.72 5.68 28.57
N THR F 19 2.95 5.33 28.28
CA THR F 19 3.21 4.05 27.66
C THR F 19 2.55 2.98 28.52
N GLY F 20 1.86 2.03 27.88
CA GLY F 20 1.16 0.94 28.57
C GLY F 20 -0.31 1.18 28.90
N GLU F 21 -0.75 2.41 28.68
CA GLU F 21 -2.12 2.85 28.94
C GLU F 21 -2.99 2.50 27.75
N LYS F 22 -4.22 2.07 28.03
CA LYS F 22 -5.20 1.78 27.00
C LYS F 22 -5.83 3.09 26.56
N VAL F 23 -5.83 3.35 25.27
CA VAL F 23 -6.37 4.60 24.75
C VAL F 23 -7.41 4.25 23.72
N THR F 24 -8.50 5.02 23.69
CA THR F 24 -9.60 4.81 22.77
C THR F 24 -9.97 6.10 22.14
N LEU F 25 -9.90 6.18 20.80
CA LEU F 25 -10.41 7.38 20.10
C LEU F 25 -11.81 7.10 19.58
N SER F 26 -12.69 8.11 19.63
CA SER F 26 -14.06 7.97 19.14
C SER F 26 -14.29 8.77 17.88
N CYS F 27 -15.21 8.29 17.06
CA CYS F 27 -15.62 9.01 15.87
C CYS F 27 -17.09 8.80 15.62
N LYS F 28 -17.87 9.88 15.56
CA LYS F 28 -19.33 9.80 15.54
C LYS F 28 -19.89 10.61 14.37
N GLN F 29 -20.70 9.95 13.56
CA GLN F 29 -21.38 10.67 12.47
C GLN F 29 -22.51 11.51 13.06
N THR F 30 -22.71 12.68 12.47
CA THR F 30 -23.85 13.51 12.82
C THR F 30 -24.54 13.85 11.51
N ASN F 31 -25.88 13.85 11.52
CA ASN F 31 -26.68 14.13 10.32
C ASN F 31 -26.33 13.30 9.09
N SER F 32 -25.98 12.03 9.31
CA SER F 32 -25.77 11.09 8.23
C SER F 32 -25.92 9.67 8.73
N TYR F 33 -25.99 8.73 7.79
CA TYR F 33 -26.09 7.30 8.12
C TYR F 33 -25.31 6.49 7.07
N PHE F 34 -24.01 6.76 6.99
CA PHE F 34 -23.12 6.25 5.95
C PHE F 34 -22.50 4.92 6.29
N ASN F 35 -22.40 4.08 5.29
CA ASN F 35 -21.84 2.77 5.50
C ASN F 35 -20.35 2.72 5.70
N ASN F 36 -19.61 3.61 5.08
CA ASN F 36 -18.15 3.57 5.16
C ASN F 36 -17.58 4.57 6.17
N MET F 37 -16.70 4.10 7.02
CA MET F 37 -15.93 5.01 7.88
C MET F 37 -14.46 4.57 7.88
N TYR F 38 -13.59 5.49 8.26
CA TYR F 38 -12.15 5.35 8.10
C TYR F 38 -11.39 5.90 9.31
N TRP F 39 -10.31 5.24 9.67
CA TRP F 39 -9.37 5.81 10.62
C TRP F 39 -8.01 5.93 9.96
N TYR F 40 -7.50 7.15 9.87
CA TYR F 40 -6.13 7.34 9.40
C TYR F 40 -5.29 7.96 10.50
N ARG F 41 -3.98 7.77 10.39
CA ARG F 41 -3.08 8.67 11.10
C ARG F 41 -2.15 9.41 10.14
N GLN F 42 -1.87 10.67 10.48
CA GLN F 42 -0.98 11.51 9.68
C GLN F 42 0.39 11.56 10.33
N ASP F 43 1.40 11.24 9.54
CA ASP F 43 2.78 11.45 9.99
C ASP F 43 3.23 12.87 9.62
N THR F 44 3.66 13.61 10.64
CA THR F 44 4.58 14.74 10.50
C THR F 44 4.36 15.56 9.22
N GLY F 45 3.21 16.23 9.15
CA GLY F 45 2.91 17.12 8.05
C GLY F 45 2.84 16.47 6.67
N HIS F 46 2.59 15.17 6.60
CA HIS F 46 2.66 14.48 5.32
C HIS F 46 1.40 13.66 5.05
N GLU F 47 1.50 12.61 4.25
CA GLU F 47 0.36 11.79 3.88
C GLU F 47 -0.38 11.14 5.04
N LEU F 48 -1.72 11.07 4.91
CA LEU F 48 -2.58 10.25 5.77
C LEU F 48 -2.37 8.79 5.47
N ARG F 49 -2.24 7.97 6.50
CA ARG F 49 -2.10 6.52 6.32
C ARG F 49 -3.24 5.79 6.99
N LEU F 50 -3.91 4.93 6.24
CA LEU F 50 -5.07 4.19 6.75
C LEU F 50 -4.68 3.06 7.70
N ILE F 51 -5.25 3.13 8.92
CA ILE F 51 -5.09 2.06 9.91
C ILE F 51 -6.16 1.01 9.64
N PHE F 52 -7.42 1.43 9.78
CA PHE F 52 -8.58 0.57 9.56
C PHE F 52 -9.64 1.30 8.81
N MET F 53 -10.48 0.52 8.16
CA MET F 53 -11.69 0.98 7.49
C MET F 53 -12.87 0.14 7.97
N SER F 54 -14.09 0.57 7.68
CA SER F 54 -15.26 -0.23 7.94
C SER F 54 -16.27 -0.01 6.81
N HIS F 55 -16.77 -1.10 6.27
CA HIS F 55 -17.76 -1.03 5.20
C HIS F 55 -19.18 -0.96 5.77
N GLY F 56 -19.31 -0.99 7.10
CA GLY F 56 -20.60 -1.02 7.72
C GLY F 56 -20.52 -1.60 9.10
N ILE F 57 -21.69 -1.75 9.72
CA ILE F 57 -21.78 -2.29 11.07
C ILE F 57 -21.23 -3.72 11.04
N ARG F 58 -20.46 -4.05 12.09
CA ARG F 58 -19.85 -5.34 12.25
C ARG F 58 -18.90 -5.68 11.11
N ASN F 59 -18.21 -4.64 10.63
CA ASN F 59 -17.13 -4.83 9.69
C ASN F 59 -15.95 -3.91 9.98
N VAL F 60 -14.78 -4.54 10.06
CA VAL F 60 -13.54 -3.83 10.16
C VAL F 60 -12.58 -4.39 9.11
N GLU F 61 -11.89 -3.53 8.39
CA GLU F 61 -10.99 -3.98 7.30
C GLU F 61 -9.61 -3.40 7.50
N LYS F 62 -8.59 -4.26 7.45
CA LYS F 62 -7.21 -3.82 7.59
C LYS F 62 -6.90 -2.72 6.60
N GLY F 63 -6.13 -1.73 7.02
CA GLY F 63 -5.60 -0.74 6.11
C GLY F 63 -4.14 -1.03 5.86
N ASP F 64 -3.38 0.02 5.58
CA ASP F 64 -1.97 -0.11 5.34
C ASP F 64 -1.13 -0.31 6.63
N ILE F 65 -1.61 0.17 7.78
CA ILE F 65 -0.77 0.32 8.98
C ILE F 65 -1.51 -0.11 10.28
N PRO F 66 -2.14 -1.29 10.27
CA PRO F 66 -3.04 -1.74 11.36
C PRO F 66 -2.38 -2.30 12.62
N ASP F 67 -1.10 -2.64 12.53
CA ASP F 67 -0.40 -3.30 13.64
C ASP F 67 -0.40 -2.44 14.90
N GLY F 68 -0.74 -3.08 16.00
CA GLY F 68 -0.81 -2.44 17.30
C GLY F 68 -2.09 -1.69 17.52
N TYR F 69 -3.01 -1.77 16.58
CA TYR F 69 -4.28 -1.11 16.75
C TYR F 69 -5.42 -2.10 16.68
N LYS F 70 -6.54 -1.73 17.28
CA LYS F 70 -7.81 -2.42 17.06
C LYS F 70 -8.84 -1.39 16.71
N ALA F 71 -10.01 -1.83 16.32
CA ALA F 71 -11.09 -0.90 16.01
C ALA F 71 -12.42 -1.60 16.19
N SER F 72 -13.49 -0.85 16.06
CA SER F 72 -14.80 -1.36 16.43
C SER F 72 -15.94 -0.53 15.87
N ARG F 73 -16.86 -1.21 15.19
CA ARG F 73 -18.03 -0.56 14.63
C ARG F 73 -19.29 -1.28 15.11
N PRO F 74 -19.77 -0.90 16.28
CA PRO F 74 -20.97 -1.52 16.84
C PRO F 74 -22.29 -0.91 16.33
N SER F 75 -22.21 0.18 15.58
CA SER F 75 -23.39 0.87 15.04
C SER F 75 -22.97 1.81 13.92
N GLN F 76 -23.90 2.32 13.11
CA GLN F 76 -23.48 3.11 11.95
C GLN F 76 -22.73 4.36 12.34
N GLU F 77 -23.21 5.07 13.34
CA GLU F 77 -22.64 6.39 13.61
C GLU F 77 -21.26 6.34 14.24
N ASN F 78 -20.87 5.19 14.79
CA ASN F 78 -19.70 5.14 15.67
C ASN F 78 -18.63 4.18 15.26
N PHE F 79 -17.44 4.69 15.06
CA PHE F 79 -16.28 3.89 14.66
C PHE F 79 -15.09 4.27 15.53
N SER F 80 -14.72 3.39 16.45
CA SER F 80 -13.69 3.75 17.43
C SER F 80 -12.39 3.04 17.17
N LEU F 81 -11.31 3.73 17.51
CA LEU F 81 -9.96 3.22 17.31
C LEU F 81 -9.39 2.90 18.69
N ILE F 82 -8.95 1.66 18.89
CA ILE F 82 -8.49 1.20 20.18
C ILE F 82 -6.97 0.96 20.21
N LEU F 83 -6.26 1.62 21.12
CA LEU F 83 -4.87 1.30 21.41
C LEU F 83 -4.83 0.50 22.70
N GLU F 84 -4.54 -0.78 22.60
CA GLU F 84 -4.67 -1.67 23.76
C GLU F 84 -3.55 -1.40 24.78
N LEU F 85 -2.30 -1.38 24.32
CA LEU F 85 -1.16 -0.99 25.16
C LEU F 85 -0.32 0.05 24.43
N ALA F 86 -0.68 1.30 24.62
CA ALA F 86 -0.09 2.42 23.89
C ALA F 86 1.42 2.41 23.88
N THR F 87 1.97 2.83 22.76
CA THR F 87 3.42 3.00 22.60
C THR F 87 3.76 4.43 22.24
N PRO F 88 4.89 4.93 22.73
CA PRO F 88 5.37 6.25 22.31
C PRO F 88 5.31 6.45 20.80
N SER F 89 5.72 5.42 20.06
CA SER F 89 5.73 5.40 18.59
C SER F 89 4.38 5.70 17.96
N GLN F 90 3.30 5.47 18.71
CA GLN F 90 1.94 5.80 18.26
C GLN F 90 1.61 7.27 18.52
N THR F 91 2.61 8.05 18.92
CA THR F 91 2.42 9.49 19.03
C THR F 91 2.17 10.05 17.66
N SER F 92 1.01 10.68 17.47
CA SER F 92 0.65 11.20 16.15
C SER F 92 -0.65 11.99 16.19
N VAL F 93 -0.99 12.55 15.04
CA VAL F 93 -2.31 13.14 14.86
C VAL F 93 -3.16 12.13 14.09
N TYR F 94 -4.36 11.87 14.59
CA TYR F 94 -5.24 10.87 14.01
C TYR F 94 -6.52 11.48 13.44
N PHE F 95 -6.93 10.99 12.28
CA PHE F 95 -8.05 11.57 11.56
C PHE F 95 -9.06 10.53 11.23
N CYS F 96 -10.30 10.85 11.59
CA CYS F 96 -11.45 10.04 11.27
C CYS F 96 -12.16 10.59 10.05
N ALA F 97 -12.77 9.72 9.27
CA ALA F 97 -13.57 10.18 8.14
C ALA F 97 -14.77 9.27 7.91
N SER F 98 -15.88 9.85 7.47
CA SER F 98 -17.02 9.08 7.03
C SER F 98 -17.16 9.31 5.56
N GLY F 99 -17.84 8.38 4.87
CA GLY F 99 -17.91 8.40 3.40
C GLY F 99 -19.19 7.85 2.81
N GLY F 101 -20.08 6.56 -1.23
CA GLY F 101 -20.68 7.79 -0.71
C GLY F 101 -20.70 8.95 -1.71
N GLY F 102 -19.68 8.98 -2.58
CA GLY F 102 -19.36 10.08 -3.51
C GLY F 102 -18.39 10.99 -2.76
N THR F 103 -18.81 11.43 -1.57
CA THR F 103 -17.98 12.34 -0.77
C THR F 103 -17.37 11.66 0.44
N LEU F 104 -16.44 12.37 1.05
CA LEU F 104 -15.84 12.02 2.32
C LEU F 104 -16.03 13.19 3.27
N TYR F 105 -16.19 12.90 4.56
CA TYR F 105 -16.26 13.94 5.56
C TYR F 105 -15.27 13.63 6.64
N PHE F 106 -14.35 14.58 6.89
CA PHE F 106 -13.24 14.38 7.81
C PHE F 106 -13.41 15.09 9.13
N GLY F 107 -12.92 14.46 10.19
CA GLY F 107 -12.95 15.07 11.50
C GLY F 107 -11.84 16.09 11.64
N ALA F 108 -11.85 16.79 12.78
CA ALA F 108 -10.90 17.88 13.03
C ALA F 108 -9.52 17.40 13.51
N GLY F 109 -9.40 16.11 13.81
CA GLY F 109 -8.15 15.52 14.20
C GLY F 109 -8.07 15.31 15.70
N THR F 110 -7.33 14.28 16.10
CA THR F 110 -6.97 14.08 17.49
C THR F 110 -5.46 14.00 17.62
N ARG F 111 -4.87 14.93 18.37
CA ARG F 111 -3.43 14.88 18.61
C ARG F 111 -3.18 13.97 19.83
N LEU F 112 -2.42 12.91 19.63
CA LEU F 112 -2.17 12.00 20.72
C LEU F 112 -0.69 11.96 21.02
N SER F 113 -0.35 12.26 22.26
CA SER F 113 1.01 12.15 22.73
C SER F 113 1.14 10.99 23.70
N VAL F 114 2.00 10.03 23.37
CA VAL F 114 2.28 8.92 24.26
C VAL F 114 3.71 8.98 24.80
N LEU F 115 3.83 9.28 26.10
CA LEU F 115 5.10 9.50 26.75
C LEU F 115 5.68 8.24 27.39
N TYR F 116 6.92 8.36 27.87
CA TYR F 116 7.63 7.26 28.52
C TYR F 116 7.48 7.33 30.04
N GLY F 117 7.99 6.33 30.75
CA GLY F 117 8.05 6.41 32.23
C GLY F 117 9.38 6.97 32.74
N SER F 118 9.56 6.95 34.05
CA SER F 118 10.90 7.15 34.65
C SER F 118 10.94 6.27 35.89
N SER G 2 21.57 5.16 -56.81
CA SER G 2 20.11 4.80 -56.96
C SER G 2 19.91 3.53 -57.82
N GLN G 3 18.83 2.78 -57.54
CA GLN G 3 18.56 1.46 -58.16
C GLN G 3 17.34 1.51 -59.07
N PRO G 4 17.46 0.97 -60.29
CA PRO G 4 16.30 0.98 -61.17
C PRO G 4 15.12 0.23 -60.60
N ASP G 5 13.94 0.76 -60.81
CA ASP G 5 12.71 0.09 -60.39
C ASP G 5 12.53 -1.18 -61.19
N PRO G 6 11.83 -2.18 -60.62
CA PRO G 6 11.76 -3.52 -61.18
C PRO G 6 11.07 -3.60 -62.54
N LYS G 7 11.76 -4.20 -63.49
CA LYS G 7 11.22 -4.43 -64.85
C LYS G 7 10.08 -5.45 -64.74
N PRO G 8 9.24 -5.56 -65.80
CA PRO G 8 8.01 -6.35 -65.67
C PRO G 8 8.22 -7.75 -65.06
N ASP G 9 8.92 -8.62 -65.76
CA ASP G 9 9.07 -10.00 -65.31
C ASP G 9 10.24 -10.24 -64.31
N GLU G 10 10.76 -9.17 -63.73
CA GLU G 10 11.90 -9.27 -62.85
C GLU G 10 11.45 -9.87 -61.53
N LEU G 11 10.24 -9.53 -61.14
CA LEU G 11 9.73 -9.83 -59.80
C LEU G 11 9.32 -11.26 -59.69
N HIS G 12 9.57 -11.85 -58.53
CA HIS G 12 9.18 -13.24 -58.22
C HIS G 12 7.66 -13.37 -58.17
N LYS G 13 7.12 -14.37 -58.87
CA LYS G 13 5.66 -14.61 -58.87
C LYS G 13 5.29 -15.71 -57.88
N SER G 14 4.38 -15.42 -56.97
CA SER G 14 4.11 -16.35 -55.85
C SER G 14 3.42 -17.65 -56.33
N SER G 15 2.70 -17.53 -57.44
CA SER G 15 2.08 -18.66 -58.10
C SER G 15 3.12 -19.62 -58.65
N LYS G 16 4.35 -19.14 -58.86
CA LYS G 16 5.41 -19.99 -59.36
C LYS G 16 6.24 -20.60 -58.22
N PHE G 17 5.78 -20.41 -56.99
CA PHE G 17 6.38 -21.03 -55.83
C PHE G 17 5.37 -22.02 -55.29
N THR G 18 5.78 -23.29 -55.23
CA THR G 18 4.89 -24.39 -54.89
C THR G 18 5.22 -25.03 -53.54
N GLY G 19 6.10 -24.41 -52.77
CA GLY G 19 6.36 -24.83 -51.39
C GLY G 19 5.37 -24.20 -50.44
N LEU G 20 5.68 -24.23 -49.15
CA LEU G 20 4.82 -23.61 -48.14
C LEU G 20 5.30 -22.20 -47.82
N MET G 21 4.47 -21.22 -48.13
CA MET G 21 4.74 -19.83 -47.76
C MET G 21 4.93 -19.60 -46.26
N GLU G 22 4.45 -20.52 -45.42
CA GLU G 22 4.73 -20.42 -43.99
C GLU G 22 6.23 -20.23 -43.76
N ASN G 23 7.07 -20.85 -44.56
CA ASN G 23 8.51 -20.73 -44.34
C ASN G 23 9.08 -19.34 -44.56
N MET G 24 8.32 -18.51 -45.29
CA MET G 24 8.60 -17.06 -45.40
C MET G 24 7.86 -16.29 -44.28
N LYS G 25 6.56 -16.57 -44.15
CA LYS G 25 5.73 -15.91 -43.12
C LYS G 25 6.37 -15.80 -41.74
N VAL G 26 7.01 -16.88 -41.36
CA VAL G 26 7.51 -17.07 -40.02
C VAL G 26 8.74 -16.19 -39.75
N LEU G 27 9.45 -15.80 -40.81
CA LEU G 27 10.59 -14.88 -40.65
C LEU G 27 10.14 -13.51 -40.17
N TYR G 28 8.89 -13.20 -40.45
CA TYR G 28 8.29 -11.94 -40.13
C TYR G 28 7.18 -12.05 -39.10
N ASP G 29 7.21 -13.12 -38.30
CA ASP G 29 6.27 -13.28 -37.18
C ASP G 29 6.71 -12.42 -35.98
N ASP G 30 6.03 -12.52 -34.85
CA ASP G 30 6.36 -11.70 -33.66
C ASP G 30 7.82 -11.76 -33.23
N ASN G 31 8.50 -12.88 -33.50
CA ASN G 31 9.86 -13.08 -32.99
C ASN G 31 10.93 -12.57 -33.91
N HIS G 32 12.04 -12.14 -33.33
CA HIS G 32 13.20 -11.65 -34.09
C HIS G 32 14.37 -11.45 -33.14
N VAL G 33 15.58 -11.47 -33.69
CA VAL G 33 16.78 -11.20 -32.90
C VAL G 33 16.88 -9.69 -32.60
N SER G 34 17.13 -9.38 -31.32
CA SER G 34 17.08 -8.03 -30.82
C SER G 34 18.01 -7.94 -29.62
N ALA G 35 19.05 -7.12 -29.74
CA ALA G 35 19.96 -6.92 -28.60
C ALA G 35 20.50 -5.49 -28.58
N ILE G 36 20.73 -4.97 -27.38
CA ILE G 36 21.14 -3.59 -27.19
C ILE G 36 22.54 -3.46 -26.56
N ASN G 37 23.41 -2.69 -27.21
CA ASN G 37 24.74 -2.40 -26.66
C ASN G 37 25.51 -3.66 -26.29
N VAL G 38 25.94 -4.41 -27.30
CA VAL G 38 26.69 -5.65 -27.07
C VAL G 38 27.89 -5.76 -27.99
N LYS G 39 28.88 -6.53 -27.58
CA LYS G 39 30.13 -6.65 -28.29
C LYS G 39 30.34 -8.11 -28.74
N SER G 40 30.79 -8.31 -29.97
CA SER G 40 31.08 -9.65 -30.48
C SER G 40 31.98 -10.42 -29.51
N ILE G 41 31.70 -11.71 -29.31
CA ILE G 41 32.53 -12.50 -28.43
C ILE G 41 33.16 -13.71 -29.09
N ASP G 42 32.99 -13.87 -30.39
CA ASP G 42 33.68 -14.91 -31.14
C ASP G 42 33.46 -14.65 -32.61
N GLN G 43 34.11 -15.46 -33.43
CA GLN G 43 33.98 -15.37 -34.86
C GLN G 43 34.21 -16.76 -35.40
N PHE G 44 33.43 -17.17 -36.38
CA PHE G 44 33.58 -18.50 -37.01
C PHE G 44 34.39 -18.32 -38.31
N LEU G 45 33.73 -17.89 -39.37
CA LEU G 45 34.42 -17.50 -40.57
C LEU G 45 34.75 -16.00 -40.52
N TYR G 46 35.61 -15.57 -41.44
CA TYR G 46 36.18 -14.20 -41.42
C TYR G 46 35.17 -13.09 -41.77
N PHE G 47 34.00 -13.48 -42.27
CA PHE G 47 32.96 -12.51 -42.65
C PHE G 47 31.73 -12.57 -41.73
N ASP G 48 31.85 -13.27 -40.62
CA ASP G 48 30.79 -13.29 -39.59
C ASP G 48 31.32 -12.82 -38.26
N LEU G 49 30.41 -12.59 -37.34
CA LEU G 49 30.71 -12.33 -35.93
C LEU G 49 29.68 -13.08 -35.11
N ILE G 50 30.07 -13.48 -33.91
CA ILE G 50 29.18 -14.24 -33.05
C ILE G 50 28.92 -13.45 -31.78
N TYR G 51 27.65 -13.20 -31.53
CA TYR G 51 27.20 -12.46 -30.38
C TYR G 51 26.56 -13.41 -29.38
N SER G 52 26.67 -13.08 -28.11
CA SER G 52 26.03 -13.85 -27.06
C SER G 52 24.72 -13.21 -26.69
N ILE G 53 23.61 -13.76 -27.17
CA ILE G 53 22.24 -13.26 -26.92
C ILE G 53 21.30 -14.43 -26.56
N LYS G 54 20.71 -14.38 -25.35
CA LYS G 54 19.73 -15.41 -24.94
C LYS G 54 18.38 -15.10 -25.54
N ASP G 55 17.77 -16.10 -26.16
CA ASP G 55 16.35 -16.07 -26.44
C ASP G 55 15.65 -16.33 -25.12
N THR G 56 15.22 -15.26 -24.49
CA THR G 56 14.56 -15.33 -23.20
C THR G 56 13.13 -15.84 -23.37
N LYS G 57 12.51 -15.46 -24.50
CA LYS G 57 11.10 -15.78 -24.80
C LYS G 57 10.89 -17.29 -24.94
N LEU G 58 11.52 -17.90 -25.94
CA LEU G 58 11.26 -19.31 -26.32
C LEU G 58 12.44 -20.28 -26.09
N GLY G 59 13.58 -19.76 -25.68
CA GLY G 59 14.73 -20.59 -25.39
C GLY G 59 15.40 -21.15 -26.62
N ASN G 60 15.16 -20.56 -27.79
CA ASN G 60 15.64 -21.10 -29.08
C ASN G 60 17.11 -20.84 -29.40
N TYR G 61 17.78 -19.96 -28.66
CA TYR G 61 19.19 -19.66 -28.92
C TYR G 61 19.91 -18.94 -27.79
N ASP G 62 21.16 -19.31 -27.58
CA ASP G 62 22.04 -18.66 -26.61
C ASP G 62 23.09 -17.82 -27.30
N ASN G 63 23.36 -18.10 -28.58
CA ASN G 63 24.33 -17.33 -29.37
C ASN G 63 23.78 -17.09 -30.75
N VAL G 64 24.27 -16.04 -31.40
CA VAL G 64 23.79 -15.66 -32.72
C VAL G 64 24.95 -15.40 -33.63
N ARG G 65 24.95 -16.06 -34.79
CA ARG G 65 25.91 -15.77 -35.86
C ARG G 65 25.34 -14.67 -36.78
N VAL G 66 26.06 -13.57 -36.87
CA VAL G 66 25.71 -12.50 -37.78
C VAL G 66 26.71 -12.52 -38.91
N GLU G 67 26.21 -12.64 -40.14
CA GLU G 67 27.03 -12.90 -41.31
C GLU G 67 27.00 -11.69 -42.21
N PHE G 68 28.13 -11.36 -42.81
CA PHE G 68 28.26 -10.14 -43.62
C PHE G 68 28.67 -10.46 -45.05
N LYS G 69 28.62 -9.44 -45.90
CA LYS G 69 28.94 -9.61 -47.33
C LYS G 69 30.43 -9.82 -47.55
N ASN G 70 31.26 -9.30 -46.63
CA ASN G 70 32.72 -9.24 -46.81
C ASN G 70 33.48 -9.08 -45.49
N LYS G 71 34.81 -9.18 -45.56
CA LYS G 71 35.66 -9.08 -44.35
C LYS G 71 35.67 -7.70 -43.71
N ASP G 72 35.58 -6.66 -44.52
CA ASP G 72 35.60 -5.29 -44.01
C ASP G 72 34.49 -4.99 -43.02
N LEU G 73 33.26 -5.38 -43.37
CA LEU G 73 32.11 -5.23 -42.46
C LEU G 73 32.35 -6.01 -41.17
N ALA G 74 32.84 -7.24 -41.27
CA ALA G 74 33.13 -8.01 -40.07
C ALA G 74 34.15 -7.27 -39.22
N ASP G 75 35.23 -6.80 -39.85
CA ASP G 75 36.30 -6.08 -39.15
C ASP G 75 35.76 -4.81 -38.51
N LYS G 76 34.95 -4.08 -39.27
CA LYS G 76 34.38 -2.81 -38.81
C LYS G 76 33.66 -2.93 -37.49
N TYR G 77 32.88 -3.99 -37.30
CA TYR G 77 32.01 -4.07 -36.15
C TYR G 77 32.53 -5.00 -35.05
N LYS G 78 33.50 -5.84 -35.35
CA LYS G 78 34.14 -6.65 -34.30
C LYS G 78 34.67 -5.68 -33.27
N ASP G 79 34.59 -6.01 -31.99
CA ASP G 79 35.09 -5.10 -30.92
C ASP G 79 34.27 -3.84 -30.68
N LYS G 80 33.44 -3.44 -31.62
CA LYS G 80 32.50 -2.33 -31.41
C LYS G 80 31.34 -2.77 -30.50
N TYR G 81 30.83 -1.83 -29.71
CA TYR G 81 29.57 -2.02 -28.99
C TYR G 81 28.43 -1.59 -29.91
N VAL G 82 27.54 -2.52 -30.19
CA VAL G 82 26.52 -2.32 -31.22
C VAL G 82 25.14 -2.75 -30.76
N ASP G 83 24.15 -2.38 -31.57
CA ASP G 83 22.79 -2.87 -31.43
C ASP G 83 22.53 -3.85 -32.57
N VAL G 84 21.93 -5.00 -32.25
CA VAL G 84 21.57 -6.01 -33.26
C VAL G 84 20.08 -6.13 -33.44
N PHE G 85 19.62 -6.17 -34.70
CA PHE G 85 18.21 -6.42 -35.05
C PHE G 85 18.10 -7.24 -36.34
N GLY G 86 17.58 -8.47 -36.28
CA GLY G 86 17.54 -9.32 -37.46
C GLY G 86 16.43 -10.34 -37.61
N ALA G 87 16.12 -10.67 -38.86
CA ALA G 87 15.28 -11.80 -39.18
C ALA G 87 16.20 -13.01 -39.25
N ASN G 88 15.96 -13.99 -38.37
CA ASN G 88 16.88 -15.11 -38.19
C ASN G 88 16.34 -16.47 -38.67
N TYR G 89 17.26 -17.38 -38.95
CA TYR G 89 16.92 -18.71 -39.41
C TYR G 89 17.64 -19.81 -38.58
N TYR G 90 17.15 -21.03 -38.64
CA TYR G 90 17.78 -22.10 -37.90
C TYR G 90 18.17 -23.32 -38.77
N TYR G 91 17.47 -23.55 -39.87
CA TYR G 91 17.60 -24.81 -40.58
C TYR G 91 19.00 -25.03 -41.12
N GLN G 92 19.46 -24.33 -42.13
CA GLN G 92 20.81 -24.66 -42.57
C GLN G 92 21.80 -23.68 -41.96
N CYS G 93 21.66 -23.46 -40.64
CA CYS G 93 22.48 -22.52 -39.88
C CYS G 93 23.54 -23.29 -39.17
N TYR G 94 24.79 -23.14 -39.60
CA TYR G 94 25.86 -23.75 -38.84
C TYR G 94 27.00 -22.78 -38.50
N PHE G 95 27.51 -22.92 -37.26
CA PHE G 95 28.80 -22.37 -36.89
C PHE G 95 29.46 -23.11 -35.72
N LYS G 109 25.90 -25.35 -27.53
CA LYS G 109 24.64 -24.88 -26.97
C LYS G 109 23.50 -24.82 -28.04
N ARG G 110 22.64 -23.79 -27.94
CA ARG G 110 21.51 -23.58 -28.86
C ARG G 110 21.84 -22.35 -29.70
N LYS G 111 21.63 -22.47 -31.01
CA LYS G 111 22.15 -21.50 -31.97
C LYS G 111 21.11 -20.95 -32.92
N THR G 112 21.39 -19.77 -33.48
CA THR G 112 20.59 -19.20 -34.58
C THR G 112 21.51 -18.40 -35.48
N CYS G 113 21.04 -18.07 -36.68
CA CYS G 113 21.85 -17.34 -37.67
C CYS G 113 21.06 -16.19 -38.30
N MET G 114 21.76 -15.11 -38.65
CA MET G 114 21.17 -14.00 -39.39
C MET G 114 22.22 -13.30 -40.26
N TYR G 115 21.76 -12.33 -41.05
CA TYR G 115 22.68 -11.48 -41.79
C TYR G 115 22.50 -10.02 -41.45
N GLY G 116 23.63 -9.31 -41.48
CA GLY G 116 23.69 -7.88 -41.19
C GLY G 116 23.01 -7.43 -39.90
N GLY G 117 22.16 -6.43 -40.00
CA GLY G 117 21.32 -6.02 -38.88
C GLY G 117 22.07 -5.39 -37.70
N VAL G 118 23.23 -4.78 -37.97
CA VAL G 118 24.04 -4.20 -36.91
C VAL G 118 24.33 -2.72 -37.11
N THR G 119 24.12 -1.96 -36.03
CA THR G 119 24.40 -0.52 -35.96
C THR G 119 25.23 -0.18 -34.71
N GLU G 120 26.11 0.80 -34.82
CA GLU G 120 26.83 1.31 -33.65
C GLU G 120 25.85 1.74 -32.58
N HIS G 121 26.14 1.44 -31.32
CA HIS G 121 25.26 1.83 -30.22
C HIS G 121 25.46 3.30 -29.84
N ASN G 122 26.66 3.64 -29.39
CA ASN G 122 26.95 5.00 -28.94
C ASN G 122 26.71 6.03 -30.04
N GLY G 123 25.89 7.04 -29.74
CA GLY G 123 25.65 8.15 -30.67
C GLY G 123 24.55 7.96 -31.68
N ASN G 124 23.99 6.74 -31.72
CA ASN G 124 22.92 6.37 -32.65
C ASN G 124 21.54 6.37 -32.00
N GLN G 125 21.50 6.53 -30.68
CA GLN G 125 20.24 6.52 -29.95
C GLN G 125 19.51 7.86 -30.09
N LEU G 126 18.22 7.80 -30.40
CA LEU G 126 17.36 9.00 -30.40
C LEU G 126 16.68 9.16 -29.05
N ASP G 127 16.29 10.39 -28.72
CA ASP G 127 15.57 10.68 -27.47
C ASP G 127 14.11 10.24 -27.54
N LYS G 128 13.47 10.52 -28.67
CA LYS G 128 12.11 10.05 -28.97
C LYS G 128 12.16 9.13 -30.15
N TYR G 129 11.21 8.20 -30.21
CA TYR G 129 11.03 7.34 -31.38
C TYR G 129 10.59 8.19 -32.56
N ARG G 130 11.14 7.91 -33.73
CA ARG G 130 10.69 8.52 -34.98
C ARG G 130 9.68 7.64 -35.72
N SER G 131 8.73 8.29 -36.40
CA SER G 131 7.79 7.61 -37.31
C SER G 131 8.28 7.65 -38.75
N ILE G 132 8.16 6.54 -39.46
CA ILE G 132 8.43 6.49 -40.89
C ILE G 132 7.20 5.99 -41.57
N THR G 133 6.72 6.72 -42.57
CA THR G 133 5.48 6.35 -43.24
C THR G 133 5.71 5.29 -44.29
N VAL G 134 4.84 4.30 -44.29
CA VAL G 134 4.81 3.28 -45.30
C VAL G 134 3.57 3.46 -46.11
N ARG G 135 3.71 3.52 -47.43
CA ARG G 135 2.58 3.64 -48.34
C ARG G 135 2.43 2.37 -49.15
N VAL G 136 1.28 1.70 -49.01
CA VAL G 136 1.05 0.40 -49.62
C VAL G 136 0.12 0.51 -50.80
N PHE G 137 0.66 0.22 -51.96
CA PHE G 137 -0.11 0.20 -53.21
C PHE G 137 -0.52 -1.23 -53.52
N GLU G 138 -1.81 -1.40 -53.78
CA GLU G 138 -2.34 -2.67 -54.21
C GLU G 138 -2.85 -2.53 -55.62
N ASP G 139 -2.17 -3.20 -56.55
CA ASP G 139 -2.39 -3.01 -57.97
C ASP G 139 -2.40 -1.55 -58.29
N GLY G 140 -1.38 -0.83 -57.82
CA GLY G 140 -1.21 0.58 -58.14
C GLY G 140 -2.03 1.59 -57.35
N LYS G 141 -2.93 1.14 -56.46
CA LYS G 141 -3.79 2.07 -55.72
C LYS G 141 -3.39 2.16 -54.25
N ASN G 142 -2.96 3.33 -53.79
CA ASN G 142 -2.51 3.50 -52.40
C ASN G 142 -3.71 3.47 -51.49
N LEU G 143 -4.17 2.27 -51.16
CA LEU G 143 -5.39 2.13 -50.36
C LEU G 143 -5.08 2.12 -48.86
N LEU G 144 -3.86 1.82 -48.49
CA LEU G 144 -3.47 1.75 -47.08
C LEU G 144 -2.13 2.42 -46.85
N SER G 145 -2.04 3.16 -45.74
CA SER G 145 -0.80 3.76 -45.29
C SER G 145 -0.72 3.59 -43.79
N PHE G 146 0.48 3.48 -43.27
CA PHE G 146 0.70 3.33 -41.84
C PHE G 146 2.14 3.64 -41.48
N ASP G 147 2.44 3.72 -40.19
CA ASP G 147 3.76 4.11 -39.74
C ASP G 147 4.46 3.01 -38.98
N VAL G 148 5.74 2.82 -39.25
CA VAL G 148 6.58 2.01 -38.38
C VAL G 148 7.45 2.94 -37.56
N GLN G 149 8.02 2.43 -36.47
CA GLN G 149 8.76 3.29 -35.54
C GLN G 149 10.14 2.76 -35.19
N THR G 150 11.08 3.68 -35.02
CA THR G 150 12.43 3.32 -34.61
C THR G 150 13.03 4.41 -33.73
N ASN G 151 13.96 4.01 -32.88
CA ASN G 151 14.65 4.91 -31.99
C ASN G 151 16.10 5.04 -32.35
N LYS G 152 16.49 4.52 -33.52
CA LYS G 152 17.86 4.61 -34.03
C LYS G 152 17.95 5.74 -35.05
N LYS G 153 19.04 6.49 -35.00
CA LYS G 153 19.29 7.58 -35.96
C LYS G 153 19.52 6.98 -37.34
N LYS G 154 20.50 6.09 -37.38
CA LYS G 154 20.81 5.27 -38.53
C LYS G 154 20.24 3.89 -38.23
N VAL G 155 19.25 3.48 -39.02
CA VAL G 155 18.62 2.17 -38.88
C VAL G 155 18.88 1.31 -40.12
N THR G 156 19.01 -0.01 -39.93
CA THR G 156 19.17 -0.94 -41.05
C THR G 156 17.87 -1.08 -41.84
N ALA G 157 18.00 -1.27 -43.15
CA ALA G 157 16.83 -1.50 -44.00
C ALA G 157 16.11 -2.76 -43.51
N GLN G 158 16.89 -3.76 -43.10
CA GLN G 158 16.36 -5.00 -42.60
C GLN G 158 15.33 -4.77 -41.52
N GLU G 159 15.71 -4.03 -40.48
CA GLU G 159 14.79 -3.76 -39.37
C GLU G 159 13.50 -3.10 -39.89
N LEU G 160 13.64 -2.10 -40.75
CA LEU G 160 12.49 -1.41 -41.24
C LEU G 160 11.65 -2.36 -42.07
N ASP G 161 12.32 -3.19 -42.86
CA ASP G 161 11.61 -4.17 -43.69
C ASP G 161 10.77 -5.08 -42.80
N TYR G 162 11.42 -5.64 -41.78
CA TYR G 162 10.80 -6.54 -40.82
C TYR G 162 9.56 -5.91 -40.23
N LEU G 163 9.71 -4.71 -39.71
CA LEU G 163 8.58 -4.04 -39.07
C LEU G 163 7.44 -3.92 -40.08
N THR G 164 7.78 -3.62 -41.33
CA THR G 164 6.78 -3.34 -42.34
C THR G 164 6.04 -4.61 -42.70
N ARG G 165 6.78 -5.69 -42.92
CA ARG G 165 6.14 -6.95 -43.29
C ARG G 165 5.34 -7.51 -42.12
N HIS G 166 5.85 -7.31 -40.91
CA HIS G 166 5.15 -7.78 -39.72
C HIS G 166 3.73 -7.23 -39.67
N TYR G 167 3.61 -5.94 -39.87
CA TYR G 167 2.30 -5.29 -39.88
C TYR G 167 1.44 -5.85 -40.98
N LEU G 168 2.02 -5.95 -42.17
CA LEU G 168 1.28 -6.38 -43.35
C LEU G 168 0.81 -7.84 -43.27
N VAL G 169 1.57 -8.66 -42.56
CA VAL G 169 1.16 -10.03 -42.32
C VAL G 169 -0.08 -9.99 -41.45
N LYS G 170 0.00 -9.37 -40.27
CA LYS G 170 -1.14 -9.30 -39.36
C LYS G 170 -2.35 -8.75 -40.07
N ASN G 171 -2.17 -7.67 -40.81
CA ASN G 171 -3.30 -6.87 -41.28
C ASN G 171 -3.78 -7.08 -42.70
N LYS G 172 -2.98 -7.71 -43.55
CA LYS G 172 -3.37 -7.98 -44.95
C LYS G 172 -3.02 -9.39 -45.39
N LYS G 173 -2.71 -10.25 -44.43
CA LYS G 173 -2.40 -11.62 -44.74
C LYS G 173 -1.42 -11.68 -45.92
N LEU G 174 -0.37 -10.88 -45.84
CA LEU G 174 0.69 -10.84 -46.84
C LEU G 174 1.23 -12.21 -47.14
N TYR G 175 1.52 -12.95 -46.09
CA TYR G 175 1.91 -14.33 -46.20
C TYR G 175 0.96 -15.18 -45.39
N GLU G 176 0.56 -16.34 -45.93
CA GLU G 176 -0.16 -17.34 -45.15
C GLU G 176 0.62 -18.66 -45.17
N PHE G 177 0.01 -19.70 -44.64
CA PHE G 177 0.66 -20.98 -44.52
C PHE G 177 1.01 -21.52 -45.89
N ASN G 178 0.01 -21.62 -46.77
CA ASN G 178 0.18 -22.28 -48.06
C ASN G 178 0.74 -21.36 -49.12
N ASN G 179 0.04 -20.27 -49.38
CA ASN G 179 0.55 -19.28 -50.33
C ASN G 179 0.28 -17.83 -49.85
N SER G 180 0.07 -16.91 -50.78
CA SER G 180 -0.20 -15.54 -50.48
C SER G 180 -1.27 -15.05 -51.41
N PRO G 181 -2.13 -14.13 -50.94
CA PRO G 181 -3.10 -13.54 -51.83
C PRO G 181 -2.48 -12.65 -52.90
N TYR G 182 -1.26 -12.18 -52.66
CA TYR G 182 -0.60 -11.33 -53.61
C TYR G 182 0.33 -12.12 -54.51
N GLU G 183 0.34 -11.81 -55.80
CA GLU G 183 1.17 -12.54 -56.77
C GLU G 183 2.62 -12.06 -56.67
N THR G 184 2.79 -10.75 -56.74
CA THR G 184 4.11 -10.12 -56.66
C THR G 184 4.11 -9.05 -55.59
N GLY G 185 5.30 -8.76 -55.08
CA GLY G 185 5.45 -7.71 -54.10
C GLY G 185 6.89 -7.24 -53.99
N TYR G 186 7.08 -5.93 -53.90
CA TYR G 186 8.40 -5.38 -53.54
C TYR G 186 8.32 -4.16 -52.62
N ILE G 187 9.37 -4.02 -51.81
CA ILE G 187 9.45 -2.95 -50.83
C ILE G 187 10.54 -1.98 -51.24
N LYS G 188 10.18 -0.71 -51.40
CA LYS G 188 11.10 0.33 -51.86
C LYS G 188 11.45 1.29 -50.73
N PHE G 189 12.72 1.58 -50.60
CA PHE G 189 13.21 2.53 -49.63
C PHE G 189 13.72 3.79 -50.31
N ILE G 190 13.02 4.90 -50.14
CA ILE G 190 13.48 6.16 -50.73
C ILE G 190 14.14 7.07 -49.71
N GLU G 191 15.35 7.50 -50.03
CA GLU G 191 16.08 8.37 -49.12
C GLU G 191 16.60 9.56 -49.89
N ASN G 192 15.77 10.60 -49.99
CA ASN G 192 16.13 11.77 -50.75
C ASN G 192 15.97 11.40 -52.21
N GLU G 193 17.09 11.38 -52.94
CA GLU G 193 17.07 11.06 -54.35
C GLU G 193 17.35 9.57 -54.49
N ASN G 194 18.36 9.08 -53.80
CA ASN G 194 18.70 7.68 -53.94
C ASN G 194 17.70 6.77 -53.33
N SER G 195 17.59 5.60 -53.92
CA SER G 195 16.58 4.61 -53.54
C SER G 195 16.99 3.18 -53.93
N PHE G 196 16.41 2.21 -53.23
CA PHE G 196 16.61 0.80 -53.55
C PHE G 196 15.40 -0.03 -53.14
N TRP G 197 15.34 -1.30 -53.56
CA TRP G 197 14.23 -2.19 -53.25
C TRP G 197 14.60 -3.66 -53.06
N TYR G 198 13.72 -4.38 -52.36
CA TYR G 198 13.83 -5.82 -52.17
C TYR G 198 12.55 -6.56 -52.64
N ASP G 199 12.73 -7.76 -53.20
CA ASP G 199 11.63 -8.63 -53.64
C ASP G 199 11.04 -9.32 -52.44
N MET G 200 9.74 -9.17 -52.21
CA MET G 200 9.14 -9.69 -51.00
C MET G 200 8.71 -11.14 -51.16
N MET G 201 8.72 -11.65 -52.39
CA MET G 201 8.27 -13.01 -52.66
C MET G 201 9.43 -13.98 -52.80
N PRO G 202 9.17 -15.27 -52.53
CA PRO G 202 10.19 -16.28 -52.62
C PRO G 202 10.53 -16.68 -54.02
N ALA G 203 11.77 -17.07 -54.22
CA ALA G 203 12.24 -17.59 -55.51
C ALA G 203 11.35 -18.74 -55.96
N PRO G 204 11.12 -18.86 -57.27
CA PRO G 204 10.25 -19.92 -57.76
C PRO G 204 10.90 -21.29 -57.58
N GLY G 205 10.07 -22.31 -57.37
CA GLY G 205 10.54 -23.68 -57.18
C GLY G 205 9.80 -24.44 -56.11
N ASP G 206 10.32 -25.64 -55.76
CA ASP G 206 9.59 -26.58 -54.90
C ASP G 206 9.65 -26.21 -53.44
N LYS G 207 10.82 -25.77 -52.97
CA LYS G 207 11.04 -25.43 -51.54
C LYS G 207 11.68 -24.01 -51.40
N PHE G 208 11.47 -23.37 -50.25
CA PHE G 208 11.98 -22.02 -49.97
C PHE G 208 13.27 -22.17 -49.18
N ASP G 209 14.28 -21.36 -49.52
CA ASP G 209 15.59 -21.42 -48.87
C ASP G 209 15.84 -20.18 -47.99
N GLN G 210 15.50 -20.32 -46.73
CA GLN G 210 15.52 -19.17 -45.81
C GLN G 210 16.90 -18.51 -45.79
N SER G 211 17.94 -19.33 -45.64
CA SER G 211 19.30 -18.85 -45.62
C SER G 211 19.60 -18.02 -46.86
N LYS G 212 19.28 -18.54 -48.03
CA LYS G 212 19.59 -17.79 -49.24
C LYS G 212 18.81 -16.50 -49.29
N TYR G 213 17.52 -16.55 -49.00
CA TYR G 213 16.70 -15.36 -49.13
C TYR G 213 17.21 -14.26 -48.21
N LEU G 214 17.37 -14.58 -46.93
CA LEU G 214 17.84 -13.60 -45.95
C LEU G 214 19.25 -13.06 -46.22
N MET G 215 20.05 -13.78 -47.00
CA MET G 215 21.42 -13.34 -47.29
C MET G 215 21.43 -11.92 -47.89
N MET G 216 20.34 -11.51 -48.54
CA MET G 216 20.29 -10.20 -49.16
C MET G 216 20.56 -9.09 -48.17
N TYR G 217 20.28 -9.33 -46.88
CA TYR G 217 20.54 -8.35 -45.82
C TYR G 217 22.01 -8.28 -45.37
N ASN G 218 22.92 -8.99 -46.03
CA ASN G 218 24.29 -9.07 -45.53
C ASN G 218 25.15 -7.89 -45.89
N ASP G 219 24.61 -6.99 -46.70
CA ASP G 219 25.28 -5.73 -47.01
C ASP G 219 25.21 -4.76 -45.85
N ASN G 220 24.40 -5.09 -44.84
CA ASN G 220 24.16 -4.26 -43.66
C ASN G 220 23.66 -2.88 -44.01
N LYS G 221 22.94 -2.74 -45.13
CA LYS G 221 22.56 -1.42 -45.60
C LYS G 221 21.78 -0.67 -44.55
N MET G 222 22.18 0.58 -44.34
CA MET G 222 21.54 1.45 -43.37
C MET G 222 20.90 2.61 -44.07
N VAL G 223 19.91 3.19 -43.40
CA VAL G 223 19.26 4.42 -43.87
C VAL G 223 19.12 5.38 -42.72
N ASP G 224 18.81 6.63 -43.03
CA ASP G 224 18.61 7.66 -42.02
C ASP G 224 17.13 7.71 -41.67
N SER G 225 16.81 7.49 -40.40
CA SER G 225 15.41 7.43 -39.96
C SER G 225 14.68 8.73 -40.17
N LYS G 226 15.37 9.85 -40.09
CA LYS G 226 14.72 11.14 -40.29
C LYS G 226 14.16 11.31 -41.68
N ASP G 227 14.93 11.00 -42.72
CA ASP G 227 14.51 11.36 -44.08
C ASP G 227 14.32 10.18 -45.02
N VAL G 228 14.03 8.99 -44.52
CA VAL G 228 13.65 7.85 -45.39
C VAL G 228 12.14 7.68 -45.46
N LYS G 229 11.61 7.35 -46.64
CA LYS G 229 10.21 7.00 -46.81
C LYS G 229 10.16 5.59 -47.40
N ILE G 230 9.08 4.86 -47.12
CA ILE G 230 8.92 3.46 -47.61
C ILE G 230 7.68 3.30 -48.46
N GLU G 231 7.85 2.69 -49.62
CA GLU G 231 6.75 2.37 -50.49
C GLU G 231 6.69 0.87 -50.64
N VAL G 232 5.49 0.29 -50.65
CA VAL G 232 5.32 -1.14 -50.90
C VAL G 232 4.32 -1.36 -52.01
N TYR G 233 4.75 -2.06 -53.05
CA TYR G 233 3.91 -2.32 -54.19
C TYR G 233 3.53 -3.79 -54.23
N LEU G 234 2.23 -4.05 -54.13
CA LEU G 234 1.68 -5.38 -54.20
C LEU G 234 0.78 -5.51 -55.40
N THR G 235 0.77 -6.69 -56.02
CA THR G 235 -0.18 -6.98 -57.11
C THR G 235 -0.95 -8.26 -56.78
N THR G 236 -2.23 -8.28 -57.14
CA THR G 236 -3.09 -9.46 -56.95
C THR G 236 -3.00 -10.39 -58.17
N LYS G 237 -3.64 -11.56 -58.10
CA LYS G 237 -3.37 -12.66 -59.07
C LYS G 237 -3.96 -12.53 -60.51
N GLU H 5 16.60 -41.22 -21.31
CA GLU H 5 16.41 -41.65 -22.73
C GLU H 5 15.39 -40.79 -23.51
N ALA H 6 15.68 -40.57 -24.79
CA ALA H 6 14.90 -39.64 -25.61
C ALA H 6 13.49 -40.13 -25.85
N ALA H 7 12.52 -39.24 -25.82
CA ALA H 7 11.13 -39.62 -26.03
C ALA H 7 10.29 -38.48 -26.65
N VAL H 8 9.05 -38.80 -27.00
CA VAL H 8 8.12 -37.88 -27.64
C VAL H 8 6.77 -38.02 -26.99
N THR H 9 6.18 -36.92 -26.57
CA THR H 9 4.88 -36.93 -25.94
C THR H 9 3.88 -36.20 -26.82
N GLN H 10 2.87 -36.92 -27.29
CA GLN H 10 1.76 -36.29 -28.01
C GLN H 10 0.69 -35.87 -27.07
N SER H 11 -0.08 -34.87 -27.47
CA SER H 11 -1.21 -34.49 -26.65
C SER H 11 -2.32 -33.86 -27.51
N PRO H 12 -3.57 -34.25 -27.28
CA PRO H 12 -4.03 -35.31 -26.38
C PRO H 12 -3.90 -36.70 -26.97
N ARG H 13 -4.29 -37.71 -26.21
CA ARG H 13 -4.20 -39.11 -26.66
C ARG H 13 -5.47 -39.49 -27.42
N ASN H 14 -6.54 -38.80 -27.08
CA ASN H 14 -7.86 -39.12 -27.58
C ASN H 14 -8.67 -37.81 -27.63
N LYS H 15 -9.32 -37.55 -28.75
CA LYS H 15 -10.09 -36.31 -28.93
C LYS H 15 -11.28 -36.53 -29.84
N VAL H 16 -12.39 -35.90 -29.50
CA VAL H 16 -13.58 -35.89 -30.35
C VAL H 16 -13.95 -34.46 -30.65
N ALA H 17 -14.27 -34.15 -31.90
CA ALA H 17 -14.59 -32.78 -32.26
C ALA H 17 -15.68 -32.71 -33.29
N VAL H 18 -16.25 -31.52 -33.46
CA VAL H 18 -17.32 -31.31 -34.45
C VAL H 18 -16.74 -30.87 -35.76
N THR H 19 -17.42 -31.19 -36.84
CA THR H 19 -17.04 -30.62 -38.12
C THR H 19 -17.05 -29.11 -37.98
N GLY H 20 -16.01 -28.45 -38.50
CA GLY H 20 -15.88 -26.98 -38.46
C GLY H 20 -15.05 -26.44 -37.29
N GLU H 21 -14.74 -27.31 -36.35
CA GLU H 21 -13.99 -26.97 -35.17
C GLU H 21 -12.50 -26.95 -35.50
N LYS H 22 -11.78 -26.02 -34.89
CA LYS H 22 -10.33 -25.92 -35.04
C LYS H 22 -9.68 -26.86 -34.04
N VAL H 23 -8.82 -27.75 -34.52
CA VAL H 23 -8.21 -28.75 -33.68
C VAL H 23 -6.70 -28.63 -33.80
N THR H 24 -6.01 -28.81 -32.69
CA THR H 24 -4.56 -28.69 -32.67
C THR H 24 -3.96 -29.89 -31.94
N LEU H 25 -3.10 -30.66 -32.61
CA LEU H 25 -2.39 -31.73 -31.92
C LEU H 25 -0.99 -31.25 -31.59
N SER H 26 -0.50 -31.61 -30.41
CA SER H 26 0.82 -31.20 -29.94
C SER H 26 1.79 -32.38 -29.93
N CYS H 27 3.07 -32.06 -30.11
CA CYS H 27 4.11 -33.05 -30.01
C CYS H 27 5.35 -32.42 -29.41
N LYS H 28 5.82 -32.97 -28.30
CA LYS H 28 6.89 -32.35 -27.52
C LYS H 28 8.00 -33.37 -27.30
N GLN H 29 9.23 -33.00 -27.66
CA GLN H 29 10.38 -33.82 -27.36
C GLN H 29 10.72 -33.72 -25.89
N THR H 30 11.13 -34.83 -25.31
CA THR H 30 11.64 -34.84 -23.94
C THR H 30 13.00 -35.49 -23.99
N ASN H 31 13.95 -34.95 -23.22
CA ASN H 31 15.33 -35.44 -23.15
C ASN H 31 16.03 -35.55 -24.50
N SER H 32 15.72 -34.65 -25.41
CA SER H 32 16.43 -34.59 -26.69
C SER H 32 16.33 -33.19 -27.28
N TYR H 33 17.15 -32.94 -28.28
CA TYR H 33 17.13 -31.66 -28.99
C TYR H 33 17.39 -31.93 -30.47
N PHE H 34 16.44 -32.65 -31.07
CA PHE H 34 16.57 -33.12 -32.45
C PHE H 34 16.03 -32.13 -33.48
N ASN H 35 16.70 -32.08 -34.62
CA ASN H 35 16.30 -31.19 -35.71
C ASN H 35 15.10 -31.66 -36.47
N ASN H 36 14.93 -32.96 -36.65
CA ASN H 36 13.84 -33.44 -37.49
C ASN H 36 12.67 -33.88 -36.64
N MET H 37 11.47 -33.45 -37.02
CA MET H 37 10.23 -34.01 -36.46
C MET H 37 9.21 -34.24 -37.56
N TYR H 38 8.25 -35.10 -37.27
CA TYR H 38 7.35 -35.68 -38.28
C TYR H 38 5.93 -35.78 -37.76
N TRP H 39 4.95 -35.48 -38.61
CA TRP H 39 3.56 -35.83 -38.30
C TRP H 39 3.03 -36.79 -39.36
N TYR H 40 2.59 -37.97 -38.92
CA TYR H 40 1.93 -38.91 -39.80
C TYR H 40 0.50 -39.15 -39.34
N ARG H 41 -0.32 -39.60 -40.26
CA ARG H 41 -1.58 -40.27 -39.85
C ARG H 41 -1.65 -41.68 -40.42
N GLN H 42 -2.21 -42.59 -39.62
CA GLN H 42 -2.37 -43.96 -39.99
C GLN H 42 -3.79 -44.20 -40.42
N ASP H 43 -3.96 -44.73 -41.60
CA ASP H 43 -5.27 -45.21 -42.03
C ASP H 43 -5.49 -46.68 -41.59
N THR H 44 -6.54 -46.89 -40.80
CA THR H 44 -7.22 -48.16 -40.67
C THR H 44 -6.27 -49.38 -40.64
N GLY H 45 -5.47 -49.46 -39.59
CA GLY H 45 -4.57 -50.59 -39.41
C GLY H 45 -3.48 -50.80 -40.47
N HIS H 46 -3.14 -49.73 -41.20
CA HIS H 46 -2.24 -49.87 -42.33
C HIS H 46 -1.09 -48.90 -42.26
N GLU H 47 -0.50 -48.58 -43.39
CA GLU H 47 0.67 -47.67 -43.46
C GLU H 47 0.45 -46.29 -42.83
N LEU H 48 1.52 -45.78 -42.21
CA LEU H 48 1.64 -44.38 -41.83
C LEU H 48 1.83 -43.54 -43.09
N ARG H 49 1.09 -42.44 -43.17
CA ARG H 49 1.25 -41.46 -44.25
C ARG H 49 1.67 -40.12 -43.68
N LEU H 50 2.75 -39.57 -44.23
CA LEU H 50 3.30 -38.30 -43.76
C LEU H 50 2.51 -37.09 -44.22
N ILE H 51 2.06 -36.31 -43.25
CA ILE H 51 1.37 -35.05 -43.54
C ILE H 51 2.40 -33.95 -43.73
N PHE H 52 3.17 -33.71 -42.67
CA PHE H 52 4.22 -32.71 -42.68
C PHE H 52 5.47 -33.24 -41.96
N MET H 53 6.59 -32.65 -42.36
CA MET H 53 7.85 -32.84 -41.70
C MET H 53 8.39 -31.45 -41.27
N SER H 54 9.46 -31.46 -40.46
CA SER H 54 10.22 -30.26 -40.16
C SER H 54 11.69 -30.60 -39.99
N HIS H 55 12.53 -29.88 -40.70
CA HIS H 55 13.95 -30.13 -40.62
C HIS H 55 14.59 -29.32 -39.49
N GLY H 56 13.75 -28.61 -38.72
CA GLY H 56 14.25 -27.74 -37.67
C GLY H 56 13.28 -26.62 -37.39
N ILE H 57 13.69 -25.68 -36.53
CA ILE H 57 12.89 -24.55 -36.16
C ILE H 57 12.65 -23.69 -37.37
N ARG H 58 11.42 -23.19 -37.50
CA ARG H 58 11.01 -22.36 -38.63
C ARG H 58 11.14 -23.06 -39.96
N ASN H 59 10.90 -24.36 -39.94
CA ASN H 59 10.80 -25.14 -41.15
C ASN H 59 9.64 -26.12 -41.11
N VAL H 60 8.81 -26.07 -42.14
CA VAL H 60 7.79 -27.08 -42.35
C VAL H 60 7.94 -27.56 -43.79
N GLU H 61 7.84 -28.86 -44.03
CA GLU H 61 7.99 -29.42 -45.37
C GLU H 61 6.79 -30.31 -45.67
N LYS H 62 6.19 -30.10 -46.83
CA LYS H 62 5.09 -30.93 -47.29
C LYS H 62 5.45 -32.42 -47.26
N GLY H 63 4.48 -33.25 -46.88
CA GLY H 63 4.63 -34.68 -46.98
C GLY H 63 3.75 -35.15 -48.12
N ASP H 64 3.30 -36.40 -48.02
CA ASP H 64 2.46 -37.01 -49.04
C ASP H 64 0.99 -36.53 -49.00
N ILE H 65 0.52 -36.09 -47.85
CA ILE H 65 -0.90 -35.92 -47.63
C ILE H 65 -1.26 -34.62 -46.85
N PRO H 66 -0.70 -33.47 -47.27
CA PRO H 66 -0.75 -32.23 -46.48
C PRO H 66 -2.03 -31.43 -46.58
N ASP H 67 -2.84 -31.72 -47.57
CA ASP H 67 -4.04 -30.93 -47.82
C ASP H 67 -5.01 -30.93 -46.65
N GLY H 68 -5.45 -29.73 -46.31
CA GLY H 68 -6.36 -29.53 -45.20
C GLY H 68 -5.68 -29.53 -43.87
N TYR H 69 -4.36 -29.53 -43.86
CA TYR H 69 -3.62 -29.40 -42.61
C TYR H 69 -2.66 -28.22 -42.64
N LYS H 70 -2.29 -27.79 -41.45
CA LYS H 70 -1.17 -26.89 -41.29
C LYS H 70 -0.33 -27.46 -40.17
N ALA H 71 0.83 -26.87 -39.97
CA ALA H 71 1.75 -27.30 -38.95
C ALA H 71 2.60 -26.12 -38.56
N SER H 72 3.40 -26.32 -37.50
CA SER H 72 4.14 -25.23 -36.89
C SER H 72 5.29 -25.69 -36.00
N ARG H 73 6.47 -25.18 -36.26
CA ARG H 73 7.62 -25.49 -35.44
C ARG H 73 8.24 -24.20 -34.94
N PRO H 74 7.75 -23.71 -33.80
CA PRO H 74 8.26 -22.48 -33.22
C PRO H 74 9.48 -22.66 -32.32
N SER H 75 9.84 -23.92 -32.02
CA SER H 75 10.99 -24.27 -31.16
C SER H 75 11.39 -25.72 -31.38
N GLN H 76 12.56 -26.15 -30.91
CA GLN H 76 12.98 -27.51 -31.24
C GLN H 76 12.02 -28.53 -30.69
N GLU H 77 11.60 -28.35 -29.45
CA GLU H 77 10.91 -29.43 -28.78
C GLU H 77 9.53 -29.63 -29.34
N ASN H 78 8.97 -28.62 -29.99
CA ASN H 78 7.54 -28.59 -30.26
C ASN H 78 7.16 -28.51 -31.72
N PHE H 79 6.39 -29.49 -32.18
CA PHE H 79 5.91 -29.53 -33.57
C PHE H 79 4.42 -29.84 -33.55
N SER H 80 3.60 -28.84 -33.86
CA SER H 80 2.17 -29.03 -33.71
C SER H 80 1.53 -29.21 -35.06
N LEU H 81 0.43 -29.96 -35.08
CA LEU H 81 -0.37 -30.18 -36.29
C LEU H 81 -1.71 -29.47 -36.12
N ILE H 82 -2.04 -28.60 -37.07
CA ILE H 82 -3.22 -27.75 -36.98
C ILE H 82 -4.29 -28.18 -37.98
N LEU H 83 -5.49 -28.47 -37.50
CA LEU H 83 -6.68 -28.62 -38.35
C LEU H 83 -7.54 -27.37 -38.24
N GLU H 84 -7.54 -26.53 -39.27
CA GLU H 84 -8.15 -25.21 -39.20
C GLU H 84 -9.69 -25.31 -39.15
N LEU H 85 -10.25 -26.06 -40.10
CA LEU H 85 -11.68 -26.36 -40.09
C LEU H 85 -11.87 -27.85 -40.28
N ALA H 86 -11.88 -28.57 -39.16
CA ALA H 86 -11.94 -30.04 -39.14
C ALA H 86 -13.01 -30.66 -40.04
N THR H 87 -12.65 -31.77 -40.68
CA THR H 87 -13.58 -32.56 -41.50
C THR H 87 -13.70 -33.99 -40.97
N PRO H 88 -14.93 -34.55 -40.99
CA PRO H 88 -15.10 -35.95 -40.63
C PRO H 88 -14.03 -36.87 -41.24
N SER H 89 -13.73 -36.62 -42.52
CA SER H 89 -12.70 -37.36 -43.28
C SER H 89 -11.32 -37.35 -42.65
N GLN H 90 -11.06 -36.40 -41.74
CA GLN H 90 -9.81 -36.34 -40.98
C GLN H 90 -9.89 -37.19 -39.71
N THR H 91 -10.95 -37.98 -39.59
CA THR H 91 -11.03 -38.93 -38.48
C THR H 91 -9.95 -39.98 -38.69
N SER H 92 -9.09 -40.16 -37.70
CA SER H 92 -7.99 -41.08 -37.85
C SER H 92 -7.21 -41.18 -36.58
N VAL H 93 -6.19 -42.00 -36.60
CA VAL H 93 -5.16 -42.00 -35.55
C VAL H 93 -3.92 -41.32 -36.10
N TYR H 94 -3.38 -40.39 -35.34
CA TYR H 94 -2.25 -39.59 -35.76
C TYR H 94 -1.02 -39.89 -34.91
N PHE H 95 0.13 -39.89 -35.56
CA PHE H 95 1.39 -40.26 -34.92
C PHE H 95 2.46 -39.23 -35.16
N CYS H 96 3.05 -38.81 -34.05
CA CYS H 96 4.16 -37.89 -34.06
C CYS H 96 5.44 -38.69 -33.98
N ALA H 97 6.52 -38.16 -34.55
CA ALA H 97 7.84 -38.77 -34.35
C ALA H 97 8.94 -37.73 -34.36
N SER H 98 9.98 -37.95 -33.57
CA SER H 98 11.19 -37.12 -33.65
C SER H 98 12.27 -37.99 -34.22
N GLY H 99 13.32 -37.37 -34.75
CA GLY H 99 14.38 -38.12 -35.41
C GLY H 99 15.77 -37.53 -35.28
N GLY H 100 16.69 -38.37 -34.79
CA GLY H 100 18.14 -38.13 -34.74
C GLY H 100 18.85 -39.31 -34.07
N GLY H 102 20.00 -40.99 -36.95
CA GLY H 102 20.09 -42.46 -36.94
C GLY H 102 18.77 -43.10 -36.57
N THR H 103 18.19 -42.67 -35.45
CA THR H 103 16.94 -43.28 -34.95
C THR H 103 15.72 -42.39 -35.17
N LEU H 104 14.56 -42.98 -34.89
CA LEU H 104 13.32 -42.30 -34.80
C LEU H 104 12.68 -42.60 -33.45
N TYR H 105 11.93 -41.65 -32.90
CA TYR H 105 11.17 -41.88 -31.67
C TYR H 105 9.72 -41.51 -31.89
N PHE H 106 8.82 -42.47 -31.67
CA PHE H 106 7.43 -42.25 -32.01
C PHE H 106 6.60 -42.02 -30.77
N GLY H 107 5.55 -41.23 -30.93
CA GLY H 107 4.58 -40.98 -29.88
C GLY H 107 3.57 -42.10 -29.81
N ALA H 108 2.74 -42.03 -28.78
CA ALA H 108 1.78 -43.09 -28.46
C ALA H 108 0.52 -43.02 -29.35
N GLY H 109 0.37 -41.94 -30.10
CA GLY H 109 -0.73 -41.82 -31.03
C GLY H 109 -1.80 -40.95 -30.45
N THR H 110 -2.51 -40.23 -31.32
CA THR H 110 -3.72 -39.50 -30.94
C THR H 110 -4.87 -39.98 -31.78
N ARG H 111 -5.90 -40.53 -31.15
CA ARG H 111 -7.12 -40.94 -31.85
C ARG H 111 -8.06 -39.73 -31.99
N LEU H 112 -8.37 -39.34 -33.21
CA LEU H 112 -9.20 -38.15 -33.42
C LEU H 112 -10.45 -38.54 -34.15
N SER H 113 -11.59 -38.27 -33.53
CA SER H 113 -12.89 -38.50 -34.14
C SER H 113 -13.52 -37.16 -34.50
N VAL H 114 -13.82 -36.95 -35.78
CA VAL H 114 -14.52 -35.74 -36.19
C VAL H 114 -15.93 -36.08 -36.68
N LEU H 115 -16.92 -35.69 -35.89
CA LEU H 115 -18.32 -36.00 -36.13
C LEU H 115 -19.02 -34.94 -37.00
N TYR H 116 -20.27 -35.23 -37.38
CA TYR H 116 -21.06 -34.31 -38.21
C TYR H 116 -21.91 -33.33 -37.39
N GLY H 117 -22.44 -32.31 -38.07
CA GLY H 117 -23.35 -31.32 -37.48
C GLY H 117 -24.84 -31.58 -37.68
N SER H 118 -25.67 -30.74 -37.03
CA SER H 118 -27.14 -30.85 -37.01
C SER H 118 -27.77 -31.46 -38.28
N SER I 2 -56.14 3.54 -46.13
CA SER I 2 -54.79 3.56 -46.78
C SER I 2 -54.49 4.93 -47.44
N GLN I 3 -53.22 5.34 -47.46
CA GLN I 3 -52.80 6.67 -47.94
C GLN I 3 -52.06 6.55 -49.27
N PRO I 4 -52.41 7.36 -50.26
CA PRO I 4 -51.70 7.30 -51.52
C PRO I 4 -50.21 7.60 -51.39
N ASP I 5 -49.39 6.86 -52.13
CA ASP I 5 -47.95 7.11 -52.16
C ASP I 5 -47.67 8.47 -52.78
N PRO I 6 -46.52 9.06 -52.40
CA PRO I 6 -46.27 10.44 -52.76
C PRO I 6 -46.15 10.69 -54.26
N LYS I 7 -46.89 11.68 -54.76
CA LYS I 7 -46.79 12.11 -56.15
C LYS I 7 -45.43 12.80 -56.38
N PRO I 8 -45.02 12.96 -57.66
CA PRO I 8 -43.63 13.39 -57.91
C PRO I 8 -43.15 14.59 -57.06
N ASP I 9 -43.75 15.76 -57.30
CA ASP I 9 -43.29 16.99 -56.65
C ASP I 9 -43.94 17.25 -55.31
N GLU I 10 -44.52 16.21 -54.71
CA GLU I 10 -45.18 16.34 -53.42
C GLU I 10 -44.12 16.44 -52.32
N LEU I 11 -43.03 15.72 -52.50
CA LEU I 11 -42.01 15.58 -51.47
C LEU I 11 -41.16 16.84 -51.34
N HIS I 12 -40.80 17.16 -50.09
CA HIS I 12 -39.92 18.27 -49.77
C HIS I 12 -38.51 18.00 -50.37
N LYS I 13 -37.96 18.99 -51.07
CA LYS I 13 -36.60 18.89 -51.61
C LYS I 13 -35.59 19.60 -50.71
N SER I 14 -34.56 18.89 -50.28
CA SER I 14 -33.64 19.43 -49.26
C SER I 14 -32.82 20.59 -49.79
N SER I 15 -32.62 20.58 -51.11
CA SER I 15 -31.93 21.70 -51.80
C SER I 15 -32.73 22.99 -51.71
N LYS I 16 -34.03 22.87 -51.48
CA LYS I 16 -34.89 24.02 -51.37
C LYS I 16 -35.05 24.51 -49.91
N PHE I 17 -34.27 23.92 -49.02
CA PHE I 17 -34.18 24.36 -47.64
C PHE I 17 -32.78 24.89 -47.42
N THR I 18 -32.72 26.18 -47.03
CA THR I 18 -31.48 26.93 -46.92
C THR I 18 -31.14 27.31 -45.50
N GLY I 19 -31.83 26.71 -44.53
CA GLY I 19 -31.41 26.82 -43.11
C GLY I 19 -30.40 25.76 -42.72
N LEU I 20 -30.24 25.55 -41.42
CA LEU I 20 -29.33 24.51 -40.95
C LEU I 20 -30.08 23.21 -40.65
N MET I 21 -29.75 22.18 -41.41
CA MET I 21 -30.31 20.85 -41.21
C MET I 21 -30.08 20.31 -39.80
N GLU I 22 -29.05 20.82 -39.11
CA GLU I 22 -28.79 20.45 -37.71
C GLU I 22 -30.08 20.52 -36.88
N ASN I 23 -30.92 21.51 -37.15
CA ASN I 23 -32.15 21.69 -36.40
C ASN I 23 -33.15 20.52 -36.57
N MET I 24 -33.01 19.75 -37.67
CA MET I 24 -33.76 18.52 -37.89
C MET I 24 -32.96 17.34 -37.31
N LYS I 25 -31.68 17.28 -37.65
CA LYS I 25 -30.79 16.22 -37.16
C LYS I 25 -30.95 15.96 -35.68
N VAL I 26 -31.02 17.04 -34.93
CA VAL I 26 -30.91 16.98 -33.50
C VAL I 26 -32.18 16.38 -32.86
N LEU I 27 -33.29 16.42 -33.57
CA LEU I 27 -34.55 15.77 -33.09
C LEU I 27 -34.45 14.24 -33.06
N TYR I 28 -33.50 13.73 -33.83
CA TYR I 28 -33.24 12.31 -33.95
C TYR I 28 -31.84 11.89 -33.45
N ASP I 29 -31.23 12.74 -32.61
CA ASP I 29 -29.98 12.39 -31.95
C ASP I 29 -30.25 11.39 -30.81
N ASP I 30 -29.22 11.04 -30.03
CA ASP I 30 -29.36 10.04 -28.94
C ASP I 30 -30.52 10.33 -27.99
N ASN I 31 -30.82 11.60 -27.77
CA ASN I 31 -31.78 11.99 -26.74
C ASN I 31 -33.23 12.03 -27.23
N HIS I 32 -34.14 11.75 -26.29
CA HIS I 32 -35.57 11.73 -26.57
C HIS I 32 -36.35 11.56 -25.27
N VAL I 33 -37.59 12.02 -25.27
CA VAL I 33 -38.45 11.82 -24.11
C VAL I 33 -38.90 10.35 -24.00
N SER I 34 -38.74 9.81 -22.79
CA SER I 34 -38.99 8.41 -22.54
C SER I 34 -39.45 8.24 -21.10
N ALA I 35 -40.65 7.74 -20.89
CA ALA I 35 -41.12 7.47 -19.54
C ALA I 35 -42.01 6.23 -19.51
N ILE I 36 -41.99 5.53 -18.37
CA ILE I 36 -42.70 4.26 -18.21
C ILE I 36 -43.72 4.31 -17.08
N ASN I 37 -44.96 3.93 -17.41
CA ASN I 37 -46.03 3.85 -16.41
C ASN I 37 -46.21 5.12 -15.59
N VAL I 38 -46.70 6.19 -16.24
CA VAL I 38 -46.92 7.49 -15.60
C VAL I 38 -48.26 8.10 -15.96
N LYS I 39 -48.75 8.96 -15.07
CA LYS I 39 -50.07 9.56 -15.15
C LYS I 39 -49.99 11.08 -15.26
N SER I 40 -50.73 11.67 -16.19
CA SER I 40 -50.75 13.12 -16.35
C SER I 40 -50.93 13.79 -14.99
N ILE I 41 -50.23 14.89 -14.75
CA ILE I 41 -50.39 15.62 -13.49
C ILE I 41 -50.82 17.08 -13.67
N ASP I 42 -51.02 17.51 -14.91
CA ASP I 42 -51.57 18.84 -15.15
C ASP I 42 -51.97 18.91 -16.61
N GLN I 43 -52.61 20.02 -16.95
CA GLN I 43 -53.05 20.28 -18.31
C GLN I 43 -53.00 21.78 -18.53
N PHE I 44 -52.52 22.20 -19.69
CA PHE I 44 -52.46 23.63 -19.99
C PHE I 44 -53.66 23.99 -20.86
N LEU I 45 -53.59 23.67 -22.15
CA LEU I 45 -54.74 23.78 -23.03
C LEU I 45 -55.50 22.46 -23.02
N TYR I 46 -56.70 22.49 -23.59
CA TYR I 46 -57.62 21.33 -23.52
C TYR I 46 -57.19 20.12 -24.37
N PHE I 47 -56.22 20.32 -25.26
CA PHE I 47 -55.73 19.26 -26.15
C PHE I 47 -54.31 18.80 -25.80
N ASP I 48 -53.81 19.25 -24.65
CA ASP I 48 -52.52 18.76 -24.16
C ASP I 48 -52.66 18.11 -22.79
N LEU I 49 -51.59 17.43 -22.37
CA LEU I 49 -51.47 16.90 -21.02
C LEU I 49 -50.04 17.16 -20.58
N ILE I 50 -49.84 17.35 -19.28
CA ILE I 50 -48.52 17.63 -18.77
C ILE I 50 -48.05 16.53 -17.84
N TYR I 51 -46.92 15.91 -18.19
CA TYR I 51 -46.39 14.84 -17.40
C TYR I 51 -45.19 15.30 -16.66
N SER I 52 -44.97 14.71 -15.50
CA SER I 52 -43.78 14.99 -14.69
C SER I 52 -42.66 13.98 -14.97
N ILE I 53 -41.69 14.39 -15.80
CA ILE I 53 -40.54 13.55 -16.21
C ILE I 53 -39.21 14.29 -16.13
N LYS I 54 -38.29 13.81 -15.28
CA LYS I 54 -36.96 14.43 -15.15
C LYS I 54 -36.07 13.96 -16.28
N ASP I 55 -35.43 14.92 -16.94
CA ASP I 55 -34.30 14.63 -17.79
C ASP I 55 -33.12 14.40 -16.87
N THR I 56 -32.86 13.13 -16.63
CA THR I 56 -31.83 12.71 -15.69
C THR I 56 -30.46 12.88 -16.35
N LYS I 57 -30.44 12.69 -17.67
CA LYS I 57 -29.20 12.75 -18.49
C LYS I 57 -28.56 14.14 -18.55
N LEU I 58 -29.29 15.11 -19.10
CA LEU I 58 -28.75 16.46 -19.30
C LEU I 58 -29.40 17.59 -18.48
N GLY I 59 -30.44 17.28 -17.71
CA GLY I 59 -31.08 18.25 -16.85
C GLY I 59 -31.94 19.23 -17.60
N ASN I 60 -32.26 18.92 -18.86
CA ASN I 60 -32.99 19.88 -19.72
C ASN I 60 -34.47 20.06 -19.47
N TYR I 61 -35.09 19.21 -18.63
CA TYR I 61 -36.53 19.32 -18.33
C TYR I 61 -37.01 18.54 -17.11
N ASP I 62 -37.95 19.12 -16.37
CA ASP I 62 -38.58 18.46 -15.24
C ASP I 62 -40.03 18.09 -15.59
N ASN I 63 -40.62 18.76 -16.57
CA ASN I 63 -41.97 18.47 -17.00
C ASN I 63 -42.05 18.45 -18.51
N VAL I 64 -43.06 17.77 -19.04
CA VAL I 64 -43.20 17.60 -20.47
C VAL I 64 -44.63 17.87 -20.90
N ARG I 65 -44.81 18.75 -21.86
CA ARG I 65 -46.11 18.98 -22.45
C ARG I 65 -46.26 18.04 -23.64
N VAL I 66 -47.27 17.18 -23.59
CA VAL I 66 -47.62 16.34 -24.70
C VAL I 66 -48.87 16.90 -25.31
N GLU I 67 -48.81 17.20 -26.60
CA GLU I 67 -49.88 17.92 -27.29
C GLU I 67 -50.54 17.01 -28.32
N PHE I 68 -51.87 17.11 -28.43
CA PHE I 68 -52.66 16.21 -29.27
C PHE I 68 -53.42 16.95 -30.34
N LYS I 69 -54.00 16.20 -31.29
CA LYS I 69 -54.73 16.77 -32.43
C LYS I 69 -56.08 17.34 -32.00
N ASN I 70 -56.63 16.83 -30.90
CA ASN I 70 -57.98 17.15 -30.48
C ASN I 70 -58.24 16.87 -29.00
N LYS I 71 -59.41 17.29 -28.50
CA LYS I 71 -59.76 17.13 -27.07
C LYS I 71 -59.95 15.66 -26.68
N ASP I 72 -60.49 14.86 -27.60
CA ASP I 72 -60.79 13.46 -27.32
C ASP I 72 -59.54 12.68 -26.89
N LEU I 73 -58.47 12.82 -27.65
CA LEU I 73 -57.19 12.20 -27.34
C LEU I 73 -56.70 12.66 -25.96
N ALA I 74 -56.80 13.94 -25.66
CA ALA I 74 -56.40 14.43 -24.33
C ALA I 74 -57.24 13.79 -23.26
N ASP I 75 -58.55 13.76 -23.47
CA ASP I 75 -59.48 13.14 -22.51
C ASP I 75 -59.18 11.65 -22.32
N LYS I 76 -58.97 10.96 -23.44
CA LYS I 76 -58.69 9.52 -23.46
C LYS I 76 -57.57 9.12 -22.53
N TYR I 77 -56.48 9.88 -22.55
CA TYR I 77 -55.26 9.49 -21.85
C TYR I 77 -55.04 10.24 -20.54
N LYS I 78 -55.75 11.33 -20.30
CA LYS I 78 -55.69 11.98 -18.98
C LYS I 78 -56.09 10.92 -17.96
N ASP I 79 -55.47 10.91 -16.78
CA ASP I 79 -55.81 9.91 -15.72
C ASP I 79 -55.43 8.45 -15.99
N LYS I 80 -55.14 8.10 -17.25
CA LYS I 80 -54.61 6.78 -17.59
C LYS I 80 -53.14 6.71 -17.18
N TYR I 81 -52.68 5.52 -16.82
CA TYR I 81 -51.26 5.24 -16.65
C TYR I 81 -50.72 4.79 -18.00
N VAL I 82 -49.71 5.51 -18.50
CA VAL I 82 -49.24 5.34 -19.86
C VAL I 82 -47.74 5.32 -19.96
N ASP I 83 -47.26 4.97 -21.14
CA ASP I 83 -45.85 5.06 -21.50
C ASP I 83 -45.69 6.19 -22.52
N VAL I 84 -44.70 7.05 -22.30
CA VAL I 84 -44.44 8.14 -23.23
C VAL I 84 -43.16 7.95 -23.98
N PHE I 85 -43.18 8.22 -25.28
CA PHE I 85 -41.97 8.20 -26.13
C PHE I 85 -42.06 9.24 -27.23
N GLY I 86 -41.19 10.26 -27.21
CA GLY I 86 -41.29 11.33 -28.21
C GLY I 86 -40.03 12.07 -28.65
N ALA I 87 -40.09 12.62 -29.86
CA ALA I 87 -39.10 13.57 -30.31
C ALA I 87 -39.54 14.96 -29.83
N ASN I 88 -38.75 15.58 -28.96
CA ASN I 88 -39.14 16.83 -28.29
C ASN I 88 -38.44 18.10 -28.74
N TYR I 89 -39.05 19.24 -28.50
CA TYR I 89 -38.49 20.52 -28.88
C TYR I 89 -38.49 21.49 -27.70
N TYR I 90 -37.70 22.55 -27.80
CA TYR I 90 -37.68 23.53 -26.72
C TYR I 90 -37.95 24.96 -27.15
N TYR I 91 -37.67 25.31 -28.40
CA TYR I 91 -37.61 26.71 -28.80
C TYR I 91 -38.97 27.40 -28.65
N GLN I 92 -39.94 27.12 -29.50
CA GLN I 92 -41.20 27.84 -29.30
C GLN I 92 -42.16 26.95 -28.49
N CYS I 93 -41.64 26.42 -27.38
CA CYS I 93 -42.40 25.53 -26.51
C CYS I 93 -42.84 26.31 -25.33
N TYR I 94 -44.14 26.57 -25.22
CA TYR I 94 -44.61 27.22 -24.03
C TYR I 94 -45.80 26.50 -23.41
N PHE I 95 -45.77 26.43 -22.08
CA PHE I 95 -46.96 26.13 -21.29
C PHE I 95 -46.83 26.69 -19.87
N SER I 96 -47.96 27.18 -19.35
CA SER I 96 -48.07 27.39 -17.91
C SER I 96 -48.47 26.09 -17.11
N LYS I 109 -40.20 25.96 -13.57
CA LYS I 109 -39.06 25.04 -13.67
C LYS I 109 -38.46 24.98 -15.13
N ARG I 110 -37.97 23.79 -15.51
CA ARG I 110 -37.34 23.53 -16.81
C ARG I 110 -38.27 22.63 -17.60
N LYS I 111 -38.55 23.04 -18.85
CA LYS I 111 -39.66 22.49 -19.64
C LYS I 111 -39.20 21.94 -20.98
N THR I 112 -40.04 21.09 -21.57
CA THR I 112 -39.90 20.65 -22.98
C THR I 112 -41.28 20.33 -23.50
N CYS I 113 -41.40 20.19 -24.82
CA CYS I 113 -42.69 19.95 -25.48
C CYS I 113 -42.59 18.86 -26.52
N MET I 114 -43.65 18.09 -26.69
CA MET I 114 -43.73 17.09 -27.76
C MET I 114 -45.18 16.89 -28.22
N TYR I 115 -45.36 16.06 -29.24
CA TYR I 115 -46.68 15.69 -29.67
C TYR I 115 -46.86 14.19 -29.63
N GLY I 116 -48.09 13.79 -29.33
CA GLY I 116 -48.49 12.38 -29.29
C GLY I 116 -47.60 11.50 -28.45
N GLY I 117 -47.17 10.38 -29.03
CA GLY I 117 -46.17 9.49 -28.39
C GLY I 117 -46.62 8.73 -27.15
N VAL I 118 -47.93 8.52 -26.99
CA VAL I 118 -48.50 7.93 -25.77
C VAL I 118 -49.30 6.67 -26.04
N THR I 119 -48.99 5.64 -25.24
CA THR I 119 -49.63 4.34 -25.27
C THR I 119 -50.01 3.92 -23.86
N GLU I 120 -51.13 3.22 -23.74
CA GLU I 120 -51.51 2.61 -22.46
C GLU I 120 -50.37 1.71 -21.97
N HIS I 121 -50.12 1.75 -20.66
CA HIS I 121 -49.10 0.87 -20.07
C HIS I 121 -49.63 -0.54 -19.89
N ASN I 122 -50.61 -0.70 -19.00
CA ASN I 122 -51.12 -2.03 -18.63
C ASN I 122 -51.62 -2.77 -19.88
N GLY I 123 -51.12 -3.98 -20.08
CA GLY I 123 -51.58 -4.84 -21.19
C GLY I 123 -50.88 -4.65 -22.53
N ASN I 124 -50.02 -3.64 -22.61
CA ASN I 124 -49.29 -3.32 -23.84
C ASN I 124 -47.86 -3.82 -23.81
N GLN I 125 -47.41 -4.32 -22.65
CA GLN I 125 -46.01 -4.75 -22.48
C GLN I 125 -45.80 -6.14 -23.07
N LEU I 126 -44.75 -6.31 -23.88
CA LEU I 126 -44.36 -7.62 -24.42
C LEU I 126 -43.30 -8.25 -23.53
N ASP I 127 -43.28 -9.60 -23.50
CA ASP I 127 -42.31 -10.36 -22.69
C ASP I 127 -40.91 -10.27 -23.29
N LYS I 128 -40.84 -10.41 -24.61
CA LYS I 128 -39.59 -10.20 -25.38
C LYS I 128 -39.75 -8.96 -26.26
N TYR I 129 -38.63 -8.31 -26.58
CA TYR I 129 -38.63 -7.27 -27.59
C TYR I 129 -38.89 -7.88 -28.95
N ARG I 130 -39.70 -7.21 -29.77
CA ARG I 130 -39.94 -7.60 -31.18
C ARG I 130 -39.03 -6.83 -32.12
N SER I 131 -38.62 -7.49 -33.20
CA SER I 131 -37.92 -6.84 -34.33
C SER I 131 -38.87 -6.38 -35.43
N ILE I 132 -38.63 -5.20 -35.97
CA ILE I 132 -39.34 -4.72 -37.15
C ILE I 132 -38.30 -4.39 -38.22
N THR I 133 -38.46 -4.96 -39.39
CA THR I 133 -37.48 -4.74 -40.45
C THR I 133 -37.74 -3.45 -41.18
N VAL I 134 -36.68 -2.69 -41.35
CA VAL I 134 -36.70 -1.47 -42.16
C VAL I 134 -35.93 -1.74 -43.43
N ARG I 135 -36.53 -1.44 -44.57
CA ARG I 135 -35.87 -1.58 -45.86
C ARG I 135 -35.62 -0.21 -46.48
N VAL I 136 -34.36 0.09 -46.72
CA VAL I 136 -33.95 1.40 -47.19
C VAL I 136 -33.57 1.36 -48.65
N PHE I 137 -34.38 2.05 -49.44
CA PHE I 137 -34.16 2.23 -50.86
C PHE I 137 -33.45 3.54 -51.13
N GLU I 138 -32.34 3.46 -51.84
CA GLU I 138 -31.63 4.65 -52.28
C GLU I 138 -31.74 4.74 -53.78
N ASP I 139 -32.43 5.77 -54.26
CA ASP I 139 -32.76 5.89 -55.66
C ASP I 139 -33.33 4.56 -56.16
N GLY I 140 -34.27 4.00 -55.41
CA GLY I 140 -35.00 2.81 -55.83
C GLY I 140 -34.31 1.48 -55.62
N LYS I 141 -33.09 1.48 -55.10
CA LYS I 141 -32.35 0.23 -54.87
C LYS I 141 -32.20 -0.12 -53.38
N ASN I 142 -32.83 -1.22 -52.95
CA ASN I 142 -32.79 -1.62 -51.53
C ASN I 142 -31.39 -2.09 -51.19
N LEU I 143 -30.50 -1.15 -50.93
CA LEU I 143 -29.09 -1.52 -50.71
C LEU I 143 -28.80 -1.79 -49.23
N LEU I 144 -29.70 -1.35 -48.35
CA LEU I 144 -29.52 -1.55 -46.93
C LEU I 144 -30.83 -1.96 -46.27
N SER I 145 -30.74 -2.88 -45.33
CA SER I 145 -31.87 -3.27 -44.52
C SER I 145 -31.38 -3.46 -43.09
N PHE I 146 -32.25 -3.19 -42.12
CA PHE I 146 -31.89 -3.36 -40.72
C PHE I 146 -33.15 -3.39 -39.85
N ASP I 147 -32.96 -3.71 -38.58
CA ASP I 147 -34.10 -3.90 -37.67
C ASP I 147 -34.10 -2.84 -36.58
N VAL I 148 -35.29 -2.34 -36.25
CA VAL I 148 -35.49 -1.58 -35.03
C VAL I 148 -36.27 -2.44 -34.08
N GLN I 149 -36.22 -2.10 -32.79
CA GLN I 149 -36.80 -2.95 -31.78
C GLN I 149 -37.75 -2.18 -30.83
N THR I 150 -38.82 -2.87 -30.41
CA THR I 150 -39.73 -2.31 -29.43
C THR I 150 -40.27 -3.43 -28.56
N ASN I 151 -40.68 -3.05 -27.34
CA ASN I 151 -41.26 -3.99 -26.38
C ASN I 151 -42.75 -3.67 -26.12
N LYS I 152 -43.33 -2.84 -26.98
CA LYS I 152 -44.74 -2.49 -26.88
C LYS I 152 -45.54 -3.24 -27.94
N LYS I 153 -46.71 -3.74 -27.55
CA LYS I 153 -47.59 -4.45 -28.48
C LYS I 153 -48.10 -3.49 -29.53
N LYS I 154 -48.71 -2.42 -29.04
CA LYS I 154 -49.14 -1.30 -29.85
C LYS I 154 -48.13 -0.17 -29.63
N VAL I 155 -47.39 0.17 -30.68
CA VAL I 155 -46.35 1.21 -30.62
C VAL I 155 -46.75 2.38 -31.52
N THR I 156 -46.40 3.61 -31.09
CA THR I 156 -46.65 4.80 -31.92
C THR I 156 -45.73 4.84 -33.15
N ALA I 157 -46.22 5.36 -34.25
CA ALA I 157 -45.40 5.50 -35.45
C ALA I 157 -44.19 6.36 -35.11
N GLN I 158 -44.44 7.38 -34.30
CA GLN I 158 -43.40 8.32 -33.88
C GLN I 158 -42.17 7.61 -33.34
N GLU I 159 -42.39 6.71 -32.39
CA GLU I 159 -41.27 5.94 -31.79
C GLU I 159 -40.52 5.13 -32.84
N LEU I 160 -41.26 4.49 -33.72
CA LEU I 160 -40.62 3.70 -34.73
C LEU I 160 -39.83 4.59 -35.69
N ASP I 161 -40.45 5.73 -36.05
CA ASP I 161 -39.85 6.73 -36.92
C ASP I 161 -38.54 7.21 -36.35
N TYR I 162 -38.58 7.60 -35.08
CA TYR I 162 -37.41 8.04 -34.34
C TYR I 162 -36.30 7.03 -34.38
N LEU I 163 -36.63 5.79 -34.03
CA LEU I 163 -35.63 4.72 -33.99
C LEU I 163 -35.03 4.51 -35.38
N THR I 164 -35.84 4.66 -36.41
CA THR I 164 -35.39 4.44 -37.78
C THR I 164 -34.45 5.56 -38.23
N ARG I 165 -34.81 6.81 -37.95
CA ARG I 165 -33.99 7.93 -38.38
C ARG I 165 -32.72 8.00 -37.56
N HIS I 166 -32.80 7.60 -36.29
CA HIS I 166 -31.60 7.59 -35.45
C HIS I 166 -30.50 6.73 -36.05
N TYR I 167 -30.87 5.54 -36.48
CA TYR I 167 -29.94 4.63 -37.12
C TYR I 167 -29.39 5.24 -38.40
N LEU I 168 -30.29 5.77 -39.21
CA LEU I 168 -29.92 6.31 -40.51
C LEU I 168 -29.04 7.55 -40.40
N VAL I 169 -29.21 8.31 -39.34
CA VAL I 169 -28.31 9.42 -39.07
C VAL I 169 -26.91 8.88 -38.78
N LYS I 170 -26.77 8.04 -37.77
CA LYS I 170 -25.45 7.47 -37.44
C LYS I 170 -24.79 6.85 -38.69
N ASN I 171 -25.54 6.06 -39.43
CA ASN I 171 -24.94 5.14 -40.41
C ASN I 171 -24.95 5.58 -41.87
N LYS I 172 -25.78 6.56 -42.23
CA LYS I 172 -25.84 7.09 -43.61
C LYS I 172 -25.86 8.62 -43.68
N LYS I 173 -25.55 9.25 -42.56
CA LYS I 173 -25.48 10.71 -42.52
C LYS I 173 -26.74 11.32 -43.15
N LEU I 174 -27.89 10.78 -42.77
CA LEU I 174 -29.19 11.21 -43.27
C LEU I 174 -29.34 12.71 -43.14
N TYR I 175 -28.99 13.21 -41.97
CA TYR I 175 -28.95 14.63 -41.70
C TYR I 175 -27.58 15.03 -41.21
N GLU I 176 -27.05 16.12 -41.73
CA GLU I 176 -25.83 16.71 -41.18
C GLU I 176 -26.12 18.13 -40.71
N PHE I 177 -25.07 18.83 -40.29
CA PHE I 177 -25.23 20.17 -39.75
C PHE I 177 -25.82 21.15 -40.77
N ASN I 178 -25.23 21.20 -41.96
CA ASN I 178 -25.61 22.18 -42.98
C ASN I 178 -26.77 21.70 -43.82
N ASN I 179 -26.60 20.54 -44.46
CA ASN I 179 -27.69 19.96 -45.26
C ASN I 179 -27.70 18.44 -45.15
N SER I 180 -28.14 17.76 -46.21
CA SER I 180 -28.21 16.31 -46.26
C SER I 180 -27.72 15.83 -47.61
N PRO I 181 -27.10 14.66 -47.66
CA PRO I 181 -26.74 14.10 -48.95
C PRO I 181 -27.95 13.70 -49.80
N TYR I 182 -29.08 13.49 -49.15
CA TYR I 182 -30.28 13.05 -49.84
C TYR I 182 -31.18 14.22 -50.15
N GLU I 183 -31.72 14.25 -51.35
CA GLU I 183 -32.55 15.36 -51.81
C GLU I 183 -33.93 15.23 -51.21
N THR I 184 -34.50 14.05 -51.34
CA THR I 184 -35.83 13.76 -50.83
C THR I 184 -35.79 12.50 -50.02
N GLY I 185 -36.76 12.37 -49.11
CA GLY I 185 -36.88 11.17 -48.30
C GLY I 185 -38.26 11.07 -47.69
N TYR I 186 -38.82 9.87 -47.71
CA TYR I 186 -40.05 9.57 -46.95
C TYR I 186 -40.00 8.18 -46.32
N ILE I 187 -40.69 8.05 -45.19
CA ILE I 187 -40.77 6.81 -44.43
C ILE I 187 -42.19 6.27 -44.48
N LYS I 188 -42.32 5.03 -44.94
CA LYS I 188 -43.62 4.39 -45.16
C LYS I 188 -43.84 3.29 -44.15
N PHE I 189 -45.03 3.28 -43.57
CA PHE I 189 -45.43 2.27 -42.59
C PHE I 189 -46.49 1.38 -43.19
N ILE I 190 -46.17 0.12 -43.45
CA ILE I 190 -47.18 -0.80 -43.98
C ILE I 190 -47.70 -1.76 -42.92
N GLU I 191 -48.99 -1.79 -42.76
CA GLU I 191 -49.59 -2.66 -41.77
C GLU I 191 -50.68 -3.48 -42.45
N ASN I 192 -50.30 -4.64 -42.98
CA ASN I 192 -51.25 -5.47 -43.69
C ASN I 192 -51.49 -4.79 -45.03
N GLU I 193 -52.72 -4.32 -45.22
CA GLU I 193 -53.08 -3.71 -46.50
C GLU I 193 -53.00 -2.20 -46.35
N ASN I 194 -53.47 -1.70 -45.22
CA ASN I 194 -53.40 -0.27 -44.95
C ASN I 194 -51.95 0.22 -44.79
N SER I 195 -51.72 1.47 -45.17
CA SER I 195 -50.39 2.07 -45.10
C SER I 195 -50.41 3.61 -45.10
N PHE I 196 -49.37 4.21 -44.54
CA PHE I 196 -49.21 5.66 -44.53
C PHE I 196 -47.74 6.05 -44.50
N TRP I 197 -47.46 7.33 -44.72
CA TRP I 197 -46.09 7.82 -44.78
C TRP I 197 -45.89 9.24 -44.26
N TYR I 198 -44.66 9.55 -43.86
CA TYR I 198 -44.23 10.88 -43.45
C TYR I 198 -43.05 11.39 -44.27
N ASP I 199 -43.02 12.69 -44.55
CA ASP I 199 -41.93 13.35 -45.27
C ASP I 199 -40.78 13.55 -44.32
N MET I 200 -39.60 13.06 -44.67
CA MET I 200 -38.48 13.13 -43.74
C MET I 200 -37.72 14.44 -43.85
N MET I 201 -37.97 15.22 -44.90
CA MET I 201 -37.24 16.45 -45.14
C MET I 201 -38.00 17.67 -44.64
N PRO I 202 -37.29 18.75 -44.33
CA PRO I 202 -37.93 19.97 -43.85
C PRO I 202 -38.63 20.79 -44.94
N ALA I 203 -39.65 21.52 -44.55
CA ALA I 203 -40.33 22.42 -45.48
C ALA I 203 -39.31 23.38 -46.08
N PRO I 204 -39.55 23.81 -47.33
CA PRO I 204 -38.62 24.72 -47.98
C PRO I 204 -38.72 26.09 -47.34
N GLY I 205 -37.61 26.82 -47.36
CA GLY I 205 -37.52 28.19 -46.82
C GLY I 205 -36.22 28.47 -46.10
N ASP I 206 -36.19 29.60 -45.39
CA ASP I 206 -34.97 30.11 -44.74
C ASP I 206 -34.63 29.41 -43.40
N LYS I 207 -35.64 29.11 -42.60
CA LYS I 207 -35.45 28.49 -41.28
C LYS I 207 -36.37 27.26 -41.13
N PHE I 208 -36.00 26.34 -40.25
CA PHE I 208 -36.78 25.13 -39.97
C PHE I 208 -37.62 25.34 -38.72
N ASP I 209 -38.88 24.95 -38.76
CA ASP I 209 -39.79 25.14 -37.63
C ASP I 209 -40.06 23.78 -36.93
N GLN I 210 -39.29 23.52 -35.87
CA GLN I 210 -39.35 22.23 -35.18
C GLN I 210 -40.76 21.95 -34.66
N SER I 211 -41.36 22.92 -33.99
CA SER I 211 -42.71 22.77 -33.51
C SER I 211 -43.67 22.36 -34.62
N LYS I 212 -43.63 23.06 -35.74
CA LYS I 212 -44.56 22.75 -36.80
C LYS I 212 -44.28 21.35 -37.36
N TYR I 213 -43.01 21.02 -37.59
CA TYR I 213 -42.70 19.74 -38.19
C TYR I 213 -43.20 18.58 -37.32
N LEU I 214 -42.80 18.61 -36.07
CA LEU I 214 -43.19 17.58 -35.12
C LEU I 214 -44.69 17.49 -34.86
N MET I 215 -45.44 18.54 -35.16
CA MET I 215 -46.88 18.53 -34.92
C MET I 215 -47.57 17.38 -35.67
N MET I 216 -46.94 16.87 -36.73
CA MET I 216 -47.51 15.75 -37.50
C MET I 216 -47.74 14.50 -36.66
N TYR I 217 -46.96 14.34 -35.59
CA TYR I 217 -47.15 13.23 -34.65
C TYR I 217 -48.32 13.41 -33.65
N ASN I 218 -49.12 14.47 -33.77
CA ASN I 218 -50.14 14.73 -32.76
C ASN I 218 -51.41 13.89 -32.90
N ASP I 219 -51.49 13.12 -33.97
CA ASP I 219 -52.59 12.20 -34.16
C ASP I 219 -52.42 10.97 -33.29
N ASN I 220 -51.27 10.86 -32.63
CA ASN I 220 -50.94 9.70 -31.76
C ASN I 220 -51.09 8.38 -32.50
N LYS I 221 -50.87 8.37 -33.82
CA LYS I 221 -51.08 7.15 -34.58
C LYS I 221 -50.24 6.00 -34.04
N MET I 222 -50.89 4.85 -33.90
CA MET I 222 -50.28 3.65 -33.39
C MET I 222 -50.32 2.58 -34.46
N VAL I 223 -49.40 1.62 -34.35
CA VAL I 223 -49.38 0.45 -35.21
C VAL I 223 -49.13 -0.77 -34.34
N ASP I 224 -49.32 -1.93 -34.94
CA ASP I 224 -49.13 -3.20 -34.25
C ASP I 224 -47.70 -3.67 -34.54
N SER I 225 -46.92 -3.84 -33.49
CA SER I 225 -45.51 -4.20 -33.64
C SER I 225 -45.33 -5.55 -34.34
N LYS I 226 -46.26 -6.47 -34.12
CA LYS I 226 -46.18 -7.80 -34.73
C LYS I 226 -46.24 -7.73 -36.24
N ASP I 227 -47.18 -6.99 -36.81
CA ASP I 227 -47.38 -7.12 -38.26
C ASP I 227 -47.18 -5.83 -39.07
N VAL I 228 -46.38 -4.90 -38.56
CA VAL I 228 -45.99 -3.70 -39.33
C VAL I 228 -44.63 -3.87 -39.99
N LYS I 229 -44.48 -3.37 -41.21
CA LYS I 229 -43.17 -3.31 -41.86
C LYS I 229 -42.88 -1.85 -42.21
N ILE I 230 -41.60 -1.51 -42.34
CA ILE I 230 -41.18 -0.15 -42.62
C ILE I 230 -40.35 -0.08 -43.89
N GLU I 231 -40.69 0.84 -44.76
CA GLU I 231 -39.92 1.10 -45.96
C GLU I 231 -39.48 2.54 -45.92
N VAL I 232 -38.24 2.80 -46.33
CA VAL I 232 -37.72 4.17 -46.40
C VAL I 232 -37.14 4.44 -47.76
N TYR I 233 -37.70 5.43 -48.45
CA TYR I 233 -37.27 5.79 -49.78
C TYR I 233 -36.49 7.07 -49.76
N LEU I 234 -35.23 7.00 -50.16
CA LEU I 234 -34.34 8.16 -50.27
C LEU I 234 -33.92 8.34 -51.71
N THR I 235 -33.75 9.60 -52.11
CA THR I 235 -33.18 9.92 -53.43
C THR I 235 -31.98 10.85 -53.23
N THR I 236 -30.98 10.70 -54.08
CA THR I 236 -29.78 11.55 -54.07
C THR I 236 -29.99 12.75 -54.99
N LYS I 237 -29.04 13.68 -55.02
CA LYS I 237 -29.23 15.02 -55.70
C LYS I 237 -28.92 15.03 -57.23
N LYS I 238 -29.53 15.83 -58.09
CA LYS I 238 -28.96 15.86 -59.45
C LYS I 238 -27.87 16.98 -59.53
N LYS I 239 -26.60 16.63 -59.84
CA LYS I 239 -25.48 17.62 -59.88
C LYS I 239 -25.14 18.21 -61.28
N ARG J 3 -29.67 35.24 -5.79
CA ARG J 3 -28.49 35.62 -4.98
C ARG J 3 -27.12 35.24 -5.60
N LEU J 4 -26.92 35.64 -6.85
CA LEU J 4 -25.64 35.47 -7.58
C LEU J 4 -25.83 35.98 -9.01
N GLU J 5 -25.00 36.92 -9.44
CA GLU J 5 -25.24 37.64 -10.70
C GLU J 5 -24.89 36.78 -11.93
N ALA J 6 -25.66 36.95 -13.00
CA ALA J 6 -25.52 36.13 -14.19
C ALA J 6 -24.21 36.38 -14.90
N ALA J 7 -23.60 35.33 -15.42
CA ALA J 7 -22.34 35.45 -16.12
C ALA J 7 -22.17 34.36 -17.21
N VAL J 8 -21.11 34.50 -18.00
CA VAL J 8 -20.79 33.58 -19.08
C VAL J 8 -19.31 33.27 -19.00
N THR J 9 -18.95 32.01 -19.05
CA THR J 9 -17.55 31.61 -19.04
C THR J 9 -17.21 30.91 -20.35
N GLN J 10 -16.29 31.50 -21.11
CA GLN J 10 -15.73 30.85 -22.30
C GLN J 10 -14.56 30.01 -21.90
N SER J 11 -14.28 28.99 -22.72
CA SER J 11 -13.08 28.21 -22.53
C SER J 11 -12.63 27.64 -23.86
N PRO J 12 -11.32 27.67 -24.14
CA PRO J 12 -10.28 28.30 -23.32
C PRO J 12 -10.20 29.77 -23.61
N ARG J 13 -9.30 30.48 -22.92
CA ARG J 13 -9.11 31.92 -23.13
C ARG J 13 -8.14 32.18 -24.26
N ASN J 14 -7.26 31.21 -24.50
CA ASN J 14 -6.18 31.37 -25.44
C ASN J 14 -5.88 29.98 -26.00
N LYS J 15 -5.77 29.87 -27.31
CA LYS J 15 -5.54 28.59 -27.97
C LYS J 15 -4.74 28.79 -29.25
N VAL J 16 -3.83 27.85 -29.50
CA VAL J 16 -3.07 27.79 -30.74
C VAL J 16 -3.30 26.42 -31.36
N ALA J 17 -3.53 26.37 -32.67
CA ALA J 17 -3.76 25.08 -33.33
C ALA J 17 -3.19 25.08 -34.72
N VAL J 18 -3.08 23.87 -35.27
CA VAL J 18 -2.54 23.70 -36.62
C VAL J 18 -3.65 23.69 -37.63
N THR J 19 -3.35 24.14 -38.82
CA THR J 19 -4.30 23.99 -39.91
C THR J 19 -4.70 22.52 -40.02
N GLY J 20 -6.01 22.28 -40.15
CA GLY J 20 -6.56 20.92 -40.28
C GLY J 20 -7.03 20.28 -38.97
N GLU J 21 -6.68 20.94 -37.87
CA GLU J 21 -7.02 20.47 -36.53
C GLU J 21 -8.48 20.83 -36.23
N LYS J 22 -9.17 19.95 -35.51
CA LYS J 22 -10.53 20.21 -35.06
C LYS J 22 -10.45 21.00 -33.77
N VAL J 23 -11.15 22.13 -33.72
CA VAL J 23 -11.10 23.02 -32.57
C VAL J 23 -12.51 23.24 -32.09
N THR J 24 -12.69 23.27 -30.78
CA THR J 24 -14.00 23.44 -30.16
C THR J 24 -13.94 24.53 -29.08
N LEU J 25 -14.72 25.60 -29.23
CA LEU J 25 -14.79 26.61 -28.17
C LEU J 25 -16.05 26.39 -27.35
N SER J 26 -15.95 26.56 -26.04
CA SER J 26 -17.06 26.32 -25.14
C SER J 26 -17.59 27.63 -24.56
N CYS J 27 -18.87 27.62 -24.23
CA CYS J 27 -19.47 28.75 -23.57
C CYS J 27 -20.55 28.33 -22.60
N LYS J 28 -20.37 28.66 -21.33
CA LYS J 28 -21.20 28.10 -20.28
C LYS J 28 -21.84 29.22 -19.46
N GLN J 29 -23.16 29.20 -19.34
CA GLN J 29 -23.85 30.15 -18.49
C GLN J 29 -23.65 29.77 -17.03
N THR J 30 -23.44 30.76 -16.17
CA THR J 30 -23.41 30.52 -14.73
C THR J 30 -24.45 31.43 -14.08
N ASN J 31 -25.20 30.89 -13.12
CA ASN J 31 -26.25 31.64 -12.43
C ASN J 31 -27.28 32.26 -13.34
N SER J 32 -27.62 31.57 -14.42
CA SER J 32 -28.72 31.98 -15.28
C SER J 32 -29.26 30.80 -16.07
N TYR J 33 -30.43 30.99 -16.66
CA TYR J 33 -31.05 29.96 -17.50
C TYR J 33 -31.74 30.63 -18.68
N PHE J 34 -30.93 31.31 -19.50
CA PHE J 34 -31.39 32.11 -20.62
C PHE J 34 -31.53 31.30 -21.90
N ASN J 35 -32.54 31.68 -22.68
CA ASN J 35 -32.85 31.04 -23.95
C ASN J 35 -31.92 31.41 -25.09
N ASN J 36 -31.45 32.64 -25.11
CA ASN J 36 -30.62 33.07 -26.23
C ASN J 36 -29.15 33.01 -25.90
N MET J 37 -28.35 32.47 -26.79
CA MET J 37 -26.89 32.59 -26.71
C MET J 37 -26.32 32.85 -28.10
N TYR J 38 -25.11 33.36 -28.11
CA TYR J 38 -24.53 33.97 -29.31
C TYR J 38 -23.06 33.67 -29.44
N TRP J 39 -22.59 33.43 -30.65
CA TRP J 39 -21.15 33.36 -30.87
C TRP J 39 -20.76 34.39 -31.88
N TYR J 40 -19.89 35.32 -31.48
CA TYR J 40 -19.32 36.26 -32.43
C TYR J 40 -17.83 36.03 -32.57
N ARG J 41 -17.26 36.51 -33.69
CA ARG J 41 -15.83 36.78 -33.73
C ARG J 41 -15.54 38.23 -34.07
N GLN J 42 -14.51 38.78 -33.43
CA GLN J 42 -14.09 40.18 -33.64
C GLN J 42 -12.90 40.21 -34.56
N ASP J 43 -13.03 40.98 -35.62
CA ASP J 43 -11.90 41.27 -36.49
C ASP J 43 -11.13 42.49 -35.96
N THR J 44 -9.84 42.28 -35.71
CA THR J 44 -8.83 43.35 -35.69
C THR J 44 -9.29 44.68 -35.07
N GLY J 45 -9.64 44.64 -33.80
CA GLY J 45 -10.03 45.85 -33.07
C GLY J 45 -11.29 46.54 -33.55
N HIS J 46 -12.14 45.81 -34.26
CA HIS J 46 -13.32 46.41 -34.88
C HIS J 46 -14.61 45.70 -34.49
N GLU J 47 -15.63 45.79 -35.31
CA GLU J 47 -16.95 45.21 -35.02
C GLU J 47 -16.96 43.70 -34.77
N LEU J 48 -17.80 43.29 -33.80
CA LEU J 48 -18.19 41.90 -33.61
C LEU J 48 -19.04 41.46 -34.77
N ARG J 49 -18.74 40.28 -35.33
CA ARG J 49 -19.56 39.65 -36.36
C ARG J 49 -20.13 38.32 -35.89
N LEU J 50 -21.46 38.17 -36.01
CA LEU J 50 -22.17 36.98 -35.53
C LEU J 50 -21.99 35.78 -36.46
N ILE J 51 -21.46 34.69 -35.90
CA ILE J 51 -21.32 33.43 -36.63
C ILE J 51 -22.62 32.64 -36.51
N PHE J 52 -23.01 32.38 -35.28
CA PHE J 52 -24.24 31.66 -34.98
C PHE J 52 -24.90 32.24 -33.76
N MET J 53 -26.18 31.98 -33.68
CA MET J 53 -27.01 32.29 -32.53
C MET J 53 -27.77 31.03 -32.16
N SER J 54 -28.39 31.04 -30.98
CA SER J 54 -29.32 29.95 -30.59
C SER J 54 -30.46 30.57 -29.79
N HIS J 55 -31.68 30.25 -30.18
CA HIS J 55 -32.87 30.74 -29.48
C HIS J 55 -33.26 29.82 -28.34
N GLY J 56 -32.49 28.74 -28.13
CA GLY J 56 -32.78 27.81 -27.07
C GLY J 56 -32.16 26.48 -27.38
N ILE J 57 -32.48 25.47 -26.55
CA ILE J 57 -31.94 24.13 -26.72
C ILE J 57 -32.44 23.57 -28.05
N ARG J 58 -31.54 22.88 -28.73
CA ARG J 58 -31.79 22.28 -30.01
C ARG J 58 -32.14 23.29 -31.08
N ASN J 59 -31.57 24.48 -30.94
CA ASN J 59 -31.70 25.49 -31.96
C ASN J 59 -30.36 26.18 -32.23
N VAL J 60 -30.03 26.25 -33.52
CA VAL J 60 -28.90 26.99 -34.01
C VAL J 60 -29.42 27.81 -35.19
N GLU J 61 -29.02 29.07 -35.25
CA GLU J 61 -29.46 30.00 -36.31
C GLU J 61 -28.25 30.69 -36.95
N LYS J 62 -28.23 30.66 -38.28
CA LYS J 62 -27.14 31.27 -39.04
C LYS J 62 -27.03 32.70 -38.66
N GLY J 63 -25.81 33.19 -38.60
CA GLY J 63 -25.55 34.62 -38.42
C GLY J 63 -25.02 35.19 -39.72
N ASP J 64 -24.22 36.22 -39.62
CA ASP J 64 -23.69 36.87 -40.82
C ASP J 64 -22.54 36.09 -41.47
N ILE J 65 -21.83 35.29 -40.69
CA ILE J 65 -20.51 34.79 -41.07
C ILE J 65 -20.32 33.31 -40.66
N PRO J 66 -21.32 32.45 -40.94
CA PRO J 66 -21.33 31.06 -40.48
C PRO J 66 -20.47 30.06 -41.23
N ASP J 67 -20.01 30.40 -42.43
CA ASP J 67 -19.26 29.43 -43.26
C ASP J 67 -17.97 28.93 -42.59
N GLY J 68 -17.80 27.61 -42.65
CA GLY J 68 -16.66 26.93 -42.06
C GLY J 68 -16.79 26.74 -40.56
N TYR J 69 -17.96 27.06 -40.01
CA TYR J 69 -18.20 26.83 -38.60
C TYR J 69 -19.40 25.95 -38.44
N LYS J 70 -19.45 25.31 -37.28
CA LYS J 70 -20.65 24.63 -36.81
C LYS J 70 -20.84 25.08 -35.37
N ALA J 71 -21.93 24.65 -34.78
CA ALA J 71 -22.21 25.00 -33.40
C ALA J 71 -23.20 23.99 -32.87
N SER J 72 -23.50 24.12 -31.58
CA SER J 72 -24.24 23.10 -30.88
C SER J 72 -24.78 23.59 -29.58
N ARG J 73 -26.07 23.38 -29.36
CA ARG J 73 -26.70 23.71 -28.09
C ARG J 73 -27.46 22.51 -27.55
N PRO J 74 -26.78 21.65 -26.80
CA PRO J 74 -27.40 20.46 -26.27
C PRO J 74 -28.10 20.69 -24.94
N SER J 75 -27.94 21.87 -24.35
CA SER J 75 -28.55 22.22 -23.06
C SER J 75 -28.57 23.74 -22.91
N GLN J 76 -29.29 24.27 -21.93
CA GLN J 76 -29.38 25.73 -21.85
C GLN J 76 -28.03 26.36 -21.59
N GLU J 77 -27.27 25.80 -20.66
CA GLU J 77 -26.10 26.51 -20.20
C GLU J 77 -24.98 26.52 -21.24
N ASN J 78 -25.03 25.61 -22.20
CA ASN J 78 -23.85 25.35 -23.03
C ASN J 78 -24.07 25.56 -24.50
N PHE J 79 -23.30 26.45 -25.09
CA PHE J 79 -23.36 26.74 -26.53
C PHE J 79 -21.96 26.71 -27.14
N SER J 80 -21.63 25.68 -27.90
CA SER J 80 -20.25 25.48 -28.31
C SER J 80 -20.09 25.79 -29.78
N LEU J 81 -18.91 26.27 -30.12
CA LEU J 81 -18.58 26.64 -31.50
C LEU J 81 -17.54 25.65 -32.00
N ILE J 82 -17.85 25.00 -33.11
CA ILE J 82 -17.00 23.91 -33.65
C ILE J 82 -16.30 24.30 -34.94
N LEU J 83 -14.97 24.26 -34.95
CA LEU J 83 -14.19 24.38 -36.19
C LEU J 83 -13.75 22.99 -36.63
N GLU J 84 -14.38 22.45 -37.66
CA GLU J 84 -14.20 21.04 -38.01
C GLU J 84 -12.78 20.81 -38.60
N LEU J 85 -12.38 21.62 -39.57
CA LEU J 85 -11.01 21.59 -40.10
C LEU J 85 -10.44 22.98 -40.14
N ALA J 86 -9.83 23.40 -39.03
CA ALA J 86 -9.37 24.79 -38.83
C ALA J 86 -8.54 25.36 -39.98
N THR J 87 -8.77 26.64 -40.23
CA THR J 87 -8.02 27.39 -41.26
C THR J 87 -7.34 28.58 -40.67
N PRO J 88 -6.12 28.89 -41.13
CA PRO J 88 -5.42 30.09 -40.67
C PRO J 88 -6.31 31.32 -40.64
N SER J 89 -7.14 31.44 -41.67
CA SER J 89 -8.08 32.55 -41.82
C SER J 89 -9.07 32.69 -40.68
N GLN J 90 -9.24 31.63 -39.90
CA GLN J 90 -10.11 31.66 -38.72
C GLN J 90 -9.32 32.10 -37.50
N THR J 91 -8.09 32.60 -37.70
CA THR J 91 -7.35 33.21 -36.60
C THR J 91 -8.11 34.45 -36.15
N SER J 92 -8.46 34.51 -34.88
CA SER J 92 -9.21 35.67 -34.43
C SER J 92 -9.45 35.63 -32.91
N VAL J 93 -10.10 36.67 -32.42
CA VAL J 93 -10.64 36.64 -31.09
C VAL J 93 -12.12 36.40 -31.19
N TYR J 94 -12.59 35.45 -30.39
CA TYR J 94 -13.97 35.02 -30.42
C TYR J 94 -14.65 35.36 -29.13
N PHE J 95 -15.91 35.78 -29.22
CA PHE J 95 -16.68 36.21 -28.06
C PHE J 95 -18.00 35.51 -27.98
N CYS J 96 -18.26 34.96 -26.81
CA CYS J 96 -19.54 34.35 -26.48
C CYS J 96 -20.42 35.35 -25.72
N ALA J 97 -21.73 35.23 -25.86
CA ALA J 97 -22.65 36.05 -25.07
C ALA J 97 -23.95 35.32 -24.84
N SER J 98 -24.53 35.51 -23.66
CA SER J 98 -25.87 35.02 -23.34
C SER J 98 -26.77 36.21 -23.24
N GLY J 99 -28.07 35.99 -23.36
CA GLY J 99 -29.01 37.10 -23.41
C GLY J 99 -30.36 36.80 -22.82
N GLY J 102 -33.75 41.41 -22.22
CA GLY J 102 -33.35 42.78 -21.91
C GLY J 102 -31.86 43.02 -21.98
N THR J 103 -31.08 42.20 -21.25
CA THR J 103 -29.62 42.39 -21.22
C THR J 103 -28.89 41.34 -22.05
N LEU J 104 -27.59 41.57 -22.19
CA LEU J 104 -26.64 40.63 -22.75
C LEU J 104 -25.52 40.46 -21.72
N TYR J 105 -24.91 39.28 -21.71
CA TYR J 105 -23.73 39.03 -20.87
C TYR J 105 -22.62 38.42 -21.72
N PHE J 106 -21.46 39.07 -21.74
CA PHE J 106 -20.40 38.65 -22.66
C PHE J 106 -19.25 37.97 -21.95
N GLY J 107 -18.67 37.00 -22.63
CA GLY J 107 -17.50 36.31 -22.12
C GLY J 107 -16.23 37.13 -22.34
N ALA J 108 -15.14 36.67 -21.70
CA ALA J 108 -13.87 37.39 -21.67
C ALA J 108 -13.07 37.27 -22.96
N GLY J 109 -13.54 36.42 -23.87
CA GLY J 109 -12.92 36.30 -25.18
C GLY J 109 -12.03 35.10 -25.24
N THR J 110 -11.92 34.49 -26.42
CA THR J 110 -10.95 33.46 -26.69
C THR J 110 -10.10 33.90 -27.85
N ARG J 111 -8.79 33.99 -27.66
CA ARG J 111 -7.84 34.29 -28.75
C ARG J 111 -7.40 33.00 -29.44
N LEU J 112 -7.73 32.86 -30.70
CA LEU J 112 -7.40 31.64 -31.40
C LEU J 112 -6.46 31.93 -32.55
N SER J 113 -5.29 31.29 -32.48
CA SER J 113 -4.28 31.36 -33.50
C SER J 113 -4.24 30.02 -34.25
N VAL J 114 -4.48 30.08 -35.56
CA VAL J 114 -4.36 28.88 -36.38
C VAL J 114 -3.21 29.02 -37.36
N LEU J 115 -2.17 28.21 -37.13
CA LEU J 115 -0.91 28.30 -37.88
C LEU J 115 -0.93 27.42 -39.12
N TYR J 116 0.15 27.50 -39.91
CA TYR J 116 0.31 26.67 -41.13
C TYR J 116 1.06 25.33 -40.93
N SER K 2 17.68 -34.78 46.09
CA SER K 2 18.11 -33.43 46.56
C SER K 2 19.62 -33.46 46.87
N GLN K 3 20.30 -32.31 46.68
CA GLN K 3 21.77 -32.20 46.81
C GLN K 3 22.17 -31.36 48.05
N PRO K 4 23.13 -31.84 48.83
CA PRO K 4 23.51 -31.07 50.02
C PRO K 4 24.10 -29.73 49.66
N ASP K 5 23.73 -28.71 50.43
CA ASP K 5 24.30 -27.38 50.27
C ASP K 5 25.80 -27.40 50.56
N PRO K 6 26.55 -26.50 49.91
CA PRO K 6 28.01 -26.58 49.94
C PRO K 6 28.60 -26.43 51.32
N LYS K 7 29.48 -27.35 51.67
CA LYS K 7 30.24 -27.28 52.92
C LYS K 7 31.26 -26.15 52.83
N PRO K 8 31.82 -25.71 53.98
CA PRO K 8 32.59 -24.44 53.99
C PRO K 8 33.64 -24.35 52.87
N ASP K 9 34.66 -25.21 52.90
CA ASP K 9 35.77 -25.10 51.96
C ASP K 9 35.55 -25.86 50.65
N GLU K 10 34.30 -26.20 50.36
CA GLU K 10 33.96 -26.94 49.15
C GLU K 10 34.04 -26.01 47.96
N LEU K 11 33.70 -24.74 48.19
CA LEU K 11 33.50 -23.77 47.10
C LEU K 11 34.82 -23.24 46.59
N HIS K 12 34.89 -23.04 45.26
CA HIS K 12 36.10 -22.52 44.63
C HIS K 12 36.31 -21.09 45.09
N LYS K 13 37.55 -20.77 45.48
CA LYS K 13 37.90 -19.38 45.88
C LYS K 13 38.57 -18.63 44.74
N SER K 14 38.02 -17.46 44.38
CA SER K 14 38.49 -16.76 43.17
C SER K 14 39.92 -16.20 43.36
N SER K 15 40.27 -15.93 44.61
CA SER K 15 41.63 -15.50 44.96
C SER K 15 42.64 -16.59 44.67
N LYS K 16 42.19 -17.84 44.58
CA LYS K 16 43.07 -18.98 44.34
C LYS K 16 43.12 -19.32 42.86
N PHE K 17 42.52 -18.47 42.04
CA PHE K 17 42.63 -18.57 40.59
C PHE K 17 43.43 -17.40 40.10
N THR K 18 44.56 -17.71 39.44
CA THR K 18 45.53 -16.68 39.03
C THR K 18 45.60 -16.51 37.53
N GLY K 19 44.66 -17.09 36.80
CA GLY K 19 44.51 -16.80 35.37
C GLY K 19 43.65 -15.57 35.11
N LEU K 20 43.16 -15.45 33.87
CA LEU K 20 42.27 -14.36 33.51
C LEU K 20 40.80 -14.79 33.60
N MET K 21 40.09 -14.18 34.53
CA MET K 21 38.65 -14.37 34.67
C MET K 21 37.89 -14.04 33.39
N GLU K 22 38.45 -13.20 32.51
CA GLU K 22 37.80 -12.96 31.20
C GLU K 22 37.41 -14.28 30.51
N ASN K 23 38.21 -15.31 30.67
CA ASN K 23 37.89 -16.58 30.04
C ASN K 23 36.61 -17.25 30.59
N MET K 24 36.21 -16.85 31.81
CA MET K 24 34.91 -17.25 32.37
C MET K 24 33.82 -16.24 31.98
N LYS K 25 34.12 -14.95 32.19
CA LYS K 25 33.21 -13.85 31.82
C LYS K 25 32.56 -14.03 30.46
N VAL K 26 33.38 -14.40 29.51
CA VAL K 26 33.01 -14.38 28.12
C VAL K 26 31.98 -15.47 27.81
N LEU K 27 31.95 -16.53 28.62
CA LEU K 27 30.96 -17.63 28.42
C LEU K 27 29.55 -17.12 28.71
N TYR K 28 29.48 -16.04 29.46
CA TYR K 28 28.23 -15.45 29.85
C TYR K 28 28.04 -14.04 29.28
N ASP K 29 28.76 -13.71 28.21
CA ASP K 29 28.54 -12.43 27.49
C ASP K 29 27.25 -12.50 26.66
N ASP K 30 26.97 -11.46 25.87
CA ASP K 30 25.74 -11.41 25.06
C ASP K 30 25.52 -12.65 24.19
N ASN K 31 26.60 -13.26 23.74
CA ASN K 31 26.53 -14.35 22.77
C ASN K 31 26.31 -15.73 23.40
N HIS K 32 25.62 -16.59 22.65
CA HIS K 32 25.32 -17.96 23.07
C HIS K 32 24.68 -18.73 21.95
N VAL K 33 24.83 -20.04 21.98
CA VAL K 33 24.19 -20.91 20.97
C VAL K 33 22.69 -21.01 21.23
N SER K 34 21.93 -20.74 20.18
CA SER K 34 20.49 -20.65 20.28
C SER K 34 19.87 -21.14 18.97
N ALA K 35 19.05 -22.18 19.05
CA ALA K 35 18.39 -22.65 17.83
C ALA K 35 17.00 -23.17 18.16
N ILE K 36 16.08 -23.04 17.20
CA ILE K 36 14.70 -23.46 17.41
C ILE K 36 14.23 -24.55 16.44
N ASN K 37 13.68 -25.63 16.97
CA ASN K 37 13.12 -26.70 16.16
C ASN K 37 14.10 -27.24 15.12
N VAL K 38 15.13 -27.94 15.58
CA VAL K 38 16.14 -28.50 14.66
C VAL K 38 16.50 -29.93 15.02
N LYS K 39 16.98 -30.66 14.02
CA LYS K 39 17.26 -32.09 14.13
C LYS K 39 18.75 -32.33 13.89
N SER K 40 19.36 -33.16 14.73
CA SER K 40 20.76 -33.56 14.56
C SER K 40 21.03 -34.02 13.14
N ILE K 41 22.16 -33.60 12.56
CA ILE K 41 22.51 -34.02 11.20
C ILE K 41 23.82 -34.81 11.10
N ASP K 42 24.47 -35.05 12.24
CA ASP K 42 25.65 -35.88 12.24
C ASP K 42 25.99 -36.19 13.69
N GLN K 43 26.97 -37.06 13.87
CA GLN K 43 27.44 -37.45 15.17
C GLN K 43 28.92 -37.80 15.04
N PHE K 44 29.73 -37.39 16.01
CA PHE K 44 31.16 -37.65 15.97
C PHE K 44 31.44 -38.87 16.85
N LEU K 45 31.45 -38.65 18.16
CA LEU K 45 31.51 -39.74 19.13
C LEU K 45 30.10 -40.12 19.51
N TYR K 46 29.96 -41.25 20.19
CA TYR K 46 28.64 -41.85 20.48
C TYR K 46 27.82 -41.10 21.55
N PHE K 47 28.45 -40.15 22.25
CA PHE K 47 27.77 -39.36 23.29
C PHE K 47 27.60 -37.88 22.88
N ASP K 48 27.82 -37.58 21.61
CA ASP K 48 27.53 -36.25 21.10
C ASP K 48 26.55 -36.29 19.94
N LEU K 49 26.08 -35.11 19.57
CA LEU K 49 25.28 -34.91 18.36
C LEU K 49 25.74 -33.62 17.73
N ILE K 50 25.64 -33.55 16.41
CA ILE K 50 26.10 -32.36 15.70
C ILE K 50 24.94 -31.68 14.98
N TYR K 51 24.73 -30.42 15.33
CA TYR K 51 23.64 -29.67 14.74
C TYR K 51 24.18 -28.64 13.78
N SER K 52 23.40 -28.36 12.75
CA SER K 52 23.75 -27.36 11.78
C SER K 52 23.11 -26.03 12.16
N ILE K 53 23.91 -25.14 12.73
CA ILE K 53 23.46 -23.81 13.18
C ILE K 53 24.47 -22.75 12.74
N LYS K 54 24.04 -21.76 11.96
CA LYS K 54 24.88 -20.64 11.56
C LYS K 54 24.93 -19.64 12.67
N ASP K 55 26.13 -19.21 13.04
CA ASP K 55 26.31 -17.98 13.79
C ASP K 55 26.13 -16.87 12.76
N THR K 56 24.95 -16.29 12.80
CA THR K 56 24.58 -15.22 11.89
C THR K 56 25.18 -13.89 12.33
N LYS K 57 25.30 -13.71 13.65
CA LYS K 57 25.81 -12.48 14.26
C LYS K 57 27.28 -12.23 13.90
N LEU K 58 28.18 -13.14 14.32
CA LEU K 58 29.65 -12.92 14.18
C LEU K 58 30.36 -13.85 13.24
N GLY K 59 29.66 -14.83 12.66
CA GLY K 59 30.27 -15.76 11.72
C GLY K 59 31.16 -16.84 12.33
N ASN K 60 31.12 -16.99 13.65
CA ASN K 60 32.03 -17.89 14.37
C ASN K 60 31.76 -19.38 14.25
N TYR K 61 30.64 -19.78 13.66
CA TYR K 61 30.34 -21.22 13.51
C TYR K 61 29.18 -21.56 12.56
N ASP K 62 29.35 -22.64 11.81
CA ASP K 62 28.34 -23.19 10.95
C ASP K 62 27.76 -24.48 11.49
N ASN K 63 28.49 -25.13 12.39
CA ASN K 63 27.99 -26.36 13.05
C ASN K 63 28.30 -26.34 14.55
N VAL K 64 27.53 -27.13 15.30
CA VAL K 64 27.67 -27.16 16.75
C VAL K 64 27.68 -28.59 17.26
N ARG K 65 28.73 -28.95 17.99
CA ARG K 65 28.80 -30.21 18.66
C ARG K 65 28.18 -30.04 20.05
N VAL K 66 27.12 -30.79 20.30
CA VAL K 66 26.51 -30.87 21.62
C VAL K 66 26.91 -32.22 22.22
N GLU K 67 27.52 -32.16 23.40
CA GLU K 67 28.11 -33.32 24.03
C GLU K 67 27.35 -33.69 25.30
N PHE K 68 27.16 -34.98 25.53
CA PHE K 68 26.32 -35.46 26.63
C PHE K 68 27.11 -36.30 27.62
N LYS K 69 26.47 -36.62 28.74
CA LYS K 69 27.12 -37.42 29.80
C LYS K 69 27.24 -38.89 29.40
N ASN K 70 26.38 -39.34 28.49
CA ASN K 70 26.30 -40.79 28.17
C ASN K 70 25.61 -41.04 26.84
N LYS K 71 25.64 -42.29 26.38
CA LYS K 71 25.05 -42.68 25.09
C LYS K 71 23.51 -42.50 25.06
N ASP K 72 22.86 -42.81 26.19
CA ASP K 72 21.40 -42.74 26.27
C ASP K 72 20.85 -41.38 25.90
N LEU K 73 21.45 -40.34 26.47
CA LEU K 73 21.05 -38.96 26.16
C LEU K 73 21.27 -38.66 24.68
N ALA K 74 22.39 -39.09 24.12
CA ALA K 74 22.63 -38.90 22.70
C ALA K 74 21.55 -39.60 21.88
N ASP K 75 21.28 -40.86 22.22
CA ASP K 75 20.27 -41.67 21.52
C ASP K 75 18.89 -41.02 21.62
N LYS K 76 18.55 -40.56 22.83
CA LYS K 76 17.25 -39.94 23.13
C LYS K 76 16.90 -38.79 22.20
N TYR K 77 17.88 -37.95 21.90
CA TYR K 77 17.61 -36.72 21.18
C TYR K 77 18.06 -36.75 19.73
N LYS K 78 18.86 -37.74 19.35
CA LYS K 78 19.16 -37.91 17.93
C LYS K 78 17.80 -38.06 17.23
N ASP K 79 17.66 -37.52 16.02
CA ASP K 79 16.39 -37.68 15.25
C ASP K 79 15.18 -36.94 15.80
N LYS K 80 15.21 -36.54 17.06
CA LYS K 80 14.19 -35.65 17.62
C LYS K 80 14.36 -34.20 17.12
N TYR K 81 13.24 -33.50 16.91
CA TYR K 81 13.27 -32.07 16.63
C TYR K 81 13.31 -31.38 17.98
N VAL K 82 14.34 -30.56 18.19
CA VAL K 82 14.61 -29.97 19.50
C VAL K 82 14.92 -28.50 19.43
N ASP K 83 14.94 -27.88 20.61
CA ASP K 83 15.47 -26.52 20.78
C ASP K 83 16.84 -26.60 21.52
N VAL K 84 17.81 -25.86 21.00
CA VAL K 84 19.15 -25.83 21.59
C VAL K 84 19.45 -24.48 22.22
N PHE K 85 19.99 -24.50 23.45
CA PHE K 85 20.44 -23.29 24.14
C PHE K 85 21.70 -23.56 25.00
N GLY K 86 22.85 -22.99 24.63
CA GLY K 86 24.11 -23.31 25.33
C GLY K 86 25.19 -22.24 25.48
N ALA K 87 25.98 -22.38 26.54
CA ALA K 87 27.21 -21.62 26.70
C ALA K 87 28.30 -22.42 25.99
N ASN K 88 28.85 -21.85 24.92
CA ASN K 88 29.75 -22.60 24.03
C ASN K 88 31.23 -22.19 24.10
N TYR K 89 32.12 -23.09 23.69
CA TYR K 89 33.56 -22.84 23.73
C TYR K 89 34.19 -23.17 22.39
N TYR K 90 35.37 -22.65 22.13
CA TYR K 90 36.05 -22.92 20.86
C TYR K 90 37.45 -23.53 20.98
N TYR K 91 38.14 -23.26 22.08
CA TYR K 91 39.57 -23.54 22.18
C TYR K 91 39.83 -25.03 22.04
N GLN K 92 39.55 -25.84 23.04
CA GLN K 92 39.93 -27.23 22.83
C GLN K 92 38.71 -28.01 22.32
N CYS K 93 38.03 -27.43 21.34
CA CYS K 93 36.80 -27.99 20.78
C CYS K 93 37.19 -28.69 19.51
N TYR K 94 37.09 -30.01 19.49
CA TYR K 94 37.29 -30.71 18.24
C TYR K 94 36.19 -31.71 17.91
N PHE K 95 35.82 -31.75 16.63
CA PHE K 95 35.07 -32.85 16.09
C PHE K 95 35.28 -32.98 14.59
N SER K 96 35.45 -34.23 14.13
CA SER K 96 35.64 -34.56 12.72
C SER K 96 34.49 -35.42 12.19
N LYS K 109 34.56 -26.72 7.92
CA LYS K 109 34.01 -25.35 8.05
C LYS K 109 34.44 -24.68 9.39
N ARG K 110 33.51 -23.91 9.98
CA ARG K 110 33.75 -23.16 11.23
C ARG K 110 32.90 -23.79 12.33
N LYS K 111 33.53 -24.08 13.46
CA LYS K 111 32.94 -24.98 14.47
C LYS K 111 32.86 -24.34 15.86
N THR K 112 31.99 -24.89 16.71
CA THR K 112 31.94 -24.56 18.14
C THR K 112 31.45 -25.78 18.86
N CYS K 113 31.61 -25.79 20.18
CA CYS K 113 31.25 -26.95 21.02
C CYS K 113 30.49 -26.51 22.25
N MET K 114 29.58 -27.36 22.72
CA MET K 114 28.86 -27.11 23.98
C MET K 114 28.45 -28.42 24.63
N TYR K 115 27.86 -28.34 25.82
CA TYR K 115 27.30 -29.51 26.47
C TYR K 115 25.82 -29.33 26.77
N GLY K 116 25.09 -30.43 26.68
CA GLY K 116 23.65 -30.47 26.98
C GLY K 116 22.84 -29.42 26.26
N GLY K 117 22.00 -28.70 27.01
CA GLY K 117 21.28 -27.56 26.50
C GLY K 117 20.19 -27.88 25.50
N VAL K 118 19.64 -29.10 25.55
CA VAL K 118 18.65 -29.55 24.56
C VAL K 118 17.33 -30.01 25.17
N THR K 119 16.24 -29.46 24.60
CA THR K 119 14.86 -29.76 25.01
C THR K 119 14.01 -30.10 23.80
N GLU K 120 13.06 -31.02 23.96
CA GLU K 120 12.09 -31.32 22.90
C GLU K 120 11.37 -30.05 22.49
N HIS K 121 11.17 -29.87 21.19
CA HIS K 121 10.46 -28.70 20.68
C HIS K 121 8.95 -28.87 20.86
N ASN K 122 8.38 -29.85 20.16
CA ASN K 122 6.91 -30.05 20.16
C ASN K 122 6.40 -30.27 21.58
N GLY K 123 5.43 -29.45 21.97
CA GLY K 123 4.76 -29.62 23.26
C GLY K 123 5.41 -28.91 24.44
N ASN K 124 6.60 -28.35 24.21
CA ASN K 124 7.36 -27.66 25.25
C ASN K 124 7.20 -26.14 25.18
N GLN K 125 6.56 -25.65 24.11
CA GLN K 125 6.41 -24.21 23.89
C GLN K 125 5.29 -23.64 24.74
N LEU K 126 5.57 -22.55 25.48
CA LEU K 126 4.55 -21.82 26.24
C LEU K 126 3.93 -20.71 25.40
N ASP K 127 2.70 -20.34 25.68
CA ASP K 127 2.03 -19.26 24.96
C ASP K 127 2.54 -17.88 25.36
N LYS K 128 2.79 -17.70 26.66
CA LYS K 128 3.43 -16.51 27.19
C LYS K 128 4.75 -16.89 27.82
N TYR K 129 5.67 -15.94 27.88
CA TYR K 129 6.91 -16.15 28.60
C TYR K 129 6.58 -16.20 30.09
N ARG K 130 7.24 -17.12 30.81
CA ARG K 130 7.20 -17.16 32.28
C ARG K 130 8.37 -16.42 32.91
N SER K 131 8.10 -15.80 34.06
CA SER K 131 9.14 -15.21 34.89
C SER K 131 9.59 -16.19 35.97
N ILE K 132 10.91 -16.21 36.20
CA ILE K 132 11.47 -16.96 37.34
C ILE K 132 12.26 -15.99 38.18
N THR K 133 11.99 -15.96 39.48
CA THR K 133 12.67 -15.01 40.35
C THR K 133 14.04 -15.51 40.79
N VAL K 134 15.04 -14.64 40.69
CA VAL K 134 16.37 -14.92 41.19
C VAL K 134 16.60 -14.03 42.39
N ARG K 135 17.02 -14.62 43.49
CA ARG K 135 17.33 -13.87 44.70
C ARG K 135 18.84 -13.96 44.93
N VAL K 136 19.48 -12.81 44.98
CA VAL K 136 20.93 -12.73 45.12
C VAL K 136 21.34 -12.27 46.52
N PHE K 137 22.00 -13.19 47.22
CA PHE K 137 22.53 -12.93 48.55
C PHE K 137 23.98 -12.55 48.43
N GLU K 138 24.33 -11.40 49.01
CA GLU K 138 25.71 -10.96 49.11
C GLU K 138 26.12 -10.98 50.57
N ASP K 139 27.05 -11.91 50.88
CA ASP K 139 27.45 -12.20 52.26
C ASP K 139 26.19 -12.38 53.07
N GLY K 140 25.29 -13.23 52.59
CA GLY K 140 24.08 -13.60 53.33
C GLY K 140 22.92 -12.62 53.32
N LYS K 141 23.09 -11.44 52.72
CA LYS K 141 22.01 -10.44 52.70
C LYS K 141 21.36 -10.36 51.31
N ASN K 142 20.07 -10.67 51.22
CA ASN K 142 19.36 -10.58 49.91
C ASN K 142 19.11 -9.14 49.50
N LEU K 143 20.15 -8.51 48.96
CA LEU K 143 20.08 -7.08 48.67
C LEU K 143 19.53 -6.83 47.27
N LEU K 144 19.59 -7.84 46.41
CA LEU K 144 19.09 -7.72 45.04
C LEU K 144 18.27 -8.92 44.65
N SER K 145 17.16 -8.65 43.96
CA SER K 145 16.33 -9.67 43.35
C SER K 145 15.94 -9.22 41.95
N PHE K 146 15.76 -10.18 41.05
CA PHE K 146 15.35 -9.88 39.68
C PHE K 146 14.83 -11.14 39.00
N ASP K 147 14.24 -10.96 37.82
CA ASP K 147 13.60 -12.06 37.09
C ASP K 147 14.31 -12.36 35.79
N VAL K 148 14.44 -13.64 35.49
CA VAL K 148 14.83 -14.08 34.16
C VAL K 148 13.57 -14.64 33.52
N GLN K 149 13.60 -14.78 32.19
CA GLN K 149 12.42 -15.22 31.46
C GLN K 149 12.68 -16.34 30.48
N THR K 150 11.70 -17.23 30.34
CA THR K 150 11.78 -18.31 29.39
C THR K 150 10.40 -18.60 28.82
N ASN K 151 10.39 -19.20 27.64
CA ASN K 151 9.15 -19.58 26.99
C ASN K 151 9.03 -21.08 26.87
N LYS K 152 9.91 -21.82 27.56
CA LYS K 152 9.90 -23.28 27.51
C LYS K 152 9.22 -23.79 28.77
N LYS K 153 8.43 -24.85 28.65
CA LYS K 153 7.78 -25.48 29.81
C LYS K 153 8.81 -26.15 30.70
N LYS K 154 9.57 -27.03 30.05
CA LYS K 154 10.74 -27.67 30.62
C LYS K 154 11.96 -26.96 30.04
N VAL K 155 12.72 -26.28 30.89
CA VAL K 155 13.92 -25.54 30.49
C VAL K 155 15.16 -26.12 31.17
N THR K 156 16.30 -26.11 30.47
CA THR K 156 17.57 -26.64 31.02
C THR K 156 18.10 -25.69 32.06
N ALA K 157 18.77 -26.25 33.08
CA ALA K 157 19.38 -25.44 34.14
C ALA K 157 20.40 -24.53 33.53
N GLN K 158 21.11 -25.06 32.54
CA GLN K 158 22.12 -24.30 31.81
C GLN K 158 21.55 -22.95 31.31
N GLU K 159 20.45 -23.00 30.58
CA GLU K 159 19.86 -21.77 30.04
C GLU K 159 19.54 -20.77 31.17
N LEU K 160 18.97 -21.28 32.24
CA LEU K 160 18.58 -20.40 33.34
C LEU K 160 19.83 -19.85 33.99
N ASP K 161 20.84 -20.70 34.12
CA ASP K 161 22.12 -20.29 34.69
C ASP K 161 22.71 -19.15 33.86
N TYR K 162 22.80 -19.38 32.55
CA TYR K 162 23.31 -18.38 31.61
C TYR K 162 22.60 -17.05 31.76
N LEU K 163 21.28 -17.09 31.73
CA LEU K 163 20.49 -15.86 31.83
C LEU K 163 20.80 -15.13 33.16
N THR K 164 20.98 -15.91 34.21
CA THR K 164 21.20 -15.35 35.53
C THR K 164 22.57 -14.68 35.60
N ARG K 165 23.61 -15.38 35.15
CA ARG K 165 24.96 -14.85 35.20
C ARG K 165 25.12 -13.68 34.24
N HIS K 166 24.42 -13.71 33.11
CA HIS K 166 24.48 -12.61 32.15
C HIS K 166 24.07 -11.30 32.79
N TYR K 167 22.95 -11.35 33.50
CA TYR K 167 22.46 -10.18 34.22
C TYR K 167 23.47 -9.70 35.25
N LEU K 168 23.97 -10.66 36.03
CA LEU K 168 24.84 -10.36 37.15
C LEU K 168 26.18 -9.80 36.71
N VAL K 169 26.64 -10.21 35.52
CA VAL K 169 27.83 -9.64 34.91
C VAL K 169 27.61 -8.16 34.58
N LYS K 170 26.59 -7.88 33.77
CA LYS K 170 26.27 -6.48 33.42
C LYS K 170 26.10 -5.67 34.69
N ASN K 171 25.36 -6.17 35.67
CA ASN K 171 24.88 -5.33 36.76
C ASN K 171 25.67 -5.34 38.08
N LYS K 172 26.50 -6.37 38.30
CA LYS K 172 27.30 -6.46 39.52
C LYS K 172 28.76 -6.81 39.26
N LYS K 173 29.14 -6.74 38.00
CA LYS K 173 30.52 -7.07 37.62
C LYS K 173 30.94 -8.40 38.25
N LEU K 174 30.08 -9.40 38.12
CA LEU K 174 30.32 -10.75 38.67
C LEU K 174 31.65 -11.27 38.21
N TYR K 175 31.91 -11.13 36.92
CA TYR K 175 33.21 -11.44 36.36
C TYR K 175 33.79 -10.21 35.68
N GLU K 176 35.08 -9.99 35.86
CA GLU K 176 35.79 -8.96 35.08
C GLU K 176 36.95 -9.60 34.33
N PHE K 177 37.75 -8.78 33.68
CA PHE K 177 38.85 -9.32 32.88
C PHE K 177 39.86 -10.08 33.74
N ASN K 178 40.33 -9.43 34.80
CA ASN K 178 41.41 -10.01 35.60
C ASN K 178 40.90 -11.00 36.63
N ASN K 179 40.02 -10.52 37.51
CA ASN K 179 39.42 -11.38 38.53
C ASN K 179 37.93 -11.02 38.74
N SER K 180 37.45 -11.19 39.97
CA SER K 180 36.07 -10.89 40.34
C SER K 180 36.05 -10.24 41.70
N PRO K 181 35.12 -9.31 41.92
CA PRO K 181 34.98 -8.74 43.26
C PRO K 181 34.52 -9.76 44.31
N TYR K 182 33.90 -10.84 43.86
CA TYR K 182 33.40 -11.87 44.75
C TYR K 182 34.38 -13.03 44.87
N GLU K 183 34.61 -13.47 46.11
CA GLU K 183 35.56 -14.55 46.39
C GLU K 183 34.97 -15.91 46.03
N THR K 184 33.74 -16.16 46.49
CA THR K 184 33.03 -17.38 46.20
C THR K 184 31.66 -17.05 45.67
N GLY K 185 31.09 -18.00 44.93
CA GLY K 185 29.74 -17.88 44.41
C GLY K 185 29.19 -19.24 44.00
N TYR K 186 27.93 -19.49 44.35
CA TYR K 186 27.18 -20.64 43.80
C TYR K 186 25.73 -20.33 43.49
N ILE K 187 25.21 -21.02 42.50
CA ILE K 187 23.83 -20.83 42.03
C ILE K 187 23.00 -22.05 42.39
N LYS K 188 21.90 -21.82 43.10
CA LYS K 188 21.04 -22.91 43.59
C LYS K 188 19.71 -22.90 42.89
N PHE K 189 19.30 -24.08 42.46
CA PHE K 189 18.02 -24.28 41.78
C PHE K 189 17.08 -25.09 42.66
N ILE K 190 16.03 -24.45 43.19
CA ILE K 190 15.05 -25.13 44.01
C ILE K 190 13.78 -25.43 43.25
N GLU K 191 13.40 -26.69 43.24
CA GLU K 191 12.20 -27.11 42.53
C GLU K 191 11.35 -27.92 43.47
N ASN K 192 10.48 -27.23 44.21
CA ASN K 192 9.65 -27.92 45.20
C ASN K 192 10.53 -28.24 46.39
N GLU K 193 10.76 -29.53 46.61
CA GLU K 193 11.60 -29.96 47.73
C GLU K 193 13.00 -30.23 47.22
N ASN K 194 13.07 -30.90 46.08
CA ASN K 194 14.36 -31.24 45.48
C ASN K 194 15.13 -30.00 45.01
N SER K 195 16.46 -30.06 45.13
CA SER K 195 17.31 -28.92 44.81
C SER K 195 18.75 -29.32 44.46
N PHE K 196 19.42 -28.47 43.68
CA PHE K 196 20.83 -28.68 43.34
C PHE K 196 21.52 -27.35 43.06
N TRP K 197 22.85 -27.39 42.95
CA TRP K 197 23.65 -26.18 42.75
C TRP K 197 24.91 -26.37 41.92
N TYR K 198 25.38 -25.27 41.34
CA TYR K 198 26.63 -25.21 40.60
C TYR K 198 27.59 -24.12 41.14
N ASP K 199 28.89 -24.43 41.12
CA ASP K 199 29.96 -23.49 41.56
C ASP K 199 30.16 -22.47 40.46
N MET K 200 30.04 -21.20 40.79
CA MET K 200 30.14 -20.17 39.73
C MET K 200 31.57 -19.76 39.43
N MET K 201 32.49 -20.12 40.32
CA MET K 201 33.91 -19.71 40.24
C MET K 201 34.78 -20.78 39.65
N PRO K 202 35.88 -20.38 39.01
CA PRO K 202 36.78 -21.32 38.33
C PRO K 202 37.66 -22.11 39.26
N ALA K 203 38.00 -23.31 38.83
CA ALA K 203 38.90 -24.16 39.61
C ALA K 203 40.14 -23.34 39.89
N PRO K 204 40.81 -23.63 41.02
CA PRO K 204 42.04 -22.94 41.33
C PRO K 204 43.18 -23.43 40.43
N GLY K 205 44.14 -22.54 40.17
CA GLY K 205 45.29 -22.85 39.32
C GLY K 205 45.64 -21.72 38.39
N ASP K 206 46.57 -22.00 37.46
CA ASP K 206 47.17 -20.97 36.61
C ASP K 206 46.25 -20.51 35.47
N LYS K 207 45.60 -21.47 34.82
CA LYS K 207 44.75 -21.20 33.64
C LYS K 207 43.34 -21.83 33.86
N PHE K 208 42.33 -21.23 33.22
CA PHE K 208 40.93 -21.71 33.27
C PHE K 208 40.66 -22.66 32.09
N ASP K 209 39.97 -23.77 32.35
CA ASP K 209 39.68 -24.76 31.31
C ASP K 209 38.19 -24.74 30.93
N GLN K 210 37.86 -23.97 29.91
CA GLN K 210 36.48 -23.74 29.55
C GLN K 210 35.76 -25.06 29.32
N SER K 211 36.36 -25.91 28.48
CA SER K 211 35.79 -27.21 28.19
C SER K 211 35.44 -27.99 29.47
N LYS K 212 36.39 -28.06 30.39
CA LYS K 212 36.16 -28.83 31.60
C LYS K 212 35.05 -28.20 32.41
N TYR K 213 35.08 -26.88 32.56
CA TYR K 213 34.08 -26.22 33.40
C TYR K 213 32.70 -26.47 32.87
N LEU K 214 32.51 -26.14 31.60
CA LEU K 214 31.19 -26.30 30.94
C LEU K 214 30.66 -27.76 30.92
N MET K 215 31.56 -28.74 31.05
CA MET K 215 31.17 -30.14 30.97
C MET K 215 30.12 -30.46 32.03
N MET K 216 30.06 -29.70 33.09
CA MET K 216 29.05 -29.93 34.14
C MET K 216 27.62 -29.91 33.62
N TYR K 217 27.39 -29.16 32.54
CA TYR K 217 26.07 -29.10 31.88
C TYR K 217 25.73 -30.33 31.00
N ASN K 218 26.58 -31.35 30.98
CA ASN K 218 26.36 -32.47 30.03
C ASN K 218 25.31 -33.48 30.48
N ASP K 219 24.80 -33.29 31.70
CA ASP K 219 23.73 -34.10 32.24
C ASP K 219 22.41 -33.65 31.65
N ASN K 220 22.43 -32.57 30.89
CA ASN K 220 21.21 -32.01 30.27
C ASN K 220 20.09 -31.74 31.29
N LYS K 221 20.45 -31.47 32.54
CA LYS K 221 19.44 -31.35 33.56
C LYS K 221 18.40 -30.30 33.16
N MET K 222 17.14 -30.67 33.32
CA MET K 222 16.00 -29.80 33.07
C MET K 222 15.22 -29.50 34.36
N VAL K 223 14.50 -28.39 34.34
CA VAL K 223 13.62 -28.02 35.43
C VAL K 223 12.31 -27.52 34.87
N ASP K 224 11.31 -27.40 35.72
CA ASP K 224 10.00 -26.94 35.31
C ASP K 224 9.92 -25.43 35.53
N SER K 225 9.72 -24.69 34.45
CA SER K 225 9.75 -23.22 34.55
C SER K 225 8.68 -22.68 35.48
N LYS K 226 7.53 -23.36 35.59
CA LYS K 226 6.46 -22.88 36.44
C LYS K 226 6.89 -22.88 37.89
N ASP K 227 7.45 -23.98 38.39
CA ASP K 227 7.67 -24.08 39.84
C ASP K 227 9.14 -24.17 40.30
N VAL K 228 10.08 -23.63 39.51
CA VAL K 228 11.49 -23.52 39.97
C VAL K 228 11.77 -22.11 40.48
N LYS K 229 12.57 -22.03 41.54
CA LYS K 229 13.08 -20.73 42.05
C LYS K 229 14.61 -20.78 42.07
N ILE K 230 15.25 -19.63 41.95
CA ILE K 230 16.72 -19.56 41.86
C ILE K 230 17.29 -18.69 42.95
N GLU K 231 18.28 -19.22 43.65
CA GLU K 231 18.99 -18.47 44.67
C GLU K 231 20.44 -18.41 44.25
N VAL K 232 21.07 -17.26 44.46
CA VAL K 232 22.49 -17.11 44.19
C VAL K 232 23.19 -16.51 45.40
N TYR K 233 24.17 -17.26 45.89
CA TYR K 233 24.92 -16.86 47.07
C TYR K 233 26.31 -16.42 46.67
N LEU K 234 26.62 -15.16 46.96
CA LEU K 234 27.94 -14.58 46.70
C LEU K 234 28.56 -14.17 48.02
N THR K 235 29.88 -14.29 48.10
CA THR K 235 30.63 -13.74 49.24
C THR K 235 31.73 -12.81 48.73
N THR K 236 31.99 -11.74 49.48
CA THR K 236 33.06 -10.81 49.16
C THR K 236 34.38 -11.26 49.82
N LYS K 237 35.47 -10.53 49.57
CA LYS K 237 36.84 -11.02 49.88
C LYS K 237 37.29 -10.94 51.36
N GLU L 5 47.46 -14.48 -0.29
CA GLU L 5 48.43 -14.84 0.80
C GLU L 5 48.02 -14.26 2.17
N ALA L 6 48.24 -15.04 3.23
CA ALA L 6 47.77 -14.68 4.57
C ALA L 6 48.47 -13.42 5.07
N ALA L 7 47.73 -12.54 5.73
CA ALA L 7 48.32 -11.32 6.29
C ALA L 7 47.58 -10.86 7.55
N VAL L 8 48.13 -9.81 8.17
CA VAL L 8 47.60 -9.26 9.41
C VAL L 8 47.61 -7.75 9.32
N THR L 9 46.48 -7.11 9.61
CA THR L 9 46.37 -5.65 9.52
C THR L 9 46.12 -5.10 10.89
N GLN L 10 47.05 -4.30 11.41
CA GLN L 10 46.85 -3.61 12.69
C GLN L 10 46.23 -2.30 12.43
N SER L 11 45.59 -1.77 13.44
CA SER L 11 45.02 -0.45 13.33
C SER L 11 44.92 0.21 14.68
N PRO L 12 45.25 1.51 14.74
CA PRO L 12 45.91 2.34 13.70
C PRO L 12 47.40 2.02 13.60
N ARG L 13 48.10 2.77 12.75
CA ARG L 13 49.55 2.61 12.60
C ARG L 13 50.34 3.54 13.48
N ASN L 14 49.67 4.62 13.87
CA ASN L 14 50.28 5.69 14.69
C ASN L 14 49.16 6.38 15.53
N LYS L 15 49.38 6.53 16.83
CA LYS L 15 48.36 7.08 17.72
C LYS L 15 49.03 7.86 18.81
N VAL L 16 48.40 8.96 19.20
CA VAL L 16 48.81 9.72 20.36
C VAL L 16 47.62 9.78 21.28
N ALA L 17 47.83 9.67 22.58
CA ALA L 17 46.72 9.77 23.54
C ALA L 17 47.18 10.40 24.86
N VAL L 18 46.22 10.84 25.66
CA VAL L 18 46.49 11.46 26.94
C VAL L 18 46.48 10.42 28.01
N THR L 19 47.29 10.61 29.04
CA THR L 19 47.18 9.80 30.23
C THR L 19 45.70 9.77 30.68
N GLY L 20 45.21 8.59 31.02
CA GLY L 20 43.84 8.41 31.51
C GLY L 20 42.83 8.08 30.42
N GLU L 21 43.26 8.16 29.18
CA GLU L 21 42.41 7.85 28.02
C GLU L 21 42.35 6.34 27.77
N LYS L 22 41.20 5.87 27.35
CA LYS L 22 41.03 4.46 26.98
C LYS L 22 41.48 4.30 25.55
N VAL L 23 42.40 3.36 25.31
CA VAL L 23 42.97 3.15 23.97
C VAL L 23 42.76 1.72 23.59
N THR L 24 42.47 1.50 22.32
CA THR L 24 42.22 0.16 21.81
C THR L 24 43.01 -0.04 20.53
N LEU L 25 43.85 -1.06 20.49
CA LEU L 25 44.51 -1.39 19.23
C LEU L 25 43.80 -2.59 18.64
N SER L 26 43.64 -2.60 17.31
CA SER L 26 42.97 -3.68 16.60
C SER L 26 43.95 -4.52 15.80
N CYS L 27 43.57 -5.77 15.57
CA CYS L 27 44.36 -6.65 14.75
C CYS L 27 43.45 -7.62 14.04
N LYS L 28 43.51 -7.63 12.70
CA LYS L 28 42.55 -8.33 11.88
C LYS L 28 43.28 -9.23 10.89
N GLN L 29 42.97 -10.53 10.91
CA GLN L 29 43.51 -11.45 9.92
C GLN L 29 42.81 -11.21 8.59
N THR L 30 43.56 -11.29 7.50
CA THR L 30 42.99 -11.26 6.16
C THR L 30 43.51 -12.50 5.46
N ASN L 31 42.64 -13.14 4.66
CA ASN L 31 42.97 -14.38 3.92
C ASN L 31 43.53 -15.50 4.77
N SER L 32 43.04 -15.63 5.98
CA SER L 32 43.37 -16.76 6.86
C SER L 32 42.32 -16.95 7.92
N TYR L 33 42.38 -18.09 8.59
CA TYR L 33 41.46 -18.42 9.68
C TYR L 33 42.23 -19.19 10.77
N PHE L 34 43.24 -18.53 11.32
CA PHE L 34 44.19 -19.12 12.26
C PHE L 34 43.73 -19.03 13.69
N ASN L 35 44.02 -20.09 14.45
CA ASN L 35 43.63 -20.19 15.85
C ASN L 35 44.45 -19.32 16.77
N ASN L 36 45.73 -19.16 16.47
CA ASN L 36 46.60 -18.43 17.38
C ASN L 36 46.78 -17.00 16.93
N MET L 37 46.67 -16.07 17.88
CA MET L 37 47.08 -14.69 17.64
C MET L 37 47.81 -14.13 18.85
N TYR L 38 48.59 -13.08 18.62
CA TYR L 38 49.57 -12.58 19.58
C TYR L 38 49.59 -11.05 19.61
N TRP L 39 49.73 -10.47 20.79
CA TRP L 39 50.08 -9.06 20.91
C TRP L 39 51.40 -8.89 21.66
N TYR L 40 52.39 -8.30 20.98
CA TYR L 40 53.66 -7.96 21.63
C TYR L 40 53.82 -6.47 21.71
N ARG L 41 54.66 -6.02 22.62
CA ARG L 41 55.26 -4.70 22.46
C ARG L 41 56.78 -4.75 22.41
N GLN L 42 57.36 -3.91 21.57
CA GLN L 42 58.80 -3.81 21.39
C GLN L 42 59.33 -2.63 22.18
N ASP L 43 60.29 -2.90 23.04
CA ASP L 43 60.99 -1.82 23.71
C ASP L 43 62.18 -1.35 22.83
N THR L 44 62.21 -0.06 22.52
CA THR L 44 63.42 0.64 22.18
C THR L 44 64.42 -0.17 21.34
N GLY L 45 64.03 -0.50 20.12
CA GLY L 45 64.92 -1.20 19.19
C GLY L 45 65.38 -2.59 19.59
N HIS L 46 64.66 -3.22 20.52
CA HIS L 46 65.13 -4.47 21.09
C HIS L 46 64.07 -5.55 20.99
N GLU L 47 64.13 -6.54 21.87
CA GLU L 47 63.22 -7.70 21.85
C GLU L 47 61.75 -7.36 21.96
N LEU L 48 60.95 -8.13 21.20
CA LEU L 48 59.49 -8.18 21.37
C LEU L 48 59.13 -8.85 22.68
N ARG L 49 58.21 -8.26 23.43
CA ARG L 49 57.72 -8.87 24.66
C ARG L 49 56.24 -9.14 24.55
N LEU L 50 55.85 -10.37 24.84
CA LEU L 50 54.44 -10.78 24.73
C LEU L 50 53.58 -10.26 25.89
N ILE L 51 52.54 -9.51 25.53
CA ILE L 51 51.56 -9.06 26.50
C ILE L 51 50.52 -10.18 26.67
N PHE L 52 49.80 -10.48 25.59
CA PHE L 52 48.78 -11.52 25.60
C PHE L 52 48.88 -12.36 24.35
N MET L 53 48.37 -13.57 24.47
CA MET L 53 48.20 -14.48 23.36
C MET L 53 46.71 -14.89 23.30
N SER L 54 46.32 -15.58 22.24
CA SER L 54 45.03 -16.23 22.18
C SER L 54 45.10 -17.50 21.37
N HIS L 55 44.64 -18.60 21.96
CA HIS L 55 44.70 -19.90 21.29
C HIS L 55 43.47 -20.10 20.41
N GLY L 56 42.58 -19.12 20.41
CA GLY L 56 41.34 -19.24 19.65
C GLY L 56 40.28 -18.29 20.19
N ILE L 57 39.08 -18.42 19.63
CA ILE L 57 37.99 -17.58 20.02
C ILE L 57 37.67 -17.85 21.48
N ARG L 58 37.40 -16.78 22.21
CA ARG L 58 37.08 -16.84 23.63
C ARG L 58 38.22 -17.41 24.45
N ASN L 59 39.43 -17.14 24.00
CA ASN L 59 40.62 -17.45 24.78
C ASN L 59 41.63 -16.28 24.79
N VAL L 60 42.05 -15.93 25.99
CA VAL L 60 43.14 -15.01 26.18
C VAL L 60 44.11 -15.65 27.19
N GLU L 61 45.41 -15.57 26.90
CA GLU L 61 46.43 -16.17 27.76
C GLU L 61 47.45 -15.11 28.12
N LYS L 62 47.77 -15.04 29.39
CA LYS L 62 48.80 -14.12 29.88
C LYS L 62 50.09 -14.39 29.16
N GLY L 63 50.82 -13.31 28.89
CA GLY L 63 52.19 -13.41 28.37
C GLY L 63 53.16 -13.00 29.46
N ASP L 64 54.31 -12.46 29.08
CA ASP L 64 55.31 -12.01 30.03
C ASP L 64 54.98 -10.67 30.70
N ILE L 65 54.20 -9.83 30.03
CA ILE L 65 54.11 -8.43 30.39
C ILE L 65 52.64 -7.89 30.36
N PRO L 66 51.67 -8.64 30.95
CA PRO L 66 50.24 -8.35 30.80
C PRO L 66 49.66 -7.24 31.67
N ASP L 67 50.39 -6.84 32.70
CA ASP L 67 49.87 -5.86 33.66
C ASP L 67 49.51 -4.53 33.01
N GLY L 68 48.33 -4.03 33.37
CA GLY L 68 47.80 -2.78 32.82
C GLY L 68 47.21 -2.94 31.42
N TYR L 69 47.09 -4.17 30.95
CA TYR L 69 46.46 -4.38 29.66
C TYR L 69 45.29 -5.33 29.78
N LYS L 70 44.42 -5.26 28.80
CA LYS L 70 43.41 -6.28 28.59
C LYS L 70 43.44 -6.62 27.11
N ALA L 71 42.69 -7.64 26.75
CA ALA L 71 42.61 -8.08 25.38
C ALA L 71 41.29 -8.78 25.16
N SER L 72 41.02 -9.16 23.93
CA SER L 72 39.72 -9.67 23.56
C SER L 72 39.69 -10.36 22.20
N ARG L 73 39.22 -11.59 22.18
CA ARG L 73 39.10 -12.34 20.94
C ARG L 73 37.69 -12.83 20.74
N PRO L 74 36.81 -11.96 20.18
CA PRO L 74 35.42 -12.27 19.97
C PRO L 74 35.16 -13.04 18.69
N SER L 75 36.19 -13.21 17.85
CA SER L 75 36.05 -13.95 16.59
C SER L 75 37.44 -14.34 16.09
N GLN L 76 37.55 -15.22 15.09
CA GLN L 76 38.88 -15.66 14.68
C GLN L 76 39.71 -14.52 14.16
N GLU L 77 39.12 -13.69 13.31
CA GLU L 77 39.95 -12.72 12.60
C GLU L 77 40.47 -11.58 13.50
N ASN L 78 39.83 -11.39 14.65
CA ASN L 78 40.02 -10.17 15.42
C ASN L 78 40.50 -10.37 16.85
N PHE L 79 41.67 -9.79 17.13
CA PHE L 79 42.30 -9.85 18.43
C PHE L 79 42.72 -8.45 18.85
N SER L 80 42.00 -7.86 19.80
CA SER L 80 42.23 -6.48 20.14
C SER L 80 42.94 -6.33 21.47
N LEU L 81 43.76 -5.28 21.57
CA LEU L 81 44.49 -4.98 22.79
C LEU L 81 43.90 -3.73 23.42
N ILE L 82 43.48 -3.83 24.67
CA ILE L 82 42.79 -2.75 25.36
C ILE L 82 43.68 -2.13 26.45
N LEU L 83 43.91 -0.83 26.36
CA LEU L 83 44.47 -0.05 27.47
C LEU L 83 43.37 0.72 28.18
N GLU L 84 42.98 0.28 29.35
CA GLU L 84 41.78 0.82 30.02
C GLU L 84 42.00 2.27 30.49
N LEU L 85 43.11 2.51 31.19
CA LEU L 85 43.49 3.87 31.60
C LEU L 85 44.93 4.11 31.27
N ALA L 86 45.18 4.55 30.05
CA ALA L 86 46.54 4.67 29.48
C ALA L 86 47.54 5.38 30.39
N THR L 87 48.78 4.86 30.39
CA THR L 87 49.90 5.46 31.13
C THR L 87 51.03 5.85 30.18
N PRO L 88 51.68 6.99 30.46
CA PRO L 88 52.84 7.36 29.68
C PRO L 88 53.78 6.19 29.46
N SER L 89 54.01 5.41 30.53
CA SER L 89 54.88 4.22 30.52
C SER L 89 54.53 3.20 29.46
N GLN L 90 53.28 3.23 29.00
CA GLN L 90 52.85 2.36 27.93
C GLN L 90 53.18 2.93 26.56
N THR L 91 53.98 3.99 26.52
CA THR L 91 54.45 4.53 25.25
C THR L 91 55.37 3.52 24.60
N SER L 92 55.04 3.08 23.38
CA SER L 92 55.86 2.05 22.76
C SER L 92 55.39 1.73 21.37
N VAL L 93 56.11 0.85 20.69
CA VAL L 93 55.62 0.31 19.43
C VAL L 93 55.06 -1.07 19.74
N TYR L 94 53.87 -1.34 19.21
CA TYR L 94 53.16 -2.57 19.48
C TYR L 94 52.98 -3.36 18.19
N PHE L 95 53.16 -4.68 18.30
CA PHE L 95 53.12 -5.56 17.13
C PHE L 95 52.16 -6.70 17.37
N CYS L 96 51.31 -6.88 16.37
CA CYS L 96 50.36 -7.97 16.32
C CYS L 96 50.86 -9.07 15.41
N ALA L 97 50.52 -10.31 15.72
CA ALA L 97 50.91 -11.43 14.87
C ALA L 97 49.87 -12.53 14.91
N SER L 98 49.67 -13.19 13.78
CA SER L 98 48.82 -14.36 13.71
C SER L 98 49.71 -15.52 13.42
N GLY L 99 49.25 -16.72 13.73
CA GLY L 99 50.11 -17.89 13.67
C GLY L 99 49.42 -19.17 13.28
N GLY L 100 49.95 -19.73 12.19
CA GLY L 100 49.32 -20.80 11.47
C GLY L 100 50.20 -22.03 11.42
N GLY L 101 50.16 -22.81 12.51
CA GLY L 101 50.70 -24.18 12.54
C GLY L 101 51.92 -24.31 11.63
N GLY L 102 52.93 -23.53 11.96
CA GLY L 102 54.17 -23.52 11.24
C GLY L 102 54.72 -22.12 11.11
N THR L 103 53.94 -21.21 10.55
CA THR L 103 54.43 -19.85 10.35
C THR L 103 53.82 -18.86 11.33
N LEU L 104 54.33 -17.64 11.28
CA LEU L 104 53.80 -16.47 11.95
C LEU L 104 53.65 -15.36 10.91
N TYR L 105 52.65 -14.51 11.07
CA TYR L 105 52.48 -13.36 10.20
C TYR L 105 52.35 -12.13 11.09
N PHE L 106 53.22 -11.13 10.85
CA PHE L 106 53.29 -9.96 11.68
C PHE L 106 52.72 -8.71 11.03
N GLY L 107 52.09 -7.89 11.85
CA GLY L 107 51.58 -6.62 11.39
C GLY L 107 52.68 -5.61 11.30
N ALA L 108 52.35 -4.45 10.74
CA ALA L 108 53.31 -3.40 10.43
C ALA L 108 53.71 -2.58 11.65
N GLY L 109 53.00 -2.76 12.76
CA GLY L 109 53.36 -2.07 13.99
C GLY L 109 52.50 -0.84 14.22
N THR L 110 52.18 -0.58 15.49
CA THR L 110 51.46 0.62 15.90
C THR L 110 52.32 1.42 16.84
N ARG L 111 52.69 2.63 16.47
CA ARG L 111 53.44 3.47 17.41
C ARG L 111 52.48 4.26 18.31
N LEU L 112 52.58 4.04 19.63
CA LEU L 112 51.65 4.67 20.55
C LEU L 112 52.39 5.56 21.45
N SER L 113 52.04 6.83 21.44
CA SER L 113 52.60 7.82 22.35
C SER L 113 51.53 8.22 23.39
N VAL L 114 51.82 8.01 24.66
CA VAL L 114 50.93 8.44 25.72
C VAL L 114 51.56 9.57 26.53
N LEU L 115 51.00 10.77 26.36
CA LEU L 115 51.51 12.01 26.96
C LEU L 115 50.91 12.30 28.33
N TYR L 116 51.46 13.31 29.00
CA TYR L 116 51.01 13.70 30.34
C TYR L 116 49.87 14.71 30.22
N GLY L 117 49.04 14.83 31.26
CA GLY L 117 47.90 15.77 31.23
C GLY L 117 48.34 17.13 31.69
N SER L 118 47.46 18.13 31.61
CA SER L 118 47.70 19.46 32.23
C SER L 118 46.68 19.70 33.35
N SER M 2 1.83 25.26 56.91
CA SER M 2 1.92 23.81 57.24
C SER M 2 0.75 23.41 58.15
N GLN M 3 0.27 22.16 58.03
CA GLN M 3 -0.95 21.68 58.74
C GLN M 3 -0.57 20.68 59.83
N PRO M 4 -1.17 20.82 61.03
CA PRO M 4 -0.81 19.88 62.10
C PRO M 4 -1.23 18.46 61.76
N ASP M 5 -0.36 17.51 62.10
CA ASP M 5 -0.71 16.10 61.92
C ASP M 5 -1.90 15.72 62.80
N PRO M 6 -2.68 14.70 62.36
CA PRO M 6 -3.98 14.41 63.01
C PRO M 6 -3.86 13.99 64.45
N LYS M 7 -4.64 14.64 65.32
CA LYS M 7 -4.74 14.26 66.73
C LYS M 7 -5.46 12.91 66.85
N PRO M 8 -5.33 12.23 68.02
CA PRO M 8 -5.75 10.80 68.10
C PRO M 8 -7.17 10.52 67.53
N ASP M 9 -8.19 11.12 68.15
CA ASP M 9 -9.56 10.84 67.75
C ASP M 9 -10.07 11.76 66.63
N GLU M 10 -9.16 12.45 65.95
CA GLU M 10 -9.58 13.36 64.89
C GLU M 10 -10.03 12.55 63.67
N LEU M 11 -9.36 11.42 63.45
CA LEU M 11 -9.54 10.64 62.22
C LEU M 11 -10.86 9.89 62.22
N HIS M 12 -11.48 9.79 61.05
CA HIS M 12 -12.71 9.00 60.88
C HIS M 12 -12.41 7.51 61.10
N LYS M 13 -13.24 6.85 61.90
CA LYS M 13 -13.09 5.41 62.13
C LYS M 13 -14.07 4.64 61.24
N SER M 14 -13.55 3.67 60.48
CA SER M 14 -14.38 2.97 59.49
C SER M 14 -15.42 2.05 60.11
N SER M 15 -15.13 1.60 61.33
CA SER M 15 -16.09 0.83 62.11
C SER M 15 -17.30 1.68 62.50
N LYS M 16 -17.16 2.99 62.48
CA LYS M 16 -18.25 3.86 62.85
C LYS M 16 -19.04 4.33 61.63
N PHE M 17 -18.73 3.73 60.48
CA PHE M 17 -19.50 3.96 59.25
C PHE M 17 -20.19 2.67 58.90
N THR M 18 -21.52 2.71 58.84
CA THR M 18 -22.37 1.54 58.69
C THR M 18 -23.09 1.48 57.34
N GLY M 19 -22.72 2.35 56.42
CA GLY M 19 -23.19 2.23 55.02
C GLY M 19 -22.31 1.30 54.20
N LEU M 20 -22.40 1.40 52.88
CA LEU M 20 -21.60 0.56 52.02
C LEU M 20 -20.38 1.32 51.55
N MET M 21 -19.22 0.82 51.96
CA MET M 21 -17.92 1.38 51.53
C MET M 21 -17.76 1.40 49.99
N GLU M 22 -18.49 0.56 49.29
CA GLU M 22 -18.48 0.62 47.82
C GLU M 22 -18.66 2.05 47.31
N ASN M 23 -19.49 2.82 47.98
CA ASN M 23 -19.74 4.17 47.52
C ASN M 23 -18.50 5.09 47.60
N MET M 24 -17.53 4.72 48.43
CA MET M 24 -16.22 5.37 48.47
C MET M 24 -15.23 4.70 47.51
N LYS M 25 -15.18 3.37 47.56
CA LYS M 25 -14.37 2.57 46.63
C LYS M 25 -14.44 3.03 45.19
N VAL M 26 -15.67 3.26 44.75
CA VAL M 26 -15.97 3.48 43.34
C VAL M 26 -15.45 4.85 42.85
N LEU M 27 -15.23 5.79 43.76
CA LEU M 27 -14.65 7.10 43.38
C LEU M 27 -13.22 6.97 42.94
N TYR M 28 -12.59 5.87 43.37
CA TYR M 28 -11.20 5.57 43.10
C TYR M 28 -11.00 4.31 42.23
N ASP M 29 -12.05 3.91 41.50
CA ASP M 29 -11.97 2.77 40.57
C ASP M 29 -11.26 3.25 39.31
N ASP M 30 -11.16 2.40 38.29
CA ASP M 30 -10.45 2.73 37.03
C ASP M 30 -10.89 4.08 36.41
N ASN M 31 -12.14 4.44 36.59
CA ASN M 31 -12.70 5.59 35.89
C ASN M 31 -12.49 6.94 36.60
N HIS M 32 -12.37 8.01 35.81
CA HIS M 32 -12.17 9.33 36.34
C HIS M 32 -12.24 10.35 35.23
N VAL M 33 -12.58 11.58 35.59
CA VAL M 33 -12.65 12.65 34.60
C VAL M 33 -11.25 13.08 34.22
N SER M 34 -11.02 13.18 32.92
CA SER M 34 -9.68 13.41 32.37
C SER M 34 -9.79 14.14 31.03
N ALA M 35 -9.29 15.37 30.98
CA ALA M 35 -9.34 16.12 29.72
C ALA M 35 -8.08 16.98 29.55
N ILE M 36 -7.69 17.17 28.31
CA ILE M 36 -6.45 17.87 28.00
C ILE M 36 -6.71 19.13 27.14
N ASN M 37 -6.16 20.23 27.58
CA ASN M 37 -6.20 21.48 26.83
C ASN M 37 -7.61 21.88 26.39
N VAL M 38 -8.44 22.25 27.37
CA VAL M 38 -9.84 22.60 27.12
C VAL M 38 -10.25 23.87 27.87
N LYS M 39 -11.28 24.53 27.33
CA LYS M 39 -11.73 25.81 27.83
C LYS M 39 -13.18 25.70 28.29
N SER M 40 -13.50 26.27 29.43
CA SER M 40 -14.87 26.30 29.95
C SER M 40 -15.81 26.80 28.88
N ILE M 41 -16.99 26.18 28.77
CA ILE M 41 -18.00 26.61 27.79
C ILE M 41 -19.34 26.99 28.40
N ASP M 42 -19.45 26.97 29.71
CA ASP M 42 -20.63 27.48 30.39
C ASP M 42 -20.31 27.56 31.88
N GLN M 43 -21.25 28.16 32.61
CA GLN M 43 -21.15 28.30 34.04
C GLN M 43 -22.56 28.24 34.58
N PHE M 44 -22.76 27.55 35.70
CA PHE M 44 -24.08 27.47 36.34
C PHE M 44 -24.14 28.48 37.49
N LEU M 45 -23.53 28.15 38.61
CA LEU M 45 -23.34 29.10 39.70
C LEU M 45 -22.01 29.80 39.51
N TYR M 46 -21.78 30.85 40.28
CA TYR M 46 -20.62 31.74 40.11
C TYR M 46 -19.29 31.10 40.56
N PHE M 47 -19.35 29.98 41.27
CA PHE M 47 -18.14 29.31 41.77
C PHE M 47 -17.91 27.96 41.06
N ASP M 48 -18.60 27.75 39.94
CA ASP M 48 -18.35 26.57 39.10
C ASP M 48 -18.02 26.99 37.68
N LEU M 49 -17.54 26.00 36.92
CA LEU M 49 -17.36 26.13 35.48
C LEU M 49 -17.81 24.80 34.85
N ILE M 50 -18.32 24.89 33.63
CA ILE M 50 -18.84 23.71 32.93
C ILE M 50 -18.01 23.42 31.68
N TYR M 51 -17.41 22.24 31.65
CA TYR M 51 -16.58 21.85 30.54
C TYR M 51 -17.26 20.79 29.69
N SER M 52 -16.99 20.82 28.40
CA SER M 52 -17.57 19.85 27.48
C SER M 52 -16.62 18.67 27.27
N ILE M 53 -16.89 17.57 27.96
CA ILE M 53 -16.04 16.36 27.92
C ILE M 53 -16.92 15.11 27.75
N LYS M 54 -16.69 14.35 26.68
CA LYS M 54 -17.43 13.10 26.47
C LYS M 54 -16.77 11.99 27.24
N ASP M 55 -17.57 11.26 28.02
CA ASP M 55 -17.18 9.95 28.54
C ASP M 55 -17.24 9.00 27.35
N THR M 56 -16.09 8.74 26.77
CA THR M 56 -15.99 7.90 25.60
C THR M 56 -16.07 6.44 26.00
N LYS M 57 -15.59 6.13 27.20
CA LYS M 57 -15.57 4.77 27.72
C LYS M 57 -16.96 4.16 27.97
N LEU M 58 -17.74 4.78 28.86
CA LEU M 58 -19.04 4.22 29.30
C LEU M 58 -20.26 5.05 28.91
N GLY M 59 -20.05 6.22 28.33
CA GLY M 59 -21.17 7.09 27.92
C GLY M 59 -21.89 7.80 29.05
N ASN M 60 -21.25 7.87 30.22
CA ASN M 60 -21.89 8.41 31.41
C ASN M 60 -22.03 9.93 31.50
N TYR M 61 -21.37 10.66 30.62
CA TYR M 61 -21.45 12.13 30.64
C TYR M 61 -20.94 12.81 29.36
N ASP M 62 -21.62 13.88 28.98
CA ASP M 62 -21.20 14.74 27.88
C ASP M 62 -20.62 16.06 28.39
N ASN M 63 -21.01 16.46 29.60
CA ASN M 63 -20.53 17.70 30.22
C ASN M 63 -20.11 17.46 31.63
N VAL M 64 -19.26 18.33 32.14
CA VAL M 64 -18.75 18.19 33.50
C VAL M 64 -18.79 19.53 34.26
N ARG M 65 -19.45 19.52 35.42
CA ARG M 65 -19.43 20.65 36.33
C ARG M 65 -18.23 20.53 37.27
N VAL M 66 -17.33 21.50 37.20
CA VAL M 66 -16.21 21.59 38.11
C VAL M 66 -16.50 22.73 39.10
N GLU M 67 -16.50 22.41 40.37
CA GLU M 67 -16.96 23.31 41.40
C GLU M 67 -15.79 23.77 42.27
N PHE M 68 -15.78 25.05 42.63
CA PHE M 68 -14.65 25.62 43.36
C PHE M 68 -15.06 26.16 44.72
N LYS M 69 -14.06 26.51 45.54
CA LYS M 69 -14.29 27.00 46.91
C LYS M 69 -14.85 28.42 46.90
N ASN M 70 -14.61 29.17 45.82
CA ASN M 70 -14.92 30.59 45.76
C ASN M 70 -14.95 31.14 44.34
N LYS M 71 -15.42 32.38 44.18
CA LYS M 71 -15.55 33.00 42.86
C LYS M 71 -14.20 33.20 42.18
N ASP M 72 -13.18 33.54 42.96
CA ASP M 72 -11.87 33.87 42.40
C ASP M 72 -11.34 32.74 41.57
N LEU M 73 -11.38 31.54 42.13
CA LEU M 73 -10.93 30.34 41.42
C LEU M 73 -11.72 30.12 40.15
N ALA M 74 -13.02 30.31 40.21
CA ALA M 74 -13.83 30.22 38.99
C ALA M 74 -13.36 31.24 37.96
N ASP M 75 -13.21 32.50 38.40
CA ASP M 75 -12.78 33.59 37.49
C ASP M 75 -11.41 33.28 36.89
N LYS M 76 -10.49 32.83 37.74
CA LYS M 76 -9.12 32.53 37.35
C LYS M 76 -9.05 31.62 36.14
N TYR M 77 -9.86 30.57 36.15
CA TYR M 77 -9.73 29.52 35.14
C TYR M 77 -10.77 29.59 34.04
N LYS M 78 -11.84 30.35 34.22
CA LYS M 78 -12.76 30.59 33.12
C LYS M 78 -11.93 31.16 31.98
N ASP M 79 -12.25 30.80 30.74
CA ASP M 79 -11.52 31.34 29.56
C ASP M 79 -10.08 30.85 29.40
N LYS M 80 -9.47 30.31 30.46
CA LYS M 80 -8.15 29.67 30.35
C LYS M 80 -8.27 28.31 29.66
N TYR M 81 -7.23 27.94 28.90
CA TYR M 81 -7.09 26.59 28.40
C TYR M 81 -6.37 25.77 29.47
N VAL M 82 -7.03 24.71 29.93
CA VAL M 82 -6.57 23.93 31.09
C VAL M 82 -6.62 22.44 30.85
N ASP M 83 -6.03 21.72 31.79
CA ASP M 83 -6.17 20.28 31.89
C ASP M 83 -7.02 19.95 33.14
N VAL M 84 -7.97 19.03 32.97
CA VAL M 84 -8.85 18.62 34.05
C VAL M 84 -8.52 17.19 34.48
N PHE M 85 -8.50 16.96 35.79
CA PHE M 85 -8.37 15.60 36.37
C PHE M 85 -9.14 15.47 37.70
N GLY M 86 -10.20 14.65 37.74
CA GLY M 86 -11.03 14.58 38.95
C GLY M 86 -11.73 13.26 39.30
N ALA M 87 -11.98 13.10 40.60
CA ALA M 87 -12.85 12.06 41.10
C ALA M 87 -14.26 12.60 41.05
N ASN M 88 -15.14 11.99 40.24
CA ASN M 88 -16.47 12.56 39.97
C ASN M 88 -17.63 11.79 40.55
N TYR M 89 -18.76 12.47 40.74
CA TYR M 89 -19.96 11.87 41.32
C TYR M 89 -21.14 12.11 40.44
N TYR M 90 -22.20 11.34 40.62
CA TYR M 90 -23.43 11.57 39.85
C TYR M 90 -24.72 11.76 40.65
N TYR M 91 -24.78 11.26 41.87
CA TYR M 91 -26.03 11.20 42.60
C TYR M 91 -26.65 12.60 42.90
N GLN M 92 -26.08 13.36 43.81
CA GLN M 92 -26.74 14.65 44.05
C GLN M 92 -26.03 15.75 43.26
N CYS M 93 -25.79 15.45 41.98
CA CYS M 93 -25.07 16.33 41.07
C CYS M 93 -26.07 17.01 40.20
N TYR M 94 -26.28 18.30 40.43
CA TYR M 94 -27.15 19.04 39.53
C TYR M 94 -26.50 20.30 38.99
N PHE M 95 -26.77 20.55 37.70
CA PHE M 95 -26.56 21.86 37.09
C PHE M 95 -27.41 22.05 35.82
N SER M 96 -27.74 23.29 35.49
CA SER M 96 -28.73 23.61 34.42
C SER M 96 -28.27 23.36 32.95
N LYS M 109 -28.70 16.86 28.43
CA LYS M 109 -27.91 15.69 28.07
C LYS M 109 -27.51 14.83 29.32
N ARG M 110 -26.30 14.25 29.30
CA ARG M 110 -25.83 13.36 30.36
C ARG M 110 -24.70 14.06 31.11
N LYS M 111 -24.79 14.09 32.43
CA LYS M 111 -23.98 15.00 33.26
C LYS M 111 -23.14 14.25 34.33
N THR M 112 -22.10 14.92 34.83
CA THR M 112 -21.36 14.50 36.02
C THR M 112 -20.83 15.74 36.70
N CYS M 113 -20.38 15.58 37.95
CA CYS M 113 -19.90 16.69 38.78
C CYS M 113 -18.60 16.33 39.51
N MET M 114 -17.75 17.33 39.70
CA MET M 114 -16.52 17.16 40.45
C MET M 114 -16.11 18.48 41.12
N TYR M 115 -15.04 18.43 41.91
CA TYR M 115 -14.46 19.64 42.47
C TYR M 115 -13.04 19.80 42.07
N GLY M 116 -12.63 21.05 41.92
CA GLY M 116 -11.25 21.42 41.59
C GLY M 116 -10.66 20.69 40.40
N GLY M 117 -9.49 20.12 40.60
CA GLY M 117 -8.87 19.27 39.59
C GLY M 117 -8.45 19.96 38.32
N VAL M 118 -8.13 21.24 38.38
CA VAL M 118 -7.78 22.01 37.19
C VAL M 118 -6.41 22.70 37.27
N THR M 119 -5.64 22.54 36.20
CA THR M 119 -4.33 23.15 36.04
C THR M 119 -4.23 23.82 34.68
N GLU M 120 -3.46 24.92 34.60
CA GLU M 120 -3.15 25.54 33.30
C GLU M 120 -2.47 24.54 32.38
N HIS M 121 -2.86 24.53 31.10
CA HIS M 121 -2.24 23.64 30.14
C HIS M 121 -0.87 24.16 29.69
N ASN M 122 -0.85 25.32 29.03
CA ASN M 122 0.39 25.85 28.45
C ASN M 122 1.44 26.08 29.52
N GLY M 123 2.61 25.49 29.31
CA GLY M 123 3.74 25.70 30.24
C GLY M 123 3.84 24.74 31.41
N ASN M 124 2.82 23.92 31.60
CA ASN M 124 2.74 22.95 32.72
C ASN M 124 3.11 21.53 32.28
N GLN M 125 3.29 21.32 30.97
CA GLN M 125 3.55 19.98 30.42
C GLN M 125 5.01 19.59 30.59
N LEU M 126 5.28 18.41 31.13
CA LEU M 126 6.65 17.90 31.24
C LEU M 126 6.99 17.05 30.03
N ASP M 127 8.28 16.98 29.69
CA ASP M 127 8.73 16.19 28.53
C ASP M 127 8.64 14.70 28.85
N LYS M 128 9.12 14.34 30.05
CA LYS M 128 9.01 12.97 30.59
C LYS M 128 7.99 12.96 31.73
N TYR M 129 7.43 11.81 31.99
CA TYR M 129 6.68 11.60 33.25
C TYR M 129 7.60 11.53 34.48
N ARG M 130 7.22 12.23 35.55
CA ARG M 130 7.95 12.18 36.81
C ARG M 130 7.32 11.15 37.73
N SER M 131 8.18 10.48 38.48
CA SER M 131 7.77 9.57 39.56
C SER M 131 7.68 10.31 40.89
N ILE M 132 6.66 9.99 41.66
CA ILE M 132 6.54 10.46 43.06
C ILE M 132 6.41 9.24 43.95
N THR M 133 7.23 9.17 44.99
CA THR M 133 7.21 8.00 45.84
C THR M 133 6.15 8.12 46.90
N VAL M 134 5.37 7.05 47.04
CA VAL M 134 4.41 6.91 48.11
C VAL M 134 4.93 5.87 49.11
N ARG M 135 4.93 6.24 50.38
CA ARG M 135 5.34 5.33 51.44
C ARG M 135 4.15 5.02 52.31
N VAL M 136 3.79 3.74 52.39
CA VAL M 136 2.59 3.34 53.09
C VAL M 136 2.94 2.67 54.41
N PHE M 137 2.50 3.29 55.49
CA PHE M 137 2.68 2.77 56.83
C PHE M 137 1.45 2.06 57.32
N GLU M 138 1.60 0.82 57.73
CA GLU M 138 0.50 0.04 58.29
C GLU M 138 0.79 -0.19 59.76
N ASP M 139 -0.03 0.44 60.60
CA ASP M 139 0.19 0.49 62.02
C ASP M 139 1.64 0.92 62.27
N GLY M 140 2.04 2.00 61.62
CA GLY M 140 3.37 2.58 61.85
C GLY M 140 4.57 1.96 61.13
N LYS M 141 4.37 0.84 60.44
CA LYS M 141 5.47 0.11 59.79
C LYS M 141 5.41 0.28 58.28
N ASN M 142 6.44 0.93 57.72
CA ASN M 142 6.49 1.16 56.25
C ASN M 142 6.78 -0.13 55.52
N LEU M 143 5.75 -0.94 55.35
CA LEU M 143 5.91 -2.27 54.78
C LEU M 143 5.80 -2.24 53.26
N LEU M 144 5.19 -1.20 52.71
CA LEU M 144 5.04 -1.06 51.26
C LEU M 144 5.35 0.34 50.78
N SER M 145 6.09 0.41 49.68
CA SER M 145 6.37 1.67 48.99
C SER M 145 6.18 1.46 47.50
N PHE M 146 5.76 2.52 46.80
CA PHE M 146 5.53 2.44 45.35
C PHE M 146 5.42 3.84 44.79
N ASP M 147 5.43 3.92 43.45
CA ASP M 147 5.48 5.22 42.76
C ASP M 147 4.22 5.46 41.96
N VAL M 148 3.72 6.69 42.01
CA VAL M 148 2.70 7.15 41.07
C VAL M 148 3.40 8.06 40.06
N GLN M 149 2.75 8.33 38.93
CA GLN M 149 3.36 9.11 37.88
C GLN M 149 2.48 10.23 37.36
N THR M 150 3.12 11.32 36.96
CA THR M 150 2.41 12.46 36.38
C THR M 150 3.30 13.16 35.39
N ASN M 151 2.68 13.84 34.44
CA ASN M 151 3.39 14.59 33.41
C ASN M 151 3.14 16.07 33.51
N LYS M 152 2.55 16.49 34.63
CA LYS M 152 2.30 17.91 34.92
C LYS M 152 3.35 18.46 35.88
N LYS M 153 3.83 19.68 35.62
CA LYS M 153 4.80 20.34 36.50
C LYS M 153 4.17 20.64 37.85
N LYS M 154 3.06 21.35 37.76
CA LYS M 154 2.21 21.62 38.90
C LYS M 154 1.00 20.72 38.76
N VAL M 155 0.85 19.77 39.69
CA VAL M 155 -0.24 18.80 39.70
C VAL M 155 -1.14 18.98 40.93
N THR M 156 -2.45 18.79 40.77
CA THR M 156 -3.40 18.91 41.89
C THR M 156 -3.23 17.75 42.85
N ALA M 157 -3.43 18.01 44.14
CA ALA M 157 -3.35 16.96 45.17
C ALA M 157 -4.35 15.89 44.87
N GLN M 158 -5.51 16.30 44.38
CA GLN M 158 -6.61 15.39 44.02
C GLN M 158 -6.11 14.28 43.09
N GLU M 159 -5.46 14.68 41.99
CA GLU M 159 -4.95 13.72 41.02
C GLU M 159 -3.98 12.75 41.66
N LEU M 160 -3.11 13.26 42.50
CA LEU M 160 -2.14 12.42 43.15
C LEU M 160 -2.84 11.49 44.12
N ASP M 161 -3.78 12.05 44.85
CA ASP M 161 -4.57 11.28 45.80
C ASP M 161 -5.25 10.11 45.10
N TYR M 162 -5.95 10.44 44.02
CA TYR M 162 -6.64 9.45 43.19
C TYR M 162 -5.73 8.33 42.78
N LEU M 163 -4.59 8.68 42.17
CA LEU M 163 -3.63 7.68 41.70
C LEU M 163 -3.16 6.79 42.85
N THR M 164 -3.00 7.39 44.03
CA THR M 164 -2.51 6.68 45.19
C THR M 164 -3.54 5.69 45.68
N ARG M 165 -4.77 6.15 45.86
CA ARG M 165 -5.81 5.25 46.37
C ARG M 165 -6.16 4.16 45.37
N HIS M 166 -6.05 4.49 44.09
CA HIS M 166 -6.37 3.54 43.03
C HIS M 166 -5.49 2.31 43.16
N TYR M 167 -4.19 2.55 43.31
CA TYR M 167 -3.22 1.49 43.51
C TYR M 167 -3.54 0.69 44.76
N LEU M 168 -3.78 1.40 45.87
CA LEU M 168 -4.02 0.80 47.17
C LEU M 168 -5.29 -0.03 47.22
N VAL M 169 -6.29 0.39 46.44
CA VAL M 169 -7.50 -0.41 46.30
C VAL M 169 -7.17 -1.73 45.62
N LYS M 170 -6.57 -1.69 44.44
CA LYS M 170 -6.20 -2.91 43.72
C LYS M 170 -5.37 -3.82 44.59
N ASN M 171 -4.36 -3.25 45.26
CA ASN M 171 -3.30 -4.04 45.87
C ASN M 171 -3.38 -4.33 47.38
N LYS M 172 -4.19 -3.56 48.11
CA LYS M 172 -4.36 -3.77 49.56
C LYS M 172 -5.82 -3.71 49.99
N LYS M 173 -6.73 -3.79 49.03
CA LYS M 173 -8.15 -3.84 49.33
C LYS M 173 -8.50 -2.72 50.31
N LEU M 174 -7.96 -1.53 50.04
CA LEU M 174 -8.17 -0.34 50.87
C LEU M 174 -9.63 -0.14 51.15
N TYR M 175 -10.44 -0.23 50.11
CA TYR M 175 -11.88 -0.18 50.20
C TYR M 175 -12.49 -1.43 49.57
N GLU M 176 -13.47 -2.03 50.22
CA GLU M 176 -14.23 -3.10 49.60
C GLU M 176 -15.69 -2.69 49.53
N PHE M 177 -16.55 -3.63 49.17
CA PHE M 177 -17.98 -3.31 49.01
C PHE M 177 -18.62 -2.90 50.32
N ASN M 178 -18.44 -3.73 51.36
CA ASN M 178 -19.12 -3.54 52.64
C ASN M 178 -18.38 -2.59 53.54
N ASN M 179 -17.13 -2.93 53.86
CA ASN M 179 -16.28 -2.04 54.67
C ASN M 179 -14.81 -2.01 54.17
N SER M 180 -13.89 -1.82 55.09
CA SER M 180 -12.48 -1.79 54.79
C SER M 180 -11.71 -2.52 55.88
N PRO M 181 -10.62 -3.22 55.51
CA PRO M 181 -9.80 -3.87 56.52
C PRO M 181 -9.13 -2.86 57.45
N TYR M 182 -9.01 -1.62 56.99
CA TYR M 182 -8.34 -0.60 57.78
C TYR M 182 -9.35 0.26 58.55
N GLU M 183 -9.04 0.55 59.81
CA GLU M 183 -9.94 1.30 60.67
C GLU M 183 -9.87 2.79 60.35
N THR M 184 -8.64 3.30 60.32
CA THR M 184 -8.37 4.69 60.00
C THR M 184 -7.31 4.79 58.92
N GLY M 185 -7.33 5.91 58.21
CA GLY M 185 -6.36 6.13 57.14
C GLY M 185 -6.33 7.60 56.77
N TYR M 186 -5.11 8.13 56.63
CA TYR M 186 -4.93 9.47 56.06
C TYR M 186 -3.74 9.55 55.12
N ILE M 187 -3.84 10.46 54.16
CA ILE M 187 -2.81 10.66 53.12
C ILE M 187 -2.16 12.04 53.31
N LYS M 188 -0.84 12.03 53.46
CA LYS M 188 -0.07 13.22 53.75
C LYS M 188 0.77 13.59 52.55
N PHE M 189 0.72 14.89 52.22
CA PHE M 189 1.49 15.47 51.15
C PHE M 189 2.57 16.39 51.70
N ILE M 190 3.83 15.96 51.59
CA ILE M 190 4.94 16.81 52.04
C ILE M 190 5.69 17.49 50.91
N GLU M 191 5.77 18.81 50.99
CA GLU M 191 6.41 19.59 49.95
C GLU M 191 7.43 20.49 50.59
N ASN M 192 8.64 19.96 50.74
CA ASN M 192 9.68 20.73 51.40
C ASN M 192 9.36 20.72 52.88
N GLU M 193 9.07 21.90 53.42
CA GLU M 193 8.78 22.04 54.83
C GLU M 193 7.29 21.98 55.01
N ASN M 194 6.56 22.72 54.16
CA ASN M 194 5.11 22.74 54.27
C ASN M 194 4.47 21.39 53.96
N SER M 195 3.36 21.09 54.63
CA SER M 195 2.66 19.83 54.45
C SER M 195 1.18 19.90 54.82
N PHE M 196 0.38 19.00 54.23
CA PHE M 196 -1.05 18.88 54.56
C PHE M 196 -1.53 17.44 54.36
N TRP M 197 -2.75 17.16 54.84
CA TRP M 197 -3.32 15.79 54.74
C TRP M 197 -4.83 15.76 54.56
N TYR M 198 -5.31 14.64 54.03
CA TYR M 198 -6.73 14.34 53.88
C TYR M 198 -7.10 12.99 54.56
N ASP M 199 -8.30 12.95 55.15
CA ASP M 199 -8.86 11.75 55.78
C ASP M 199 -9.36 10.83 54.68
N MET M 200 -8.89 9.60 54.67
CA MET M 200 -9.25 8.70 53.60
C MET M 200 -10.57 7.94 53.86
N MET M 201 -11.05 8.00 55.10
CA MET M 201 -12.24 7.26 55.50
C MET M 201 -13.47 8.15 55.50
N PRO M 202 -14.64 7.53 55.35
CA PRO M 202 -15.89 8.27 55.30
C PRO M 202 -16.35 8.72 56.66
N ALA M 203 -17.05 9.85 56.68
CA ALA M 203 -17.67 10.37 57.92
C ALA M 203 -18.52 9.26 58.53
N PRO M 204 -18.64 9.24 59.87
CA PRO M 204 -19.45 8.23 60.53
C PRO M 204 -20.92 8.48 60.32
N GLY M 205 -21.71 7.39 60.29
CA GLY M 205 -23.17 7.47 60.10
C GLY M 205 -23.70 6.39 59.19
N ASP M 206 -24.98 6.50 58.83
CA ASP M 206 -25.71 5.45 58.07
C ASP M 206 -25.34 5.39 56.57
N LYS M 207 -25.19 6.55 55.94
CA LYS M 207 -24.93 6.62 54.50
C LYS M 207 -23.69 7.48 54.22
N PHE M 208 -23.06 7.28 53.08
CA PHE M 208 -21.90 8.07 52.65
C PHE M 208 -22.37 9.15 51.67
N ASP M 209 -21.86 10.36 51.84
CA ASP M 209 -22.23 11.50 51.00
C ASP M 209 -21.05 11.87 50.07
N GLN M 210 -21.09 11.31 48.86
CA GLN M 210 -20.01 11.48 47.89
C GLN M 210 -19.76 12.96 47.61
N SER M 211 -20.83 13.71 47.32
CA SER M 211 -20.71 15.14 47.09
C SER M 211 -19.97 15.84 48.22
N LYS M 212 -20.41 15.63 49.45
CA LYS M 212 -19.77 16.28 50.57
C LYS M 212 -18.30 15.87 50.69
N TYR M 213 -18.03 14.57 50.59
CA TYR M 213 -16.66 14.12 50.80
C TYR M 213 -15.72 14.79 49.81
N LEU M 214 -16.09 14.65 48.53
CA LEU M 214 -15.28 15.18 47.42
C LEU M 214 -15.12 16.70 47.44
N MET M 215 -16.02 17.38 48.15
CA MET M 215 -15.95 18.84 48.20
C MET M 215 -14.60 19.31 48.73
N MET M 216 -13.92 18.47 49.51
CA MET M 216 -12.61 18.85 50.06
C MET M 216 -11.61 19.26 48.98
N TYR M 217 -11.77 18.72 47.79
CA TYR M 217 -10.90 19.04 46.66
C TYR M 217 -11.18 20.41 45.99
N ASN M 218 -12.15 21.17 46.51
CA ASN M 218 -12.60 22.39 45.81
C ASN M 218 -11.64 23.60 45.99
N ASP M 219 -10.65 23.43 46.86
CA ASP M 219 -9.62 24.43 47.00
C ASP M 219 -8.66 24.39 45.81
N ASN M 220 -8.78 23.39 44.95
CA ASN M 220 -7.91 23.23 43.79
C ASN M 220 -6.42 23.16 44.18
N LYS M 221 -6.11 22.66 45.37
CA LYS M 221 -4.74 22.71 45.86
C LYS M 221 -3.81 21.99 44.92
N MET M 222 -2.71 22.65 44.59
CA MET M 222 -1.68 22.12 43.70
C MET M 222 -0.40 21.89 44.46
N VAL M 223 0.44 21.03 43.91
CA VAL M 223 1.78 20.80 44.44
C VAL M 223 2.74 20.72 43.29
N ASP M 224 4.03 20.73 43.59
CA ASP M 224 5.06 20.67 42.56
C ASP M 224 5.49 19.23 42.45
N SER M 225 5.34 18.65 41.26
CA SER M 225 5.64 17.23 41.06
C SER M 225 7.09 16.88 41.36
N LYS M 226 8.02 17.82 41.10
CA LYS M 226 9.45 17.55 41.33
C LYS M 226 9.75 17.30 42.81
N ASP M 227 9.25 18.14 43.70
CA ASP M 227 9.70 18.04 45.08
C ASP M 227 8.64 17.71 46.11
N VAL M 228 7.55 17.05 45.70
CA VAL M 228 6.54 16.56 46.66
C VAL M 228 6.77 15.09 46.98
N LYS M 229 6.59 14.69 48.24
CA LYS M 229 6.57 13.27 48.62
C LYS M 229 5.22 12.94 49.28
N ILE M 230 4.83 11.67 49.21
CA ILE M 230 3.54 11.24 49.76
C ILE M 230 3.73 10.15 50.83
N GLU M 231 3.07 10.35 51.96
CA GLU M 231 3.02 9.36 53.01
C GLU M 231 1.58 8.98 53.24
N VAL M 232 1.33 7.68 53.44
CA VAL M 232 -0.01 7.19 53.74
C VAL M 232 0.03 6.35 55.00
N TYR M 233 -0.76 6.77 55.99
CA TYR M 233 -0.81 6.11 57.28
C TYR M 233 -2.15 5.39 57.44
N LEU M 234 -2.05 4.07 57.53
CA LEU M 234 -3.20 3.20 57.77
C LEU M 234 -3.08 2.49 59.11
N THR M 235 -4.21 2.27 59.77
CA THR M 235 -4.24 1.46 61.00
C THR M 235 -5.28 0.36 60.84
N THR M 236 -4.98 -0.81 61.41
CA THR M 236 -5.90 -1.96 61.39
C THR M 236 -6.81 -1.93 62.62
N LYS M 237 -7.76 -2.84 62.69
CA LYS M 237 -8.90 -2.72 63.64
C LYS M 237 -8.60 -3.05 65.13
N LYS M 239 -9.16 -5.18 68.02
CA LYS M 239 -9.47 -6.60 67.74
C LYS M 239 -9.86 -7.43 68.99
N GLU N 5 -41.09 2.50 23.94
CA GLU N 5 -41.49 2.39 25.39
C GLU N 5 -40.41 1.76 26.34
N ALA N 6 -40.29 2.35 27.53
CA ALA N 6 -39.22 2.00 28.48
C ALA N 6 -39.32 0.56 28.99
N ALA N 7 -38.20 -0.13 29.08
CA ALA N 7 -38.21 -1.51 29.56
C ALA N 7 -36.95 -1.87 30.34
N VAL N 8 -36.91 -3.09 30.86
CA VAL N 8 -35.78 -3.62 31.60
C VAL N 8 -35.53 -5.05 31.15
N THR N 9 -34.27 -5.37 30.84
CA THR N 9 -33.93 -6.71 30.45
C THR N 9 -32.96 -7.31 31.45
N GLN N 10 -33.38 -8.37 32.13
CA GLN N 10 -32.51 -9.14 33.00
C GLN N 10 -31.81 -10.19 32.18
N SER N 11 -30.66 -10.63 32.69
CA SER N 11 -29.99 -11.76 32.10
C SER N 11 -29.11 -12.44 33.14
N PRO N 12 -29.10 -13.78 33.14
CA PRO N 12 -29.97 -14.64 32.34
C PRO N 12 -31.34 -14.75 32.95
N ARG N 13 -32.19 -15.55 32.31
CA ARG N 13 -33.56 -15.79 32.78
C ARG N 13 -33.63 -16.97 33.69
N ASN N 14 -32.68 -17.88 33.55
CA ASN N 14 -32.64 -19.12 34.29
C ASN N 14 -31.17 -19.51 34.48
N LYS N 15 -30.78 -19.89 35.67
CA LYS N 15 -29.37 -20.24 35.93
C LYS N 15 -29.27 -21.26 37.04
N VAL N 16 -28.37 -22.21 36.87
CA VAL N 16 -28.07 -23.18 37.92
C VAL N 16 -26.59 -23.07 38.22
N ALA N 17 -26.23 -23.13 39.50
CA ALA N 17 -24.85 -23.00 39.89
C ALA N 17 -24.49 -23.88 41.09
N VAL N 18 -23.21 -24.05 41.32
CA VAL N 18 -22.75 -24.83 42.46
C VAL N 18 -22.48 -23.92 43.64
N THR N 19 -22.65 -24.46 44.83
CA THR N 19 -22.24 -23.74 46.01
C THR N 19 -20.77 -23.33 45.81
N GLY N 20 -20.44 -22.09 46.18
CA GLY N 20 -19.07 -21.57 46.10
C GLY N 20 -18.75 -20.84 44.81
N GLU N 21 -19.66 -20.95 43.85
CA GLU N 21 -19.51 -20.35 42.52
C GLU N 21 -19.89 -18.90 42.60
N LYS N 22 -19.16 -18.07 41.86
CA LYS N 22 -19.45 -16.64 41.74
C LYS N 22 -20.52 -16.46 40.66
N VAL N 23 -21.61 -15.81 41.04
CA VAL N 23 -22.74 -15.61 40.13
C VAL N 23 -23.01 -14.12 40.01
N THR N 24 -23.34 -13.68 38.80
CA THR N 24 -23.61 -12.28 38.50
C THR N 24 -24.88 -12.14 37.69
N LEU N 25 -25.87 -11.45 38.23
CA LEU N 25 -27.08 -11.18 37.45
C LEU N 25 -27.02 -9.80 36.85
N SER N 26 -27.48 -9.66 35.61
CA SER N 26 -27.42 -8.37 34.92
C SER N 26 -28.81 -7.77 34.72
N CYS N 27 -28.86 -6.45 34.69
CA CYS N 27 -30.09 -5.75 34.46
C CYS N 27 -29.81 -4.52 33.67
N LYS N 28 -30.45 -4.39 32.51
CA LYS N 28 -30.12 -3.34 31.55
C LYS N 28 -31.37 -2.56 31.15
N GLN N 29 -31.33 -1.26 31.29
CA GLN N 29 -32.44 -0.44 30.82
C GLN N 29 -32.39 -0.33 29.31
N THR N 30 -33.56 -0.35 28.68
CA THR N 30 -33.66 -0.10 27.24
C THR N 30 -34.68 1.02 27.04
N ASN N 31 -34.38 1.94 26.13
CA ASN N 31 -35.26 3.10 25.87
C ASN N 31 -35.62 3.95 27.09
N SER N 32 -34.66 4.10 28.00
CA SER N 32 -34.81 4.99 29.14
C SER N 32 -33.45 5.36 29.69
N TYR N 33 -33.45 6.38 30.53
CA TYR N 33 -32.22 6.84 31.22
C TYR N 33 -32.58 7.26 32.67
N PHE N 34 -33.05 6.27 33.44
CA PHE N 34 -33.57 6.48 34.78
C PHE N 34 -32.52 6.37 35.86
N ASN N 35 -32.65 7.23 36.85
CA ASN N 35 -31.74 7.32 37.97
C ASN N 35 -31.86 6.20 38.97
N ASN N 36 -33.07 5.71 39.17
CA ASN N 36 -33.29 4.67 40.19
C ASN N 36 -33.38 3.27 39.57
N MET N 37 -32.63 2.32 40.12
CA MET N 37 -32.83 0.92 39.80
C MET N 37 -32.82 0.10 41.08
N TYR N 38 -33.37 -1.11 40.98
CA TYR N 38 -33.67 -1.94 42.13
C TYR N 38 -33.38 -3.41 41.84
N TRP N 39 -32.86 -4.12 42.84
CA TRP N 39 -32.82 -5.58 42.80
C TRP N 39 -33.64 -6.14 43.96
N TYR N 40 -34.66 -6.93 43.63
CA TYR N 40 -35.40 -7.68 44.63
C TYR N 40 -35.18 -9.18 44.45
N ARG N 41 -35.40 -9.95 45.51
CA ARG N 41 -35.70 -11.35 45.34
C ARG N 41 -37.06 -11.73 45.93
N GLN N 42 -37.77 -12.61 45.22
CA GLN N 42 -39.09 -13.08 45.64
C GLN N 42 -38.95 -14.44 46.30
N ASP N 43 -39.49 -14.52 47.52
CA ASP N 43 -39.59 -15.82 48.18
C ASP N 43 -40.92 -16.49 47.76
N THR N 44 -40.81 -17.71 47.23
CA THR N 44 -41.85 -18.71 47.28
C THR N 44 -43.25 -18.16 47.12
N GLY N 45 -43.51 -17.59 45.95
CA GLY N 45 -44.86 -17.07 45.63
C GLY N 45 -45.38 -15.92 46.50
N HIS N 46 -44.48 -15.18 47.13
CA HIS N 46 -44.87 -14.17 48.10
C HIS N 46 -44.18 -12.83 47.82
N GLU N 47 -44.08 -11.97 48.83
CA GLU N 47 -43.55 -10.62 48.68
C GLU N 47 -42.15 -10.54 48.09
N LEU N 48 -41.93 -9.52 47.27
CA LEU N 48 -40.59 -9.12 46.81
C LEU N 48 -39.85 -8.48 47.95
N ARG N 49 -38.59 -8.87 48.13
CA ARG N 49 -37.73 -8.29 49.17
C ARG N 49 -36.52 -7.61 48.56
N LEU N 50 -36.34 -6.32 48.87
CA LEU N 50 -35.24 -5.52 48.30
C LEU N 50 -33.87 -5.88 48.87
N ILE N 51 -32.97 -6.27 47.98
CA ILE N 51 -31.57 -6.56 48.33
C ILE N 51 -30.81 -5.27 48.29
N PHE N 52 -30.80 -4.63 47.11
CA PHE N 52 -30.12 -3.36 46.92
C PHE N 52 -30.93 -2.45 46.04
N MET N 53 -30.68 -1.16 46.21
CA MET N 53 -31.19 -0.11 45.35
C MET N 53 -30.01 0.74 44.84
N SER N 54 -30.26 1.57 43.83
CA SER N 54 -29.30 2.54 43.39
C SER N 54 -30.02 3.81 42.98
N HIS N 55 -29.57 4.94 43.51
CA HIS N 55 -30.19 6.22 43.18
C HIS N 55 -29.53 6.84 41.97
N GLY N 56 -28.58 6.14 41.37
CA GLY N 56 -27.88 6.65 40.19
C GLY N 56 -26.53 5.98 40.05
N ILE N 57 -25.73 6.49 39.13
CA ILE N 57 -24.40 5.95 38.86
C ILE N 57 -23.56 6.14 40.08
N ARG N 58 -22.76 5.14 40.39
CA ARG N 58 -21.88 5.16 41.56
C ARG N 58 -22.62 5.32 42.88
N ASN N 59 -23.81 4.76 42.92
CA ASN N 59 -24.55 4.65 44.15
C ASN N 59 -25.17 3.25 44.31
N VAL N 60 -24.94 2.68 45.48
CA VAL N 60 -25.62 1.50 45.90
C VAL N 60 -26.14 1.74 47.31
N GLU N 61 -27.39 1.35 47.55
CA GLU N 61 -28.04 1.55 48.86
C GLU N 61 -28.57 0.22 49.40
N LYS N 62 -28.24 -0.07 50.65
CA LYS N 62 -28.74 -1.28 51.30
C LYS N 62 -30.25 -1.31 51.23
N GLY N 63 -30.78 -2.51 51.05
CA GLY N 63 -32.22 -2.76 51.15
C GLY N 63 -32.51 -3.52 52.42
N ASP N 64 -33.57 -4.31 52.43
CA ASP N 64 -33.93 -5.12 53.60
C ASP N 64 -33.07 -6.38 53.80
N ILE N 65 -32.49 -6.90 52.72
CA ILE N 65 -31.94 -8.23 52.73
C ILE N 65 -30.58 -8.35 51.99
N PRO N 66 -29.64 -7.43 52.25
CA PRO N 66 -28.39 -7.28 51.49
C PRO N 66 -27.27 -8.27 51.78
N ASP N 67 -27.38 -8.99 52.90
CA ASP N 67 -26.28 -9.84 53.37
C ASP N 67 -25.99 -10.95 52.40
N GLY N 68 -24.70 -11.13 52.12
CA GLY N 68 -24.22 -12.12 51.14
C GLY N 68 -24.37 -11.69 49.70
N TYR N 69 -24.72 -10.43 49.45
CA TYR N 69 -24.79 -9.92 48.11
C TYR N 69 -23.93 -8.70 47.96
N LYS N 70 -23.57 -8.43 46.72
CA LYS N 70 -22.97 -7.17 46.33
C LYS N 70 -23.71 -6.69 45.12
N ALA N 71 -23.47 -5.44 44.75
CA ALA N 71 -24.12 -4.86 43.57
C ALA N 71 -23.24 -3.80 42.99
N SER N 72 -23.62 -3.32 41.81
CA SER N 72 -22.76 -2.44 41.05
C SER N 72 -23.49 -1.62 39.98
N ARG N 73 -23.31 -0.32 40.01
CA ARG N 73 -23.90 0.56 39.02
C ARG N 73 -22.84 1.44 38.39
N PRO N 74 -22.15 0.89 37.40
CA PRO N 74 -21.11 1.63 36.71
C PRO N 74 -21.63 2.61 35.63
N SER N 75 -22.92 2.54 35.30
CA SER N 75 -23.52 3.40 34.27
C SER N 75 -25.02 3.40 34.43
N GLN N 76 -25.72 4.30 33.76
CA GLN N 76 -27.15 4.40 34.03
C GLN N 76 -27.89 3.14 33.70
N GLU N 77 -27.61 2.57 32.55
CA GLU N 77 -28.45 1.51 32.04
C GLU N 77 -28.26 0.19 32.79
N ASN N 78 -27.16 0.05 33.53
CA ASN N 78 -26.75 -1.24 34.04
C ASN N 78 -26.59 -1.32 35.55
N PHE N 79 -27.34 -2.22 36.16
CA PHE N 79 -27.28 -2.46 37.59
C PHE N 79 -27.18 -3.95 37.83
N SER N 80 -26.01 -4.40 38.27
CA SER N 80 -25.75 -5.82 38.39
C SER N 80 -25.70 -6.29 39.82
N LEU N 81 -26.17 -7.52 40.04
CA LEU N 81 -26.22 -8.12 41.37
C LEU N 81 -25.19 -9.22 41.40
N ILE N 82 -24.28 -9.14 42.36
CA ILE N 82 -23.15 -10.04 42.47
C ILE N 82 -23.30 -10.98 43.66
N LEU N 83 -23.26 -12.29 43.41
CA LEU N 83 -23.11 -13.31 44.47
C LEU N 83 -21.68 -13.83 44.49
N GLU N 84 -20.91 -13.41 45.49
CA GLU N 84 -19.46 -13.65 45.48
C GLU N 84 -19.15 -15.15 45.69
N LEU N 85 -19.74 -15.74 46.73
CA LEU N 85 -19.63 -17.19 46.97
C LEU N 85 -21.01 -17.79 47.22
N ALA N 86 -21.68 -18.14 46.13
CA ALA N 86 -23.09 -18.56 46.17
C ALA N 86 -23.44 -19.60 47.25
N THR N 87 -24.63 -19.46 47.80
CA THR N 87 -25.11 -20.41 48.81
C THR N 87 -26.43 -20.98 48.40
N PRO N 88 -26.67 -22.28 48.65
CA PRO N 88 -27.96 -22.87 48.34
C PRO N 88 -29.15 -21.98 48.75
N SER N 89 -28.99 -21.41 49.94
CA SER N 89 -30.01 -20.52 50.52
C SER N 89 -30.36 -19.35 49.65
N GLN N 90 -29.48 -19.01 48.71
CA GLN N 90 -29.75 -17.93 47.75
C GLN N 90 -30.55 -18.44 46.55
N THR N 91 -31.02 -19.68 46.63
CA THR N 91 -31.87 -20.22 45.58
C THR N 91 -33.16 -19.42 45.60
N SER N 92 -33.52 -18.82 44.48
CA SER N 92 -34.72 -18.01 44.46
C SER N 92 -34.98 -17.46 43.06
N VAL N 93 -36.10 -16.75 42.92
CA VAL N 93 -36.33 -15.97 41.72
C VAL N 93 -36.02 -14.51 42.05
N TYR N 94 -35.27 -13.87 41.16
CA TYR N 94 -34.80 -12.52 41.40
C TYR N 94 -35.38 -11.58 40.36
N PHE N 95 -35.73 -10.38 40.78
CA PHE N 95 -36.40 -9.41 39.92
C PHE N 95 -35.71 -8.07 39.95
N CYS N 96 -35.44 -7.58 38.76
CA CYS N 96 -34.87 -6.27 38.56
C CYS N 96 -35.94 -5.28 38.23
N ALA N 97 -35.75 -4.03 38.61
CA ALA N 97 -36.70 -2.99 38.23
C ALA N 97 -36.00 -1.63 38.06
N SER N 98 -36.46 -0.85 37.09
CA SER N 98 -36.01 0.52 36.93
C SER N 98 -37.18 1.43 37.27
N GLY N 99 -36.88 2.67 37.62
CA GLY N 99 -37.90 3.55 38.14
C GLY N 99 -37.65 5.00 37.80
N GLY N 100 -38.65 5.61 37.21
CA GLY N 100 -38.61 7.02 36.89
C GLY N 100 -39.72 7.72 37.66
N GLY N 101 -39.32 8.43 38.72
CA GLY N 101 -40.17 9.43 39.40
C GLY N 101 -41.62 9.45 38.92
N GLY N 102 -42.24 8.29 39.10
CA GLY N 102 -43.65 8.05 38.86
C GLY N 102 -43.88 6.55 38.70
N THR N 103 -43.27 5.94 37.68
CA THR N 103 -43.52 4.53 37.38
C THR N 103 -42.33 3.67 37.79
N LEU N 104 -42.56 2.36 37.71
CA LEU N 104 -41.55 1.33 37.85
C LEU N 104 -41.63 0.42 36.65
N TYR N 105 -40.51 -0.14 36.23
CA TYR N 105 -40.52 -1.12 35.14
C TYR N 105 -39.77 -2.36 35.56
N PHE N 106 -40.46 -3.50 35.53
CA PHE N 106 -39.89 -4.73 36.09
C PHE N 106 -39.43 -5.69 35.01
N GLY N 107 -38.33 -6.38 35.30
CA GLY N 107 -37.82 -7.42 34.44
C GLY N 107 -38.62 -8.72 34.57
N ALA N 108 -38.34 -9.66 33.67
CA ALA N 108 -39.08 -10.91 33.56
C ALA N 108 -38.71 -11.94 34.63
N GLY N 109 -37.66 -11.67 35.40
CA GLY N 109 -37.27 -12.53 36.50
C GLY N 109 -36.11 -13.39 36.08
N THR N 110 -35.22 -13.71 37.03
CA THR N 110 -34.19 -14.72 36.85
C THR N 110 -34.34 -15.79 37.92
N ARG N 111 -34.59 -17.03 37.50
CA ARG N 111 -34.67 -18.16 38.43
C ARG N 111 -33.25 -18.71 38.65
N LEU N 112 -32.81 -18.69 39.90
CA LEU N 112 -31.48 -19.13 40.21
C LEU N 112 -31.56 -20.29 41.16
N SER N 113 -30.98 -21.41 40.77
CA SER N 113 -30.87 -22.60 41.61
C SER N 113 -29.41 -22.80 42.03
N VAL N 114 -29.15 -22.79 43.32
CA VAL N 114 -27.83 -23.05 43.81
C VAL N 114 -27.76 -24.40 44.55
N LEU N 115 -27.07 -25.35 43.93
CA LEU N 115 -27.01 -26.73 44.42
C LEU N 115 -25.85 -26.95 45.39
N TYR N 116 -25.79 -28.14 45.97
CA TYR N 116 -24.71 -28.54 46.90
C TYR N 116 -23.49 -29.21 46.23
N SER O 2 40.24 34.65 -12.41
CA SER O 2 39.57 33.75 -13.40
C SER O 2 39.36 32.36 -12.76
N GLN O 3 38.28 31.67 -13.15
CA GLN O 3 37.87 30.39 -12.54
C GLN O 3 38.10 29.21 -13.51
N PRO O 4 38.71 28.12 -13.03
CA PRO O 4 38.94 27.01 -13.94
C PRO O 4 37.65 26.44 -14.47
N ASP O 5 37.63 26.08 -15.76
CA ASP O 5 36.49 25.40 -16.35
C ASP O 5 36.28 24.03 -15.71
N PRO O 6 35.02 23.54 -15.69
CA PRO O 6 34.65 22.36 -14.93
C PRO O 6 35.33 21.08 -15.37
N LYS O 7 35.97 20.41 -14.42
CA LYS O 7 36.58 19.11 -14.66
C LYS O 7 35.48 18.08 -14.96
N PRO O 8 35.86 16.91 -15.51
CA PRO O 8 34.83 15.98 -16.05
C PRO O 8 33.65 15.71 -15.08
N ASP O 9 33.96 15.06 -13.94
CA ASP O 9 32.90 14.63 -13.02
C ASP O 9 32.52 15.70 -11.98
N GLU O 10 32.92 16.94 -12.22
CA GLU O 10 32.63 18.03 -11.30
C GLU O 10 31.13 18.39 -11.38
N LEU O 11 30.60 18.31 -12.60
CA LEU O 11 29.25 18.81 -12.90
C LEU O 11 28.18 17.88 -12.37
N HIS O 12 27.09 18.47 -11.88
CA HIS O 12 25.94 17.73 -11.37
C HIS O 12 25.26 16.98 -12.52
N LYS O 13 24.97 15.70 -12.33
CA LYS O 13 24.31 14.89 -13.37
C LYS O 13 22.81 14.76 -13.06
N SER O 14 21.96 15.16 -14.00
CA SER O 14 20.53 15.26 -13.73
C SER O 14 19.87 13.90 -13.55
N SER O 15 20.50 12.87 -14.10
CA SER O 15 20.06 11.48 -13.88
C SER O 15 20.27 11.06 -12.43
N LYS O 16 21.16 11.75 -11.72
CA LYS O 16 21.45 11.41 -10.36
C LYS O 16 20.60 12.21 -9.37
N PHE O 17 19.66 12.96 -9.92
CA PHE O 17 18.65 13.68 -9.13
C PHE O 17 17.27 13.05 -9.36
N THR O 18 16.69 12.53 -8.28
CA THR O 18 15.46 11.74 -8.38
C THR O 18 14.25 12.44 -7.80
N GLY O 19 14.39 13.72 -7.46
CA GLY O 19 13.25 14.56 -7.11
C GLY O 19 12.54 15.16 -8.33
N LEU O 20 11.72 16.16 -8.10
CA LEU O 20 11.00 16.78 -9.21
C LEU O 20 11.72 18.04 -9.70
N MET O 21 12.19 17.97 -10.94
CA MET O 21 12.86 19.12 -11.58
C MET O 21 11.97 20.37 -11.61
N GLU O 22 10.67 20.20 -11.50
CA GLU O 22 9.79 21.35 -11.40
C GLU O 22 10.33 22.35 -10.36
N ASN O 23 10.80 21.86 -9.23
CA ASN O 23 11.24 22.74 -8.17
C ASN O 23 12.43 23.66 -8.57
N MET O 24 13.18 23.24 -9.60
CA MET O 24 14.21 24.08 -10.22
C MET O 24 13.60 24.93 -11.32
N LYS O 25 12.82 24.28 -12.21
CA LYS O 25 12.14 24.96 -13.32
C LYS O 25 11.45 26.26 -12.90
N VAL O 26 10.79 26.20 -11.78
CA VAL O 26 9.91 27.24 -11.36
C VAL O 26 10.68 28.50 -10.90
N LEU O 27 11.92 28.34 -10.49
CA LEU O 27 12.77 29.50 -10.11
C LEU O 27 13.06 30.39 -11.32
N TYR O 28 12.96 29.80 -12.50
CA TYR O 28 13.20 30.46 -13.76
C TYR O 28 11.93 30.57 -14.66
N ASP O 29 10.75 30.54 -14.03
CA ASP O 29 9.50 30.78 -14.76
C ASP O 29 9.33 32.30 -14.98
N ASP O 30 8.18 32.71 -15.51
CA ASP O 30 7.92 34.14 -15.79
C ASP O 30 8.17 35.06 -14.57
N ASN O 31 7.90 34.57 -13.38
CA ASN O 31 7.94 35.40 -12.18
C ASN O 31 9.33 35.57 -11.59
N HIS O 32 9.56 36.71 -10.95
CA HIS O 32 10.84 37.02 -10.31
C HIS O 32 10.74 38.34 -9.55
N VAL O 33 11.56 38.50 -8.52
CA VAL O 33 11.59 39.74 -7.76
C VAL O 33 12.27 40.83 -8.58
N SER O 34 11.60 41.97 -8.63
CA SER O 34 12.01 43.07 -9.49
C SER O 34 11.55 44.37 -8.86
N ALA O 35 12.51 45.23 -8.53
CA ALA O 35 12.16 46.56 -7.97
C ALA O 35 13.17 47.62 -8.40
N ILE O 36 12.68 48.85 -8.55
CA ILE O 36 13.47 49.95 -9.05
C ILE O 36 13.59 51.09 -8.05
N ASN O 37 14.83 51.50 -7.80
CA ASN O 37 15.12 52.65 -6.93
C ASN O 37 14.42 52.53 -5.58
N VAL O 38 14.91 51.61 -4.74
CA VAL O 38 14.33 51.39 -3.39
C VAL O 38 15.39 51.21 -2.32
N LYS O 39 15.02 51.54 -1.08
CA LYS O 39 15.92 51.58 0.05
C LYS O 39 15.49 50.57 1.09
N SER O 40 16.46 49.81 1.64
CA SER O 40 16.18 48.84 2.70
C SER O 40 15.35 49.45 3.84
N ILE O 41 14.37 48.73 4.36
CA ILE O 41 13.57 49.28 5.44
C ILE O 41 13.62 48.45 6.72
N ASP O 42 14.39 47.38 6.71
CA ASP O 42 14.58 46.59 7.92
C ASP O 42 15.69 45.60 7.65
N GLN O 43 16.10 44.93 8.72
CA GLN O 43 17.15 43.93 8.65
C GLN O 43 16.83 42.86 9.67
N PHE O 44 17.04 41.60 9.32
CA PHE O 44 16.78 40.50 10.24
C PHE O 44 18.11 40.07 10.87
N LEU O 45 18.88 39.29 10.13
CA LEU O 45 20.25 38.99 10.53
C LEU O 45 21.18 40.00 9.91
N TYR O 46 22.43 40.03 10.38
CA TYR O 46 23.41 41.10 10.04
C TYR O 46 23.92 41.01 8.57
N PHE O 47 23.61 39.91 7.89
CA PHE O 47 24.04 39.72 6.50
C PHE O 47 22.87 39.74 5.53
N ASP O 48 21.70 40.20 5.99
CA ASP O 48 20.56 40.42 5.11
C ASP O 48 20.06 41.84 5.18
N LEU O 49 19.16 42.17 4.26
CA LEU O 49 18.42 43.42 4.26
C LEU O 49 17.01 43.07 3.82
N ILE O 50 16.05 43.82 4.33
CA ILE O 50 14.64 43.58 4.02
C ILE O 50 14.06 44.78 3.27
N TYR O 51 13.58 44.50 2.08
CA TYR O 51 12.98 45.52 1.24
C TYR O 51 11.48 45.36 1.18
N SER O 52 10.79 46.49 1.07
CA SER O 52 9.34 46.50 0.97
C SER O 52 8.92 46.53 -0.50
N ILE O 53 8.55 45.36 -1.03
CA ILE O 53 8.13 45.17 -2.43
C ILE O 53 6.84 44.34 -2.50
N LYS O 54 5.79 44.91 -3.09
CA LYS O 54 4.54 44.17 -3.31
C LYS O 54 4.65 43.31 -4.58
N ASP O 55 4.29 42.04 -4.44
CA ASP O 55 3.98 41.20 -5.58
C ASP O 55 2.60 41.62 -6.04
N THR O 56 2.59 42.45 -7.07
CA THR O 56 1.37 43.03 -7.62
C THR O 56 0.67 42.00 -8.47
N LYS O 57 1.46 41.15 -9.13
CA LYS O 57 0.96 40.10 -10.03
C LYS O 57 0.10 39.04 -9.30
N LEU O 58 0.73 38.29 -8.39
CA LEU O 58 0.08 37.14 -7.74
C LEU O 58 -0.20 37.29 -6.25
N GLY O 59 0.23 38.38 -5.65
CA GLY O 59 -0.01 38.63 -4.22
C GLY O 59 0.81 37.78 -3.27
N ASN O 60 1.90 37.19 -3.77
CA ASN O 60 2.71 36.23 -2.98
C ASN O 60 3.66 36.85 -1.94
N TYR O 61 3.85 38.15 -1.98
CA TYR O 61 4.74 38.80 -1.00
C TYR O 61 4.57 40.29 -0.91
N ASP O 62 4.71 40.80 0.31
CA ASP O 62 4.72 42.24 0.57
C ASP O 62 6.13 42.74 0.95
N ASN O 63 6.98 41.83 1.44
CA ASN O 63 8.36 42.14 1.81
C ASN O 63 9.30 41.08 1.29
N VAL O 64 10.57 41.45 1.10
CA VAL O 64 11.57 40.55 0.52
C VAL O 64 12.84 40.56 1.36
N ARG O 65 13.28 39.39 1.77
CA ARG O 65 14.58 39.28 2.42
C ARG O 65 15.66 39.03 1.37
N VAL O 66 16.62 39.95 1.27
CA VAL O 66 17.79 39.76 0.43
C VAL O 66 19.00 39.43 1.30
N GLU O 67 19.58 38.27 1.03
CA GLU O 67 20.58 37.70 1.89
C GLU O 67 21.93 37.76 1.21
N PHE O 68 22.99 38.05 1.96
CA PHE O 68 24.33 38.24 1.39
C PHE O 68 25.37 37.29 1.97
N LYS O 69 26.55 37.25 1.36
CA LYS O 69 27.61 36.33 1.78
C LYS O 69 28.22 36.75 3.13
N ASN O 70 28.15 38.04 3.44
CA ASN O 70 28.87 38.61 4.59
C ASN O 70 28.29 39.96 5.05
N LYS O 71 28.75 40.45 6.19
CA LYS O 71 28.25 41.73 6.73
C LYS O 71 28.55 42.94 5.86
N ASP O 72 29.73 42.94 5.22
CA ASP O 72 30.17 44.10 4.42
C ASP O 72 29.17 44.44 3.31
N LEU O 73 28.76 43.41 2.56
CA LEU O 73 27.76 43.57 1.50
C LEU O 73 26.45 44.11 2.06
N ALA O 74 26.02 43.59 3.20
CA ALA O 74 24.83 44.13 3.86
C ALA O 74 25.03 45.59 4.17
N ASP O 75 26.15 45.92 4.82
CA ASP O 75 26.45 47.30 5.21
C ASP O 75 26.50 48.21 3.98
N LYS O 76 27.20 47.75 2.94
CA LYS O 76 27.39 48.50 1.69
C LYS O 76 26.10 49.02 1.13
N TYR O 77 25.06 48.18 1.11
CA TYR O 77 23.82 48.53 0.41
C TYR O 77 22.70 48.98 1.33
N LYS O 78 22.80 48.74 2.63
CA LYS O 78 21.81 49.30 3.56
C LYS O 78 21.80 50.80 3.33
N ASP O 79 20.64 51.45 3.41
CA ASP O 79 20.56 52.93 3.23
C ASP O 79 20.80 53.44 1.80
N LYS O 80 21.44 52.65 0.94
CA LYS O 80 21.59 52.98 -0.48
C LYS O 80 20.24 52.81 -1.20
N TYR O 81 20.00 53.66 -2.21
CA TYR O 81 18.88 53.46 -3.13
C TYR O 81 19.38 52.56 -4.25
N VAL O 82 18.72 51.41 -4.39
CA VAL O 82 19.17 50.35 -5.29
C VAL O 82 18.08 49.78 -6.18
N ASP O 83 18.51 48.99 -7.15
CA ASP O 83 17.61 48.19 -7.97
C ASP O 83 17.79 46.72 -7.59
N VAL O 84 16.67 46.01 -7.37
CA VAL O 84 16.69 44.59 -6.99
C VAL O 84 16.19 43.73 -8.12
N PHE O 85 16.89 42.63 -8.37
CA PHE O 85 16.44 41.61 -9.33
C PHE O 85 16.85 40.21 -8.84
N GLY O 86 15.89 39.33 -8.56
CA GLY O 86 16.25 38.00 -8.04
C GLY O 86 15.36 36.80 -8.33
N ALA O 87 15.97 35.60 -8.32
CA ALA O 87 15.25 34.35 -8.31
C ALA O 87 14.96 34.03 -6.84
N ASN O 88 13.66 33.98 -6.51
CA ASN O 88 13.23 33.92 -5.10
C ASN O 88 12.64 32.56 -4.71
N TYR O 89 12.63 32.31 -3.40
CA TYR O 89 12.07 31.09 -2.87
C TYR O 89 11.13 31.35 -1.71
N TYR O 90 10.26 30.39 -1.40
CA TYR O 90 9.37 30.59 -0.27
C TYR O 90 9.45 29.52 0.83
N TYR O 91 9.85 28.30 0.49
CA TYR O 91 9.66 27.17 1.38
C TYR O 91 10.42 27.35 2.67
N GLN O 92 11.73 27.22 2.68
CA GLN O 92 12.39 27.37 3.99
C GLN O 92 12.86 28.81 4.19
N CYS O 93 12.00 29.76 3.83
CA CYS O 93 12.33 31.17 3.89
C CYS O 93 11.78 31.71 5.16
N TYR O 94 12.64 32.09 6.09
CA TYR O 94 12.14 32.75 7.27
C TYR O 94 12.87 34.05 7.59
N PHE O 95 12.09 35.03 8.02
CA PHE O 95 12.62 36.20 8.71
C PHE O 95 11.56 36.93 9.54
N SER O 96 12.01 37.60 10.60
CA SER O 96 11.20 38.59 11.32
C SER O 96 11.59 40.03 10.85
N LYS O 109 3.01 39.63 7.73
CA LYS O 109 2.40 39.68 6.39
C LYS O 109 2.82 38.46 5.48
N ARG O 110 3.00 38.72 4.17
CA ARG O 110 3.35 37.69 3.17
C ARG O 110 4.78 37.95 2.70
N LYS O 111 5.60 36.91 2.72
CA LYS O 111 7.05 37.06 2.60
C LYS O 111 7.66 36.26 1.43
N THR O 112 8.86 36.63 1.02
CA THR O 112 9.67 35.82 0.11
C THR O 112 11.11 36.08 0.43
N CYS O 113 12.00 35.24 -0.09
CA CYS O 113 13.45 35.33 0.20
C CYS O 113 14.27 35.19 -1.06
N MET O 114 15.41 35.87 -1.11
CA MET O 114 16.35 35.72 -2.24
C MET O 114 17.76 35.99 -1.76
N TYR O 115 18.73 35.79 -2.66
CA TYR O 115 20.11 36.19 -2.39
C TYR O 115 20.63 37.20 -3.42
N GLY O 116 21.50 38.09 -2.93
CA GLY O 116 22.15 39.10 -3.76
C GLY O 116 21.20 39.90 -4.62
N GLY O 117 21.51 39.98 -5.92
CA GLY O 117 20.63 40.62 -6.90
C GLY O 117 20.44 42.13 -6.80
N VAL O 118 21.41 42.82 -6.18
CA VAL O 118 21.30 44.25 -5.88
C VAL O 118 22.42 45.10 -6.51
N THR O 119 21.99 46.18 -7.18
CA THR O 119 22.87 47.15 -7.82
C THR O 119 22.46 48.57 -7.43
N GLU O 120 23.44 49.46 -7.34
CA GLU O 120 23.16 50.89 -7.11
C GLU O 120 22.25 51.42 -8.20
N HIS O 121 21.26 52.23 -7.82
CA HIS O 121 20.36 52.81 -8.82
C HIS O 121 21.03 53.98 -9.57
N ASN O 122 21.32 55.06 -8.83
CA ASN O 122 21.84 56.29 -9.44
C ASN O 122 23.14 55.98 -10.19
N GLY O 123 23.19 56.36 -11.48
CA GLY O 123 24.43 56.27 -12.25
C GLY O 123 24.64 54.95 -12.96
N ASN O 124 23.75 53.98 -12.67
CA ASN O 124 23.82 52.64 -13.27
C ASN O 124 22.86 52.48 -14.47
N GLN O 125 21.95 53.44 -14.62
CA GLN O 125 20.91 53.35 -15.65
C GLN O 125 21.46 53.68 -17.03
N LEU O 126 21.16 52.84 -18.01
CA LEU O 126 21.53 53.08 -19.41
C LEU O 126 20.41 53.76 -20.18
N ASP O 127 20.76 54.56 -21.18
CA ASP O 127 19.76 55.26 -21.97
C ASP O 127 19.01 54.28 -22.88
N LYS O 128 19.76 53.38 -23.52
CA LYS O 128 19.19 52.26 -24.32
C LYS O 128 19.50 50.91 -23.66
N TYR O 129 18.63 49.93 -23.88
CA TYR O 129 18.93 48.55 -23.47
C TYR O 129 20.10 48.01 -24.28
N ARG O 130 21.02 47.33 -23.60
CA ARG O 130 22.12 46.61 -24.27
C ARG O 130 21.79 45.15 -24.52
N SER O 131 22.26 44.63 -25.65
CA SER O 131 22.16 43.19 -25.93
C SER O 131 23.41 42.45 -25.51
N ILE O 132 23.23 41.28 -24.89
CA ILE O 132 24.36 40.40 -24.56
C ILE O 132 24.11 39.09 -25.24
N THR O 133 25.07 38.61 -26.02
CA THR O 133 24.87 37.37 -26.75
C THR O 133 25.12 36.14 -25.88
N VAL O 134 24.21 35.17 -25.99
CA VAL O 134 24.36 33.86 -25.36
C VAL O 134 24.57 32.84 -26.46
N ARG O 135 25.61 32.03 -26.28
CA ARG O 135 25.91 30.97 -27.23
C ARG O 135 25.71 29.63 -26.53
N VAL O 136 24.80 28.83 -27.07
CA VAL O 136 24.42 27.58 -26.43
C VAL O 136 25.00 26.39 -27.17
N PHE O 137 25.90 25.69 -26.49
CA PHE O 137 26.51 24.48 -27.03
C PHE O 137 25.80 23.23 -26.51
N GLU O 138 25.36 22.39 -27.45
CA GLU O 138 24.74 21.12 -27.13
C GLU O 138 25.69 20.02 -27.56
N ASP O 139 26.21 19.30 -26.58
CA ASP O 139 27.25 18.32 -26.79
C ASP O 139 28.33 18.93 -27.65
N GLY O 140 28.78 20.12 -27.27
CA GLY O 140 29.89 20.80 -27.94
C GLY O 140 29.59 21.54 -29.24
N LYS O 141 28.35 21.47 -29.74
CA LYS O 141 27.98 22.13 -31.02
C LYS O 141 27.13 23.37 -30.79
N ASN O 142 27.65 24.55 -31.17
CA ASN O 142 26.89 25.80 -30.99
C ASN O 142 25.76 25.82 -32.01
N LEU O 143 24.66 25.14 -31.70
CA LEU O 143 23.53 25.05 -32.61
C LEU O 143 22.54 26.22 -32.42
N LEU O 144 22.55 26.84 -31.25
CA LEU O 144 21.66 27.96 -30.98
C LEU O 144 22.40 29.12 -30.33
N SER O 145 22.04 30.34 -30.77
CA SER O 145 22.53 31.57 -30.18
C SER O 145 21.37 32.55 -30.10
N PHE O 146 21.40 33.42 -29.07
CA PHE O 146 20.33 34.39 -28.87
C PHE O 146 20.80 35.45 -27.89
N ASP O 147 20.02 36.53 -27.78
CA ASP O 147 20.40 37.68 -26.98
C ASP O 147 19.46 37.89 -25.82
N VAL O 148 20.04 38.24 -24.67
CA VAL O 148 19.27 38.74 -23.53
C VAL O 148 19.55 40.22 -23.44
N GLN O 149 18.71 40.94 -22.71
CA GLN O 149 18.80 42.39 -22.67
C GLN O 149 18.74 42.95 -21.25
N THR O 150 19.48 44.03 -21.04
CA THR O 150 19.47 44.73 -19.75
C THR O 150 19.65 46.21 -20.00
N ASN O 151 19.18 46.99 -19.05
CA ASN O 151 19.33 48.43 -19.07
C ASN O 151 20.24 48.94 -17.94
N LYS O 152 20.96 48.02 -17.31
CA LYS O 152 21.89 48.37 -16.22
C LYS O 152 23.31 48.36 -16.79
N LYS O 153 24.13 49.31 -16.35
CA LYS O 153 25.56 49.36 -16.75
C LYS O 153 26.32 48.18 -16.12
N LYS O 154 26.20 48.13 -14.79
CA LYS O 154 26.69 47.02 -14.01
C LYS O 154 25.45 46.18 -13.66
N VAL O 155 25.41 44.94 -14.17
CA VAL O 155 24.30 44.01 -13.92
C VAL O 155 24.82 42.78 -13.15
N THR O 156 23.98 42.24 -12.25
CA THR O 156 24.33 41.02 -11.48
C THR O 156 24.33 39.82 -12.40
N ALA O 157 25.21 38.87 -12.13
CA ALA O 157 25.24 37.60 -12.89
C ALA O 157 23.90 36.90 -12.79
N GLN O 158 23.32 36.96 -11.58
CA GLN O 158 22.03 36.35 -11.27
C GLN O 158 20.96 36.77 -12.26
N GLU O 159 20.83 38.07 -12.50
CA GLU O 159 19.83 38.58 -13.45
C GLU O 159 20.07 38.02 -14.83
N LEU O 160 21.33 38.01 -15.24
CA LEU O 160 21.66 37.53 -16.59
C LEU O 160 21.38 36.05 -16.70
N ASP O 161 21.74 35.33 -15.65
CA ASP O 161 21.52 33.89 -15.54
C ASP O 161 20.04 33.56 -15.65
N TYR O 162 19.21 34.28 -14.88
CA TYR O 162 17.76 34.15 -14.91
C TYR O 162 17.20 34.36 -16.29
N LEU O 163 17.58 35.46 -16.93
CA LEU O 163 17.10 35.77 -18.27
C LEU O 163 17.49 34.66 -19.23
N THR O 164 18.68 34.11 -19.05
CA THR O 164 19.21 33.10 -19.97
C THR O 164 18.44 31.78 -19.81
N ARG O 165 18.23 31.35 -18.58
CA ARG O 165 17.54 30.09 -18.33
C ARG O 165 16.08 30.22 -18.70
N HIS O 166 15.51 31.39 -18.44
CA HIS O 166 14.11 31.62 -18.79
C HIS O 166 13.83 31.30 -20.26
N TYR O 167 14.67 31.84 -21.13
CA TYR O 167 14.59 31.60 -22.55
C TYR O 167 14.72 30.13 -22.82
N LEU O 168 15.74 29.52 -22.23
CA LEU O 168 16.09 28.13 -22.52
C LEU O 168 15.03 27.16 -22.04
N VAL O 169 14.35 27.53 -20.97
CA VAL O 169 13.19 26.76 -20.52
C VAL O 169 12.10 26.78 -21.58
N LYS O 170 11.63 27.98 -21.94
CA LYS O 170 10.57 28.11 -22.97
C LYS O 170 10.97 27.39 -24.27
N ASN O 171 12.21 27.58 -24.71
CA ASN O 171 12.60 27.19 -26.05
C ASN O 171 13.34 25.88 -26.23
N LYS O 172 13.91 25.33 -25.17
CA LYS O 172 14.59 24.02 -25.26
C LYS O 172 14.23 23.05 -24.14
N LYS O 173 13.15 23.36 -23.40
CA LYS O 173 12.67 22.52 -22.32
C LYS O 173 13.85 22.13 -21.42
N LEU O 174 14.66 23.14 -21.07
CA LEU O 174 15.84 22.96 -20.20
C LEU O 174 15.45 22.21 -18.94
N TYR O 175 14.37 22.67 -18.33
CA TYR O 175 13.79 22.00 -17.18
C TYR O 175 12.35 21.64 -17.47
N GLU O 176 11.94 20.44 -17.09
CA GLU O 176 10.52 20.08 -17.12
C GLU O 176 10.08 19.68 -15.71
N PHE O 177 8.86 19.16 -15.60
CA PHE O 177 8.32 18.83 -14.29
C PHE O 177 9.12 17.71 -13.64
N ASN O 178 9.34 16.61 -14.36
CA ASN O 178 9.96 15.42 -13.75
C ASN O 178 11.49 15.47 -13.77
N ASN O 179 12.04 15.63 -14.97
CA ASN O 179 13.49 15.78 -15.11
C ASN O 179 13.84 16.81 -16.21
N SER O 180 14.96 16.59 -16.88
CA SER O 180 15.43 17.43 -17.96
C SER O 180 15.98 16.57 -19.05
N PRO O 181 15.84 17.00 -20.30
CA PRO O 181 16.47 16.26 -21.40
C PRO O 181 18.01 16.31 -21.38
N TYR O 182 18.56 17.29 -20.68
CA TYR O 182 19.99 17.44 -20.60
C TYR O 182 20.52 16.81 -19.32
N GLU O 183 21.64 16.12 -19.45
CA GLU O 183 22.25 15.42 -18.31
C GLU O 183 23.00 16.41 -17.45
N THR O 184 23.85 17.21 -18.09
CA THR O 184 24.65 18.22 -17.41
C THR O 184 24.47 19.54 -18.07
N GLY O 185 24.72 20.60 -17.32
CA GLY O 185 24.68 21.94 -17.88
C GLY O 185 25.39 22.93 -16.97
N TYR O 186 26.19 23.81 -17.61
CA TYR O 186 26.74 24.97 -16.91
C TYR O 186 26.74 26.25 -17.74
N ILE O 187 26.63 27.39 -17.04
CA ILE O 187 26.56 28.70 -17.68
C ILE O 187 27.85 29.44 -17.34
N LYS O 188 28.54 29.92 -18.39
CA LYS O 188 29.83 30.59 -18.24
C LYS O 188 29.67 32.06 -18.58
N PHE O 189 30.26 32.89 -17.72
CA PHE O 189 30.29 34.34 -17.91
C PHE O 189 31.70 34.80 -18.22
N ILE O 190 31.95 35.22 -19.46
CA ILE O 190 33.28 35.76 -19.83
C ILE O 190 33.29 37.29 -19.91
N GLU O 191 34.22 37.88 -19.18
CA GLU O 191 34.33 39.32 -19.13
C GLU O 191 35.78 39.67 -19.38
N ASN O 192 36.12 39.81 -20.67
CA ASN O 192 37.50 40.11 -21.06
C ASN O 192 38.28 38.82 -20.87
N GLU O 193 39.23 38.84 -19.93
CA GLU O 193 40.10 37.70 -19.69
C GLU O 193 39.50 36.86 -18.59
N ASN O 194 39.00 37.54 -17.56
CA ASN O 194 38.39 36.88 -16.43
C ASN O 194 37.12 36.15 -16.79
N SER O 195 36.85 35.10 -16.05
CA SER O 195 35.63 34.34 -16.29
C SER O 195 35.24 33.45 -15.09
N PHE O 196 33.96 33.13 -15.02
CA PHE O 196 33.44 32.21 -14.00
C PHE O 196 32.18 31.51 -14.52
N TRP O 197 31.72 30.49 -13.77
CA TRP O 197 30.55 29.69 -14.17
C TRP O 197 29.74 29.17 -13.01
N TYR O 198 28.47 28.84 -13.30
CA TYR O 198 27.56 28.20 -12.36
C TYR O 198 26.98 26.89 -12.90
N ASP O 199 26.80 25.90 -12.02
CA ASP O 199 26.20 24.58 -12.36
C ASP O 199 24.68 24.75 -12.45
N MET O 200 24.11 24.37 -13.59
CA MET O 200 22.70 24.67 -13.85
C MET O 200 21.81 23.57 -13.31
N MET O 201 22.41 22.42 -12.98
CA MET O 201 21.66 21.24 -12.53
C MET O 201 21.64 21.12 -11.02
N PRO O 202 20.63 20.46 -10.48
CA PRO O 202 20.49 20.34 -9.04
C PRO O 202 21.42 19.31 -8.46
N ALA O 203 21.78 19.50 -7.20
CA ALA O 203 22.61 18.51 -6.47
C ALA O 203 21.94 17.16 -6.50
N PRO O 204 22.74 16.09 -6.54
CA PRO O 204 22.16 14.77 -6.58
C PRO O 204 21.49 14.42 -5.26
N GLY O 205 20.47 13.56 -5.33
CA GLY O 205 19.72 13.13 -4.13
C GLY O 205 18.22 13.05 -4.34
N ASP O 206 17.48 12.90 -3.24
CA ASP O 206 16.02 12.66 -3.30
C ASP O 206 15.20 13.93 -3.59
N LYS O 207 15.56 15.04 -2.95
CA LYS O 207 14.78 16.31 -3.02
C LYS O 207 15.73 17.46 -3.34
N PHE O 208 15.19 18.51 -3.94
CA PHE O 208 15.96 19.70 -4.35
C PHE O 208 15.81 20.78 -3.27
N ASP O 209 16.92 21.43 -2.91
CA ASP O 209 16.90 22.44 -1.85
C ASP O 209 17.06 23.82 -2.45
N GLN O 210 15.93 24.48 -2.70
CA GLN O 210 15.93 25.78 -3.40
C GLN O 210 16.78 26.80 -2.68
N SER O 211 16.59 26.93 -1.38
CA SER O 211 17.40 27.84 -0.58
C SER O 211 18.89 27.62 -0.80
N LYS O 212 19.34 26.38 -0.65
CA LYS O 212 20.76 26.11 -0.76
C LYS O 212 21.24 26.42 -2.18
N TYR O 213 20.51 25.99 -3.19
CA TYR O 213 20.97 26.19 -4.54
C TYR O 213 21.15 27.69 -4.81
N LEU O 214 20.09 28.46 -4.56
CA LEU O 214 20.11 29.90 -4.82
C LEU O 214 21.14 30.70 -4.00
N MET O 215 21.60 30.11 -2.90
CA MET O 215 22.58 30.78 -2.05
C MET O 215 23.83 31.17 -2.86
N MET O 216 24.10 30.46 -3.95
CA MET O 216 25.29 30.74 -4.73
C MET O 216 25.33 32.19 -5.21
N TYR O 217 24.16 32.79 -5.36
CA TYR O 217 24.04 34.19 -5.78
C TYR O 217 24.31 35.22 -4.67
N ASN O 218 24.67 34.77 -3.47
CA ASN O 218 24.79 35.72 -2.35
C ASN O 218 26.07 36.55 -2.35
N ASP O 219 26.98 36.24 -3.27
CA ASP O 219 28.19 37.02 -3.46
C ASP O 219 27.86 38.33 -4.13
N ASN O 220 26.63 38.47 -4.64
CA ASN O 220 26.20 39.67 -5.39
C ASN O 220 27.14 39.97 -6.55
N LYS O 221 27.73 38.95 -7.17
CA LYS O 221 28.66 39.20 -8.25
C LYS O 221 28.00 39.98 -9.37
N MET O 222 28.71 41.02 -9.81
CA MET O 222 28.28 41.88 -10.91
C MET O 222 29.22 41.74 -12.10
N VAL O 223 28.69 42.08 -13.26
CA VAL O 223 29.48 42.15 -14.50
C VAL O 223 29.11 43.41 -15.25
N ASP O 224 29.95 43.73 -16.24
CA ASP O 224 29.75 44.91 -17.05
C ASP O 224 28.96 44.49 -18.28
N SER O 225 27.78 45.10 -18.44
CA SER O 225 26.87 44.74 -19.55
C SER O 225 27.48 44.99 -20.94
N LYS O 226 28.33 46.00 -21.05
CA LYS O 226 28.97 46.32 -22.33
C LYS O 226 29.89 45.20 -22.80
N ASP O 227 30.76 44.68 -21.92
CA ASP O 227 31.80 43.73 -22.42
C ASP O 227 31.76 42.31 -21.85
N VAL O 228 30.59 41.87 -21.39
CA VAL O 228 30.42 40.47 -20.94
C VAL O 228 29.80 39.61 -22.05
N LYS O 229 30.27 38.37 -22.19
CA LYS O 229 29.65 37.40 -23.13
C LYS O 229 29.25 36.16 -22.33
N ILE O 230 28.22 35.47 -22.80
CA ILE O 230 27.69 34.30 -22.08
C ILE O 230 27.73 33.04 -22.95
N GLU O 231 28.31 31.98 -22.38
CA GLU O 231 28.35 30.68 -23.02
C GLU O 231 27.60 29.70 -22.16
N VAL O 232 26.81 28.83 -22.79
CA VAL O 232 26.10 27.79 -22.07
C VAL O 232 26.38 26.42 -22.68
N TYR O 233 26.93 25.54 -21.85
CA TYR O 233 27.30 24.21 -22.27
C TYR O 233 26.34 23.18 -21.71
N LEU O 234 25.62 22.52 -22.60
CA LEU O 234 24.69 21.46 -22.25
C LEU O 234 25.18 20.16 -22.85
N THR O 235 24.93 19.05 -22.15
CA THR O 235 25.19 17.70 -22.69
C THR O 235 23.92 16.88 -22.58
N THR O 236 23.69 16.02 -23.56
CA THR O 236 22.55 15.10 -23.55
C THR O 236 22.94 13.78 -22.87
N LYS O 237 21.96 12.88 -22.67
CA LYS O 237 22.10 11.69 -21.75
C LYS O 237 22.98 10.49 -22.24
N LYS O 239 20.49 7.15 -24.01
CA LYS O 239 21.95 7.03 -24.04
C LYS O 239 22.32 5.60 -24.40
N GLU P 5 -14.15 30.80 9.20
CA GLU P 5 -13.49 29.45 9.40
C GLU P 5 -12.81 28.95 8.11
N ALA P 6 -11.64 28.33 8.29
CA ALA P 6 -10.80 27.93 7.16
C ALA P 6 -11.45 26.83 6.33
N ALA P 7 -11.33 26.94 5.00
CA ALA P 7 -11.94 25.95 4.10
C ALA P 7 -11.12 25.75 2.82
N VAL P 8 -11.59 24.78 2.01
CA VAL P 8 -10.95 24.43 0.75
C VAL P 8 -12.01 24.20 -0.31
N THR P 9 -11.89 24.86 -1.45
CA THR P 9 -12.85 24.72 -2.53
C THR P 9 -12.20 24.10 -3.74
N GLN P 10 -12.64 22.89 -4.09
CA GLN P 10 -12.20 22.24 -5.33
C GLN P 10 -13.05 22.68 -6.48
N SER P 11 -12.51 22.59 -7.66
CA SER P 11 -13.32 22.85 -8.83
C SER P 11 -12.71 22.16 -10.05
N PRO P 12 -13.59 21.55 -10.86
CA PRO P 12 -15.03 21.37 -10.64
C PRO P 12 -15.35 20.24 -9.69
N ARG P 13 -16.63 20.03 -9.43
CA ARG P 13 -17.08 18.96 -8.53
C ARG P 13 -17.24 17.67 -9.29
N ASN P 14 -17.50 17.80 -10.60
CA ASN P 14 -17.86 16.65 -11.47
C ASN P 14 -17.38 16.99 -12.89
N LYS P 15 -16.65 16.07 -13.51
CA LYS P 15 -16.09 16.31 -14.83
C LYS P 15 -16.01 15.02 -15.61
N VAL P 16 -16.29 15.12 -16.91
CA VAL P 16 -16.15 13.99 -17.84
C VAL P 16 -15.21 14.45 -18.93
N ALA P 17 -14.30 13.58 -19.34
CA ALA P 17 -13.35 13.96 -20.38
C ALA P 17 -13.01 12.77 -21.27
N VAL P 18 -12.45 13.07 -22.44
CA VAL P 18 -12.05 12.03 -23.38
C VAL P 18 -10.62 11.64 -23.12
N THR P 19 -10.30 10.38 -23.42
CA THR P 19 -8.91 9.96 -23.41
C THR P 19 -8.12 10.92 -24.30
N GLY P 20 -6.95 11.37 -23.81
CA GLY P 20 -6.06 12.27 -24.58
C GLY P 20 -6.26 13.74 -24.29
N GLU P 21 -7.32 14.06 -23.56
CA GLU P 21 -7.68 15.43 -23.20
C GLU P 21 -6.84 15.87 -22.00
N LYS P 22 -6.46 17.15 -22.00
CA LYS P 22 -5.75 17.75 -20.87
C LYS P 22 -6.78 18.21 -19.84
N VAL P 23 -6.62 17.77 -18.61
CA VAL P 23 -7.56 18.06 -17.56
C VAL P 23 -6.80 18.70 -16.43
N THR P 24 -7.41 19.70 -15.79
CA THR P 24 -6.82 20.42 -14.69
C THR P 24 -7.81 20.53 -13.54
N LEU P 25 -7.45 20.01 -12.37
CA LEU P 25 -8.33 20.22 -11.18
C LEU P 25 -7.76 21.36 -10.35
N SER P 26 -8.63 22.18 -9.77
CA SER P 26 -8.19 23.32 -9.00
C SER P 26 -8.51 23.10 -7.53
N CYS P 27 -7.71 23.74 -6.68
CA CYS P 27 -7.96 23.72 -5.25
C CYS P 27 -7.56 25.04 -4.64
N LYS P 28 -8.48 25.69 -3.96
CA LYS P 28 -8.28 27.07 -3.52
C LYS P 28 -8.59 27.18 -2.03
N GLN P 29 -7.63 27.69 -1.26
CA GLN P 29 -7.88 27.93 0.14
C GLN P 29 -8.75 29.19 0.29
N THR P 30 -9.67 29.15 1.25
CA THR P 30 -10.44 30.34 1.61
C THR P 30 -10.28 30.54 3.12
N ASN P 31 -10.13 31.80 3.52
CA ASN P 31 -9.95 32.17 4.93
C ASN P 31 -8.81 31.44 5.61
N SER P 32 -7.73 31.19 4.87
CA SER P 32 -6.50 30.66 5.47
C SER P 32 -5.32 31.01 4.59
N TYR P 33 -4.13 30.80 5.14
CA TYR P 33 -2.88 31.02 4.40
C TYR P 33 -1.87 29.94 4.84
N PHE P 34 -2.22 28.68 4.58
CA PHE P 34 -1.47 27.52 5.01
C PHE P 34 -0.40 27.09 4.00
N ASN P 35 0.72 26.66 4.56
CA ASN P 35 1.88 26.23 3.77
C ASN P 35 1.69 24.88 3.10
N ASN P 36 0.98 23.96 3.73
CA ASN P 36 0.86 22.61 3.19
C ASN P 36 -0.45 22.42 2.48
N MET P 37 -0.37 21.85 1.28
CA MET P 37 -1.55 21.39 0.56
C MET P 37 -1.28 20.03 -0.05
N TYR P 38 -2.35 19.32 -0.35
CA TYR P 38 -2.33 17.91 -0.71
C TYR P 38 -3.29 17.59 -1.84
N TRP P 39 -2.90 16.71 -2.74
CA TRP P 39 -3.85 16.12 -3.67
C TRP P 39 -3.86 14.62 -3.49
N TYR P 40 -5.04 14.09 -3.15
CA TYR P 40 -5.21 12.63 -3.11
C TYR P 40 -6.22 12.20 -4.19
N ARG P 41 -6.16 10.92 -4.56
CA ARG P 41 -7.31 10.29 -5.16
C ARG P 41 -7.76 9.06 -4.36
N GLN P 42 -9.09 8.88 -4.29
CA GLN P 42 -9.71 7.76 -3.59
C GLN P 42 -10.10 6.69 -4.56
N ASP P 43 -9.61 5.48 -4.34
CA ASP P 43 -10.09 4.33 -5.11
C ASP P 43 -11.34 3.72 -4.45
N THR P 44 -12.42 3.66 -5.23
CA THR P 44 -13.52 2.73 -5.03
C THR P 44 -13.88 2.49 -3.56
N GLY P 45 -14.37 3.52 -2.91
CA GLY P 45 -14.82 3.43 -1.52
C GLY P 45 -13.77 3.03 -0.50
N HIS P 46 -12.50 3.28 -0.79
CA HIS P 46 -11.43 2.82 0.08
C HIS P 46 -10.44 3.95 0.40
N GLU P 47 -9.22 3.60 0.74
CA GLU P 47 -8.21 4.58 1.15
C GLU P 47 -7.91 5.69 0.15
N LEU P 48 -7.68 6.89 0.69
CA LEU P 48 -7.09 8.01 -0.07
C LEU P 48 -5.64 7.65 -0.36
N ARG P 49 -5.20 7.94 -1.59
CA ARG P 49 -3.79 7.79 -1.98
C ARG P 49 -3.20 9.10 -2.46
N LEU P 50 -2.08 9.50 -1.87
CA LEU P 50 -1.46 10.79 -2.19
C LEU P 50 -0.72 10.80 -3.54
N ILE P 51 -1.14 11.70 -4.41
CA ILE P 51 -0.47 11.89 -5.68
C ILE P 51 0.72 12.86 -5.47
N PHE P 52 0.38 14.07 -5.03
CA PHE P 52 1.36 15.09 -4.74
C PHE P 52 1.00 15.85 -3.46
N MET P 53 2.04 16.44 -2.88
CA MET P 53 1.91 17.35 -1.77
C MET P 53 2.61 18.65 -2.16
N SER P 54 2.46 19.68 -1.33
CA SER P 54 3.24 20.89 -1.46
C SER P 54 3.49 21.50 -0.09
N HIS P 55 4.76 21.78 0.21
CA HIS P 55 5.13 22.35 1.51
C HIS P 55 5.06 23.88 1.49
N GLY P 56 4.65 24.43 0.35
CA GLY P 56 4.56 25.87 0.19
C GLY P 56 4.63 26.28 -1.28
N ILE P 57 4.70 27.58 -1.51
CA ILE P 57 4.78 28.11 -2.84
C ILE P 57 6.09 27.61 -3.47
N ARG P 58 6.00 27.26 -4.75
CA ARG P 58 7.11 26.75 -5.53
C ARG P 58 7.70 25.47 -4.97
N ASN P 59 6.83 24.67 -4.38
CA ASN P 59 7.21 23.34 -3.95
C ASN P 59 6.14 22.33 -4.32
N VAL P 60 6.61 21.24 -4.95
CA VAL P 60 5.79 20.07 -5.19
C VAL P 60 6.58 18.86 -4.73
N GLU P 61 5.94 17.93 -4.04
CA GLU P 61 6.61 16.73 -3.51
C GLU P 61 5.87 15.49 -3.95
N LYS P 62 6.59 14.53 -4.50
CA LYS P 62 6.00 13.26 -4.91
C LYS P 62 5.25 12.63 -3.75
N GLY P 63 4.14 11.98 -4.08
CA GLY P 63 3.41 11.17 -3.12
C GLY P 63 3.60 9.72 -3.48
N ASP P 64 2.63 8.90 -3.11
CA ASP P 64 2.70 7.47 -3.38
C ASP P 64 2.39 7.11 -4.85
N ILE P 65 1.62 7.96 -5.52
CA ILE P 65 1.00 7.58 -6.80
C ILE P 65 1.09 8.68 -7.88
N PRO P 66 2.27 9.31 -8.06
CA PRO P 66 2.42 10.53 -8.87
C PRO P 66 2.46 10.35 -10.40
N ASP P 67 2.68 9.10 -10.86
CA ASP P 67 2.90 8.82 -12.29
C ASP P 67 1.70 9.21 -13.11
N GLY P 68 1.99 9.91 -14.21
CA GLY P 68 0.95 10.42 -15.11
C GLY P 68 0.26 11.69 -14.62
N TYR P 69 0.74 12.25 -13.52
CA TYR P 69 0.19 13.51 -13.05
C TYR P 69 1.28 14.56 -12.98
N LYS P 70 0.83 15.80 -12.97
CA LYS P 70 1.67 16.94 -12.62
C LYS P 70 0.87 17.78 -11.62
N ALA P 71 1.51 18.79 -11.07
CA ALA P 71 0.84 19.65 -10.15
C ALA P 71 1.57 20.97 -10.14
N SER P 72 1.02 21.93 -9.42
CA SER P 72 1.52 23.29 -9.49
C SER P 72 1.03 24.18 -8.33
N ARG P 73 1.99 24.85 -7.67
CA ARG P 73 1.67 25.75 -6.58
C ARG P 73 2.28 27.13 -6.81
N PRO P 74 1.60 27.95 -7.61
CA PRO P 74 2.09 29.27 -7.95
C PRO P 74 1.76 30.34 -6.92
N SER P 75 0.97 29.97 -5.90
CA SER P 75 0.62 30.88 -4.80
C SER P 75 0.06 30.11 -3.62
N GLN P 76 -0.06 30.71 -2.44
CA GLN P 76 -0.45 29.91 -1.27
C GLN P 76 -1.82 29.27 -1.43
N GLU P 77 -2.75 30.05 -1.93
CA GLU P 77 -4.13 29.61 -1.90
C GLU P 77 -4.39 28.51 -2.90
N ASN P 78 -3.54 28.36 -3.91
CA ASN P 78 -3.88 27.54 -5.07
C ASN P 78 -2.92 26.40 -5.35
N PHE P 79 -3.46 25.18 -5.37
CA PHE P 79 -2.67 24.00 -5.67
C PHE P 79 -3.41 23.17 -6.67
N SER P 80 -2.93 23.14 -7.91
CA SER P 80 -3.70 22.51 -8.98
C SER P 80 -3.08 21.18 -9.39
N LEU P 81 -3.95 20.27 -9.82
CA LEU P 81 -3.53 18.95 -10.28
C LEU P 81 -3.75 18.88 -11.79
N ILE P 82 -2.69 18.55 -12.51
CA ILE P 82 -2.72 18.55 -13.97
C ILE P 82 -2.63 17.12 -14.53
N LEU P 83 -3.62 16.74 -15.34
CA LEU P 83 -3.54 15.52 -16.16
C LEU P 83 -3.22 15.91 -17.59
N GLU P 84 -1.99 15.66 -18.04
CA GLU P 84 -1.50 16.18 -19.33
C GLU P 84 -2.18 15.48 -20.52
N LEU P 85 -2.17 14.15 -20.50
CA LEU P 85 -2.91 13.34 -21.48
C LEU P 85 -3.74 12.29 -20.74
N ALA P 86 -4.95 12.67 -20.37
CA ALA P 86 -5.84 11.84 -19.53
C ALA P 86 -5.94 10.39 -19.98
N THR P 87 -6.04 9.51 -19.01
CA THR P 87 -6.26 8.07 -19.30
C THR P 87 -7.51 7.57 -18.59
N PRO P 88 -8.25 6.65 -19.23
CA PRO P 88 -9.42 6.05 -18.58
C PRO P 88 -9.12 5.60 -17.14
N SER P 89 -7.93 5.03 -16.99
CA SER P 89 -7.44 4.55 -15.69
C SER P 89 -7.40 5.63 -14.60
N GLN P 90 -7.38 6.88 -14.99
CA GLN P 90 -7.39 7.99 -14.05
C GLN P 90 -8.83 8.34 -13.64
N THR P 91 -9.78 7.50 -14.05
CA THR P 91 -11.16 7.73 -13.66
C THR P 91 -11.27 7.50 -12.17
N SER P 92 -11.68 8.51 -11.42
CA SER P 92 -11.70 8.36 -9.97
C SER P 92 -12.36 9.55 -9.29
N VAL P 93 -12.45 9.49 -7.97
CA VAL P 93 -12.80 10.66 -7.21
C VAL P 93 -11.52 11.21 -6.58
N TYR P 94 -11.33 12.52 -6.69
CA TYR P 94 -10.12 13.18 -6.25
C TYR P 94 -10.42 14.16 -5.14
N PHE P 95 -9.52 14.20 -4.16
CA PHE P 95 -9.71 15.04 -3.00
C PHE P 95 -8.52 15.93 -2.72
N CYS P 96 -8.83 17.20 -2.54
CA CYS P 96 -7.87 18.21 -2.18
C CYS P 96 -7.92 18.43 -0.68
N ALA P 97 -6.79 18.79 -0.08
CA ALA P 97 -6.76 19.14 1.34
C ALA P 97 -5.70 20.19 1.64
N SER P 98 -6.02 21.11 2.55
CA SER P 98 -5.03 22.06 3.06
C SER P 98 -4.76 21.72 4.50
N GLY P 99 -3.59 22.13 5.01
CA GLY P 99 -3.14 21.68 6.33
C GLY P 99 -2.34 22.69 7.11
N GLY P 101 -0.64 22.42 10.07
CA GLY P 101 -0.68 23.27 11.27
C GLY P 101 -1.53 22.72 12.43
N GLY P 102 -1.55 21.38 12.53
CA GLY P 102 -2.36 20.68 13.53
C GLY P 102 -3.54 20.02 12.84
N THR P 103 -4.29 20.79 12.07
CA THR P 103 -5.49 20.25 11.41
C THR P 103 -5.27 20.08 9.92
N LEU P 104 -6.25 19.42 9.30
CA LEU P 104 -6.40 19.29 7.86
C LEU P 104 -7.78 19.78 7.47
N TYR P 105 -7.93 20.34 6.27
CA TYR P 105 -9.24 20.74 5.75
C TYR P 105 -9.40 20.16 4.36
N PHE P 106 -10.44 19.37 4.17
CA PHE P 106 -10.62 18.65 2.93
C PHE P 106 -11.70 19.26 2.07
N GLY P 107 -11.51 19.16 0.74
CA GLY P 107 -12.51 19.57 -0.23
C GLY P 107 -13.62 18.55 -0.37
N ALA P 108 -14.67 18.94 -1.09
CA ALA P 108 -15.87 18.11 -1.27
C ALA P 108 -15.67 16.98 -2.27
N GLY P 109 -14.58 17.01 -3.02
CA GLY P 109 -14.27 15.95 -3.95
C GLY P 109 -14.59 16.38 -5.37
N THR P 110 -13.81 15.84 -6.32
CA THR P 110 -14.11 15.96 -7.74
C THR P 110 -14.23 14.56 -8.35
N ARG P 111 -15.40 14.24 -8.90
CA ARG P 111 -15.57 12.98 -9.60
C ARG P 111 -15.13 13.16 -11.06
N LEU P 112 -14.13 12.41 -11.49
CA LEU P 112 -13.62 12.56 -12.84
C LEU P 112 -13.81 11.25 -13.57
N SER P 113 -14.51 11.33 -14.72
CA SER P 113 -14.71 10.20 -15.58
C SER P 113 -13.95 10.44 -16.87
N VAL P 114 -13.03 9.54 -17.18
CA VAL P 114 -12.29 9.61 -18.43
C VAL P 114 -12.66 8.45 -19.34
N LEU P 115 -13.36 8.78 -20.42
CA LEU P 115 -13.92 7.78 -21.36
C LEU P 115 -12.95 7.42 -22.47
N TYR P 116 -13.35 6.44 -23.30
CA TYR P 116 -12.54 6.03 -24.47
C TYR P 116 -12.86 6.78 -25.79
#